data_5O4U
#
_entry.id   5O4U
#
_cell.length_a   1.000
_cell.length_b   1.000
_cell.length_c   1.000
_cell.angle_alpha   90.00
_cell.angle_beta   90.00
_cell.angle_gamma   90.00
#
_symmetry.space_group_name_H-M   'P 1'
#
_entity_poly.entity_id   1
_entity_poly.type   'polypeptide(L)'
_entity_poly.pdbx_seq_one_letter_code
;MAKKGAVGIGTLIVFIAMVLVAAVAAAVLIQTSGYLQQKSQATGRETTQEVASGIKVLSVVGKTDSNKTYVEKLAIYISP
NAGSEGIDLNNTRVVLSNGTVQAVLKYEKTAYHKGAVGDVFNASTAWNLSNTNFGIIVLQDADNSVDQNYPTLNKGDIVV
ITVKVGEGNGVFGKGIPPRTKITGKVIPEFGAPGVIEFTTPSTYTSEVIELQ
;
_entity_poly.pdbx_strand_id   A,B,C,D,E,F,G,H,I,J,K,L,M,N,O,P
#
# COMPACT_ATOMS: atom_id res chain seq x y z
N ALA A 6 31.12 -8.52 -72.71
CA ALA A 6 31.74 -7.30 -72.19
C ALA A 6 31.28 -7.03 -70.77
N VAL A 7 31.84 -5.98 -70.16
CA VAL A 7 31.65 -5.69 -68.74
C VAL A 7 30.34 -4.94 -68.59
N GLY A 8 29.80 -4.44 -69.70
CA GLY A 8 28.45 -3.89 -69.68
C GLY A 8 27.35 -4.91 -69.47
N ILE A 9 27.65 -6.19 -69.66
CA ILE A 9 26.65 -7.24 -69.48
C ILE A 9 26.70 -7.78 -68.05
N GLY A 10 27.91 -7.86 -67.48
CA GLY A 10 28.10 -8.46 -66.18
C GLY A 10 27.45 -7.71 -65.04
N THR A 11 27.48 -6.37 -65.09
CA THR A 11 26.79 -5.60 -64.07
C THR A 11 25.28 -5.64 -64.25
N LEU A 12 24.81 -5.95 -65.45
CA LEU A 12 23.38 -6.16 -65.65
C LEU A 12 22.94 -7.49 -65.05
N ILE A 13 23.73 -8.54 -65.25
CA ILE A 13 23.35 -9.85 -64.73
C ILE A 13 23.51 -9.88 -63.21
N VAL A 14 24.57 -9.24 -62.68
CA VAL A 14 24.72 -9.08 -61.24
C VAL A 14 23.63 -8.15 -60.69
N PHE A 15 23.20 -7.17 -61.49
CA PHE A 15 22.08 -6.32 -61.10
C PHE A 15 20.79 -7.12 -60.95
N ILE A 16 20.48 -7.99 -61.91
CA ILE A 16 19.30 -8.86 -61.80
C ILE A 16 19.44 -9.82 -60.63
N ALA A 17 20.67 -10.31 -60.39
CA ALA A 17 20.93 -11.25 -59.30
C ALA A 17 20.68 -10.61 -57.94
N MET A 18 21.23 -9.42 -57.71
CA MET A 18 21.06 -8.79 -56.42
C MET A 18 19.68 -8.17 -56.26
N VAL A 19 18.99 -7.86 -57.37
CA VAL A 19 17.57 -7.51 -57.27
C VAL A 19 16.76 -8.70 -56.78
N LEU A 20 17.04 -9.91 -57.30
CA LEU A 20 16.28 -11.08 -56.86
C LEU A 20 16.66 -11.53 -55.46
N VAL A 21 17.93 -11.40 -55.07
CA VAL A 21 18.34 -11.71 -53.71
C VAL A 21 17.79 -10.65 -52.75
N ALA A 22 17.61 -9.42 -53.23
CA ALA A 22 16.91 -8.42 -52.44
C ALA A 22 15.43 -8.76 -52.29
N ALA A 23 14.82 -9.29 -53.35
CA ALA A 23 13.41 -9.63 -53.33
C ALA A 23 13.12 -10.88 -52.52
N VAL A 24 14.11 -11.75 -52.31
CA VAL A 24 13.94 -12.85 -51.38
C VAL A 24 14.41 -12.49 -49.98
N ALA A 25 15.25 -11.45 -49.84
CA ALA A 25 15.48 -10.84 -48.54
C ALA A 25 14.24 -10.10 -48.07
N ALA A 26 13.36 -9.72 -49.00
CA ALA A 26 12.01 -9.28 -48.68
C ALA A 26 11.04 -10.43 -48.53
N ALA A 27 11.14 -11.46 -49.38
CA ALA A 27 10.21 -12.57 -49.34
C ALA A 27 10.44 -13.52 -48.17
N VAL A 28 11.53 -13.36 -47.43
CA VAL A 28 11.72 -14.04 -46.17
C VAL A 28 11.32 -13.17 -44.99
N LEU A 29 11.78 -11.91 -44.99
CA LEU A 29 11.64 -11.06 -43.82
C LEU A 29 10.21 -10.56 -43.67
N ILE A 30 9.61 -10.12 -44.79
CA ILE A 30 8.20 -9.73 -44.82
C ILE A 30 7.31 -10.92 -44.45
N GLN A 31 7.63 -12.10 -44.97
CA GLN A 31 6.77 -13.27 -44.76
C GLN A 31 6.85 -13.80 -43.34
N THR A 32 8.07 -13.96 -42.79
CA THR A 32 8.21 -14.42 -41.42
C THR A 32 7.72 -13.38 -40.41
N SER A 33 7.80 -12.09 -40.76
CA SER A 33 6.98 -11.11 -40.06
C SER A 33 5.51 -11.42 -40.22
N GLY A 34 5.12 -11.95 -41.39
CA GLY A 34 3.77 -12.46 -41.59
C GLY A 34 3.42 -13.58 -40.64
N TYR A 35 4.41 -14.39 -40.25
CA TYR A 35 4.18 -15.33 -39.16
C TYR A 35 4.07 -14.62 -37.83
N LEU A 36 4.77 -13.49 -37.67
CA LEU A 36 4.77 -12.82 -36.38
C LEU A 36 3.48 -12.06 -36.08
N GLN A 37 2.78 -11.54 -37.11
CA GLN A 37 1.57 -10.76 -36.83
C GLN A 37 0.45 -11.61 -36.26
N GLN A 38 0.27 -12.84 -36.76
CA GLN A 38 -0.83 -13.67 -36.29
C GLN A 38 -0.63 -14.12 -34.86
N LYS A 39 0.62 -14.42 -34.49
CA LYS A 39 0.88 -14.96 -33.17
C LYS A 39 1.01 -13.85 -32.14
N SER A 40 1.54 -12.69 -32.55
CA SER A 40 1.59 -11.55 -31.64
C SER A 40 0.19 -10.99 -31.39
N GLN A 41 -0.57 -10.75 -32.46
CA GLN A 41 -1.92 -10.22 -32.31
C GLN A 41 -2.86 -11.23 -31.66
N ALA A 42 -2.60 -12.52 -31.83
CA ALA A 42 -3.41 -13.52 -31.12
C ALA A 42 -3.05 -13.54 -29.64
N THR A 43 -1.78 -13.76 -29.31
CA THR A 43 -1.38 -13.95 -27.92
C THR A 43 -1.50 -12.69 -27.07
N GLY A 44 -1.53 -11.51 -27.67
CA GLY A 44 -1.79 -10.31 -26.87
C GLY A 44 -3.15 -10.32 -26.22
N ARG A 45 -4.18 -10.43 -27.08
CA ARG A 45 -5.56 -10.48 -26.60
C ARG A 45 -5.80 -11.72 -25.76
N GLU A 46 -5.28 -12.87 -26.20
CA GLU A 46 -5.49 -14.13 -25.49
C GLU A 46 -4.85 -14.12 -24.10
N THR A 47 -3.75 -13.40 -23.93
CA THR A 47 -3.16 -13.30 -22.61
C THR A 47 -3.77 -12.21 -21.75
N THR A 48 -4.36 -11.16 -22.34
CA THR A 48 -5.15 -10.28 -21.50
C THR A 48 -6.44 -10.95 -21.04
N GLN A 49 -6.97 -11.87 -21.86
CA GLN A 49 -8.08 -12.69 -21.42
C GLN A 49 -7.65 -13.71 -20.39
N GLU A 50 -6.40 -14.19 -20.47
CA GLU A 50 -5.84 -15.15 -19.52
C GLU A 50 -5.76 -14.57 -18.11
N VAL A 51 -5.58 -13.26 -17.98
CA VAL A 51 -5.52 -12.61 -16.68
C VAL A 51 -6.82 -11.93 -16.30
N ALA A 52 -7.65 -11.57 -17.26
CA ALA A 52 -8.75 -10.65 -16.97
C ALA A 52 -9.96 -11.38 -16.39
N SER A 53 -10.43 -12.41 -17.09
CA SER A 53 -11.66 -13.08 -16.70
C SER A 53 -11.45 -13.92 -15.45
N GLY A 54 -12.52 -14.10 -14.69
CA GLY A 54 -12.40 -14.84 -13.45
C GLY A 54 -13.67 -15.11 -12.69
N ILE A 55 -13.67 -16.21 -11.95
CA ILE A 55 -14.81 -16.71 -11.20
C ILE A 55 -14.57 -16.46 -9.71
N LYS A 56 -15.59 -16.02 -8.99
CA LYS A 56 -15.53 -15.89 -7.54
C LYS A 56 -16.70 -16.59 -6.89
N VAL A 57 -16.45 -17.18 -5.72
CA VAL A 57 -17.40 -18.04 -5.03
C VAL A 57 -17.92 -17.29 -3.80
N LEU A 58 -19.23 -17.20 -3.68
CA LEU A 58 -19.86 -16.50 -2.57
C LEU A 58 -21.02 -17.34 -2.01
N SER A 59 -21.01 -17.54 -0.69
CA SER A 59 -22.16 -17.97 0.10
C SER A 59 -22.70 -19.35 -0.35
N VAL A 60 -21.90 -20.36 -0.09
CA VAL A 60 -22.31 -21.73 -0.34
C VAL A 60 -23.24 -22.18 0.79
N VAL A 61 -24.13 -23.14 0.50
CA VAL A 61 -25.17 -23.56 1.42
C VAL A 61 -25.16 -25.08 1.58
N GLY A 62 -25.70 -25.56 2.70
CA GLY A 62 -25.51 -26.95 3.08
C GLY A 62 -26.56 -28.02 2.77
N LYS A 63 -27.78 -27.90 3.32
CA LYS A 63 -28.84 -28.93 3.27
C LYS A 63 -28.41 -30.26 3.88
N THR A 64 -28.38 -30.37 5.21
CA THR A 64 -28.28 -31.71 5.76
C THR A 64 -29.62 -32.44 5.63
N ASP A 65 -29.60 -33.72 6.02
CA ASP A 65 -30.77 -34.60 5.93
C ASP A 65 -31.69 -34.32 7.12
N SER A 66 -32.82 -35.02 7.20
CA SER A 66 -33.72 -34.88 8.35
C SER A 66 -33.14 -35.46 9.63
N ASN A 67 -32.08 -36.25 9.54
CA ASN A 67 -31.22 -36.58 10.66
C ASN A 67 -29.92 -35.83 10.37
N LYS A 68 -29.52 -34.96 11.29
CA LYS A 68 -28.57 -33.87 11.03
C LYS A 68 -27.17 -34.29 10.62
N THR A 69 -26.85 -35.57 10.77
CA THR A 69 -25.55 -36.09 10.34
C THR A 69 -25.48 -36.11 8.81
N TYR A 70 -24.27 -35.90 8.27
CA TYR A 70 -23.91 -36.16 6.88
C TYR A 70 -24.71 -35.29 5.90
N VAL A 71 -24.38 -34.00 5.92
CA VAL A 71 -24.90 -33.02 4.95
C VAL A 71 -24.66 -33.46 3.51
N GLU A 72 -25.74 -33.57 2.73
CA GLU A 72 -25.68 -34.32 1.49
C GLU A 72 -25.83 -33.50 0.22
N LYS A 73 -26.67 -32.47 0.19
CA LYS A 73 -27.02 -31.81 -1.07
C LYS A 73 -26.54 -30.36 -1.05
N LEU A 74 -25.36 -30.13 -1.59
CA LEU A 74 -24.71 -28.83 -1.54
C LEU A 74 -25.04 -28.02 -2.79
N ALA A 75 -24.98 -26.69 -2.64
CA ALA A 75 -25.17 -25.76 -3.74
C ALA A 75 -24.20 -24.60 -3.57
N ILE A 76 -23.29 -24.45 -4.52
CA ILE A 76 -22.28 -23.40 -4.50
C ILE A 76 -22.66 -22.33 -5.50
N TYR A 77 -22.82 -21.09 -5.02
CA TYR A 77 -23.22 -19.97 -5.87
C TYR A 77 -21.98 -19.41 -6.53
N ILE A 78 -22.08 -19.10 -7.83
CA ILE A 78 -20.97 -18.53 -8.57
C ILE A 78 -21.45 -17.39 -9.44
N SER A 79 -20.78 -16.25 -9.34
CA SER A 79 -20.84 -15.14 -10.26
C SER A 79 -19.42 -14.81 -10.70
N PRO A 80 -19.22 -14.43 -11.96
CA PRO A 80 -17.87 -14.09 -12.42
C PRO A 80 -17.49 -12.70 -11.96
N ASN A 81 -16.26 -12.32 -12.25
CA ASN A 81 -15.72 -11.05 -11.78
C ASN A 81 -16.26 -9.90 -12.62
N ALA A 82 -15.64 -8.71 -12.47
CA ALA A 82 -16.08 -7.54 -13.21
C ALA A 82 -15.84 -7.70 -14.70
N GLY A 83 -14.58 -7.87 -15.09
CA GLY A 83 -14.26 -7.97 -16.48
C GLY A 83 -14.02 -9.39 -16.94
N SER A 84 -14.95 -9.92 -17.73
CA SER A 84 -14.82 -11.28 -18.22
C SER A 84 -15.42 -11.40 -19.60
N GLU A 85 -14.71 -12.10 -20.49
CA GLU A 85 -15.24 -12.43 -21.80
C GLU A 85 -15.71 -13.89 -21.82
N GLY A 86 -16.75 -14.16 -21.04
CA GLY A 86 -17.50 -15.40 -21.21
C GLY A 86 -16.87 -16.72 -20.81
N ILE A 87 -16.78 -17.03 -19.52
CA ILE A 87 -16.40 -18.37 -19.10
C ILE A 87 -17.49 -19.35 -19.55
N ASP A 88 -17.10 -20.39 -20.27
CA ASP A 88 -18.02 -21.44 -20.66
C ASP A 88 -17.97 -22.56 -19.63
N LEU A 89 -19.10 -23.23 -19.43
CA LEU A 89 -19.21 -24.25 -18.39
C LEU A 89 -19.22 -25.68 -18.93
N ASN A 90 -19.17 -25.87 -20.25
CA ASN A 90 -18.86 -27.20 -20.75
C ASN A 90 -17.37 -27.47 -20.60
N ASN A 91 -16.57 -26.41 -20.45
CA ASN A 91 -15.18 -26.51 -20.01
C ASN A 91 -15.04 -25.79 -18.69
N THR A 92 -15.35 -26.51 -17.61
CA THR A 92 -15.21 -26.00 -16.25
C THR A 92 -15.12 -27.19 -15.31
N ARG A 93 -14.12 -27.21 -14.45
CA ARG A 93 -13.93 -28.29 -13.51
C ARG A 93 -13.92 -27.74 -12.09
N VAL A 94 -14.90 -28.13 -11.28
CA VAL A 94 -15.03 -27.66 -9.92
C VAL A 94 -14.27 -28.63 -9.02
N VAL A 95 -13.02 -28.32 -8.72
CA VAL A 95 -12.12 -29.27 -8.07
C VAL A 95 -12.21 -29.00 -6.57
N LEU A 96 -13.04 -29.75 -5.87
CA LEU A 96 -13.09 -29.71 -4.41
C LEU A 96 -12.45 -30.98 -3.88
N SER A 97 -11.58 -30.81 -2.89
CA SER A 97 -10.89 -31.93 -2.24
C SER A 97 -11.80 -32.58 -1.21
N ASN A 98 -11.23 -33.35 -0.30
CA ASN A 98 -11.92 -33.67 0.95
C ASN A 98 -10.86 -33.54 2.03
N GLY A 99 -11.15 -34.02 3.23
CA GLY A 99 -10.08 -34.37 4.12
C GLY A 99 -9.27 -35.56 3.64
N THR A 100 -9.86 -36.40 2.79
CA THR A 100 -9.18 -37.60 2.32
C THR A 100 -9.03 -37.68 0.80
N VAL A 101 -10.12 -37.50 0.05
CA VAL A 101 -10.16 -37.90 -1.37
C VAL A 101 -10.46 -36.68 -2.22
N GLN A 102 -9.63 -36.45 -3.24
CA GLN A 102 -9.87 -35.41 -4.24
C GLN A 102 -11.15 -35.66 -5.01
N ALA A 103 -11.62 -34.61 -5.67
CA ALA A 103 -12.72 -34.76 -6.60
C ALA A 103 -12.63 -33.67 -7.65
N VAL A 104 -12.91 -34.04 -8.89
CA VAL A 104 -13.11 -33.09 -9.97
C VAL A 104 -14.52 -33.34 -10.51
N LEU A 105 -15.12 -32.29 -11.05
CA LEU A 105 -16.54 -32.34 -11.39
C LEU A 105 -16.73 -31.91 -12.85
N LYS A 106 -17.11 -32.85 -13.70
CA LYS A 106 -17.40 -32.62 -15.11
C LYS A 106 -18.83 -32.12 -15.24
N TYR A 107 -19.09 -31.34 -16.27
CA TYR A 107 -20.43 -30.81 -16.51
C TYR A 107 -21.40 -31.93 -16.87
N GLU A 108 -22.64 -31.78 -16.43
CA GLU A 108 -23.72 -32.71 -16.71
C GLU A 108 -24.87 -31.95 -17.34
N LYS A 109 -25.51 -32.56 -18.34
CA LYS A 109 -26.71 -32.00 -18.94
C LYS A 109 -27.92 -32.27 -18.05
N THR A 110 -29.08 -31.87 -18.55
CA THR A 110 -30.40 -32.08 -17.93
C THR A 110 -30.45 -31.57 -16.49
N ALA A 111 -30.04 -30.31 -16.30
CA ALA A 111 -30.19 -29.68 -14.99
C ALA A 111 -30.35 -28.17 -15.19
N TYR A 112 -31.60 -27.70 -15.28
CA TYR A 112 -31.84 -26.26 -15.16
C TYR A 112 -32.81 -25.89 -14.04
N HIS A 113 -34.08 -26.30 -14.12
CA HIS A 113 -35.14 -26.00 -13.13
C HIS A 113 -35.18 -24.51 -12.78
N LYS A 114 -35.43 -23.69 -13.80
CA LYS A 114 -35.16 -22.25 -13.69
C LYS A 114 -36.39 -21.38 -13.54
N GLY A 115 -37.57 -21.96 -13.34
CA GLY A 115 -38.79 -21.16 -13.23
C GLY A 115 -39.47 -21.26 -11.88
N ALA A 116 -39.32 -22.41 -11.22
CA ALA A 116 -39.83 -22.66 -9.87
C ALA A 116 -38.70 -22.57 -8.86
N VAL A 117 -37.81 -21.60 -9.04
CA VAL A 117 -36.50 -21.53 -8.39
C VAL A 117 -36.65 -21.13 -6.92
N GLY A 118 -37.87 -20.75 -6.51
CA GLY A 118 -38.13 -20.28 -5.16
C GLY A 118 -37.91 -21.29 -4.05
N ASP A 119 -37.78 -22.57 -4.40
CA ASP A 119 -37.23 -23.56 -3.48
C ASP A 119 -35.99 -24.12 -4.15
N VAL A 120 -34.81 -23.82 -3.58
CA VAL A 120 -33.55 -24.18 -4.22
C VAL A 120 -33.33 -25.68 -4.17
N PHE A 121 -33.71 -26.30 -3.05
CA PHE A 121 -33.41 -27.71 -2.81
C PHE A 121 -34.61 -28.60 -3.06
N ASN A 122 -35.49 -28.20 -3.97
CA ASN A 122 -36.59 -29.06 -4.38
C ASN A 122 -36.02 -30.19 -5.24
N ALA A 123 -36.55 -31.40 -5.03
CA ALA A 123 -36.04 -32.58 -5.71
C ALA A 123 -36.49 -32.61 -7.17
N SER A 124 -35.98 -31.70 -7.98
CA SER A 124 -36.42 -31.53 -9.36
C SER A 124 -35.72 -32.52 -10.27
N THR A 125 -35.85 -32.30 -11.58
CA THR A 125 -35.04 -33.04 -12.54
C THR A 125 -33.60 -32.54 -12.56
N ALA A 126 -33.34 -31.36 -11.99
CA ALA A 126 -32.03 -30.77 -11.93
C ALA A 126 -31.18 -31.27 -10.77
N TRP A 127 -31.51 -32.44 -10.23
CA TRP A 127 -30.72 -33.11 -9.21
C TRP A 127 -30.51 -34.57 -9.54
N ASN A 128 -30.92 -35.02 -10.73
CA ASN A 128 -30.65 -36.37 -11.21
C ASN A 128 -29.22 -36.36 -11.73
N LEU A 129 -28.26 -36.54 -10.83
CA LEU A 129 -26.86 -36.43 -11.21
C LEU A 129 -26.04 -37.43 -10.41
N SER A 130 -24.76 -37.52 -10.75
CA SER A 130 -23.91 -38.61 -10.29
C SER A 130 -22.64 -38.11 -9.61
N ASN A 131 -21.67 -39.01 -9.43
CA ASN A 131 -20.44 -38.74 -8.68
C ASN A 131 -19.65 -37.58 -9.29
N THR A 132 -19.26 -37.73 -10.55
CA THR A 132 -18.33 -36.80 -11.20
C THR A 132 -19.07 -35.67 -11.91
N ASN A 133 -20.27 -35.33 -11.45
CA ASN A 133 -21.13 -34.41 -12.18
C ASN A 133 -21.69 -33.36 -11.25
N PHE A 134 -22.04 -32.21 -11.82
CA PHE A 134 -22.65 -31.13 -11.04
C PHE A 134 -23.85 -30.58 -11.79
N GLY A 135 -24.83 -30.11 -11.01
CA GLY A 135 -25.99 -29.44 -11.55
C GLY A 135 -25.82 -27.93 -11.59
N ILE A 136 -26.55 -27.29 -12.49
CA ILE A 136 -26.27 -25.90 -12.83
C ILE A 136 -27.54 -25.04 -12.76
N ILE A 137 -28.34 -25.21 -11.70
CA ILE A 137 -29.60 -24.48 -11.56
C ILE A 137 -29.35 -22.98 -11.57
N VAL A 138 -30.07 -22.27 -12.43
CA VAL A 138 -29.65 -20.96 -12.89
C VAL A 138 -30.64 -19.90 -12.44
N LEU A 139 -30.11 -18.76 -12.03
CA LEU A 139 -30.89 -17.59 -11.68
C LEU A 139 -30.12 -16.35 -12.09
N GLN A 140 -30.85 -15.26 -12.34
CA GLN A 140 -30.33 -13.99 -12.82
C GLN A 140 -29.53 -14.17 -14.12
N ASP A 141 -30.27 -14.53 -15.17
CA ASP A 141 -29.75 -14.47 -16.53
C ASP A 141 -30.40 -13.29 -17.24
N ALA A 142 -29.57 -12.35 -17.69
CA ALA A 142 -30.09 -11.11 -18.23
C ALA A 142 -30.62 -11.30 -19.65
N ASP A 143 -29.75 -11.67 -20.58
CA ASP A 143 -30.12 -11.84 -21.98
C ASP A 143 -30.36 -13.30 -22.32
N ASN A 144 -30.75 -14.08 -21.30
CA ASN A 144 -30.95 -15.53 -21.37
C ASN A 144 -29.69 -16.22 -21.89
N SER A 145 -28.55 -15.83 -21.32
CA SER A 145 -27.25 -16.21 -21.85
C SER A 145 -26.77 -17.58 -21.38
N VAL A 146 -27.51 -18.25 -20.51
CA VAL A 146 -27.16 -19.61 -20.11
C VAL A 146 -28.25 -20.55 -20.61
N ASP A 147 -28.08 -21.07 -21.82
CA ASP A 147 -29.00 -22.00 -22.41
C ASP A 147 -28.49 -23.42 -22.25
N GLN A 148 -29.33 -24.39 -22.61
CA GLN A 148 -28.91 -25.78 -22.65
C GLN A 148 -27.81 -25.94 -23.70
N ASN A 149 -26.82 -26.78 -23.37
CA ASN A 149 -25.66 -27.16 -24.19
C ASN A 149 -24.66 -26.02 -24.41
N TYR A 150 -24.96 -24.83 -23.92
CA TYR A 150 -24.01 -23.71 -23.96
C TYR A 150 -24.14 -22.87 -22.70
N PRO A 151 -23.69 -23.37 -21.54
CA PRO A 151 -23.75 -22.53 -20.33
C PRO A 151 -22.61 -21.55 -20.31
N THR A 152 -22.88 -20.28 -20.62
CA THR A 152 -21.86 -19.25 -20.74
C THR A 152 -22.20 -18.12 -19.79
N LEU A 153 -21.24 -17.75 -18.94
CA LEU A 153 -21.47 -16.68 -17.98
C LEU A 153 -21.09 -15.33 -18.59
N ASN A 154 -21.76 -14.29 -18.11
CA ASN A 154 -21.46 -12.92 -18.48
C ASN A 154 -21.52 -12.04 -17.24
N LYS A 155 -21.40 -10.72 -17.41
CA LYS A 155 -21.53 -9.83 -16.26
C LYS A 155 -22.97 -9.80 -15.76
N GLY A 156 -23.11 -9.67 -14.44
CA GLY A 156 -24.43 -9.69 -13.84
C GLY A 156 -25.13 -11.04 -13.95
N ASP A 157 -24.51 -12.09 -13.47
CA ASP A 157 -25.03 -13.45 -13.66
C ASP A 157 -24.55 -14.29 -12.47
N ILE A 158 -25.49 -14.73 -11.63
CA ILE A 158 -25.15 -15.55 -10.47
C ILE A 158 -25.78 -16.92 -10.69
N VAL A 159 -25.04 -17.82 -11.30
CA VAL A 159 -25.52 -19.17 -11.50
C VAL A 159 -25.19 -19.96 -10.25
N VAL A 160 -25.97 -20.99 -10.00
CA VAL A 160 -25.82 -21.80 -8.79
C VAL A 160 -25.37 -23.18 -9.21
N ILE A 161 -24.14 -23.55 -8.87
CA ILE A 161 -23.69 -24.91 -9.14
C ILE A 161 -24.24 -25.84 -8.07
N THR A 162 -25.08 -26.76 -8.50
CA THR A 162 -25.61 -27.82 -7.65
C THR A 162 -24.64 -29.00 -7.67
N VAL A 163 -24.22 -29.45 -6.50
CA VAL A 163 -23.34 -30.62 -6.38
C VAL A 163 -23.96 -31.56 -5.35
N LYS A 164 -24.28 -32.78 -5.77
CA LYS A 164 -24.71 -33.78 -4.82
C LYS A 164 -23.51 -34.44 -4.18
N VAL A 165 -23.53 -34.55 -2.85
CA VAL A 165 -22.40 -35.02 -2.08
C VAL A 165 -22.71 -36.33 -1.37
N GLY A 166 -23.68 -36.32 -0.46
CA GLY A 166 -23.77 -37.34 0.57
C GLY A 166 -24.41 -38.70 0.34
N GLU A 167 -25.73 -38.74 0.12
CA GLU A 167 -26.49 -39.95 0.41
C GLU A 167 -26.28 -41.01 -0.66
N GLY A 168 -25.94 -42.22 -0.22
CA GLY A 168 -25.65 -43.33 -1.11
C GLY A 168 -24.41 -43.09 -1.94
N ASN A 169 -24.59 -42.90 -3.24
CA ASN A 169 -23.50 -42.49 -4.10
C ASN A 169 -23.34 -40.97 -4.07
N GLY A 170 -22.19 -40.50 -4.50
CA GLY A 170 -21.98 -39.07 -4.55
C GLY A 170 -20.51 -38.75 -4.69
N VAL A 171 -20.20 -37.47 -4.48
CA VAL A 171 -18.81 -37.02 -4.48
C VAL A 171 -18.03 -37.70 -3.36
N PHE A 172 -18.66 -37.84 -2.20
CA PHE A 172 -18.02 -38.45 -1.05
C PHE A 172 -18.78 -39.70 -0.63
N GLY A 173 -18.08 -40.61 0.03
CA GLY A 173 -18.73 -41.70 0.71
C GLY A 173 -19.48 -41.16 1.90
N LYS A 174 -20.82 -41.15 1.83
CA LYS A 174 -21.78 -40.67 2.83
C LYS A 174 -21.71 -39.16 3.08
N GLY A 175 -20.85 -38.42 2.37
CA GLY A 175 -20.77 -36.98 2.52
C GLY A 175 -20.01 -36.53 3.75
N ILE A 176 -19.77 -35.22 3.78
CA ILE A 176 -19.01 -34.61 4.88
C ILE A 176 -19.80 -34.62 6.17
N PRO A 177 -19.19 -35.04 7.27
CA PRO A 177 -19.79 -34.88 8.59
C PRO A 177 -19.49 -33.49 9.13
N PRO A 178 -20.06 -33.10 10.27
CA PRO A 178 -19.60 -31.89 10.95
C PRO A 178 -18.15 -31.99 11.41
N ARG A 179 -17.57 -30.81 11.65
CA ARG A 179 -16.22 -30.62 12.17
C ARG A 179 -15.18 -31.27 11.24
N THR A 180 -15.11 -30.72 10.04
CA THR A 180 -14.08 -31.14 9.09
C THR A 180 -13.73 -29.97 8.20
N LYS A 181 -12.52 -29.99 7.67
CA LYS A 181 -12.07 -29.02 6.69
C LYS A 181 -12.28 -29.60 5.29
N ILE A 182 -13.11 -28.93 4.50
CA ILE A 182 -13.43 -29.30 3.13
C ILE A 182 -13.21 -28.09 2.25
N THR A 183 -12.24 -28.20 1.34
CA THR A 183 -11.61 -27.05 0.70
C THR A 183 -11.25 -27.41 -0.74
N GLY A 184 -11.62 -26.54 -1.66
CA GLY A 184 -11.27 -26.79 -3.03
C GLY A 184 -11.15 -25.51 -3.83
N LYS A 185 -11.40 -25.63 -5.12
CA LYS A 185 -11.31 -24.49 -6.01
C LYS A 185 -12.16 -24.74 -7.25
N VAL A 186 -12.54 -23.66 -7.92
CA VAL A 186 -13.32 -23.73 -9.14
C VAL A 186 -12.50 -23.07 -10.24
N ILE A 187 -12.00 -23.86 -11.17
CA ILE A 187 -11.11 -23.36 -12.21
C ILE A 187 -11.86 -23.22 -13.52
N PRO A 188 -11.71 -22.13 -14.24
CA PRO A 188 -12.28 -22.00 -15.58
C PRO A 188 -11.39 -22.63 -16.63
N GLU A 189 -11.73 -22.39 -17.90
CA GLU A 189 -10.81 -22.72 -18.98
C GLU A 189 -9.51 -21.94 -18.86
N PHE A 190 -9.60 -20.62 -18.97
CA PHE A 190 -8.44 -19.75 -18.89
C PHE A 190 -8.57 -18.69 -17.81
N GLY A 191 -9.74 -18.54 -17.20
CA GLY A 191 -10.00 -17.48 -16.26
C GLY A 191 -9.31 -17.67 -14.92
N ALA A 192 -9.69 -16.84 -14.00
CA ALA A 192 -9.06 -16.93 -12.69
C ALA A 192 -9.76 -17.99 -11.85
N PRO A 193 -9.01 -18.85 -11.16
CA PRO A 193 -9.64 -19.90 -10.36
C PRO A 193 -10.25 -19.36 -9.07
N GLY A 194 -11.55 -19.56 -8.91
CA GLY A 194 -12.23 -19.17 -7.69
C GLY A 194 -12.14 -20.26 -6.64
N VAL A 195 -11.80 -19.85 -5.42
CA VAL A 195 -11.41 -20.79 -4.39
C VAL A 195 -12.55 -20.92 -3.38
N ILE A 196 -12.50 -21.98 -2.58
CA ILE A 196 -13.55 -22.28 -1.61
C ILE A 196 -13.00 -23.09 -0.44
N GLU A 197 -13.29 -22.64 0.78
CA GLU A 197 -12.78 -23.31 1.98
C GLU A 197 -13.87 -23.29 3.05
N PHE A 198 -14.50 -24.43 3.26
CA PHE A 198 -15.55 -24.52 4.27
C PHE A 198 -14.94 -24.64 5.65
N THR A 199 -15.77 -24.43 6.66
CA THR A 199 -15.40 -24.81 8.02
C THR A 199 -16.25 -25.96 8.52
N THR A 200 -17.50 -26.09 8.00
CA THR A 200 -18.53 -27.07 8.35
C THR A 200 -18.76 -27.03 9.86
N PRO A 201 -19.57 -26.07 10.33
CA PRO A 201 -19.67 -25.79 11.77
C PRO A 201 -20.15 -26.98 12.57
N SER A 202 -19.50 -27.19 13.72
CA SER A 202 -19.60 -28.45 14.44
C SER A 202 -20.95 -28.61 15.10
N THR A 203 -21.55 -29.78 14.90
CA THR A 203 -22.73 -30.30 15.61
C THR A 203 -23.93 -29.37 15.38
N TYR A 204 -24.36 -29.34 14.12
CA TYR A 204 -25.23 -28.29 13.59
C TYR A 204 -26.69 -28.72 13.49
N THR A 205 -27.49 -27.78 13.01
CA THR A 205 -28.87 -27.98 12.59
C THR A 205 -28.97 -27.71 11.09
N SER A 206 -30.18 -27.82 10.54
CA SER A 206 -30.35 -27.95 9.10
C SER A 206 -30.10 -26.64 8.36
N GLU A 207 -29.71 -26.78 7.07
CA GLU A 207 -29.31 -25.68 6.18
C GLU A 207 -28.13 -24.90 6.76
N VAL A 208 -26.95 -25.51 6.60
CA VAL A 208 -25.79 -25.36 7.46
C VAL A 208 -24.97 -24.09 7.14
N ILE A 209 -25.53 -23.19 6.31
CA ILE A 209 -24.85 -22.24 5.42
C ILE A 209 -23.56 -21.60 5.95
N GLU A 210 -22.49 -21.70 5.16
CA GLU A 210 -21.17 -21.20 5.54
C GLU A 210 -20.47 -20.67 4.31
N LEU A 211 -19.65 -19.65 4.50
CA LEU A 211 -19.24 -18.78 3.41
C LEU A 211 -17.92 -19.22 2.78
N GLN A 212 -17.83 -18.95 1.47
CA GLN A 212 -16.65 -19.13 0.62
C GLN A 212 -16.02 -20.51 0.68
N ALA B 6 44.84 -2.51 -91.54
CA ALA B 6 45.47 -3.26 -90.45
C ALA B 6 44.42 -3.84 -89.51
N VAL B 7 44.85 -4.19 -88.29
CA VAL B 7 44.00 -4.81 -87.31
C VAL B 7 43.67 -3.75 -86.27
N GLY B 8 44.39 -2.63 -86.32
CA GLY B 8 44.17 -1.53 -85.40
C GLY B 8 42.90 -0.74 -85.61
N ILE B 9 42.21 -0.94 -86.73
CA ILE B 9 40.93 -0.29 -86.94
C ILE B 9 39.88 -0.89 -86.02
N GLY B 10 39.90 -2.22 -85.85
CA GLY B 10 38.86 -2.90 -85.10
C GLY B 10 38.89 -2.62 -83.61
N THR B 11 40.07 -2.33 -83.06
CA THR B 11 40.16 -1.94 -81.66
C THR B 11 39.65 -0.52 -81.44
N LEU B 12 39.55 0.26 -82.51
CA LEU B 12 38.93 1.58 -82.43
C LEU B 12 37.41 1.46 -82.56
N ILE B 13 36.94 0.45 -83.29
CA ILE B 13 35.51 0.27 -83.47
C ILE B 13 34.87 -0.30 -82.21
N VAL B 14 35.55 -1.24 -81.55
CA VAL B 14 35.10 -1.71 -80.24
C VAL B 14 35.19 -0.59 -79.21
N PHE B 15 36.17 0.30 -79.37
CA PHE B 15 36.22 1.53 -78.56
C PHE B 15 35.01 2.41 -78.79
N ILE B 16 34.45 2.40 -80.00
CA ILE B 16 33.16 3.05 -80.20
C ILE B 16 32.05 2.19 -79.63
N ALA B 17 32.15 0.87 -79.79
CA ALA B 17 31.03 -0.01 -79.47
C ALA B 17 30.89 -0.22 -77.97
N MET B 18 31.98 -0.62 -77.30
CA MET B 18 31.89 -1.02 -75.89
C MET B 18 31.68 0.16 -74.96
N VAL B 19 32.06 1.37 -75.38
CA VAL B 19 31.70 2.57 -74.64
C VAL B 19 30.19 2.80 -74.70
N LEU B 20 29.58 2.52 -75.85
CA LEU B 20 28.12 2.56 -75.93
C LEU B 20 27.49 1.42 -75.14
N VAL B 21 28.20 0.30 -75.02
CA VAL B 21 27.79 -0.73 -74.07
C VAL B 21 28.05 -0.26 -72.65
N ALA B 22 29.14 0.49 -72.44
CA ALA B 22 29.36 1.12 -71.13
C ALA B 22 28.34 2.23 -70.88
N ALA B 23 27.86 2.86 -71.94
CA ALA B 23 26.78 3.83 -71.81
C ALA B 23 25.48 3.19 -71.38
N VAL B 24 25.07 2.08 -72.01
CA VAL B 24 23.86 1.39 -71.58
C VAL B 24 24.08 0.61 -70.29
N ALA B 25 25.34 0.42 -69.87
CA ALA B 25 25.59 -0.01 -68.52
C ALA B 25 25.34 1.10 -67.51
N ALA B 26 25.30 2.35 -67.97
CA ALA B 26 24.93 3.48 -67.13
C ALA B 26 23.57 4.04 -67.46
N ALA B 27 23.14 4.01 -68.73
CA ALA B 27 21.85 4.55 -69.12
C ALA B 27 20.69 3.71 -68.62
N VAL B 28 20.93 2.49 -68.15
CA VAL B 28 19.91 1.66 -67.52
C VAL B 28 20.10 1.59 -66.03
N LEU B 29 21.33 1.32 -65.58
CA LEU B 29 21.58 1.03 -64.17
C LEU B 29 21.46 2.28 -63.30
N ILE B 30 21.69 3.46 -63.87
CA ILE B 30 21.29 4.68 -63.16
C ILE B 30 19.79 4.86 -63.26
N GLN B 31 19.23 4.62 -64.44
CA GLN B 31 17.82 4.90 -64.67
C GLN B 31 16.92 3.89 -63.95
N THR B 32 17.37 2.65 -63.78
CA THR B 32 16.62 1.73 -62.93
C THR B 32 16.80 2.06 -61.46
N SER B 33 17.93 2.67 -61.11
CA SER B 33 18.15 3.09 -59.74
C SER B 33 17.12 4.15 -59.37
N GLY B 34 16.81 5.01 -60.35
CA GLY B 34 15.90 6.12 -60.19
C GLY B 34 14.50 5.71 -59.79
N TYR B 35 14.00 4.62 -60.36
CA TYR B 35 12.68 4.14 -60.00
C TYR B 35 12.66 3.76 -58.53
N LEU B 36 13.71 3.09 -58.08
CA LEU B 36 13.83 2.71 -56.68
C LEU B 36 13.88 3.96 -55.81
N GLN B 37 14.61 4.98 -56.25
CA GLN B 37 14.68 6.20 -55.46
C GLN B 37 13.30 6.80 -55.30
N GLN B 38 12.54 6.89 -56.39
CA GLN B 38 11.22 7.49 -56.25
C GLN B 38 10.32 6.68 -55.34
N LYS B 39 10.36 5.36 -55.49
CA LYS B 39 9.49 4.54 -54.65
C LYS B 39 9.87 4.68 -53.17
N SER B 40 11.15 4.70 -52.89
CA SER B 40 11.61 4.82 -51.51
C SER B 40 11.18 6.14 -50.93
N GLN B 41 11.28 7.19 -51.71
CA GLN B 41 10.90 8.50 -51.23
C GLN B 41 9.41 8.51 -50.86
N ALA B 42 8.57 7.93 -51.71
CA ALA B 42 7.13 7.89 -51.38
C ALA B 42 6.81 7.00 -50.16
N THR B 43 7.54 5.90 -50.10
CA THR B 43 7.47 4.82 -49.12
C THR B 43 8.48 4.96 -47.99
N GLY B 44 9.46 5.85 -48.13
CA GLY B 44 10.27 6.20 -47.00
C GLY B 44 9.52 7.12 -46.05
N ARG B 45 8.86 8.13 -46.60
CA ARG B 45 8.22 9.14 -45.76
C ARG B 45 6.88 8.65 -45.24
N GLU B 46 6.00 8.15 -46.12
CA GLU B 46 4.61 7.87 -45.78
C GLU B 46 4.47 6.79 -44.74
N THR B 47 5.38 5.82 -44.74
CA THR B 47 5.39 4.74 -43.75
C THR B 47 5.75 5.22 -42.36
N THR B 48 6.34 6.40 -42.24
CA THR B 48 6.49 7.02 -40.92
C THR B 48 5.21 7.76 -40.55
N GLN B 49 4.59 8.42 -41.53
CA GLN B 49 3.29 9.04 -41.34
C GLN B 49 2.21 8.00 -41.07
N GLU B 50 2.35 6.80 -41.64
CA GLU B 50 1.42 5.70 -41.45
C GLU B 50 1.34 5.25 -40.00
N VAL B 51 2.42 5.41 -39.23
CA VAL B 51 2.47 4.88 -37.88
C VAL B 51 2.49 5.96 -36.82
N ALA B 52 2.92 7.18 -37.14
CA ALA B 52 3.02 8.22 -36.12
C ALA B 52 1.68 8.88 -35.87
N SER B 53 0.94 9.18 -36.94
CA SER B 53 -0.37 9.77 -36.79
C SER B 53 -1.35 8.75 -36.23
N GLY B 54 -2.27 9.24 -35.41
CA GLY B 54 -3.23 8.37 -34.77
C GLY B 54 -4.26 9.14 -33.99
N ILE B 55 -5.48 8.60 -33.95
CA ILE B 55 -6.64 9.31 -33.42
C ILE B 55 -7.13 8.56 -32.19
N LYS B 56 -7.12 9.22 -31.04
CA LYS B 56 -7.46 8.57 -29.77
C LYS B 56 -8.81 9.05 -29.26
N VAL B 57 -9.56 8.12 -28.68
CA VAL B 57 -10.94 8.30 -28.26
C VAL B 57 -10.93 8.56 -26.75
N LEU B 58 -11.66 9.60 -26.33
CA LEU B 58 -11.79 9.91 -24.92
C LEU B 58 -13.15 10.52 -24.63
N SER B 59 -13.78 10.06 -23.55
CA SER B 59 -14.92 10.72 -22.89
C SER B 59 -16.13 10.85 -23.83
N VAL B 60 -16.70 9.71 -24.14
CA VAL B 60 -17.91 9.67 -24.95
C VAL B 60 -19.12 9.91 -24.06
N VAL B 61 -20.12 10.61 -24.57
CA VAL B 61 -21.27 11.03 -23.78
C VAL B 61 -22.55 10.45 -24.40
N GLY B 62 -23.56 10.26 -23.55
CA GLY B 62 -24.72 9.46 -23.92
C GLY B 62 -26.00 10.10 -24.46
N LYS B 63 -26.63 11.00 -23.69
CA LYS B 63 -27.92 11.62 -23.99
C LYS B 63 -29.05 10.59 -24.21
N THR B 64 -29.54 9.99 -23.14
CA THR B 64 -30.71 9.14 -23.31
C THR B 64 -31.97 9.97 -23.49
N ASP B 65 -33.06 9.26 -23.74
CA ASP B 65 -34.39 9.84 -23.84
C ASP B 65 -34.85 10.24 -22.44
N SER B 66 -35.79 11.19 -22.37
CA SER B 66 -36.34 11.58 -21.07
C SER B 66 -37.25 10.53 -20.47
N ASN B 67 -37.70 9.56 -21.28
CA ASN B 67 -38.25 8.31 -20.80
C ASN B 67 -37.11 7.31 -20.94
N LYS B 68 -36.51 6.92 -19.81
CA LYS B 68 -35.12 6.44 -19.67
C LYS B 68 -34.65 5.35 -20.61
N THR B 69 -35.57 4.65 -21.27
CA THR B 69 -35.25 3.63 -22.26
C THR B 69 -34.52 4.25 -23.46
N TYR B 70 -33.63 3.46 -24.07
CA TYR B 70 -33.16 3.64 -25.45
C TYR B 70 -32.38 4.95 -25.65
N VAL B 71 -31.16 4.98 -25.10
CA VAL B 71 -30.23 6.10 -25.30
C VAL B 71 -29.90 6.32 -26.79
N GLU B 72 -30.20 7.52 -27.29
CA GLU B 72 -30.38 7.69 -28.73
C GLU B 72 -29.31 8.54 -29.42
N LYS B 73 -28.74 9.55 -28.78
CA LYS B 73 -27.88 10.51 -29.49
C LYS B 73 -26.48 10.53 -28.87
N LEU B 74 -25.59 9.70 -29.39
CA LEU B 74 -24.23 9.60 -28.89
C LEU B 74 -23.38 10.72 -29.46
N ALA B 75 -22.34 11.09 -28.72
CA ALA B 75 -21.32 12.01 -29.20
C ALA B 75 -19.99 11.55 -28.64
N ILE B 76 -19.02 11.31 -29.51
CA ILE B 76 -17.72 10.78 -29.15
C ILE B 76 -16.65 11.86 -29.35
N TYR B 77 -16.06 12.32 -28.24
CA TYR B 77 -15.04 13.35 -28.29
C TYR B 77 -13.75 12.71 -28.78
N ILE B 78 -13.03 13.40 -29.66
CA ILE B 78 -11.88 12.84 -30.35
C ILE B 78 -10.83 13.91 -30.62
N SER B 79 -9.57 13.57 -30.36
CA SER B 79 -8.40 14.38 -30.67
C SER B 79 -7.28 13.47 -31.14
N PRO B 80 -6.51 13.90 -32.13
CA PRO B 80 -5.42 13.05 -32.63
C PRO B 80 -4.23 13.08 -31.69
N ASN B 81 -3.24 12.25 -32.00
CA ASN B 81 -2.07 12.08 -31.14
C ASN B 81 -1.10 13.24 -31.35
N ALA B 82 0.12 13.07 -30.83
CA ALA B 82 1.07 14.18 -30.78
C ALA B 82 1.60 14.51 -32.17
N GLY B 83 2.26 13.58 -32.81
CA GLY B 83 2.78 13.84 -34.13
C GLY B 83 1.85 13.32 -35.20
N SER B 84 1.23 14.22 -35.95
CA SER B 84 0.26 13.82 -36.97
C SER B 84 0.12 14.91 -38.01
N GLU B 85 0.15 14.50 -39.28
CA GLU B 85 0.09 15.46 -40.39
C GLU B 85 -1.31 15.48 -41.01
N GLY B 86 -2.30 15.89 -40.21
CA GLY B 86 -3.60 16.24 -40.76
C GLY B 86 -4.49 15.15 -41.31
N ILE B 87 -5.11 14.34 -40.45
CA ILE B 87 -6.06 13.33 -40.93
C ILE B 87 -7.30 14.04 -41.48
N ASP B 88 -7.64 13.75 -42.72
CA ASP B 88 -8.85 14.30 -43.32
C ASP B 88 -10.03 13.43 -42.92
N LEU B 89 -11.05 14.06 -42.34
CA LEU B 89 -12.17 13.32 -41.78
C LEU B 89 -13.26 13.01 -42.80
N ASN B 90 -13.17 13.54 -44.02
CA ASN B 90 -13.95 12.99 -45.11
C ASN B 90 -13.50 11.56 -45.41
N ASN B 91 -12.20 11.30 -45.25
CA ASN B 91 -11.66 9.93 -45.29
C ASN B 91 -11.42 9.47 -43.86
N THR B 92 -12.51 9.29 -43.11
CA THR B 92 -12.41 8.70 -41.78
C THR B 92 -13.72 8.00 -41.47
N ARG B 93 -13.72 6.67 -41.57
CA ARG B 93 -14.91 5.87 -41.39
C ARG B 93 -14.96 5.35 -39.96
N VAL B 94 -15.93 5.83 -39.19
CA VAL B 94 -16.04 5.48 -37.78
C VAL B 94 -16.88 4.21 -37.64
N VAL B 95 -16.22 3.09 -37.41
CA VAL B 95 -16.87 1.79 -37.37
C VAL B 95 -17.29 1.54 -35.93
N LEU B 96 -18.56 1.22 -35.71
CA LEU B 96 -19.04 0.75 -34.42
C LEU B 96 -20.00 -0.40 -34.64
N SER B 97 -19.84 -1.47 -33.87
CA SER B 97 -20.65 -2.67 -34.02
C SER B 97 -21.84 -2.60 -33.08
N ASN B 98 -22.53 -3.72 -32.91
CA ASN B 98 -23.59 -3.85 -31.92
C ASN B 98 -23.36 -5.23 -31.30
N GLY B 99 -24.33 -5.76 -30.55
CA GLY B 99 -24.37 -7.18 -30.38
C GLY B 99 -24.84 -7.93 -31.60
N THR B 100 -25.46 -7.23 -32.57
CA THR B 100 -25.93 -7.86 -33.78
C THR B 100 -25.37 -7.22 -35.05
N VAL B 101 -25.40 -5.90 -35.17
CA VAL B 101 -25.29 -5.22 -36.46
C VAL B 101 -24.08 -4.31 -36.47
N GLN B 102 -23.16 -4.57 -37.40
CA GLN B 102 -22.02 -3.69 -37.65
C GLN B 102 -22.49 -2.39 -38.31
N ALA B 103 -21.59 -1.41 -38.37
CA ALA B 103 -21.87 -0.18 -39.10
C ALA B 103 -20.57 0.50 -39.49
N VAL B 104 -20.59 1.17 -40.64
CA VAL B 104 -19.58 2.16 -40.99
C VAL B 104 -20.28 3.50 -41.09
N LEU B 105 -19.53 4.57 -40.88
CA LEU B 105 -20.09 5.91 -40.80
C LEU B 105 -19.34 6.82 -41.75
N LYS B 106 -20.02 7.29 -42.79
CA LYS B 106 -19.47 8.19 -43.78
C LYS B 106 -19.87 9.62 -43.43
N TYR B 107 -18.93 10.55 -43.64
CA TYR B 107 -19.14 11.94 -43.26
C TYR B 107 -20.24 12.61 -44.08
N GLU B 108 -21.10 13.34 -43.39
CA GLU B 108 -22.13 14.14 -44.02
C GLU B 108 -21.78 15.61 -43.88
N LYS B 109 -21.92 16.35 -44.98
CA LYS B 109 -21.68 17.78 -44.97
C LYS B 109 -22.81 18.49 -44.22
N THR B 110 -22.56 19.77 -43.91
CA THR B 110 -23.45 20.64 -43.12
C THR B 110 -23.77 20.04 -41.75
N ALA B 111 -22.74 19.91 -40.92
CA ALA B 111 -22.95 19.69 -39.48
C ALA B 111 -21.76 20.30 -38.72
N TYR B 112 -21.87 21.59 -38.38
CA TYR B 112 -20.76 22.29 -37.73
C TYR B 112 -21.07 22.79 -36.33
N HIS B 113 -22.08 23.65 -36.15
CA HIS B 113 -22.62 24.09 -34.85
C HIS B 113 -21.53 24.75 -33.98
N LYS B 114 -20.56 25.36 -34.64
CA LYS B 114 -19.27 25.65 -34.04
C LYS B 114 -19.26 26.88 -33.13
N GLY B 115 -20.37 27.60 -33.02
CA GLY B 115 -20.37 28.82 -32.23
C GLY B 115 -21.29 28.82 -31.01
N ALA B 116 -22.42 28.12 -31.12
CA ALA B 116 -23.41 28.04 -30.05
C ALA B 116 -23.27 26.75 -29.25
N VAL B 117 -22.02 26.34 -29.02
CA VAL B 117 -21.64 24.98 -28.63
C VAL B 117 -22.01 24.65 -27.18
N GLY B 118 -22.55 25.63 -26.45
CA GLY B 118 -22.85 25.46 -25.03
C GLY B 118 -23.91 24.43 -24.71
N ASP B 119 -24.84 24.18 -25.63
CA ASP B 119 -25.73 23.03 -25.55
C ASP B 119 -25.36 22.12 -26.72
N VAL B 120 -24.67 21.02 -26.40
CA VAL B 120 -24.17 20.12 -27.43
C VAL B 120 -25.32 19.35 -28.05
N PHE B 121 -26.42 19.22 -27.32
CA PHE B 121 -27.50 18.30 -27.67
C PHE B 121 -28.82 19.01 -27.97
N ASN B 122 -28.76 20.25 -28.43
CA ASN B 122 -29.98 20.91 -28.89
C ASN B 122 -30.33 20.39 -30.27
N ALA B 123 -31.58 20.60 -30.68
CA ALA B 123 -32.03 20.18 -32.01
C ALA B 123 -31.44 21.10 -33.08
N SER B 124 -30.15 20.94 -33.34
CA SER B 124 -29.37 21.93 -34.07
C SER B 124 -29.52 21.76 -35.58
N THR B 125 -28.71 22.51 -36.33
CA THR B 125 -28.50 22.22 -37.73
C THR B 125 -27.49 21.10 -37.94
N ALA B 126 -26.74 20.76 -36.89
CA ALA B 126 -25.72 19.72 -36.96
C ALA B 126 -26.22 18.36 -36.49
N TRP B 127 -27.50 18.08 -36.70
CA TRP B 127 -28.07 16.77 -36.39
C TRP B 127 -29.03 16.33 -37.49
N ASN B 128 -29.27 17.17 -38.49
CA ASN B 128 -30.15 16.83 -39.62
C ASN B 128 -29.36 15.87 -40.49
N LEU B 129 -29.39 14.59 -40.14
CA LEU B 129 -28.54 13.61 -40.79
C LEU B 129 -29.25 12.27 -40.80
N SER B 130 -28.54 11.25 -41.28
CA SER B 130 -29.17 9.96 -41.57
C SER B 130 -28.43 8.82 -40.88
N ASN B 131 -28.70 7.59 -41.31
CA ASN B 131 -28.22 6.39 -40.63
C ASN B 131 -26.69 6.32 -40.61
N THR B 132 -26.07 6.44 -41.77
CA THR B 132 -24.63 6.21 -41.93
C THR B 132 -23.84 7.52 -41.93
N ASN B 133 -24.24 8.47 -41.09
CA ASN B 133 -23.57 9.77 -41.05
C ASN B 133 -23.20 10.15 -39.62
N PHE B 134 -22.19 11.02 -39.51
CA PHE B 134 -21.75 11.52 -38.21
C PHE B 134 -21.50 13.02 -38.28
N GLY B 135 -22.01 13.75 -37.29
CA GLY B 135 -21.75 15.16 -37.16
C GLY B 135 -20.38 15.41 -36.59
N ILE B 136 -19.84 16.60 -36.83
CA ILE B 136 -18.42 16.83 -36.62
C ILE B 136 -18.15 18.09 -35.79
N ILE B 137 -19.06 18.39 -34.85
CA ILE B 137 -19.08 19.70 -34.17
C ILE B 137 -17.79 19.93 -33.40
N VAL B 138 -17.22 21.12 -33.59
CA VAL B 138 -15.80 21.34 -33.36
C VAL B 138 -15.61 22.31 -32.21
N LEU B 139 -14.56 22.09 -31.44
CA LEU B 139 -14.16 22.97 -30.35
C LEU B 139 -12.64 22.93 -30.24
N GLN B 140 -12.07 24.07 -29.86
CA GLN B 140 -10.62 24.30 -29.79
C GLN B 140 -9.95 24.04 -31.14
N ASP B 141 -10.25 24.90 -32.09
CA ASP B 141 -9.56 24.89 -33.38
C ASP B 141 -8.37 25.85 -33.32
N ALA B 142 -7.18 25.33 -33.60
CA ALA B 142 -5.97 26.14 -33.48
C ALA B 142 -5.82 27.07 -34.67
N ASP B 143 -5.67 26.53 -35.87
CA ASP B 143 -5.52 27.32 -37.09
C ASP B 143 -6.81 27.33 -37.90
N ASN B 144 -7.94 27.18 -37.21
CA ASN B 144 -9.28 27.08 -37.81
C ASN B 144 -9.34 25.97 -38.86
N SER B 145 -8.76 24.83 -38.53
CA SER B 145 -8.50 23.77 -39.50
C SER B 145 -9.68 22.84 -39.73
N VAL B 146 -10.88 23.19 -39.27
CA VAL B 146 -12.07 22.41 -39.62
C VAL B 146 -13.07 23.35 -40.29
N ASP B 147 -13.05 23.37 -41.63
CA ASP B 147 -13.94 24.22 -42.41
C ASP B 147 -14.91 23.37 -43.23
N GLN B 148 -15.63 24.06 -44.12
CA GLN B 148 -16.48 23.38 -45.08
C GLN B 148 -15.64 22.54 -46.02
N ASN B 149 -16.09 21.31 -46.25
CA ASN B 149 -15.54 20.31 -47.17
C ASN B 149 -14.18 19.76 -46.77
N TYR B 150 -13.57 20.26 -45.71
CA TYR B 150 -12.22 19.83 -45.31
C TYR B 150 -12.08 19.82 -43.79
N PRO B 151 -12.51 18.75 -43.13
CA PRO B 151 -12.13 18.58 -41.72
C PRO B 151 -10.76 17.97 -41.60
N THR B 152 -9.78 18.74 -41.13
CA THR B 152 -8.41 18.26 -40.94
C THR B 152 -8.03 18.45 -39.48
N LEU B 153 -7.50 17.41 -38.85
CA LEU B 153 -7.10 17.50 -37.45
C LEU B 153 -5.60 17.61 -37.29
N ASN B 154 -5.18 18.67 -36.59
CA ASN B 154 -3.78 18.94 -36.31
C ASN B 154 -3.50 18.69 -34.84
N LYS B 155 -2.29 18.97 -34.38
CA LYS B 155 -1.94 18.68 -32.99
C LYS B 155 -2.66 19.61 -32.03
N GLY B 156 -3.30 19.02 -31.03
CA GLY B 156 -4.09 19.78 -30.09
C GLY B 156 -5.36 20.33 -30.69
N ASP B 157 -6.31 19.47 -31.03
CA ASP B 157 -7.59 19.88 -31.60
C ASP B 157 -8.59 18.79 -31.26
N ILE B 158 -9.68 19.15 -30.59
CA ILE B 158 -10.61 18.19 -30.03
C ILE B 158 -11.93 18.32 -30.78
N VAL B 159 -12.12 17.48 -31.79
CA VAL B 159 -13.36 17.47 -32.53
C VAL B 159 -14.33 16.56 -31.80
N VAL B 160 -15.62 16.78 -31.98
CA VAL B 160 -16.65 15.91 -31.41
C VAL B 160 -17.36 15.25 -32.57
N ILE B 161 -17.00 14.00 -32.86
CA ILE B 161 -17.76 13.19 -33.79
C ILE B 161 -19.12 12.92 -33.18
N THR B 162 -20.18 13.22 -33.93
CA THR B 162 -21.53 13.21 -33.41
C THR B 162 -22.37 12.19 -34.15
N VAL B 163 -22.60 11.04 -33.52
CA VAL B 163 -23.25 9.90 -34.16
C VAL B 163 -24.67 9.81 -33.65
N LYS B 164 -25.64 10.02 -34.52
CA LYS B 164 -27.04 9.78 -34.16
C LYS B 164 -27.33 8.30 -34.28
N VAL B 165 -27.96 7.75 -33.25
CA VAL B 165 -28.12 6.31 -33.17
C VAL B 165 -29.59 5.94 -33.09
N GLY B 166 -30.27 6.38 -32.03
CA GLY B 166 -31.52 5.76 -31.63
C GLY B 166 -32.84 6.12 -32.25
N GLU B 167 -33.31 7.35 -32.05
CA GLU B 167 -34.73 7.65 -32.21
C GLU B 167 -35.12 7.74 -33.67
N GLY B 168 -36.18 7.02 -34.03
CA GLY B 168 -36.61 6.92 -35.42
C GLY B 168 -35.61 6.17 -36.27
N ASN B 169 -34.93 6.87 -37.16
CA ASN B 169 -33.85 6.28 -37.93
C ASN B 169 -32.55 6.32 -37.16
N GLY B 170 -31.49 5.82 -37.78
CA GLY B 170 -30.18 5.95 -37.17
C GLY B 170 -29.34 4.73 -37.46
N VAL B 171 -28.25 4.63 -36.70
CA VAL B 171 -27.35 3.48 -36.81
C VAL B 171 -28.06 2.22 -36.36
N PHE B 172 -28.80 2.31 -35.25
CA PHE B 172 -29.49 1.18 -34.67
C PHE B 172 -30.99 1.47 -34.66
N GLY B 173 -31.79 0.42 -34.82
CA GLY B 173 -33.21 0.54 -34.62
C GLY B 173 -33.49 0.75 -33.15
N LYS B 174 -33.99 1.94 -32.79
CA LYS B 174 -34.28 2.44 -31.44
C LYS B 174 -33.03 2.65 -30.57
N GLY B 175 -31.84 2.35 -31.08
CA GLY B 175 -30.61 2.55 -30.34
C GLY B 175 -30.36 1.54 -29.24
N ILE B 176 -29.18 1.67 -28.64
CA ILE B 176 -28.68 0.72 -27.64
C ILE B 176 -29.52 0.75 -26.36
N PRO B 177 -30.04 -0.40 -25.94
CA PRO B 177 -30.69 -0.50 -24.63
C PRO B 177 -29.63 -0.61 -23.55
N PRO B 178 -30.00 -0.50 -22.26
CA PRO B 178 -29.02 -0.74 -21.19
C PRO B 178 -28.54 -2.17 -21.17
N ARG B 179 -27.40 -2.36 -20.50
CA ARG B 179 -26.79 -3.66 -20.20
C ARG B 179 -26.46 -4.40 -21.50
N THR B 180 -25.59 -3.77 -22.29
CA THR B 180 -25.13 -4.36 -23.55
C THR B 180 -23.71 -3.90 -23.80
N LYS B 181 -23.09 -4.53 -24.78
CA LYS B 181 -21.77 -4.10 -25.23
C LYS B 181 -21.92 -3.48 -26.63
N ILE B 182 -21.21 -2.39 -26.84
CA ILE B 182 -21.24 -1.58 -28.04
C ILE B 182 -19.80 -1.22 -28.37
N THR B 183 -19.25 -1.90 -29.37
CA THR B 183 -17.82 -1.97 -29.63
C THR B 183 -17.55 -1.40 -31.02
N GLY B 184 -16.40 -0.79 -31.20
CA GLY B 184 -16.00 -0.37 -32.52
C GLY B 184 -14.56 0.06 -32.59
N LYS B 185 -14.24 0.79 -33.66
CA LYS B 185 -12.92 1.39 -33.82
C LYS B 185 -13.05 2.56 -34.77
N VAL B 186 -12.25 3.61 -34.50
CA VAL B 186 -12.25 4.81 -35.30
C VAL B 186 -10.96 4.81 -36.11
N ILE B 187 -11.03 4.32 -37.34
CA ILE B 187 -9.85 4.18 -38.19
C ILE B 187 -9.63 5.50 -38.95
N PRO B 188 -8.42 6.01 -38.99
CA PRO B 188 -8.15 7.20 -39.80
C PRO B 188 -7.89 6.83 -41.25
N GLU B 189 -7.50 7.82 -42.06
CA GLU B 189 -7.07 7.54 -43.43
C GLU B 189 -5.82 6.68 -43.44
N PHE B 190 -4.71 7.21 -42.94
CA PHE B 190 -3.48 6.46 -42.80
C PHE B 190 -3.01 6.34 -41.36
N GLY B 191 -3.75 6.86 -40.40
CA GLY B 191 -3.29 6.93 -39.02
C GLY B 191 -3.43 5.61 -38.28
N ALA B 192 -3.24 5.70 -36.98
CA ALA B 192 -3.42 4.53 -36.13
C ALA B 192 -4.83 4.51 -35.58
N PRO B 193 -5.46 3.34 -35.47
CA PRO B 193 -6.87 3.30 -35.05
C PRO B 193 -7.02 3.38 -33.55
N GLY B 194 -7.89 4.27 -33.09
CA GLY B 194 -8.24 4.35 -31.68
C GLY B 194 -9.57 3.67 -31.45
N VAL B 195 -9.62 2.87 -30.40
CA VAL B 195 -10.66 1.88 -30.25
C VAL B 195 -11.74 2.42 -29.31
N ILE B 196 -12.90 1.77 -29.33
CA ILE B 196 -14.04 2.18 -28.51
C ILE B 196 -14.87 0.97 -28.10
N GLU B 197 -15.07 0.81 -26.79
CA GLU B 197 -15.86 -0.28 -26.24
C GLU B 197 -16.51 0.19 -24.95
N PHE B 198 -17.83 0.35 -24.98
CA PHE B 198 -18.57 0.82 -23.82
C PHE B 198 -18.91 -0.33 -22.90
N THR B 199 -19.66 -0.02 -21.85
CA THR B 199 -20.38 -1.03 -21.10
C THR B 199 -21.86 -0.69 -20.98
N THR B 200 -22.23 0.60 -21.21
CA THR B 200 -23.58 1.16 -21.15
C THR B 200 -24.24 0.84 -19.82
N PRO B 201 -23.94 1.59 -18.76
CA PRO B 201 -24.24 1.15 -17.38
C PRO B 201 -25.70 0.88 -17.13
N SER B 202 -25.97 -0.27 -16.54
CA SER B 202 -27.28 -0.92 -16.63
C SER B 202 -28.32 -0.21 -15.78
N THR B 203 -29.50 -0.02 -16.39
CA THR B 203 -30.72 0.49 -15.77
C THR B 203 -30.47 1.87 -15.16
N TYR B 204 -30.23 2.81 -16.06
CA TYR B 204 -29.52 4.05 -15.79
C TYR B 204 -30.45 5.24 -15.60
N THR B 205 -29.82 6.38 -15.33
CA THR B 205 -30.45 7.69 -15.27
C THR B 205 -29.97 8.52 -16.47
N SER B 206 -30.43 9.77 -16.52
CA SER B 206 -30.30 10.56 -17.74
C SER B 206 -28.88 11.04 -17.96
N GLU B 207 -28.51 11.17 -19.24
CA GLU B 207 -27.20 11.61 -19.73
C GLU B 207 -26.09 10.67 -19.21
N VAL B 208 -25.99 9.54 -19.88
CA VAL B 208 -25.55 8.25 -19.35
C VAL B 208 -24.02 8.14 -19.27
N ILE B 209 -23.30 9.25 -19.40
CA ILE B 209 -21.89 9.38 -19.82
C ILE B 209 -20.92 8.31 -19.29
N GLU B 210 -20.24 7.64 -20.21
CA GLU B 210 -19.37 6.54 -19.85
C GLU B 210 -18.15 6.58 -20.75
N LEU B 211 -16.99 6.32 -20.16
CA LEU B 211 -15.72 6.56 -20.80
C LEU B 211 -15.44 5.50 -21.87
N GLN B 212 -14.81 5.97 -22.95
CA GLN B 212 -14.35 5.17 -24.09
C GLN B 212 -15.44 4.33 -24.74
N ALA C 6 38.52 -2.49 -76.60
CA ALA C 6 39.34 -2.98 -75.50
C ALA C 6 38.60 -2.84 -74.17
N VAL C 7 38.83 -3.81 -73.29
CA VAL C 7 38.11 -3.94 -72.02
C VAL C 7 38.83 -3.06 -70.98
N GLY C 8 40.01 -2.57 -71.35
CA GLY C 8 40.69 -1.57 -70.53
C GLY C 8 40.01 -0.22 -70.44
N ILE C 9 38.97 0.01 -71.24
CA ILE C 9 38.17 1.24 -71.10
C ILE C 9 36.93 0.97 -70.28
N GLY C 10 36.36 -0.23 -70.42
CA GLY C 10 34.99 -0.47 -69.99
C GLY C 10 34.77 -0.47 -68.49
N THR C 11 35.73 -0.98 -67.72
CA THR C 11 35.57 -0.99 -66.28
C THR C 11 35.75 0.39 -65.67
N LEU C 12 36.39 1.31 -66.41
CA LEU C 12 36.56 2.67 -65.91
C LEU C 12 35.25 3.43 -65.97
N ILE C 13 34.45 3.20 -67.01
CA ILE C 13 33.22 3.96 -67.20
C ILE C 13 32.13 3.45 -66.27
N VAL C 14 32.08 2.12 -66.07
CA VAL C 14 31.15 1.55 -65.10
C VAL C 14 31.52 1.95 -63.68
N PHE C 15 32.81 2.16 -63.42
CA PHE C 15 33.25 2.77 -62.16
C PHE C 15 32.70 4.19 -62.00
N ILE C 16 32.63 4.96 -63.08
CA ILE C 16 31.98 6.25 -63.03
C ILE C 16 30.48 6.08 -62.85
N ALA C 17 29.92 5.01 -63.42
CA ALA C 17 28.48 4.77 -63.33
C ALA C 17 28.07 4.37 -61.93
N MET C 18 28.82 3.46 -61.31
CA MET C 18 28.41 2.91 -60.03
C MET C 18 28.55 3.92 -58.89
N VAL C 19 29.52 4.84 -58.97
CA VAL C 19 29.72 5.86 -57.95
C VAL C 19 28.53 6.82 -57.90
N LEU C 20 27.98 7.18 -59.07
CA LEU C 20 26.73 7.92 -59.10
C LEU C 20 25.57 7.12 -58.52
N VAL C 21 25.57 5.80 -58.74
CA VAL C 21 24.58 4.94 -58.11
C VAL C 21 24.93 4.74 -56.63
N ALA C 22 26.22 4.74 -56.30
CA ALA C 22 26.62 4.78 -54.89
C ALA C 22 26.20 6.09 -54.25
N ALA C 23 26.25 7.18 -55.00
CA ALA C 23 25.78 8.47 -54.50
C ALA C 23 24.27 8.49 -54.26
N VAL C 24 23.47 7.99 -55.20
CA VAL C 24 22.03 7.98 -55.01
C VAL C 24 21.57 6.87 -54.08
N ALA C 25 22.42 5.88 -53.81
CA ALA C 25 22.17 4.98 -52.70
C ALA C 25 22.59 5.61 -51.37
N ALA C 26 23.28 6.75 -51.42
CA ALA C 26 23.62 7.51 -50.24
C ALA C 26 22.82 8.80 -50.11
N ALA C 27 22.61 9.53 -51.21
CA ALA C 27 21.87 10.78 -51.17
C ALA C 27 20.41 10.60 -50.82
N VAL C 28 19.83 9.43 -51.08
CA VAL C 28 18.51 9.09 -50.59
C VAL C 28 18.56 8.58 -49.16
N LEU C 29 19.49 7.65 -48.90
CA LEU C 29 19.53 6.94 -47.63
C LEU C 29 20.00 7.84 -46.50
N ILE C 30 20.73 8.91 -46.82
CA ILE C 30 20.95 9.96 -45.83
C ILE C 30 19.69 10.80 -45.66
N GLN C 31 19.10 11.25 -46.77
CA GLN C 31 18.02 12.24 -46.72
C GLN C 31 16.72 11.62 -46.21
N THR C 32 16.45 10.35 -46.46
CA THR C 32 15.26 9.77 -45.86
C THR C 32 15.43 9.80 -44.34
N SER C 33 16.65 9.48 -43.91
CA SER C 33 17.04 9.44 -42.51
C SER C 33 16.87 10.79 -41.86
N GLY C 34 17.20 11.86 -42.57
CA GLY C 34 17.04 13.19 -42.03
C GLY C 34 15.58 13.46 -41.73
N TYR C 35 14.70 13.05 -42.64
CA TYR C 35 13.27 13.24 -42.44
C TYR C 35 12.83 12.47 -41.21
N LEU C 36 13.32 11.24 -41.08
CA LEU C 36 12.94 10.47 -39.89
C LEU C 36 13.40 11.14 -38.62
N GLN C 37 14.62 11.69 -38.62
CA GLN C 37 15.16 12.34 -37.45
C GLN C 37 14.29 13.52 -37.09
N GLN C 38 13.90 14.30 -38.09
CA GLN C 38 13.09 15.47 -37.79
C GLN C 38 11.76 15.04 -37.17
N LYS C 39 11.13 14.00 -37.73
CA LYS C 39 9.86 13.56 -37.18
C LYS C 39 10.02 13.05 -35.75
N SER C 40 11.09 12.34 -35.50
CA SER C 40 11.37 11.78 -34.18
C SER C 40 11.58 12.86 -33.13
N GLN C 41 12.24 13.96 -33.50
CA GLN C 41 12.53 15.00 -32.50
C GLN C 41 11.27 15.62 -31.87
N ALA C 42 10.27 15.86 -32.73
CA ALA C 42 8.98 16.45 -32.41
C ALA C 42 8.16 15.49 -31.56
N THR C 43 8.11 14.22 -31.95
CA THR C 43 7.47 13.20 -31.13
C THR C 43 8.31 12.80 -29.93
N GLY C 44 9.57 13.18 -29.88
CA GLY C 44 10.37 12.93 -28.69
C GLY C 44 9.95 13.82 -27.54
N ARG C 45 9.79 15.11 -27.84
CA ARG C 45 9.48 16.06 -26.79
C ARG C 45 7.99 16.06 -26.45
N GLU C 46 7.13 16.06 -27.47
CA GLU C 46 5.71 16.29 -27.26
C GLU C 46 5.02 15.13 -26.56
N THR C 47 5.48 13.91 -26.80
CA THR C 47 4.87 12.75 -26.16
C THR C 47 5.19 12.64 -24.68
N THR C 48 6.26 13.28 -24.22
CA THR C 48 6.40 13.46 -22.79
C THR C 48 5.49 14.58 -22.31
N GLN C 49 5.33 15.63 -23.13
CA GLN C 49 4.48 16.75 -22.76
C GLN C 49 3.01 16.37 -22.83
N GLU C 50 2.67 15.41 -23.70
CA GLU C 50 1.31 14.89 -23.78
C GLU C 50 0.90 14.16 -22.51
N VAL C 51 1.86 13.61 -21.77
CA VAL C 51 1.54 12.82 -20.60
C VAL C 51 1.93 13.48 -19.27
N ALA C 52 2.96 14.34 -19.26
CA ALA C 52 3.44 14.85 -17.98
C ALA C 52 2.60 16.04 -17.51
N SER C 53 2.31 16.96 -18.42
CA SER C 53 1.53 18.14 -18.06
C SER C 53 0.09 17.75 -17.81
N GLY C 54 -0.56 18.52 -16.94
CA GLY C 54 -1.93 18.19 -16.57
C GLY C 54 -2.55 19.05 -15.50
N ILE C 55 -3.87 19.04 -15.46
CA ILE C 55 -4.68 19.89 -14.60
C ILE C 55 -5.24 19.03 -13.48
N LYS C 56 -5.25 19.56 -12.25
CA LYS C 56 -5.95 18.93 -11.14
C LYS C 56 -6.91 19.91 -10.48
N VAL C 57 -8.08 19.41 -10.10
CA VAL C 57 -9.20 20.20 -9.60
C VAL C 57 -9.25 20.07 -8.09
N LEU C 58 -9.33 21.20 -7.39
CA LEU C 58 -9.36 21.20 -5.95
C LEU C 58 -10.35 22.23 -5.44
N SER C 59 -11.29 21.79 -4.60
CA SER C 59 -12.10 22.64 -3.71
C SER C 59 -12.94 23.67 -4.49
N VAL C 60 -13.91 23.15 -5.22
CA VAL C 60 -14.82 23.98 -5.98
C VAL C 60 -15.85 24.60 -5.03
N VAL C 61 -16.31 25.82 -5.33
CA VAL C 61 -17.18 26.58 -4.44
C VAL C 61 -18.45 27.03 -5.16
N GLY C 62 -19.54 27.19 -4.39
CA GLY C 62 -20.87 27.31 -4.96
C GLY C 62 -21.55 28.65 -5.24
N LYS C 63 -21.78 29.49 -4.20
CA LYS C 63 -22.59 30.71 -4.24
C LYS C 63 -24.04 30.50 -4.66
N THR C 64 -24.88 30.01 -3.75
CA THR C 64 -26.31 30.02 -4.05
C THR C 64 -26.87 31.44 -4.00
N ASP C 65 -28.15 31.56 -4.36
CA ASP C 65 -28.85 32.85 -4.36
C ASP C 65 -29.45 33.07 -2.96
N SER C 66 -30.03 34.26 -2.73
CA SER C 66 -30.58 34.63 -1.44
C SER C 66 -31.82 33.83 -1.05
N ASN C 67 -32.48 33.20 -2.01
CA ASN C 67 -33.48 32.17 -1.73
C ASN C 67 -32.79 30.87 -2.14
N LYS C 68 -32.54 30.02 -1.13
CA LYS C 68 -31.49 29.00 -1.10
C LYS C 68 -31.36 28.06 -2.30
N THR C 69 -32.44 27.85 -3.05
CA THR C 69 -32.38 26.96 -4.20
C THR C 69 -31.61 27.62 -5.33
N TYR C 70 -31.20 26.81 -6.32
CA TYR C 70 -30.65 27.25 -7.61
C TYR C 70 -29.34 28.02 -7.45
N VAL C 71 -28.30 27.29 -7.04
CA VAL C 71 -26.94 27.83 -6.98
C VAL C 71 -26.45 28.27 -8.36
N GLU C 72 -26.07 29.54 -8.48
CA GLU C 72 -25.91 30.16 -9.79
C GLU C 72 -24.47 30.45 -10.19
N LYS C 73 -23.65 31.02 -9.33
CA LYS C 73 -22.36 31.58 -9.75
C LYS C 73 -21.23 30.73 -9.20
N LEU C 74 -20.77 29.78 -10.00
CA LEU C 74 -19.82 28.77 -9.56
C LEU C 74 -18.40 29.20 -9.90
N ALA C 75 -17.44 28.70 -9.11
CA ALA C 75 -16.02 28.95 -9.32
C ALA C 75 -15.24 27.69 -8.96
N ILE C 76 -14.37 27.26 -9.86
CA ILE C 76 -13.58 26.05 -9.69
C ILE C 76 -12.10 26.40 -9.62
N TYR C 77 -11.46 26.06 -8.51
CA TYR C 77 -10.05 26.40 -8.28
C TYR C 77 -9.17 25.35 -8.95
N ILE C 78 -8.26 25.79 -9.81
CA ILE C 78 -7.45 24.89 -10.61
C ILE C 78 -6.00 25.34 -10.61
N SER C 79 -5.10 24.44 -10.25
CA SER C 79 -3.65 24.55 -10.38
C SER C 79 -3.15 23.35 -11.16
N PRO C 80 -2.17 23.53 -12.02
CA PRO C 80 -1.66 22.41 -12.81
C PRO C 80 -0.77 21.52 -11.96
N ASN C 81 -0.35 20.40 -12.55
CA ASN C 81 0.39 19.37 -11.83
C ASN C 81 1.82 19.82 -11.58
N ALA C 82 2.65 18.92 -11.04
CA ALA C 82 4.01 19.28 -10.67
C ALA C 82 4.89 19.50 -11.89
N GLY C 83 5.07 18.47 -12.70
CA GLY C 83 5.81 18.65 -13.92
C GLY C 83 4.89 18.97 -15.07
N SER C 84 4.74 20.25 -15.39
CA SER C 84 3.78 20.65 -16.39
C SER C 84 4.30 21.84 -17.18
N GLU C 85 4.36 21.68 -18.50
CA GLU C 85 4.84 22.73 -19.37
C GLU C 85 3.67 23.45 -20.04
N GLY C 86 3.02 24.30 -19.25
CA GLY C 86 2.16 25.32 -19.82
C GLY C 86 0.83 24.92 -20.44
N ILE C 87 -0.17 24.56 -19.62
CA ILE C 87 -1.53 24.54 -20.14
C ILE C 87 -1.92 25.96 -20.49
N ASP C 88 -2.18 26.22 -21.76
CA ASP C 88 -2.50 27.56 -22.20
C ASP C 88 -4.02 27.70 -22.31
N LEU C 89 -4.59 28.52 -21.43
CA LEU C 89 -6.02 28.49 -21.17
C LEU C 89 -6.86 29.16 -22.24
N ASN C 90 -6.26 29.79 -23.25
CA ASN C 90 -7.07 30.18 -24.39
C ASN C 90 -7.48 28.95 -25.18
N ASN C 91 -6.61 27.95 -25.23
CA ASN C 91 -6.93 26.65 -25.80
C ASN C 91 -7.19 25.68 -24.64
N THR C 92 -8.34 25.84 -23.98
CA THR C 92 -8.74 24.95 -22.90
C THR C 92 -10.25 24.97 -22.79
N ARG C 93 -10.86 23.80 -22.79
CA ARG C 93 -12.30 23.67 -22.67
C ARG C 93 -12.66 23.01 -21.35
N VAL C 94 -13.56 23.64 -20.60
CA VAL C 94 -13.97 23.14 -19.30
C VAL C 94 -15.31 22.46 -19.45
N VAL C 95 -15.32 21.14 -19.50
CA VAL C 95 -16.50 20.37 -19.84
C VAL C 95 -17.23 20.02 -18.54
N LEU C 96 -18.50 20.39 -18.46
CA LEU C 96 -19.34 19.94 -17.36
C LEU C 96 -20.71 19.55 -17.92
N SER C 97 -21.14 18.33 -17.59
CA SER C 97 -22.44 17.82 -18.02
C SER C 97 -23.51 18.27 -17.05
N ASN C 98 -24.69 17.67 -17.13
CA ASN C 98 -25.69 17.87 -16.09
C ASN C 98 -26.27 16.50 -15.81
N GLY C 99 -27.39 16.44 -15.09
CA GLY C 99 -28.26 15.30 -15.26
C GLY C 99 -28.82 15.20 -16.66
N THR C 100 -28.99 16.33 -17.36
CA THR C 100 -29.61 16.29 -18.67
C THR C 100 -28.68 16.74 -19.79
N VAL C 101 -28.14 17.95 -19.75
CA VAL C 101 -27.54 18.60 -20.92
C VAL C 101 -26.06 18.83 -20.68
N GLN C 102 -25.23 18.44 -21.65
CA GLN C 102 -23.79 18.72 -21.67
C GLN C 102 -23.52 20.23 -21.74
N ALA C 103 -22.25 20.57 -21.54
CA ALA C 103 -21.76 21.91 -21.80
C ALA C 103 -20.25 21.85 -22.02
N VAL C 104 -19.76 22.65 -22.95
CA VAL C 104 -18.35 22.93 -23.09
C VAL C 104 -18.20 24.45 -23.07
N LEU C 105 -17.06 24.93 -22.58
CA LEU C 105 -16.90 26.34 -22.23
C LEU C 105 -15.66 26.89 -22.93
N LYS C 106 -15.87 27.85 -23.82
CA LYS C 106 -14.80 28.56 -24.50
C LYS C 106 -14.33 29.72 -23.64
N TYR C 107 -13.05 30.08 -23.78
CA TYR C 107 -12.49 31.19 -23.04
C TYR C 107 -13.14 32.52 -23.42
N GLU C 108 -13.22 33.43 -22.47
CA GLU C 108 -13.73 34.78 -22.70
C GLU C 108 -12.70 35.79 -22.25
N LYS C 109 -12.53 36.84 -23.05
CA LYS C 109 -11.65 37.95 -22.71
C LYS C 109 -12.35 38.89 -21.72
N THR C 110 -11.68 40.01 -21.43
CA THR C 110 -12.19 41.13 -20.62
C THR C 110 -12.67 40.68 -19.24
N ALA C 111 -12.01 39.67 -18.68
CA ALA C 111 -12.43 39.17 -17.37
C ALA C 111 -11.21 38.71 -16.57
N TYR C 112 -10.60 39.63 -15.81
CA TYR C 112 -9.57 39.22 -14.85
C TYR C 112 -9.94 39.51 -13.40
N HIS C 113 -10.04 40.77 -12.99
CA HIS C 113 -10.30 41.17 -11.59
C HIS C 113 -9.33 40.49 -10.61
N LYS C 114 -8.07 40.91 -10.66
CA LYS C 114 -7.04 40.28 -9.85
C LYS C 114 -6.53 41.13 -8.70
N GLY C 115 -7.18 42.26 -8.38
CA GLY C 115 -6.67 43.12 -7.33
C GLY C 115 -7.52 43.27 -6.08
N ALA C 116 -8.84 43.25 -6.24
CA ALA C 116 -9.79 43.39 -5.14
C ALA C 116 -10.40 42.05 -4.76
N VAL C 117 -9.56 41.00 -4.74
CA VAL C 117 -9.96 39.60 -4.80
C VAL C 117 -10.46 39.10 -3.44
N GLY C 118 -10.53 39.99 -2.44
CA GLY C 118 -10.91 39.60 -1.09
C GLY C 118 -12.34 39.14 -0.95
N ASP C 119 -13.21 39.45 -1.91
CA ASP C 119 -14.54 38.85 -2.00
C ASP C 119 -14.64 38.26 -3.41
N VAL C 120 -14.55 36.94 -3.50
CA VAL C 120 -14.37 36.27 -4.79
C VAL C 120 -15.61 36.42 -5.66
N PHE C 121 -16.79 36.39 -5.04
CA PHE C 121 -18.06 36.41 -5.74
C PHE C 121 -18.63 37.81 -5.86
N ASN C 122 -17.82 38.83 -5.60
CA ASN C 122 -18.24 40.20 -5.85
C ASN C 122 -18.40 40.41 -7.34
N ALA C 123 -19.48 41.09 -7.74
CA ALA C 123 -19.86 41.19 -9.14
C ALA C 123 -18.98 42.17 -9.90
N SER C 124 -17.69 41.87 -9.97
CA SER C 124 -16.68 42.79 -10.46
C SER C 124 -16.46 42.61 -11.96
N THR C 125 -15.35 43.15 -12.46
CA THR C 125 -15.06 43.22 -13.89
C THR C 125 -14.92 41.86 -14.55
N ALA C 126 -14.72 40.79 -13.77
CA ALA C 126 -14.58 39.46 -14.35
C ALA C 126 -15.81 38.59 -14.16
N TRP C 127 -17.00 39.16 -14.34
CA TRP C 127 -18.25 38.41 -14.29
C TRP C 127 -19.21 38.84 -15.38
N ASN C 128 -18.79 39.71 -16.29
CA ASN C 128 -19.61 40.07 -17.45
C ASN C 128 -19.36 39.01 -18.51
N LEU C 129 -19.98 37.86 -18.33
CA LEU C 129 -19.76 36.73 -19.23
C LEU C 129 -21.12 36.13 -19.59
N SER C 130 -21.08 35.17 -20.51
CA SER C 130 -22.29 34.62 -21.10
C SER C 130 -22.27 33.11 -21.02
N ASN C 131 -23.14 32.47 -21.80
CA ASN C 131 -23.42 31.03 -21.72
C ASN C 131 -22.16 30.18 -21.89
N THR C 132 -21.48 30.34 -23.03
CA THR C 132 -20.37 29.47 -23.42
C THR C 132 -19.04 30.02 -22.96
N ASN C 133 -19.01 30.73 -21.84
CA ASN C 133 -17.82 31.46 -21.40
C ASN C 133 -17.50 31.11 -19.96
N PHE C 134 -16.23 31.24 -19.60
CA PHE C 134 -15.82 31.07 -18.22
C PHE C 134 -14.86 32.18 -17.81
N GLY C 135 -15.00 32.62 -16.55
CA GLY C 135 -14.15 33.66 -15.99
C GLY C 135 -12.89 33.08 -15.37
N ILE C 136 -11.85 33.91 -15.31
CA ILE C 136 -10.51 33.40 -15.08
C ILE C 136 -9.77 34.20 -14.01
N ILE C 137 -10.47 34.58 -12.92
CA ILE C 137 -9.87 35.43 -11.88
C ILE C 137 -8.66 34.73 -11.27
N VAL C 138 -7.55 35.46 -11.21
CA VAL C 138 -6.25 34.84 -11.04
C VAL C 138 -5.65 35.26 -9.71
N LEU C 139 -5.07 34.30 -9.03
CA LEU C 139 -4.39 34.50 -7.76
C LEU C 139 -3.20 33.57 -7.70
N GLN C 140 -2.16 34.00 -7.00
CA GLN C 140 -0.85 33.35 -6.93
C GLN C 140 -0.28 33.13 -8.34
N ASP C 141 0.01 34.24 -9.00
CA ASP C 141 0.79 34.23 -10.21
C ASP C 141 2.20 34.71 -9.87
N ALA C 142 3.19 33.89 -10.19
CA ALA C 142 4.54 34.12 -9.70
C ALA C 142 5.33 35.03 -10.65
N ASP C 143 5.52 34.59 -11.88
CA ASP C 143 6.27 35.33 -12.89
C ASP C 143 5.34 36.19 -13.75
N ASN C 144 4.17 36.53 -13.18
CA ASN C 144 3.06 37.19 -13.86
C ASN C 144 2.69 36.45 -15.14
N SER C 145 2.61 35.13 -15.02
CA SER C 145 2.42 34.25 -16.16
C SER C 145 0.99 34.23 -16.68
N VAL C 146 0.07 34.97 -16.05
CA VAL C 146 -1.27 35.13 -16.61
C VAL C 146 -1.45 36.60 -16.97
N ASP C 147 -1.12 36.96 -18.19
CA ASP C 147 -1.41 38.28 -18.73
C ASP C 147 -2.63 38.21 -19.62
N GLN C 148 -3.10 39.37 -20.05
CA GLN C 148 -4.25 39.42 -20.94
C GLN C 148 -3.88 38.85 -22.30
N ASN C 149 -4.83 38.14 -22.91
CA ASN C 149 -4.74 37.43 -24.19
C ASN C 149 -3.80 36.23 -24.17
N TYR C 150 -3.15 35.96 -23.03
CA TYR C 150 -2.28 34.79 -22.87
C TYR C 150 -2.38 34.25 -21.45
N PRO C 151 -3.46 33.54 -21.11
CA PRO C 151 -3.47 32.87 -19.80
C PRO C 151 -2.65 31.60 -19.84
N THR C 152 -1.46 31.62 -19.24
CA THR C 152 -0.56 30.48 -19.23
C THR C 152 -0.36 30.02 -17.79
N LEU C 153 -0.13 28.73 -17.61
CA LEU C 153 0.05 28.17 -16.28
C LEU C 153 1.44 27.55 -16.12
N ASN C 154 1.94 27.60 -14.90
CA ASN C 154 3.23 27.03 -14.56
C ASN C 154 3.18 26.47 -13.14
N LYS C 155 4.34 26.17 -12.56
CA LYS C 155 4.37 25.61 -11.22
C LYS C 155 3.95 26.65 -10.18
N GLY C 156 3.12 26.21 -9.25
CA GLY C 156 2.62 27.08 -8.20
C GLY C 156 1.74 28.20 -8.68
N ASP C 157 0.56 27.88 -9.20
CA ASP C 157 -0.29 28.87 -9.86
C ASP C 157 -1.73 28.37 -9.76
N ILE C 158 -2.51 28.95 -8.85
CA ILE C 158 -3.87 28.50 -8.61
C ILE C 158 -4.81 29.52 -9.24
N VAL C 159 -5.16 29.34 -10.50
CA VAL C 159 -6.09 30.23 -11.16
C VAL C 159 -7.49 29.70 -10.89
N VAL C 160 -8.45 30.62 -10.80
CA VAL C 160 -9.82 30.27 -10.47
C VAL C 160 -10.64 30.36 -11.74
N ILE C 161 -10.90 29.23 -12.36
CA ILE C 161 -11.86 29.18 -13.46
C ILE C 161 -13.23 29.46 -12.88
N THR C 162 -13.97 30.37 -13.50
CA THR C 162 -15.23 30.85 -12.96
C THR C 162 -16.34 30.72 -13.99
N VAL C 163 -17.36 29.92 -13.67
CA VAL C 163 -18.41 29.58 -14.62
C VAL C 163 -19.72 30.07 -14.05
N LYS C 164 -20.39 30.97 -14.77
CA LYS C 164 -21.73 31.37 -14.38
C LYS C 164 -22.74 30.39 -14.94
N VAL C 165 -23.66 29.94 -14.10
CA VAL C 165 -24.57 28.85 -14.42
C VAL C 165 -26.02 29.28 -14.38
N GLY C 166 -26.45 29.87 -13.27
CA GLY C 166 -27.86 29.89 -12.94
C GLY C 166 -28.86 30.90 -13.47
N GLU C 167 -28.70 32.18 -13.12
CA GLU C 167 -29.83 33.10 -13.15
C GLU C 167 -30.20 33.50 -14.58
N GLY C 168 -31.43 33.19 -14.97
CA GLY C 168 -31.90 33.42 -16.32
C GLY C 168 -31.13 32.63 -17.35
N ASN C 169 -30.29 33.33 -18.10
CA ASN C 169 -29.38 32.68 -19.03
C ASN C 169 -28.17 32.12 -18.29
N GLY C 170 -27.51 31.16 -18.91
CA GLY C 170 -26.31 30.60 -18.32
C GLY C 170 -26.00 29.26 -18.94
N VAL C 171 -25.23 28.47 -18.19
CA VAL C 171 -24.96 27.10 -18.60
C VAL C 171 -26.24 26.27 -18.56
N PHE C 172 -27.01 26.43 -17.50
CA PHE C 172 -28.20 25.63 -17.27
C PHE C 172 -29.40 26.54 -17.06
N GLY C 173 -30.58 26.03 -17.41
CA GLY C 173 -31.81 26.72 -17.11
C GLY C 173 -32.05 26.73 -15.62
N LYS C 174 -31.94 27.91 -15.01
CA LYS C 174 -32.05 28.19 -13.57
C LYS C 174 -30.95 27.54 -12.74
N GLY C 175 -29.91 27.00 -13.35
CA GLY C 175 -28.79 26.44 -12.61
C GLY C 175 -29.07 25.10 -11.94
N ILE C 176 -28.01 24.53 -11.41
CA ILE C 176 -28.07 23.21 -10.78
C ILE C 176 -28.87 23.27 -9.48
N PRO C 177 -29.92 22.47 -9.34
CA PRO C 177 -30.68 22.42 -8.09
C PRO C 177 -29.98 21.54 -7.09
N PRO C 178 -30.40 21.55 -5.81
CA PRO C 178 -29.89 20.56 -4.86
C PRO C 178 -30.30 19.14 -5.23
N ARG C 179 -29.50 18.20 -4.72
CA ARG C 179 -29.68 16.76 -4.87
C ARG C 179 -29.68 16.38 -6.36
N THR C 180 -28.56 16.68 -7.01
CA THR C 180 -28.35 16.30 -8.40
C THR C 180 -26.92 15.84 -8.57
N LYS C 181 -26.62 15.27 -9.73
CA LYS C 181 -25.26 14.96 -10.12
C LYS C 181 -24.85 15.93 -11.23
N ILE C 182 -23.66 16.49 -11.08
CA ILE C 182 -23.11 17.53 -11.95
C ILE C 182 -21.62 17.24 -12.10
N THR C 183 -21.22 16.75 -13.27
CA THR C 183 -19.96 16.03 -13.43
C THR C 183 -19.41 16.23 -14.84
N GLY C 184 -18.11 16.50 -14.94
CA GLY C 184 -17.49 16.62 -16.23
C GLY C 184 -16.02 16.28 -16.21
N LYS C 185 -15.23 17.12 -16.88
CA LYS C 185 -13.78 17.04 -16.90
C LYS C 185 -13.23 18.37 -17.37
N VAL C 186 -12.05 18.73 -16.88
CA VAL C 186 -11.37 19.94 -17.33
C VAL C 186 -10.17 19.48 -18.14
N ILE C 187 -10.26 19.59 -19.46
CA ILE C 187 -9.28 19.02 -20.37
C ILE C 187 -8.34 20.12 -20.86
N PRO C 188 -7.04 19.90 -20.88
CA PRO C 188 -6.12 20.91 -21.39
C PRO C 188 -6.00 20.87 -22.90
N GLU C 189 -5.06 21.64 -23.43
CA GLU C 189 -4.70 21.52 -24.84
C GLU C 189 -4.15 20.14 -25.14
N PHE C 190 -3.03 19.79 -24.53
CA PHE C 190 -2.40 18.49 -24.74
C PHE C 190 -2.16 17.75 -23.44
N GLY C 191 -2.40 18.37 -22.29
CA GLY C 191 -2.06 17.80 -21.01
C GLY C 191 -3.01 16.71 -20.56
N ALA C 192 -2.93 16.41 -19.28
CA ALA C 192 -3.76 15.39 -18.66
C ALA C 192 -5.03 16.03 -18.12
N PRO C 193 -6.20 15.43 -18.33
CA PRO C 193 -7.45 16.07 -17.94
C PRO C 193 -7.74 15.91 -16.46
N GLY C 194 -8.15 17.00 -15.82
CA GLY C 194 -8.61 16.94 -14.44
C GLY C 194 -10.12 16.78 -14.38
N VAL C 195 -10.58 16.03 -13.40
CA VAL C 195 -11.97 15.59 -13.38
C VAL C 195 -12.70 16.36 -12.29
N ILE C 196 -14.03 16.36 -12.38
CA ILE C 196 -14.88 17.20 -11.56
C ILE C 196 -16.22 16.50 -11.34
N GLU C 197 -16.50 16.11 -10.10
CA GLU C 197 -17.76 15.48 -9.79
C GLU C 197 -18.29 15.95 -8.43
N PHE C 198 -19.38 16.69 -8.42
CA PHE C 198 -19.89 17.15 -7.14
C PHE C 198 -21.36 16.86 -6.98
N THR C 199 -21.72 16.34 -5.81
CA THR C 199 -23.12 16.10 -5.51
C THR C 199 -23.44 17.21 -4.52
N THR C 200 -24.31 18.12 -4.93
CA THR C 200 -24.68 19.27 -4.11
C THR C 200 -25.44 18.84 -2.88
N PRO C 201 -25.25 19.57 -1.79
CA PRO C 201 -25.91 19.25 -0.52
C PRO C 201 -27.43 19.31 -0.63
N SER C 202 -28.07 18.33 0.00
CA SER C 202 -29.51 18.15 -0.03
C SER C 202 -30.26 19.24 0.71
N THR C 203 -30.72 20.24 -0.04
CA THR C 203 -31.56 21.29 0.53
C THR C 203 -30.76 22.12 1.54
N TYR C 204 -29.80 22.84 0.99
CA TYR C 204 -28.62 23.32 1.68
C TYR C 204 -28.78 24.72 2.23
N THR C 205 -27.74 25.13 2.94
CA THR C 205 -27.46 26.50 3.36
C THR C 205 -26.45 27.11 2.39
N SER C 206 -26.21 28.41 2.53
CA SER C 206 -25.53 29.15 1.48
C SER C 206 -24.03 28.86 1.43
N GLU C 207 -23.43 29.12 0.27
CA GLU C 207 -22.01 28.90 -0.04
C GLU C 207 -21.63 27.42 0.15
N VAL C 208 -21.97 26.65 -0.87
CA VAL C 208 -22.33 25.24 -0.77
C VAL C 208 -21.12 24.32 -0.97
N ILE C 209 -19.90 24.83 -0.73
CA ILE C 209 -18.61 24.28 -1.16
C ILE C 209 -18.44 22.76 -1.03
N GLU C 210 -18.06 22.11 -2.14
CA GLU C 210 -17.96 20.67 -2.20
C GLU C 210 -16.82 20.29 -3.12
N LEU C 211 -16.30 19.07 -2.94
CA LEU C 211 -14.95 18.76 -3.39
C LEU C 211 -14.91 18.14 -4.78
N GLN C 212 -13.87 18.53 -5.51
CA GLN C 212 -13.47 18.08 -6.86
C GLN C 212 -14.62 17.96 -7.87
N ALA D 6 37.02 -10.33 -63.37
CA ALA D 6 35.72 -9.84 -63.84
C ALA D 6 34.83 -9.50 -62.65
N VAL D 7 33.65 -8.94 -62.96
CA VAL D 7 32.75 -8.39 -61.96
C VAL D 7 32.06 -9.55 -61.23
N GLY D 8 31.95 -10.70 -61.90
CA GLY D 8 31.44 -11.88 -61.25
C GLY D 8 32.33 -12.46 -60.18
N ILE D 9 33.61 -12.10 -60.17
CA ILE D 9 34.50 -12.55 -59.10
C ILE D 9 34.38 -11.66 -57.89
N GLY D 10 34.25 -10.35 -58.11
CA GLY D 10 34.26 -9.39 -57.01
C GLY D 10 33.05 -9.49 -56.10
N THR D 11 31.89 -9.86 -56.64
CA THR D 11 30.72 -10.02 -55.80
C THR D 11 30.78 -11.30 -54.97
N LEU D 12 31.62 -12.24 -55.38
CA LEU D 12 31.85 -13.43 -54.55
C LEU D 12 32.75 -13.09 -53.37
N ILE D 13 33.77 -12.28 -53.60
CA ILE D 13 34.75 -11.98 -52.57
C ILE D 13 34.14 -11.08 -51.50
N VAL D 14 33.32 -10.12 -51.90
CA VAL D 14 32.60 -9.29 -50.94
C VAL D 14 31.57 -10.11 -50.18
N PHE D 15 30.98 -11.11 -50.84
CA PHE D 15 30.11 -12.07 -50.16
C PHE D 15 30.88 -12.89 -49.14
N ILE D 16 32.13 -13.25 -49.44
CA ILE D 16 32.98 -13.86 -48.43
C ILE D 16 33.31 -12.84 -47.33
N ALA D 17 33.47 -11.57 -47.72
CA ALA D 17 33.85 -10.54 -46.75
C ALA D 17 32.69 -10.18 -45.83
N MET D 18 31.50 -9.96 -46.40
CA MET D 18 30.40 -9.41 -45.63
C MET D 18 29.80 -10.41 -44.64
N VAL D 19 29.79 -11.70 -44.99
CA VAL D 19 29.25 -12.71 -44.09
C VAL D 19 30.15 -12.86 -42.86
N LEU D 20 31.47 -12.77 -43.06
CA LEU D 20 32.39 -12.74 -41.92
C LEU D 20 32.19 -11.50 -41.07
N VAL D 21 31.89 -10.37 -41.69
CA VAL D 21 31.48 -9.17 -40.95
C VAL D 21 30.13 -9.41 -40.29
N ALA D 22 29.23 -10.15 -40.96
CA ALA D 22 27.98 -10.52 -40.32
C ALA D 22 28.20 -11.53 -39.20
N ALA D 23 29.00 -12.54 -39.54
CA ALA D 23 29.32 -13.62 -38.63
C ALA D 23 30.07 -13.05 -37.47
N VAL D 24 30.99 -12.15 -37.74
CA VAL D 24 31.72 -11.54 -36.66
C VAL D 24 30.76 -10.71 -35.81
N ALA D 25 29.92 -9.94 -36.48
CA ALA D 25 28.96 -9.10 -35.77
C ALA D 25 27.99 -9.96 -35.00
N ALA D 26 27.51 -11.00 -35.64
CA ALA D 26 26.55 -11.87 -34.98
C ALA D 26 27.17 -12.53 -33.77
N ALA D 27 28.41 -12.99 -33.92
CA ALA D 27 29.08 -13.66 -32.82
C ALA D 27 29.25 -12.70 -31.67
N VAL D 28 29.64 -11.46 -31.95
CA VAL D 28 29.84 -10.50 -30.87
C VAL D 28 28.53 -10.23 -30.16
N LEU D 29 27.47 -10.08 -30.94
CA LEU D 29 26.18 -9.80 -30.37
C LEU D 29 25.75 -10.95 -29.46
N ILE D 30 25.95 -12.18 -29.91
CA ILE D 30 25.56 -13.32 -29.08
C ILE D 30 26.41 -13.35 -27.81
N GLN D 31 27.69 -13.13 -27.97
CA GLN D 31 28.63 -13.16 -26.86
C GLN D 31 28.35 -12.06 -25.87
N THR D 32 28.09 -10.85 -26.35
CA THR D 32 27.82 -9.78 -25.40
C THR D 32 26.44 -9.94 -24.76
N SER D 33 25.44 -10.34 -25.55
CA SER D 33 24.16 -10.73 -24.95
C SER D 33 24.29 -12.02 -24.17
N GLY D 34 25.25 -12.87 -24.56
CA GLY D 34 25.53 -14.06 -23.77
C GLY D 34 26.10 -13.73 -22.41
N TYR D 35 26.90 -12.67 -22.33
CA TYR D 35 27.37 -12.18 -21.03
C TYR D 35 26.21 -11.70 -20.17
N LEU D 36 25.17 -11.14 -20.79
CA LEU D 36 24.10 -10.49 -20.05
C LEU D 36 23.26 -11.45 -19.22
N GLN D 37 23.14 -12.72 -19.62
CA GLN D 37 22.26 -13.61 -18.88
C GLN D 37 22.86 -14.01 -17.55
N GLN D 38 24.18 -14.23 -17.49
CA GLN D 38 24.79 -14.71 -16.24
C GLN D 38 24.79 -13.61 -15.19
N LYS D 39 24.81 -12.35 -15.61
CA LYS D 39 24.72 -11.28 -14.64
C LYS D 39 23.27 -10.99 -14.29
N SER D 40 22.36 -11.16 -15.25
CA SER D 40 20.95 -10.90 -14.97
C SER D 40 20.36 -12.00 -14.11
N GLN D 41 20.56 -13.26 -14.50
CA GLN D 41 19.92 -14.35 -13.78
C GLN D 41 20.56 -14.59 -12.42
N ALA D 42 21.78 -14.10 -12.21
CA ALA D 42 22.25 -13.88 -10.85
C ALA D 42 21.37 -12.85 -10.15
N THR D 43 21.37 -11.61 -10.65
CA THR D 43 20.60 -10.53 -10.03
C THR D 43 19.09 -10.73 -10.11
N GLY D 44 18.60 -11.59 -11.00
CA GLY D 44 17.20 -11.94 -11.03
C GLY D 44 16.81 -12.74 -9.81
N ARG D 45 17.75 -13.54 -9.31
CA ARG D 45 17.46 -14.36 -8.14
C ARG D 45 17.85 -13.66 -6.85
N GLU D 46 19.06 -13.08 -6.82
CA GLU D 46 19.73 -12.69 -5.58
C GLU D 46 18.98 -11.61 -4.82
N THR D 47 18.29 -10.73 -5.52
CA THR D 47 17.59 -9.66 -4.84
C THR D 47 16.29 -10.11 -4.20
N THR D 48 15.64 -11.14 -4.74
CA THR D 48 14.54 -11.76 -4.02
C THR D 48 15.06 -12.52 -2.81
N GLN D 49 16.28 -13.04 -2.89
CA GLN D 49 16.94 -13.58 -1.71
C GLN D 49 17.33 -12.45 -0.75
N GLU D 50 17.65 -11.28 -1.29
CA GLU D 50 18.13 -10.17 -0.48
C GLU D 50 17.02 -9.53 0.36
N VAL D 51 15.78 -9.57 -0.12
CA VAL D 51 14.71 -8.85 0.55
C VAL D 51 13.75 -9.77 1.30
N ALA D 52 13.67 -11.05 0.95
CA ALA D 52 12.73 -11.93 1.63
C ALA D 52 13.33 -12.46 2.92
N SER D 53 14.62 -12.79 2.88
CA SER D 53 15.29 -13.34 4.05
C SER D 53 15.49 -12.29 5.13
N GLY D 54 15.38 -12.71 6.38
CA GLY D 54 15.52 -11.77 7.46
C GLY D 54 15.36 -12.31 8.87
N ILE D 55 15.91 -11.57 9.82
CA ILE D 55 15.93 -11.92 11.23
C ILE D 55 14.88 -11.09 11.96
N LYS D 56 14.15 -11.70 12.89
CA LYS D 56 13.31 -10.96 13.81
C LYS D 56 13.66 -11.32 15.24
N VAL D 57 13.57 -10.33 16.13
CA VAL D 57 14.03 -10.41 17.51
C VAL D 57 12.81 -10.45 18.42
N LEU D 58 12.76 -11.45 19.28
CA LEU D 58 11.67 -11.59 20.24
C LEU D 58 12.21 -11.96 21.61
N SER D 59 11.73 -11.27 22.64
CA SER D 59 11.79 -11.68 24.05
C SER D 59 13.23 -11.87 24.53
N VAL D 60 13.95 -10.77 24.59
CA VAL D 60 15.29 -10.78 25.14
C VAL D 60 15.18 -10.83 26.66
N VAL D 61 16.14 -11.45 27.33
CA VAL D 61 16.10 -11.65 28.76
C VAL D 61 17.33 -11.02 29.41
N GLY D 62 17.23 -10.73 30.70
CA GLY D 62 18.24 -9.93 31.37
C GLY D 62 19.38 -10.62 32.13
N LYS D 63 19.04 -11.42 33.16
CA LYS D 63 20.00 -11.99 34.12
C LYS D 63 20.89 -10.93 34.76
N THR D 64 20.37 -10.14 35.69
CA THR D 64 21.27 -9.29 36.44
C THR D 64 22.04 -10.12 37.47
N ASP D 65 23.00 -9.46 38.11
CA ASP D 65 23.88 -10.08 39.09
C ASP D 65 23.08 -10.37 40.37
N SER D 66 23.62 -11.21 41.25
CA SER D 66 22.96 -11.54 42.51
C SER D 66 22.81 -10.35 43.44
N ASN D 67 23.64 -9.33 43.28
CA ASN D 67 23.32 -7.96 43.70
C ASN D 67 22.68 -7.36 42.45
N LYS D 68 21.45 -6.84 42.60
CA LYS D 68 20.54 -6.59 41.49
C LYS D 68 21.02 -5.58 40.45
N THR D 69 22.04 -4.79 40.78
CA THR D 69 22.55 -3.74 39.90
C THR D 69 23.51 -4.34 38.87
N TYR D 70 23.63 -3.66 37.72
CA TYR D 70 24.65 -3.89 36.70
C TYR D 70 24.51 -5.29 36.06
N VAL D 71 23.41 -5.44 35.33
CA VAL D 71 23.06 -6.66 34.60
C VAL D 71 24.14 -7.03 33.57
N GLU D 72 24.50 -8.32 33.53
CA GLU D 72 25.67 -8.75 32.76
C GLU D 72 25.36 -9.76 31.67
N LYS D 73 24.51 -10.75 31.89
CA LYS D 73 24.44 -11.91 31.00
C LYS D 73 23.18 -11.86 30.15
N LEU D 74 23.28 -11.20 29.01
CA LEU D 74 22.15 -11.00 28.11
C LEU D 74 22.03 -12.16 27.14
N ALA D 75 20.79 -12.42 26.71
CA ALA D 75 20.50 -13.47 25.75
C ALA D 75 19.34 -13.04 24.87
N ILE D 76 19.61 -12.83 23.59
CA ILE D 76 18.62 -12.36 22.63
C ILE D 76 18.12 -13.54 21.81
N TYR D 77 16.84 -13.85 21.93
CA TYR D 77 16.24 -14.97 21.20
C TYR D 77 15.96 -14.53 19.77
N ILE D 78 16.42 -15.32 18.80
CA ILE D 78 16.28 -14.99 17.39
C ILE D 78 15.72 -16.18 16.63
N SER D 79 14.63 -15.94 15.91
CA SER D 79 14.09 -16.79 14.86
C SER D 79 14.05 -15.98 13.57
N PRO D 80 14.29 -16.62 12.43
CA PRO D 80 14.24 -15.88 11.17
C PRO D 80 12.79 -15.66 10.74
N ASN D 81 12.63 -14.98 9.63
CA ASN D 81 11.31 -14.63 9.13
C ASN D 81 10.67 -15.83 8.45
N ALA D 82 9.58 -15.58 7.71
CA ALA D 82 8.79 -16.66 7.12
C ALA D 82 9.58 -17.40 6.06
N GLY D 83 10.00 -16.71 5.01
CA GLY D 83 10.73 -17.37 3.96
C GLY D 83 12.16 -16.89 3.84
N SER D 84 13.10 -17.82 3.78
CA SER D 84 14.49 -17.48 3.58
C SER D 84 15.26 -18.64 2.97
N GLU D 85 16.33 -18.31 2.24
CA GLU D 85 17.28 -19.31 1.79
C GLU D 85 18.55 -19.24 2.64
N GLY D 86 18.45 -19.74 3.87
CA GLY D 86 19.63 -20.03 4.66
C GLY D 86 20.48 -18.89 5.19
N ILE D 87 20.01 -18.16 6.20
CA ILE D 87 20.84 -17.15 6.87
C ILE D 87 21.99 -17.87 7.56
N ASP D 88 23.20 -17.30 7.45
CA ASP D 88 24.35 -17.80 8.19
C ASP D 88 24.49 -16.99 9.49
N LEU D 89 25.26 -17.53 10.43
CA LEU D 89 25.59 -16.78 11.63
C LEU D 89 27.09 -16.55 11.81
N ASN D 90 27.95 -17.25 11.06
CA ASN D 90 29.34 -16.86 11.02
C ASN D 90 29.49 -15.54 10.31
N ASN D 91 28.67 -15.30 9.28
CA ASN D 91 28.54 -13.98 8.67
C ASN D 91 27.27 -13.33 9.20
N THR D 92 27.32 -12.91 10.46
CA THR D 92 26.22 -12.17 11.07
C THR D 92 26.78 -11.33 12.21
N ARG D 93 26.75 -10.02 12.03
CA ARG D 93 27.27 -9.10 13.02
C ARG D 93 26.11 -8.49 13.80
N VAL D 94 26.10 -8.73 15.11
CA VAL D 94 25.05 -8.24 15.98
C VAL D 94 25.51 -6.93 16.61
N VAL D 95 24.94 -5.82 16.14
CA VAL D 95 25.45 -4.50 16.45
C VAL D 95 24.47 -3.86 17.42
N LEU D 96 24.80 -3.89 18.70
CA LEU D 96 24.06 -3.13 19.71
C LEU D 96 24.93 -2.00 20.21
N SER D 97 24.34 -0.81 20.32
CA SER D 97 25.05 0.37 20.80
C SER D 97 25.09 0.37 22.31
N ASN D 98 25.46 1.51 22.91
CA ASN D 98 25.20 1.74 24.32
C ASN D 98 24.45 3.05 24.38
N GLY D 99 24.31 3.63 25.56
CA GLY D 99 24.05 5.05 25.62
C GLY D 99 25.27 5.89 25.33
N THR D 100 26.45 5.28 25.23
CA THR D 100 27.67 6.02 24.89
C THR D 100 28.48 5.38 23.77
N VAL D 101 28.61 4.06 23.75
CA VAL D 101 29.66 3.38 22.99
C VAL D 101 29.04 2.30 22.10
N GLN D 102 29.28 2.40 20.79
CA GLN D 102 28.89 1.35 19.85
C GLN D 102 29.60 0.03 20.15
N ALA D 103 28.98 -1.05 19.69
CA ALA D 103 29.60 -2.37 19.83
C ALA D 103 29.12 -3.24 18.68
N VAL D 104 30.03 -4.00 18.10
CA VAL D 104 29.69 -5.02 17.13
C VAL D 104 30.17 -6.36 17.68
N LEU D 105 29.58 -7.44 17.20
CA LEU D 105 29.81 -8.76 17.78
C LEU D 105 30.07 -9.77 16.67
N LYS D 106 31.29 -10.31 16.65
CA LYS D 106 31.68 -11.36 15.72
C LYS D 106 31.21 -12.70 16.25
N TYR D 107 30.92 -13.63 15.34
CA TYR D 107 30.60 -14.99 15.74
C TYR D 107 31.80 -15.66 16.41
N GLU D 108 31.53 -16.41 17.46
CA GLU D 108 32.56 -17.14 18.18
C GLU D 108 32.26 -18.62 18.08
N LYS D 109 33.31 -19.44 18.02
CA LYS D 109 33.17 -20.88 18.09
C LYS D 109 33.06 -21.32 19.55
N THR D 110 33.14 -22.64 19.75
CA THR D 110 33.35 -23.30 21.04
C THR D 110 32.28 -22.92 22.08
N ALA D 111 31.05 -22.70 21.60
CA ALA D 111 29.98 -22.30 22.52
C ALA D 111 28.64 -22.81 21.99
N TYR D 112 28.23 -24.01 22.41
CA TYR D 112 26.88 -24.47 22.09
C TYR D 112 25.99 -24.70 23.30
N HIS D 113 26.30 -25.66 24.17
CA HIS D 113 25.43 -26.06 25.31
C HIS D 113 23.99 -26.34 24.87
N LYS D 114 23.83 -27.41 24.10
CA LYS D 114 22.57 -27.69 23.43
C LYS D 114 21.88 -28.95 23.92
N GLY D 115 22.33 -29.55 25.04
CA GLY D 115 21.68 -30.73 25.55
C GLY D 115 21.07 -30.57 26.94
N ALA D 116 21.69 -29.73 27.77
CA ALA D 116 21.23 -29.42 29.11
C ALA D 116 20.59 -28.03 29.16
N VAL D 117 19.81 -27.72 28.13
CA VAL D 117 19.38 -26.38 27.74
C VAL D 117 18.47 -25.72 28.78
N GLY D 118 17.93 -26.51 29.71
CA GLY D 118 16.94 -26.02 30.66
C GLY D 118 17.46 -25.04 31.69
N ASP D 119 18.76 -24.83 31.76
CA ASP D 119 19.33 -23.74 32.53
C ASP D 119 20.15 -22.88 31.56
N VAL D 120 19.50 -21.81 31.06
CA VAL D 120 20.10 -20.99 30.01
C VAL D 120 21.28 -20.20 30.56
N PHE D 121 21.18 -19.79 31.83
CA PHE D 121 22.15 -18.88 32.42
C PHE D 121 23.11 -19.57 33.37
N ASN D 122 23.19 -20.90 33.31
CA ASN D 122 24.18 -21.62 34.07
C ASN D 122 25.56 -21.40 33.45
N ALA D 123 26.61 -21.51 34.27
CA ALA D 123 27.96 -21.34 33.78
C ALA D 123 28.42 -22.58 33.01
N SER D 124 27.89 -22.77 31.81
CA SER D 124 28.17 -23.94 31.01
C SER D 124 29.38 -23.71 30.11
N THR D 125 29.56 -24.58 29.13
CA THR D 125 30.64 -24.42 28.17
C THR D 125 30.39 -23.27 27.21
N ALA D 126 29.14 -22.86 27.04
CA ALA D 126 28.82 -21.86 26.04
C ALA D 126 28.72 -20.46 26.60
N TRP D 127 29.53 -20.12 27.59
CA TRP D 127 29.63 -18.77 28.10
C TRP D 127 31.08 -18.34 28.30
N ASN D 128 32.03 -19.16 27.88
CA ASN D 128 33.44 -18.78 27.82
C ASN D 128 33.59 -17.90 26.59
N LEU D 129 33.27 -16.61 26.74
CA LEU D 129 33.26 -15.72 25.59
C LEU D 129 33.76 -14.35 26.04
N SER D 130 33.89 -13.45 25.07
CA SER D 130 34.68 -12.24 25.27
C SER D 130 33.95 -10.96 24.85
N ASN D 131 34.71 -9.88 24.71
CA ASN D 131 34.15 -8.56 24.38
C ASN D 131 33.46 -8.57 23.03
N THR D 132 34.22 -8.86 21.97
CA THR D 132 33.77 -8.68 20.60
C THR D 132 33.08 -9.94 20.06
N ASN D 133 32.61 -10.81 20.94
CA ASN D 133 32.11 -12.11 20.53
C ASN D 133 30.80 -12.41 21.23
N PHE D 134 29.96 -13.21 20.58
CA PHE D 134 28.71 -13.63 21.19
C PHE D 134 28.64 -15.15 21.23
N GLY D 135 27.87 -15.66 22.19
CA GLY D 135 27.59 -17.08 22.28
C GLY D 135 26.32 -17.44 21.53
N ILE D 136 26.25 -18.70 21.10
CA ILE D 136 25.28 -19.08 20.08
C ILE D 136 24.43 -20.28 20.53
N ILE D 137 24.01 -20.29 21.80
CA ILE D 137 23.29 -21.44 22.37
C ILE D 137 21.99 -21.64 21.62
N VAL D 138 21.66 -22.90 21.34
CA VAL D 138 20.76 -23.24 20.24
C VAL D 138 19.68 -24.19 20.72
N LEU D 139 18.46 -23.98 20.24
CA LEU D 139 17.33 -24.82 20.52
C LEU D 139 16.39 -24.78 19.33
N GLN D 140 15.54 -25.81 19.23
CA GLN D 140 14.62 -26.04 18.12
C GLN D 140 15.37 -26.08 16.78
N ASP D 141 16.18 -27.12 16.62
CA ASP D 141 16.79 -27.42 15.34
C ASP D 141 16.10 -28.65 14.74
N ALA D 142 15.55 -28.48 13.54
CA ALA D 142 14.68 -29.51 12.98
C ALA D 142 15.48 -30.69 12.44
N ASP D 143 16.29 -30.46 11.42
CA ASP D 143 17.08 -31.50 10.78
C ASP D 143 18.53 -31.45 11.24
N ASN D 144 18.73 -31.00 12.48
CA ASN D 144 20.05 -30.72 13.06
C ASN D 144 20.84 -29.76 12.18
N SER D 145 20.13 -28.77 11.64
CA SER D 145 20.69 -27.88 10.63
C SER D 145 21.65 -26.85 11.20
N VAL D 146 21.74 -26.74 12.53
CA VAL D 146 22.75 -25.88 13.14
C VAL D 146 23.84 -26.79 13.69
N ASP D 147 24.84 -27.08 12.86
CA ASP D 147 26.02 -27.80 13.32
C ASP D 147 27.09 -26.82 13.70
N GLN D 148 28.12 -27.33 14.38
CA GLN D 148 29.28 -26.52 14.72
C GLN D 148 29.99 -26.10 13.44
N ASN D 149 30.52 -24.88 13.45
CA ASN D 149 31.26 -24.19 12.37
C ASN D 149 30.35 -23.77 11.22
N TYR D 150 29.08 -24.15 11.24
CA TYR D 150 28.14 -23.86 10.15
C TYR D 150 26.74 -23.68 10.72
N PRO D 151 26.39 -22.45 11.11
CA PRO D 151 25.01 -22.22 11.56
C PRO D 151 24.09 -21.81 10.43
N THR D 152 22.90 -22.41 10.38
CA THR D 152 21.87 -22.09 9.39
C THR D 152 20.59 -21.74 10.14
N LEU D 153 19.89 -20.71 9.67
CA LEU D 153 18.56 -20.47 10.19
C LEU D 153 17.49 -20.74 9.14
N ASN D 154 17.00 -21.97 9.16
CA ASN D 154 15.88 -22.38 8.32
C ASN D 154 14.57 -22.03 9.01
N LYS D 155 13.45 -22.42 8.44
CA LYS D 155 12.16 -22.13 9.06
C LYS D 155 11.97 -22.97 10.32
N GLY D 156 11.38 -22.35 11.33
CA GLY D 156 11.18 -23.01 12.60
C GLY D 156 12.45 -23.27 13.36
N ASP D 157 13.16 -22.23 13.78
CA ASP D 157 14.47 -22.38 14.40
C ASP D 157 14.71 -21.16 15.27
N ILE D 158 14.90 -21.37 16.56
CA ILE D 158 15.15 -20.27 17.50
C ILE D 158 16.55 -20.47 18.08
N VAL D 159 17.55 -19.89 17.44
CA VAL D 159 18.87 -19.86 18.06
C VAL D 159 18.84 -18.69 19.03
N VAL D 160 19.59 -18.83 20.11
CA VAL D 160 19.65 -17.82 21.16
C VAL D 160 21.04 -17.23 21.15
N ILE D 161 21.16 -15.99 20.67
CA ILE D 161 22.45 -15.33 20.70
C ILE D 161 22.76 -14.91 22.13
N THR D 162 23.86 -15.40 22.66
CA THR D 162 24.29 -15.16 24.03
C THR D 162 25.38 -14.09 24.04
N VAL D 163 25.18 -13.03 24.81
CA VAL D 163 26.13 -11.93 24.88
C VAL D 163 26.42 -11.65 26.33
N LYS D 164 27.66 -11.89 26.76
CA LYS D 164 28.09 -11.43 28.07
C LYS D 164 28.45 -9.95 27.98
N VAL D 165 27.89 -9.15 28.88
CA VAL D 165 27.98 -7.70 28.79
C VAL D 165 28.78 -7.13 29.96
N GLY D 166 28.37 -7.42 31.19
CA GLY D 166 28.78 -6.63 32.34
C GLY D 166 30.09 -6.82 33.07
N GLU D 167 30.27 -7.95 33.73
CA GLU D 167 31.20 -8.03 34.85
C GLU D 167 32.64 -8.15 34.38
N GLY D 168 33.54 -7.42 35.04
CA GLY D 168 34.95 -7.42 34.72
C GLY D 168 35.24 -6.87 33.34
N ASN D 169 35.65 -7.74 32.43
CA ASN D 169 35.68 -7.38 31.03
C ASN D 169 34.41 -7.85 30.34
N GLY D 170 33.94 -7.04 29.39
CA GLY D 170 32.72 -7.37 28.70
C GLY D 170 32.46 -6.38 27.59
N VAL D 171 31.22 -6.40 27.09
CA VAL D 171 30.83 -5.46 26.05
C VAL D 171 30.88 -4.03 26.58
N PHE D 172 30.37 -3.82 27.78
CA PHE D 172 30.38 -2.52 28.43
C PHE D 172 31.14 -2.62 29.73
N GLY D 173 31.68 -1.49 30.20
CA GLY D 173 32.18 -1.41 31.55
C GLY D 173 31.03 -1.54 32.52
N LYS D 174 30.99 -2.65 33.27
CA LYS D 174 29.97 -3.02 34.26
C LYS D 174 28.60 -3.29 33.63
N GLY D 175 28.47 -3.24 32.31
CA GLY D 175 27.19 -3.46 31.65
C GLY D 175 26.21 -2.31 31.84
N ILE D 176 25.04 -2.51 31.25
CA ILE D 176 23.99 -1.49 31.26
C ILE D 176 23.40 -1.34 32.66
N PRO D 177 23.25 -0.12 33.16
CA PRO D 177 22.60 0.10 34.44
C PRO D 177 21.10 0.09 34.28
N PRO D 178 20.32 0.11 35.36
CA PRO D 178 18.89 0.37 35.21
C PRO D 178 18.64 1.78 34.69
N ARG D 179 17.49 1.95 34.05
CA ARG D 179 16.96 3.22 33.58
C ARG D 179 17.93 3.88 32.58
N THR D 180 18.19 3.15 31.50
CA THR D 180 18.96 3.71 30.39
C THR D 180 18.56 3.01 29.11
N LYS D 181 18.82 3.67 27.99
CA LYS D 181 18.46 3.16 26.68
C LYS D 181 19.66 2.42 26.09
N ILE D 182 19.38 1.26 25.51
CA ILE D 182 20.35 0.33 24.96
C ILE D 182 19.74 -0.26 23.70
N THR D 183 20.23 0.21 22.55
CA THR D 183 19.56 0.09 21.26
C THR D 183 20.50 -0.56 20.26
N GLY D 184 19.98 -1.43 19.42
CA GLY D 184 20.82 -2.03 18.43
C GLY D 184 20.09 -2.55 17.21
N LYS D 185 20.80 -3.40 16.47
CA LYS D 185 20.24 -4.08 15.31
C LYS D 185 21.04 -5.35 15.08
N VAL D 186 20.39 -6.34 14.51
CA VAL D 186 21.00 -7.63 14.20
C VAL D 186 20.90 -7.81 12.70
N ILE D 187 22.01 -7.71 12.00
CA ILE D 187 22.02 -7.73 10.54
C ILE D 187 22.65 -9.04 10.06
N PRO D 188 22.06 -9.71 9.09
CA PRO D 188 22.71 -10.88 8.49
C PRO D 188 23.71 -10.49 7.41
N GLU D 189 24.20 -11.51 6.71
CA GLU D 189 24.95 -11.31 5.47
C GLU D 189 24.12 -10.54 4.44
N PHE D 190 23.02 -11.15 3.99
CA PHE D 190 22.21 -10.57 2.96
C PHE D 190 20.75 -10.43 3.37
N GLY D 191 20.38 -10.86 4.57
CA GLY D 191 19.01 -10.84 5.01
C GLY D 191 18.53 -9.46 5.37
N ALA D 192 17.35 -9.42 5.92
CA ALA D 192 16.84 -8.17 6.43
C ALA D 192 17.29 -7.98 7.87
N PRO D 193 17.76 -6.80 8.23
CA PRO D 193 18.28 -6.59 9.59
C PRO D 193 17.17 -6.55 10.62
N GLY D 194 17.28 -7.42 11.63
CA GLY D 194 16.38 -7.42 12.76
C GLY D 194 16.84 -6.43 13.82
N VAL D 195 15.89 -5.81 14.49
CA VAL D 195 16.21 -4.65 15.30
C VAL D 195 15.96 -4.96 16.76
N ILE D 196 16.59 -4.18 17.65
CA ILE D 196 16.49 -4.38 19.08
C ILE D 196 16.69 -3.05 19.81
N GLU D 197 15.74 -2.70 20.69
CA GLU D 197 15.79 -1.43 21.41
C GLU D 197 15.15 -1.63 22.78
N PHE D 198 15.97 -1.82 23.81
CA PHE D 198 15.46 -2.02 25.16
C PHE D 198 14.97 -0.70 25.75
N THR D 199 14.43 -0.80 26.96
CA THR D 199 14.29 0.36 27.82
C THR D 199 14.98 0.15 29.15
N THR D 200 15.27 -1.12 29.52
CA THR D 200 15.82 -1.58 30.78
C THR D 200 15.00 -1.05 31.94
N PRO D 201 13.86 -1.66 32.24
CA PRO D 201 12.91 -1.11 33.22
C PRO D 201 13.52 -0.96 34.61
N SER D 202 13.25 0.18 35.23
CA SER D 202 14.13 0.71 36.25
C SER D 202 13.95 0.01 37.59
N THR D 203 15.08 -0.17 38.29
CA THR D 203 15.18 -0.54 39.71
C THR D 203 14.51 -1.90 39.96
N TYR D 204 15.13 -2.92 39.39
CA TYR D 204 14.50 -4.20 39.12
C TYR D 204 14.99 -5.31 40.04
N THR D 205 14.37 -6.47 39.87
CA THR D 205 14.78 -7.75 40.43
C THR D 205 15.42 -8.58 39.32
N SER D 206 15.86 -9.79 39.67
CA SER D 206 16.65 -10.57 38.73
C SER D 206 15.79 -11.15 37.62
N GLU D 207 16.44 -11.47 36.50
CA GLU D 207 15.82 -11.91 35.25
C GLU D 207 14.83 -10.85 34.73
N VAL D 208 15.44 -9.80 34.18
CA VAL D 208 14.88 -8.46 34.05
C VAL D 208 13.81 -8.35 32.94
N ILE D 209 13.46 -9.48 32.30
CA ILE D 209 13.07 -9.63 30.90
C ILE D 209 12.24 -8.50 30.29
N GLU D 210 12.71 -7.96 29.17
CA GLU D 210 12.07 -6.86 28.48
C GLU D 210 12.14 -7.12 26.99
N LEU D 211 11.05 -6.82 26.30
CA LEU D 211 10.87 -7.29 24.93
C LEU D 211 11.64 -6.42 23.94
N GLN D 212 12.23 -7.10 22.96
CA GLN D 212 12.83 -6.52 21.75
C GLN D 212 13.92 -5.47 22.02
N ALA E 6 51.00 -13.71 -100.03
CA ALA E 6 50.18 -12.52 -99.97
C ALA E 6 50.14 -11.94 -98.55
N VAL E 7 49.02 -11.32 -98.20
CA VAL E 7 48.84 -10.70 -96.89
C VAL E 7 47.88 -11.55 -96.09
N GLY E 8 47.01 -12.29 -96.79
CA GLY E 8 45.97 -13.09 -96.16
C GLY E 8 46.46 -14.32 -95.40
N ILE E 9 47.72 -14.69 -95.54
CA ILE E 9 48.27 -15.80 -94.77
C ILE E 9 48.47 -15.38 -93.32
N GLY E 10 49.02 -14.19 -93.10
CA GLY E 10 49.25 -13.70 -91.75
C GLY E 10 47.98 -13.33 -91.01
N THR E 11 46.89 -13.06 -91.75
CA THR E 11 45.61 -12.80 -91.10
C THR E 11 45.01 -14.07 -90.50
N LEU E 12 45.34 -15.23 -91.08
CA LEU E 12 44.88 -16.49 -90.50
C LEU E 12 45.73 -16.89 -89.31
N ILE E 13 46.95 -16.37 -89.23
CA ILE E 13 47.83 -16.68 -88.10
C ILE E 13 47.34 -15.99 -86.83
N VAL E 14 46.88 -14.74 -86.94
CA VAL E 14 46.35 -14.00 -85.80
C VAL E 14 45.03 -14.63 -85.34
N PHE E 15 44.25 -15.18 -86.27
CA PHE E 15 43.01 -15.85 -85.91
C PHE E 15 43.26 -17.12 -85.10
N ILE E 16 44.27 -17.90 -85.50
CA ILE E 16 44.60 -19.09 -84.72
C ILE E 16 45.20 -18.69 -83.38
N ALA E 17 46.02 -17.63 -83.36
CA ALA E 17 46.72 -17.26 -82.14
C ALA E 17 45.79 -16.66 -81.10
N MET E 18 45.02 -15.64 -81.48
CA MET E 18 44.24 -14.89 -80.51
C MET E 18 43.04 -15.68 -79.98
N VAL E 19 42.47 -16.58 -80.78
CA VAL E 19 41.41 -17.45 -80.27
C VAL E 19 41.98 -18.42 -79.24
N LEU E 20 43.23 -18.87 -79.45
CA LEU E 20 43.90 -19.62 -78.40
C LEU E 20 44.26 -18.73 -77.22
N VAL E 21 44.47 -17.43 -77.46
CA VAL E 21 44.58 -16.48 -76.35
C VAL E 21 43.19 -16.25 -75.74
N ALA E 22 42.15 -16.27 -76.58
CA ALA E 22 40.79 -16.25 -76.05
C ALA E 22 40.45 -17.55 -75.32
N ALA E 23 41.08 -18.65 -75.73
CA ALA E 23 40.91 -19.92 -75.04
C ALA E 23 41.52 -19.91 -73.64
N VAL E 24 42.70 -19.35 -73.47
CA VAL E 24 43.27 -19.20 -72.13
C VAL E 24 42.67 -18.01 -71.40
N ALA E 25 42.15 -17.00 -72.09
CA ALA E 25 41.58 -15.92 -71.30
C ALA E 25 40.31 -16.44 -70.63
N ALA E 26 39.48 -17.07 -71.46
CA ALA E 26 38.23 -17.64 -71.01
C ALA E 26 38.42 -18.84 -70.11
N ALA E 27 39.33 -19.73 -70.49
CA ALA E 27 39.52 -20.92 -69.69
C ALA E 27 40.01 -20.55 -68.30
N VAL E 28 40.99 -19.66 -68.25
CA VAL E 28 41.52 -19.24 -66.95
C VAL E 28 40.45 -18.53 -66.14
N LEU E 29 39.68 -17.69 -66.81
CA LEU E 29 38.65 -16.96 -66.07
C LEU E 29 37.65 -17.94 -65.47
N ILE E 30 37.22 -18.92 -66.26
CA ILE E 30 36.26 -19.89 -65.79
C ILE E 30 36.82 -20.70 -64.63
N GLN E 31 38.08 -21.08 -64.76
CA GLN E 31 38.72 -21.88 -63.73
C GLN E 31 38.75 -21.11 -62.42
N THR E 32 39.12 -19.83 -62.51
CA THR E 32 39.20 -19.01 -61.31
C THR E 32 37.84 -18.85 -60.67
N SER E 33 36.82 -18.66 -61.49
CA SER E 33 35.48 -18.46 -60.95
C SER E 33 34.99 -19.66 -60.17
N GLY E 34 35.24 -20.86 -60.66
CA GLY E 34 34.77 -22.06 -59.99
C GLY E 34 35.31 -22.27 -58.59
N TYR E 35 36.60 -22.04 -58.41
CA TYR E 35 37.22 -22.22 -57.10
C TYR E 35 36.60 -21.25 -56.10
N LEU E 36 36.42 -20.01 -56.54
CA LEU E 36 35.81 -19.00 -55.68
C LEU E 36 34.39 -19.39 -55.35
N GLN E 37 33.65 -19.92 -56.33
CA GLN E 37 32.28 -20.30 -56.09
C GLN E 37 32.24 -21.39 -55.03
N GLN E 38 33.11 -22.40 -55.14
CA GLN E 38 33.06 -23.47 -54.17
C GLN E 38 33.41 -22.95 -52.77
N LYS E 39 34.41 -22.09 -52.69
CA LYS E 39 34.81 -21.58 -51.39
C LYS E 39 33.68 -20.78 -50.77
N SER E 40 33.05 -19.95 -51.58
CA SER E 40 31.99 -19.11 -51.09
C SER E 40 30.86 -19.97 -50.58
N GLN E 41 30.49 -21.00 -51.33
CA GLN E 41 29.37 -21.82 -50.90
C GLN E 41 29.67 -22.50 -49.58
N ALA E 42 30.87 -23.07 -49.46
CA ALA E 42 31.18 -23.77 -48.22
C ALA E 42 31.17 -22.81 -47.05
N THR E 43 31.77 -21.65 -47.25
CA THR E 43 31.87 -20.68 -46.18
C THR E 43 30.48 -20.20 -45.75
N GLY E 44 29.62 -19.97 -46.72
CA GLY E 44 28.29 -19.51 -46.42
C GLY E 44 27.52 -20.53 -45.61
N ARG E 45 27.62 -21.79 -46.01
CA ARG E 45 26.89 -22.81 -45.28
C ARG E 45 27.36 -22.95 -43.83
N GLU E 46 28.67 -22.85 -43.65
CA GLU E 46 29.29 -23.01 -42.34
C GLU E 46 29.24 -21.72 -41.54
N THR E 47 29.42 -20.58 -42.19
CA THR E 47 29.31 -19.29 -41.50
C THR E 47 27.86 -18.89 -41.24
N THR E 48 26.90 -19.64 -41.75
CA THR E 48 25.56 -19.58 -41.19
C THR E 48 25.38 -20.61 -40.09
N GLN E 49 26.08 -21.75 -40.19
CA GLN E 49 26.03 -22.72 -39.11
C GLN E 49 26.86 -22.26 -37.91
N GLU E 50 27.87 -21.41 -38.15
CA GLU E 50 28.61 -20.78 -37.06
C GLU E 50 27.71 -19.92 -36.18
N VAL E 51 26.67 -19.32 -36.74
CA VAL E 51 25.83 -18.40 -36.00
C VAL E 51 24.50 -19.02 -35.60
N ALA E 52 24.08 -20.13 -36.22
CA ALA E 52 22.75 -20.66 -35.96
C ALA E 52 22.75 -21.59 -34.75
N SER E 53 23.64 -22.59 -34.75
CA SER E 53 23.66 -23.56 -33.67
C SER E 53 24.15 -22.91 -32.38
N GLY E 54 23.57 -23.34 -31.27
CA GLY E 54 23.92 -22.73 -30.01
C GLY E 54 23.50 -23.54 -28.80
N ILE E 55 24.45 -23.75 -27.90
CA ILE E 55 24.26 -24.51 -26.67
C ILE E 55 23.92 -23.52 -25.56
N LYS E 56 22.80 -23.74 -24.88
CA LYS E 56 22.39 -22.89 -23.78
C LYS E 56 22.22 -23.72 -22.51
N VAL E 57 22.34 -23.05 -21.36
CA VAL E 57 22.48 -23.70 -20.07
C VAL E 57 21.28 -23.32 -19.20
N LEU E 58 20.64 -24.33 -18.63
CA LEU E 58 19.49 -24.11 -17.74
C LEU E 58 19.56 -25.05 -16.55
N SER E 59 19.34 -24.49 -15.35
CA SER E 59 18.94 -25.22 -14.14
C SER E 59 19.95 -26.30 -13.74
N VAL E 60 21.10 -25.84 -13.31
CA VAL E 60 22.16 -26.75 -12.89
C VAL E 60 21.99 -27.10 -11.42
N VAL E 61 22.26 -28.36 -11.06
CA VAL E 61 21.96 -28.89 -9.75
C VAL E 61 23.25 -29.21 -9.00
N GLY E 62 23.17 -29.20 -7.67
CA GLY E 62 24.38 -29.19 -6.86
C GLY E 62 24.99 -30.45 -6.29
N LYS E 63 24.24 -31.21 -5.46
CA LYS E 63 24.70 -32.41 -4.76
C LYS E 63 25.93 -32.17 -3.87
N THR E 64 25.75 -31.55 -2.71
CA THR E 64 26.86 -31.54 -1.77
C THR E 64 26.99 -32.90 -1.06
N ASP E 65 28.01 -32.98 -0.21
CA ASP E 65 28.29 -34.20 0.53
C ASP E 65 27.36 -34.28 1.74
N SER E 66 27.24 -35.46 2.35
CA SER E 66 26.44 -35.65 3.55
C SER E 66 26.98 -34.88 4.74
N ASN E 67 28.29 -34.64 4.78
CA ASN E 67 28.89 -33.68 5.69
C ASN E 67 29.03 -32.41 4.85
N LYS E 68 28.10 -31.46 5.04
CA LYS E 68 27.62 -30.49 4.05
C LYS E 68 28.66 -29.63 3.33
N THR E 69 29.90 -29.62 3.80
CA THR E 69 30.96 -28.87 3.16
C THR E 69 31.33 -29.53 1.84
N TYR E 70 31.93 -28.74 0.93
CA TYR E 70 32.66 -29.21 -0.25
C TYR E 70 31.77 -29.98 -1.23
N VAL E 71 30.86 -29.24 -1.88
CA VAL E 71 29.96 -29.80 -2.88
C VAL E 71 30.72 -30.41 -4.05
N GLU E 72 30.44 -31.69 -4.35
CA GLU E 72 31.34 -32.47 -5.21
C GLU E 72 30.78 -32.84 -6.58
N LYS E 73 29.56 -33.34 -6.68
CA LYS E 73 29.10 -33.96 -7.92
C LYS E 73 28.13 -33.04 -8.64
N LEU E 74 28.60 -32.37 -9.69
CA LEU E 74 27.79 -31.39 -10.41
C LEU E 74 27.16 -32.03 -11.64
N ALA E 75 26.05 -31.45 -12.10
CA ALA E 75 25.38 -31.89 -13.31
C ALA E 75 24.69 -30.70 -13.95
N ILE E 76 25.14 -30.33 -15.15
CA ILE E 76 24.63 -29.17 -15.87
C ILE E 76 23.70 -29.64 -16.98
N TYR E 77 22.45 -29.18 -16.94
CA TYR E 77 21.44 -29.58 -17.93
C TYR E 77 21.58 -28.68 -19.15
N ILE E 78 21.83 -29.28 -20.30
CA ILE E 78 22.11 -28.53 -21.52
C ILE E 78 21.15 -28.94 -22.63
N SER E 79 20.53 -27.95 -23.26
CA SER E 79 19.74 -28.08 -24.46
C SER E 79 20.32 -27.18 -25.54
N PRO E 80 20.28 -27.60 -26.79
CA PRO E 80 20.70 -26.72 -27.88
C PRO E 80 19.55 -25.80 -28.27
N ASN E 81 19.87 -24.77 -29.03
CA ASN E 81 18.89 -23.78 -29.46
C ASN E 81 18.01 -24.35 -30.56
N ALA E 82 17.14 -23.50 -31.11
CA ALA E 82 16.15 -23.94 -32.07
C ALA E 82 16.80 -24.38 -33.39
N GLY E 83 17.53 -23.48 -34.03
CA GLY E 83 18.21 -23.86 -35.24
C GLY E 83 19.54 -24.50 -34.92
N SER E 84 19.58 -25.83 -34.95
CA SER E 84 20.78 -26.56 -34.59
C SER E 84 20.93 -27.77 -35.50
N GLU E 85 21.99 -27.78 -36.29
CA GLU E 85 22.32 -28.96 -37.09
C GLU E 85 23.48 -29.71 -36.43
N GLY E 86 23.15 -30.37 -35.32
CA GLY E 86 24.01 -31.41 -34.77
C GLY E 86 25.36 -31.02 -34.19
N ILE E 87 25.38 -30.36 -33.04
CA ILE E 87 26.66 -30.17 -32.36
C ILE E 87 27.10 -31.51 -31.79
N ASP E 88 28.20 -32.03 -32.31
CA ASP E 88 28.81 -33.22 -31.76
C ASP E 88 29.38 -32.88 -30.38
N LEU E 89 29.36 -33.85 -29.48
CA LEU E 89 29.84 -33.59 -28.14
C LEU E 89 31.18 -34.22 -27.82
N ASN E 90 31.69 -35.09 -28.70
CA ASN E 90 33.09 -35.49 -28.59
C ASN E 90 33.99 -34.27 -28.85
N ASN E 91 33.58 -33.39 -29.76
CA ASN E 91 34.23 -32.09 -29.95
C ASN E 91 33.41 -31.03 -29.23
N THR E 92 33.42 -31.09 -27.90
CA THR E 92 32.78 -30.05 -27.10
C THR E 92 33.54 -29.91 -25.78
N ARG E 93 34.12 -28.74 -25.56
CA ARG E 93 34.85 -28.44 -24.35
C ARG E 93 33.91 -27.72 -23.39
N VAL E 94 33.80 -28.23 -22.17
CA VAL E 94 32.95 -27.60 -21.18
C VAL E 94 33.86 -26.92 -20.16
N VAL E 95 34.16 -25.65 -20.39
CA VAL E 95 35.15 -24.93 -19.59
C VAL E 95 34.41 -24.31 -18.42
N LEU E 96 34.89 -24.57 -17.21
CA LEU E 96 34.46 -23.87 -16.02
C LEU E 96 35.68 -23.47 -15.22
N SER E 97 35.73 -22.21 -14.80
CA SER E 97 36.86 -21.68 -14.05
C SER E 97 36.68 -21.92 -12.57
N ASN E 98 37.47 -21.26 -11.75
CA ASN E 98 37.28 -21.22 -10.31
C ASN E 98 37.63 -19.81 -9.89
N GLY E 99 37.87 -19.58 -8.61
CA GLY E 99 38.70 -18.45 -8.24
C GLY E 99 40.15 -18.61 -8.66
N THR E 100 40.62 -19.85 -8.79
CA THR E 100 42.03 -20.10 -9.05
C THR E 100 42.29 -20.89 -10.32
N VAL E 101 41.59 -22.01 -10.53
CA VAL E 101 42.00 -23.02 -11.51
C VAL E 101 41.03 -23.02 -12.68
N GLN E 102 41.52 -22.64 -13.86
CA GLN E 102 40.80 -22.90 -15.09
C GLN E 102 40.88 -24.38 -15.43
N ALA E 103 39.84 -24.90 -16.07
CA ALA E 103 39.87 -26.29 -16.50
C ALA E 103 39.01 -26.46 -17.74
N VAL E 104 39.54 -27.18 -18.72
CA VAL E 104 38.76 -27.67 -19.84
C VAL E 104 38.29 -29.07 -19.47
N LEU E 105 37.20 -29.50 -20.11
CA LEU E 105 36.62 -30.82 -19.85
C LEU E 105 36.48 -31.56 -21.17
N LYS E 106 37.39 -32.48 -21.43
CA LYS E 106 37.35 -33.31 -22.62
C LYS E 106 36.20 -34.31 -22.48
N TYR E 107 35.64 -34.72 -23.62
CA TYR E 107 34.55 -35.68 -23.61
C TYR E 107 35.05 -37.06 -23.19
N GLU E 108 34.23 -37.76 -22.41
CA GLU E 108 34.54 -39.08 -21.90
C GLU E 108 33.53 -40.06 -22.45
N LYS E 109 33.98 -41.27 -22.77
CA LYS E 109 33.10 -42.36 -23.14
C LYS E 109 32.56 -43.05 -21.89
N THR E 110 31.87 -44.18 -22.11
CA THR E 110 31.49 -45.17 -21.09
C THR E 110 30.65 -44.56 -19.96
N ALA E 111 29.77 -43.63 -20.31
CA ALA E 111 28.98 -42.98 -19.26
C ALA E 111 27.60 -42.58 -19.81
N TYR E 112 26.62 -43.48 -19.71
CA TYR E 112 25.26 -43.12 -20.11
C TYR E 112 24.23 -43.20 -18.98
N HIS E 113 23.95 -44.39 -18.44
CA HIS E 113 22.94 -44.60 -17.38
C HIS E 113 21.60 -43.95 -17.73
N LYS E 114 20.96 -44.47 -18.77
CA LYS E 114 19.81 -43.79 -19.37
C LYS E 114 18.46 -44.44 -19.06
N GLY E 115 18.42 -45.51 -18.27
CA GLY E 115 17.16 -46.16 -17.98
C GLY E 115 16.80 -46.21 -16.51
N ALA E 116 17.81 -46.21 -15.64
CA ALA E 116 17.63 -46.23 -14.19
C ALA E 116 17.87 -44.86 -13.58
N VAL E 117 17.36 -43.83 -14.26
CA VAL E 117 17.77 -42.43 -14.11
C VAL E 117 16.97 -41.77 -12.97
N GLY E 118 16.27 -42.59 -12.18
CA GLY E 118 15.43 -42.09 -11.11
C GLY E 118 16.19 -41.40 -9.98
N ASP E 119 17.43 -41.78 -9.75
CA ASP E 119 18.30 -41.07 -8.82
C ASP E 119 19.51 -40.64 -9.63
N VAL E 120 19.54 -39.35 -10.01
CA VAL E 120 20.47 -38.86 -11.03
C VAL E 120 21.92 -38.97 -10.53
N PHE E 121 22.10 -38.87 -9.23
CA PHE E 121 23.43 -38.84 -8.61
C PHE E 121 23.82 -40.19 -8.02
N ASN E 122 23.15 -41.26 -8.44
CA ASN E 122 23.53 -42.59 -8.00
C ASN E 122 24.79 -43.00 -8.77
N ALA E 123 25.75 -43.60 -8.04
CA ALA E 123 27.04 -43.94 -8.62
C ALA E 123 26.95 -45.14 -9.55
N SER E 124 26.41 -44.92 -10.74
CA SER E 124 26.29 -45.94 -11.77
C SER E 124 27.62 -46.07 -12.51
N THR E 125 27.60 -46.75 -13.67
CA THR E 125 28.77 -46.74 -14.54
C THR E 125 28.99 -45.40 -15.21
N ALA E 126 28.05 -44.46 -15.08
CA ALA E 126 28.16 -43.14 -15.67
C ALA E 126 28.79 -42.12 -14.75
N TRP E 127 29.70 -42.55 -13.87
CA TRP E 127 30.53 -41.67 -13.07
C TRP E 127 31.96 -42.14 -13.03
N ASN E 128 32.30 -43.20 -13.74
CA ASN E 128 33.65 -43.75 -13.78
C ASN E 128 34.47 -42.80 -14.66
N LEU E 129 34.96 -41.73 -14.05
CA LEU E 129 35.57 -40.65 -14.81
C LEU E 129 36.76 -40.09 -14.02
N SER E 130 37.40 -39.10 -14.63
CA SER E 130 38.72 -38.64 -14.19
C SER E 130 38.71 -37.15 -13.92
N ASN E 131 39.91 -36.56 -13.82
CA ASN E 131 40.07 -35.15 -13.47
C ASN E 131 39.40 -34.23 -14.49
N THR E 132 39.78 -34.32 -15.76
CA THR E 132 39.36 -33.37 -16.79
C THR E 132 38.38 -33.99 -17.78
N ASN E 133 37.44 -34.82 -17.32
CA ASN E 133 36.47 -35.45 -18.19
C ASN E 133 35.08 -35.34 -17.56
N PHE E 134 34.05 -35.35 -18.41
CA PHE E 134 32.69 -35.19 -17.93
C PHE E 134 31.83 -36.37 -18.35
N GLY E 135 30.76 -36.62 -17.57
CA GLY E 135 29.76 -37.61 -17.90
C GLY E 135 28.64 -37.00 -18.74
N ILE E 136 28.01 -37.85 -19.55
CA ILE E 136 27.11 -37.38 -20.60
C ILE E 136 25.73 -38.05 -20.46
N ILE E 137 25.26 -38.17 -19.22
CA ILE E 137 24.02 -38.90 -18.95
C ILE E 137 22.85 -38.23 -19.66
N VAL E 138 22.03 -39.04 -20.32
CA VAL E 138 21.13 -38.54 -21.35
C VAL E 138 19.70 -38.75 -20.89
N LEU E 139 18.82 -37.85 -21.31
CA LEU E 139 17.39 -37.96 -21.11
C LEU E 139 16.68 -37.17 -22.19
N GLN E 140 15.46 -37.60 -22.51
CA GLN E 140 14.63 -37.09 -23.61
C GLN E 140 15.40 -37.17 -24.95
N ASP E 141 15.64 -38.40 -25.37
CA ASP E 141 16.20 -38.67 -26.68
C ASP E 141 15.07 -39.00 -27.66
N ALA E 142 14.89 -38.15 -28.66
CA ALA E 142 13.78 -38.33 -29.58
C ALA E 142 14.11 -39.31 -30.69
N ASP E 143 15.10 -38.97 -31.52
CA ASP E 143 15.44 -39.74 -32.71
C ASP E 143 16.56 -40.73 -32.45
N ASN E 144 16.76 -41.07 -31.17
CA ASN E 144 17.91 -41.84 -30.67
C ASN E 144 19.23 -41.20 -31.11
N SER E 145 19.28 -39.87 -31.04
CA SER E 145 20.41 -39.14 -31.58
C SER E 145 21.62 -39.13 -30.66
N VAL E 146 21.51 -39.70 -29.46
CA VAL E 146 22.67 -39.84 -28.59
C VAL E 146 22.89 -41.32 -28.32
N ASP E 147 23.71 -41.97 -29.15
CA ASP E 147 24.22 -43.30 -28.89
C ASP E 147 25.67 -43.21 -28.47
N GLN E 148 26.30 -44.37 -28.33
CA GLN E 148 27.72 -44.43 -27.99
C GLN E 148 28.53 -43.88 -29.15
N ASN E 149 29.64 -43.21 -28.82
CA ASN E 149 30.67 -42.72 -29.72
C ASN E 149 30.22 -41.56 -30.62
N TYR E 150 28.94 -41.19 -30.57
CA TYR E 150 28.40 -40.11 -31.40
C TYR E 150 27.22 -39.43 -30.70
N PRO E 151 27.50 -38.52 -29.77
CA PRO E 151 26.40 -37.69 -29.27
C PRO E 151 26.12 -36.55 -30.23
N THR E 152 24.88 -36.43 -30.69
CA THR E 152 24.45 -35.29 -31.50
C THR E 152 23.20 -34.69 -30.88
N LEU E 153 23.17 -33.37 -30.77
CA LEU E 153 22.02 -32.69 -30.18
C LEU E 153 21.19 -31.97 -31.24
N ASN E 154 19.90 -32.27 -31.23
CA ASN E 154 18.95 -31.73 -32.18
C ASN E 154 17.81 -31.06 -31.42
N LYS E 155 16.72 -30.72 -32.11
CA LYS E 155 15.64 -29.95 -31.48
C LYS E 155 14.96 -30.74 -30.37
N GLY E 156 14.92 -30.12 -29.19
CA GLY E 156 14.32 -30.73 -28.02
C GLY E 156 15.03 -31.96 -27.51
N ASP E 157 16.26 -31.81 -27.01
CA ASP E 157 17.05 -32.95 -26.57
C ASP E 157 17.95 -32.46 -25.44
N ILE E 158 17.53 -32.70 -24.21
CA ILE E 158 18.19 -32.16 -23.02
C ILE E 158 19.18 -33.20 -22.52
N VAL E 159 20.43 -33.13 -22.96
CA VAL E 159 21.45 -33.99 -22.39
C VAL E 159 21.92 -33.32 -21.11
N VAL E 160 22.35 -34.14 -20.16
CA VAL E 160 22.82 -33.66 -18.87
C VAL E 160 24.30 -33.94 -18.81
N ILE E 161 25.11 -32.90 -19.01
CA ILE E 161 26.54 -33.01 -18.86
C ILE E 161 26.85 -33.16 -17.38
N THR E 162 27.53 -34.24 -17.03
CA THR E 162 27.81 -34.59 -15.65
C THR E 162 29.28 -34.35 -15.34
N VAL E 163 29.55 -33.46 -14.40
CA VAL E 163 30.92 -33.09 -14.05
C VAL E 163 31.15 -33.44 -12.59
N LYS E 164 31.95 -34.46 -12.33
CA LYS E 164 32.38 -34.72 -10.97
C LYS E 164 33.52 -33.78 -10.62
N VAL E 165 33.38 -33.08 -9.50
CA VAL E 165 34.36 -32.06 -9.16
C VAL E 165 35.15 -32.49 -7.93
N GLY E 166 34.45 -32.69 -6.81
CA GLY E 166 35.09 -32.59 -5.52
C GLY E 166 35.92 -33.69 -4.91
N GLU E 167 35.31 -34.81 -4.54
CA GLU E 167 35.89 -35.70 -3.54
C GLU E 167 37.06 -36.50 -4.11
N GLY E 168 38.15 -36.56 -3.35
CA GLY E 168 39.41 -37.10 -3.82
C GLY E 168 39.97 -36.29 -4.98
N ASN E 169 40.34 -36.96 -6.05
CA ASN E 169 40.70 -36.27 -7.27
C ASN E 169 39.45 -35.88 -8.05
N GLY E 170 39.64 -35.01 -9.03
CA GLY E 170 38.52 -34.53 -9.83
C GLY E 170 38.90 -33.26 -10.54
N VAL E 171 37.91 -32.39 -10.74
CA VAL E 171 38.20 -31.11 -11.36
C VAL E 171 38.92 -30.20 -10.38
N PHE E 172 38.37 -30.04 -9.18
CA PHE E 172 38.97 -29.19 -8.17
C PHE E 172 39.42 -30.05 -7.01
N GLY E 173 40.46 -29.60 -6.31
CA GLY E 173 40.85 -30.22 -5.06
C GLY E 173 39.78 -29.97 -4.02
N LYS E 174 39.06 -31.03 -3.61
CA LYS E 174 37.94 -31.07 -2.68
C LYS E 174 36.70 -30.34 -3.19
N GLY E 175 36.72 -29.78 -4.40
CA GLY E 175 35.58 -29.09 -4.95
C GLY E 175 35.34 -27.73 -4.35
N ILE E 176 34.31 -27.07 -4.89
CA ILE E 176 34.01 -25.68 -4.53
C ILE E 176 33.43 -25.57 -3.12
N PRO E 177 34.07 -24.80 -2.24
CA PRO E 177 33.52 -24.54 -0.91
C PRO E 177 32.33 -23.61 -0.99
N PRO E 178 31.57 -23.41 0.09
CA PRO E 178 30.45 -22.47 0.05
C PRO E 178 30.87 -21.03 -0.20
N ARG E 179 29.98 -20.32 -0.89
CA ARG E 179 30.06 -18.89 -1.15
C ARG E 179 31.32 -18.53 -1.94
N THR E 180 31.41 -19.12 -3.13
CA THR E 180 32.48 -18.79 -4.05
C THR E 180 31.89 -18.58 -5.43
N LYS E 181 32.60 -17.86 -6.26
CA LYS E 181 32.18 -17.67 -7.64
C LYS E 181 32.80 -18.77 -8.48
N ILE E 182 31.96 -19.42 -9.27
CA ILE E 182 32.31 -20.54 -10.12
C ILE E 182 31.72 -20.29 -11.48
N THR E 183 32.59 -19.92 -12.42
CA THR E 183 32.24 -19.28 -13.67
C THR E 183 32.68 -20.17 -14.83
N GLY E 184 31.83 -20.28 -15.83
CA GLY E 184 32.20 -21.05 -17.00
C GLY E 184 31.43 -20.66 -18.22
N LYS E 185 31.82 -21.27 -19.34
CA LYS E 185 31.09 -21.11 -20.59
C LYS E 185 31.30 -22.38 -21.40
N VAL E 186 30.19 -22.90 -21.94
CA VAL E 186 30.19 -24.15 -22.66
C VAL E 186 30.37 -23.82 -24.13
N ILE E 187 31.58 -23.98 -24.64
CA ILE E 187 31.89 -23.70 -26.04
C ILE E 187 31.57 -24.93 -26.87
N PRO E 188 30.80 -24.80 -27.93
CA PRO E 188 30.56 -25.95 -28.81
C PRO E 188 31.68 -26.12 -29.82
N GLU E 189 31.49 -27.00 -30.79
CA GLU E 189 32.41 -27.10 -31.92
C GLU E 189 32.45 -25.79 -32.71
N PHE E 190 31.33 -25.42 -33.31
CA PHE E 190 31.20 -24.16 -34.03
C PHE E 190 30.08 -23.28 -33.51
N GLY E 191 29.26 -23.76 -32.57
CA GLY E 191 28.13 -23.03 -32.08
C GLY E 191 28.51 -21.89 -31.15
N ALA E 192 27.50 -21.19 -30.70
CA ALA E 192 27.71 -20.06 -29.81
C ALA E 192 27.97 -20.56 -28.41
N PRO E 193 28.93 -19.99 -27.69
CA PRO E 193 29.18 -20.41 -26.31
C PRO E 193 28.08 -19.94 -25.37
N GLY E 194 27.48 -20.89 -24.66
CA GLY E 194 26.51 -20.56 -23.63
C GLY E 194 27.17 -20.56 -22.27
N VAL E 195 26.79 -19.59 -21.46
CA VAL E 195 27.60 -19.23 -20.30
C VAL E 195 26.95 -19.82 -19.06
N ILE E 196 27.72 -19.90 -17.98
CA ILE E 196 27.22 -20.40 -16.71
C ILE E 196 27.95 -19.74 -15.54
N GLU E 197 27.19 -19.18 -14.61
CA GLU E 197 27.74 -18.52 -13.44
C GLU E 197 26.88 -18.84 -12.23
N PHE E 198 27.38 -19.68 -11.34
CA PHE E 198 26.71 -19.95 -10.07
C PHE E 198 27.05 -18.83 -9.10
N THR E 199 26.49 -18.92 -7.90
CA THR E 199 27.07 -18.21 -6.77
C THR E 199 27.35 -19.16 -5.61
N THR E 200 26.72 -20.34 -5.61
CA THR E 200 26.80 -21.40 -4.59
C THR E 200 26.51 -20.81 -3.22
N PRO E 201 25.23 -20.56 -2.91
CA PRO E 201 24.88 -19.60 -1.84
C PRO E 201 25.31 -20.07 -0.46
N SER E 202 25.34 -19.12 0.47
CA SER E 202 26.13 -19.28 1.69
C SER E 202 25.50 -20.24 2.67
N THR E 203 26.31 -21.22 3.10
CA THR E 203 26.04 -22.16 4.20
C THR E 203 24.77 -22.95 3.93
N TYR E 204 24.87 -23.76 2.88
CA TYR E 204 23.73 -24.41 2.24
C TYR E 204 23.44 -25.78 2.86
N THR E 205 22.39 -26.40 2.32
CA THR E 205 22.00 -27.76 2.61
C THR E 205 22.19 -28.61 1.36
N SER E 206 21.73 -29.87 1.43
CA SER E 206 21.97 -30.79 0.33
C SER E 206 21.08 -30.46 -0.86
N GLU E 207 21.57 -30.83 -2.06
CA GLU E 207 20.91 -30.61 -3.35
C GLU E 207 20.65 -29.12 -3.58
N VAL E 208 21.75 -28.43 -3.90
CA VAL E 208 21.97 -27.02 -3.62
C VAL E 208 21.33 -26.12 -4.69
N ILE E 209 20.49 -26.69 -5.56
CA ILE E 209 20.17 -26.27 -6.93
C ILE E 209 20.08 -24.76 -7.18
N GLU E 210 20.86 -24.27 -8.15
CA GLU E 210 20.98 -22.85 -8.39
C GLU E 210 21.12 -22.62 -9.89
N LEU E 211 20.49 -21.55 -10.35
CA LEU E 211 20.17 -21.41 -11.76
C LEU E 211 21.36 -20.89 -12.55
N GLN E 212 21.40 -21.29 -13.83
CA GLN E 212 22.40 -20.96 -14.84
C GLN E 212 23.84 -21.14 -14.37
N ALA F 6 40.94 -11.23 -86.66
CA ALA F 6 41.26 -9.94 -86.04
C ALA F 6 40.92 -9.96 -84.55
N VAL F 7 40.73 -8.77 -84.00
CA VAL F 7 40.49 -8.59 -82.57
C VAL F 7 39.00 -8.82 -82.28
N GLY F 8 38.15 -8.48 -83.26
CA GLY F 8 36.71 -8.54 -83.12
C GLY F 8 36.13 -9.92 -82.84
N ILE F 9 36.85 -10.98 -83.16
CA ILE F 9 36.40 -12.32 -82.79
C ILE F 9 36.52 -12.52 -81.27
N GLY F 10 37.65 -12.11 -80.70
CA GLY F 10 37.95 -12.44 -79.31
C GLY F 10 37.10 -11.70 -78.30
N THR F 11 36.64 -10.49 -78.65
CA THR F 11 35.74 -9.76 -77.77
C THR F 11 34.35 -10.40 -77.74
N LEU F 12 34.01 -11.20 -78.76
CA LEU F 12 32.79 -11.98 -78.73
C LEU F 12 32.98 -13.27 -77.94
N ILE F 13 34.22 -13.78 -77.89
CA ILE F 13 34.50 -14.98 -77.12
C ILE F 13 34.54 -14.67 -75.63
N VAL F 14 35.15 -13.54 -75.27
CA VAL F 14 35.12 -13.07 -73.89
C VAL F 14 33.69 -12.70 -73.49
N PHE F 15 32.87 -12.26 -74.45
CA PHE F 15 31.44 -12.06 -74.20
C PHE F 15 30.75 -13.37 -73.82
N ILE F 16 31.17 -14.50 -74.40
CA ILE F 16 30.57 -15.77 -74.03
C ILE F 16 30.99 -16.18 -72.63
N ALA F 17 32.29 -16.13 -72.33
CA ALA F 17 32.81 -16.70 -71.11
C ALA F 17 32.43 -15.87 -69.88
N MET F 18 32.36 -14.54 -70.04
CA MET F 18 32.08 -13.68 -68.90
C MET F 18 30.61 -13.77 -68.47
N VAL F 19 29.70 -14.11 -69.40
CA VAL F 19 28.33 -14.41 -69.03
C VAL F 19 28.27 -15.66 -68.14
N LEU F 20 29.07 -16.67 -68.48
CA LEU F 20 29.13 -17.87 -67.64
C LEU F 20 29.82 -17.61 -66.31
N VAL F 21 30.63 -16.56 -66.25
CA VAL F 21 31.15 -16.09 -64.96
C VAL F 21 30.13 -15.18 -64.29
N ALA F 22 29.31 -14.48 -65.09
CA ALA F 22 28.18 -13.76 -64.51
C ALA F 22 27.11 -14.73 -64.02
N ALA F 23 27.05 -15.93 -64.60
CA ALA F 23 26.11 -16.94 -64.17
C ALA F 23 26.42 -17.46 -62.78
N VAL F 24 27.69 -17.74 -62.46
CA VAL F 24 28.05 -18.17 -61.11
C VAL F 24 28.04 -17.01 -60.13
N ALA F 25 27.93 -15.77 -60.61
CA ALA F 25 27.58 -14.66 -59.74
C ALA F 25 26.10 -14.64 -59.41
N ALA F 26 25.30 -15.45 -60.10
CA ALA F 26 23.87 -15.53 -59.82
C ALA F 26 23.40 -16.94 -59.46
N ALA F 27 23.87 -17.97 -60.18
CA ALA F 27 23.40 -19.32 -59.91
C ALA F 27 23.95 -19.89 -58.62
N VAL F 28 25.00 -19.29 -58.07
CA VAL F 28 25.52 -19.64 -56.75
C VAL F 28 25.00 -18.67 -55.69
N LEU F 29 24.97 -17.38 -56.02
CA LEU F 29 24.64 -16.36 -55.04
C LEU F 29 23.16 -16.37 -54.69
N ILE F 30 22.30 -16.74 -55.64
CA ILE F 30 20.91 -17.04 -55.27
C ILE F 30 20.86 -18.34 -54.47
N GLN F 31 21.68 -19.33 -54.87
CA GLN F 31 21.68 -20.63 -54.21
C GLN F 31 22.22 -20.56 -52.79
N THR F 32 23.17 -19.65 -52.53
CA THR F 32 23.57 -19.41 -51.14
C THR F 32 22.45 -18.76 -50.34
N SER F 33 21.73 -17.82 -50.94
CA SER F 33 20.49 -17.36 -50.31
C SER F 33 19.41 -18.42 -50.40
N GLY F 34 19.54 -19.35 -51.35
CA GLY F 34 18.66 -20.51 -51.38
C GLY F 34 18.91 -21.44 -50.20
N TYR F 35 20.13 -21.42 -49.66
CA TYR F 35 20.37 -22.10 -48.40
C TYR F 35 19.69 -21.37 -47.25
N LEU F 36 19.51 -20.05 -47.39
CA LEU F 36 18.94 -19.28 -46.30
C LEU F 36 17.44 -19.51 -46.13
N GLN F 37 16.69 -19.73 -47.22
CA GLN F 37 15.26 -19.99 -47.07
C GLN F 37 14.99 -21.31 -46.36
N GLN F 38 15.91 -22.27 -46.44
CA GLN F 38 15.73 -23.51 -45.68
C GLN F 38 16.40 -23.40 -44.31
N LYS F 39 16.86 -22.20 -43.95
CA LYS F 39 17.40 -22.04 -42.60
C LYS F 39 16.82 -20.81 -41.89
N SER F 40 16.58 -19.72 -42.60
CA SER F 40 16.09 -18.52 -41.93
C SER F 40 14.61 -18.62 -41.61
N GLN F 41 13.83 -19.23 -42.52
CA GLN F 41 12.38 -19.30 -42.36
C GLN F 41 11.98 -20.17 -41.18
N ALA F 42 12.69 -21.26 -40.94
CA ALA F 42 12.35 -22.16 -39.84
C ALA F 42 12.77 -21.55 -38.51
N THR F 43 13.97 -20.97 -38.45
CA THR F 43 14.46 -20.36 -37.23
C THR F 43 13.67 -19.12 -36.81
N GLY F 44 12.94 -18.50 -37.74
CA GLY F 44 12.02 -17.45 -37.37
C GLY F 44 10.83 -18.01 -36.62
N ARG F 45 10.20 -19.04 -37.19
CA ARG F 45 8.96 -19.56 -36.63
C ARG F 45 9.20 -20.33 -35.33
N GLU F 46 10.33 -21.03 -35.25
CA GLU F 46 10.56 -21.93 -34.12
C GLU F 46 10.93 -21.18 -32.85
N THR F 47 11.09 -19.86 -32.92
CA THR F 47 11.49 -19.11 -31.75
C THR F 47 10.40 -18.21 -31.20
N THR F 48 9.19 -18.28 -31.76
CA THR F 48 8.03 -17.89 -30.96
C THR F 48 7.52 -19.09 -30.18
N GLN F 49 7.52 -20.27 -30.83
CA GLN F 49 7.14 -21.50 -30.17
C GLN F 49 8.11 -21.87 -29.05
N GLU F 50 9.37 -21.47 -29.18
CA GLU F 50 10.31 -21.63 -28.08
C GLU F 50 9.98 -20.74 -26.90
N VAL F 51 9.35 -19.59 -27.13
CA VAL F 51 9.17 -18.61 -26.08
C VAL F 51 7.72 -18.44 -25.64
N ALA F 52 6.73 -18.70 -26.50
CA ALA F 52 5.35 -18.47 -26.13
C ALA F 52 4.73 -19.71 -25.50
N SER F 53 5.10 -20.88 -26.00
CA SER F 53 4.61 -22.12 -25.44
C SER F 53 5.18 -22.35 -24.05
N GLY F 54 4.31 -22.70 -23.13
CA GLY F 54 4.78 -22.89 -21.77
C GLY F 54 3.81 -23.56 -20.83
N ILE F 55 4.36 -24.33 -19.91
CA ILE F 55 3.61 -25.07 -18.90
C ILE F 55 3.63 -24.26 -17.61
N LYS F 56 2.46 -24.08 -16.98
CA LYS F 56 2.39 -23.44 -15.69
C LYS F 56 1.77 -24.38 -14.66
N VAL F 57 2.34 -24.37 -13.45
CA VAL F 57 2.01 -25.32 -12.39
C VAL F 57 1.06 -24.65 -11.42
N LEU F 58 -0.05 -25.31 -11.13
CA LEU F 58 -1.04 -24.79 -10.19
C LEU F 58 -1.64 -25.93 -9.39
N SER F 59 -1.77 -25.72 -8.08
CA SER F 59 -2.62 -26.50 -7.18
C SER F 59 -2.22 -27.98 -7.13
N VAL F 60 -1.06 -28.22 -6.57
CA VAL F 60 -0.57 -29.58 -6.42
C VAL F 60 -1.11 -30.17 -5.12
N VAL F 61 -1.43 -31.47 -5.11
CA VAL F 61 -2.13 -32.10 -4.00
C VAL F 61 -1.36 -33.32 -3.50
N GLY F 62 -1.51 -33.61 -2.21
CA GLY F 62 -0.60 -34.51 -1.51
C GLY F 62 -0.91 -35.98 -1.32
N LYS F 63 -2.03 -36.32 -0.67
CA LYS F 63 -2.44 -37.70 -0.33
C LYS F 63 -1.42 -38.43 0.53
N THR F 64 -1.36 -38.13 1.82
CA THR F 64 -0.58 -38.97 2.72
C THR F 64 -1.27 -40.32 2.94
N ASP F 65 -0.59 -41.19 3.69
CA ASP F 65 -1.06 -42.54 3.93
C ASP F 65 -2.10 -42.52 5.05
N SER F 66 -2.55 -43.70 5.49
CA SER F 66 -3.50 -43.83 6.60
C SER F 66 -2.94 -43.31 7.92
N ASN F 67 -1.64 -43.46 8.15
CA ASN F 67 -0.96 -42.85 9.29
C ASN F 67 -0.09 -41.77 8.68
N LYS F 68 -0.15 -40.56 9.23
CA LYS F 68 0.22 -39.31 8.57
C LYS F 68 1.68 -39.18 8.13
N THR F 69 2.53 -40.12 8.52
CA THR F 69 3.90 -40.17 8.04
C THR F 69 3.93 -40.49 6.55
N TYR F 70 4.91 -39.93 5.84
CA TYR F 70 5.35 -40.37 4.50
C TYR F 70 4.25 -40.20 3.45
N VAL F 71 3.96 -38.95 3.10
CA VAL F 71 3.05 -38.65 1.99
C VAL F 71 3.56 -39.22 0.67
N GLU F 72 2.75 -40.06 0.02
CA GLU F 72 3.28 -40.96 -1.00
C GLU F 72 2.71 -40.76 -2.39
N LYS F 73 1.47 -40.32 -2.54
CA LYS F 73 0.81 -40.32 -3.86
C LYS F 73 0.48 -38.90 -4.28
N LEU F 74 1.44 -38.22 -4.90
CA LEU F 74 1.31 -36.83 -5.29
C LEU F 74 0.67 -36.73 -6.67
N ALA F 75 0.06 -35.59 -6.95
CA ALA F 75 -0.46 -35.29 -8.28
C ALA F 75 -0.35 -33.79 -8.53
N ILE F 76 0.27 -33.41 -9.63
CA ILE F 76 0.47 -32.03 -10.03
C ILE F 76 -0.46 -31.70 -11.19
N TYR F 77 -1.29 -30.68 -11.02
CA TYR F 77 -2.18 -30.22 -12.07
C TYR F 77 -1.38 -29.28 -12.98
N ILE F 78 -1.62 -29.37 -14.28
CA ILE F 78 -0.91 -28.55 -15.26
C ILE F 78 -1.86 -28.08 -16.34
N SER F 79 -1.91 -26.77 -16.56
CA SER F 79 -2.50 -26.19 -17.75
C SER F 79 -1.41 -25.46 -18.51
N PRO F 80 -1.43 -25.50 -19.82
CA PRO F 80 -0.41 -24.79 -20.59
C PRO F 80 -0.79 -23.31 -20.72
N ASN F 81 0.16 -22.54 -21.24
CA ASN F 81 -0.04 -21.11 -21.43
C ASN F 81 -0.94 -20.86 -22.63
N ALA F 82 -1.12 -19.58 -22.97
CA ALA F 82 -2.10 -19.20 -23.99
C ALA F 82 -1.66 -19.63 -25.38
N GLY F 83 -0.53 -19.12 -25.85
CA GLY F 83 -0.12 -19.42 -27.20
C GLY F 83 0.84 -20.59 -27.29
N SER F 84 0.38 -21.69 -27.89
CA SER F 84 1.25 -22.84 -28.15
C SER F 84 0.68 -23.69 -29.26
N GLU F 85 1.57 -24.26 -30.06
CA GLU F 85 1.19 -25.27 -31.05
C GLU F 85 1.57 -26.66 -30.56
N GLY F 86 0.77 -27.18 -29.62
CA GLY F 86 0.86 -28.57 -29.23
C GLY F 86 2.05 -29.03 -28.41
N ILE F 87 2.12 -28.71 -27.12
CA ILE F 87 3.14 -29.30 -26.25
C ILE F 87 2.88 -30.80 -26.16
N ASP F 88 3.89 -31.60 -26.45
CA ASP F 88 3.75 -33.05 -26.37
C ASP F 88 4.26 -33.51 -25.02
N LEU F 89 3.70 -34.60 -24.51
CA LEU F 89 4.05 -35.11 -23.20
C LEU F 89 4.83 -36.42 -23.24
N ASN F 90 4.92 -37.08 -24.40
CA ASN F 90 5.90 -38.14 -24.56
C ASN F 90 7.30 -37.58 -24.42
N ASN F 91 7.53 -36.38 -24.96
CA ASN F 91 8.73 -35.61 -24.69
C ASN F 91 8.39 -34.49 -23.72
N THR F 92 8.32 -34.83 -22.44
CA THR F 92 8.17 -33.85 -21.37
C THR F 92 8.67 -34.48 -20.07
N ARG F 93 9.72 -33.92 -19.51
CA ARG F 93 10.38 -34.49 -18.34
C ARG F 93 10.09 -33.65 -17.11
N VAL F 94 9.39 -34.26 -16.14
CA VAL F 94 9.16 -33.62 -14.85
C VAL F 94 10.34 -33.91 -13.95
N VAL F 95 11.09 -32.86 -13.60
CA VAL F 95 12.35 -33.03 -12.88
C VAL F 95 12.13 -32.47 -11.48
N LEU F 96 11.74 -33.32 -10.54
CA LEU F 96 11.52 -32.90 -9.15
C LEU F 96 12.54 -33.60 -8.26
N SER F 97 12.97 -32.90 -7.21
CA SER F 97 14.06 -33.41 -6.39
C SER F 97 13.76 -33.36 -4.89
N ASN F 98 14.28 -34.34 -4.15
CA ASN F 98 14.16 -34.37 -2.70
C ASN F 98 15.16 -33.37 -2.12
N GLY F 99 15.22 -33.26 -0.80
CA GLY F 99 16.28 -32.48 -0.18
C GLY F 99 17.66 -33.08 -0.36
N THR F 100 17.74 -34.34 -0.78
CA THR F 100 19.01 -34.99 -1.07
C THR F 100 19.09 -35.51 -2.50
N VAL F 101 18.01 -36.14 -3.01
CA VAL F 101 18.08 -36.98 -4.19
C VAL F 101 17.26 -36.38 -5.31
N GLN F 102 17.90 -36.15 -6.46
CA GLN F 102 17.22 -35.70 -7.67
C GLN F 102 16.37 -36.82 -8.27
N ALA F 103 15.61 -36.46 -9.31
CA ALA F 103 14.85 -37.40 -10.12
C ALA F 103 14.43 -36.71 -11.40
N VAL F 104 14.22 -37.50 -12.45
CA VAL F 104 13.48 -37.06 -13.63
C VAL F 104 12.38 -38.08 -13.88
N LEU F 105 11.38 -37.67 -14.64
CA LEU F 105 10.19 -38.49 -14.84
C LEU F 105 9.88 -38.59 -16.34
N LYS F 106 9.91 -39.81 -16.86
CA LYS F 106 9.61 -40.10 -18.25
C LYS F 106 8.23 -40.74 -18.36
N TYR F 107 7.50 -40.37 -19.41
CA TYR F 107 6.12 -40.83 -19.54
C TYR F 107 6.04 -42.31 -19.90
N GLU F 108 5.22 -43.03 -19.13
CA GLU F 108 4.97 -44.44 -19.35
C GLU F 108 3.56 -44.61 -19.90
N LYS F 109 3.40 -45.48 -20.87
CA LYS F 109 2.10 -45.75 -21.47
C LYS F 109 1.19 -46.48 -20.49
N THR F 110 -0.09 -46.58 -20.88
CA THR F 110 -1.17 -47.18 -20.09
C THR F 110 -1.29 -46.54 -18.70
N ALA F 111 -1.63 -45.24 -18.69
CA ALA F 111 -2.10 -44.59 -17.47
C ALA F 111 -3.03 -43.44 -17.87
N TYR F 112 -4.34 -43.72 -17.95
CA TYR F 112 -5.28 -42.64 -18.25
C TYR F 112 -6.32 -42.39 -17.16
N HIS F 113 -7.19 -43.36 -16.85
CA HIS F 113 -8.30 -43.21 -15.89
C HIS F 113 -9.12 -41.94 -16.17
N LYS F 114 -9.82 -41.96 -17.30
CA LYS F 114 -10.41 -40.75 -17.85
C LYS F 114 -11.92 -40.66 -17.70
N GLY F 115 -12.58 -41.71 -17.21
CA GLY F 115 -14.03 -41.71 -17.14
C GLY F 115 -14.59 -41.53 -15.74
N ALA F 116 -13.94 -42.13 -14.75
CA ALA F 116 -14.32 -42.02 -13.34
C ALA F 116 -13.41 -41.07 -12.60
N VAL F 117 -13.08 -39.94 -13.24
CA VAL F 117 -12.02 -39.02 -12.85
C VAL F 117 -12.33 -38.33 -11.53
N GLY F 118 -13.59 -38.34 -11.10
CA GLY F 118 -14.00 -37.64 -9.89
C GLY F 118 -13.50 -38.21 -8.58
N ASP F 119 -12.73 -39.29 -8.62
CA ASP F 119 -11.85 -39.68 -7.53
C ASP F 119 -10.45 -39.79 -8.11
N VAL F 120 -9.63 -38.76 -7.88
CA VAL F 120 -8.32 -38.67 -8.53
C VAL F 120 -7.37 -39.70 -7.94
N PHE F 121 -7.57 -40.06 -6.67
CA PHE F 121 -6.64 -40.89 -5.93
C PHE F 121 -7.17 -42.29 -5.67
N ASN F 122 -8.19 -42.71 -6.41
CA ASN F 122 -8.57 -44.12 -6.38
C ASN F 122 -7.47 -44.94 -7.02
N ALA F 123 -7.26 -46.15 -6.49
CA ALA F 123 -6.18 -47.01 -6.97
C ALA F 123 -6.55 -47.58 -8.34
N SER F 124 -6.43 -46.75 -9.37
CA SER F 124 -7.07 -46.99 -10.64
C SER F 124 -6.12 -47.61 -11.65
N THR F 125 -6.55 -47.64 -12.92
CA THR F 125 -5.73 -48.07 -14.02
C THR F 125 -4.53 -47.16 -14.26
N ALA F 126 -4.62 -45.89 -13.86
CA ALA F 126 -3.55 -44.94 -14.10
C ALA F 126 -2.62 -44.77 -12.92
N TRP F 127 -2.32 -45.86 -12.21
CA TRP F 127 -1.32 -45.85 -11.16
C TRP F 127 -0.40 -47.05 -11.24
N ASN F 128 -0.65 -47.97 -12.17
CA ASN F 128 0.21 -49.14 -12.37
C ASN F 128 1.48 -48.65 -13.05
N LEU F 129 2.42 -48.13 -12.24
CA LEU F 129 3.59 -47.48 -12.77
C LEU F 129 4.74 -47.62 -11.79
N SER F 130 5.90 -47.07 -12.17
CA SER F 130 7.15 -47.32 -11.47
C SER F 130 7.83 -46.02 -11.07
N ASN F 131 9.12 -46.12 -10.73
CA ASN F 131 9.89 -45.01 -10.17
C ASN F 131 9.92 -43.81 -11.10
N THR F 132 10.41 -43.99 -12.33
CA THR F 132 10.70 -42.88 -13.23
C THR F 132 9.53 -42.56 -14.14
N ASN F 133 8.30 -42.82 -13.70
CA ASN F 133 7.15 -42.69 -14.57
C ASN F 133 6.10 -41.79 -13.93
N PHE F 134 5.35 -41.10 -14.78
CA PHE F 134 4.29 -40.24 -14.29
C PHE F 134 2.99 -40.52 -15.03
N GLY F 135 1.90 -40.63 -14.27
CA GLY F 135 0.57 -40.85 -14.83
C GLY F 135 -0.05 -39.54 -15.28
N ILE F 136 -0.95 -39.63 -16.26
CA ILE F 136 -1.26 -38.45 -17.05
C ILE F 136 -2.78 -38.15 -17.05
N ILE F 137 -3.45 -38.39 -15.91
CA ILE F 137 -4.92 -38.47 -15.86
C ILE F 137 -5.56 -37.18 -16.33
N VAL F 138 -6.54 -37.31 -17.22
CA VAL F 138 -6.92 -36.22 -18.11
C VAL F 138 -8.31 -35.73 -17.71
N LEU F 139 -8.48 -34.42 -17.78
CA LEU F 139 -9.74 -33.77 -17.51
C LEU F 139 -9.76 -32.46 -18.30
N GLN F 140 -10.94 -32.11 -18.79
CA GLN F 140 -11.18 -30.93 -19.62
C GLN F 140 -10.29 -30.95 -20.87
N ASP F 141 -10.56 -31.92 -21.73
CA ASP F 141 -9.99 -31.94 -23.06
C ASP F 141 -10.98 -31.32 -24.05
N ALA F 142 -10.52 -30.31 -24.77
CA ALA F 142 -11.41 -29.58 -25.67
C ALA F 142 -11.72 -30.39 -26.91
N ASP F 143 -10.70 -30.70 -27.71
CA ASP F 143 -10.87 -31.45 -28.96
C ASP F 143 -10.36 -32.88 -28.82
N ASN F 144 -10.41 -33.41 -27.59
CA ASN F 144 -9.89 -34.72 -27.22
C ASN F 144 -8.43 -34.87 -27.62
N SER F 145 -7.66 -33.81 -27.38
CA SER F 145 -6.28 -33.74 -27.84
C SER F 145 -5.32 -34.61 -27.05
N VAL F 146 -5.75 -35.23 -25.97
CA VAL F 146 -4.88 -36.14 -25.23
C VAL F 146 -5.40 -37.56 -25.38
N ASP F 147 -4.89 -38.28 -26.38
CA ASP F 147 -5.26 -39.66 -26.65
C ASP F 147 -4.09 -40.59 -26.35
N GLN F 148 -4.25 -41.85 -26.75
CA GLN F 148 -3.20 -42.84 -26.61
C GLN F 148 -2.03 -42.47 -27.51
N ASN F 149 -0.81 -42.69 -26.99
CA ASN F 149 0.48 -42.61 -27.67
C ASN F 149 0.89 -41.19 -28.03
N TYR F 150 0.02 -40.21 -27.83
CA TYR F 150 0.31 -38.80 -28.11
C TYR F 150 -0.49 -37.90 -27.19
N PRO F 151 -0.04 -37.71 -25.95
CA PRO F 151 -0.65 -36.68 -25.13
C PRO F 151 -0.21 -35.30 -25.61
N THR F 152 -1.13 -34.57 -26.25
CA THR F 152 -0.83 -33.28 -26.84
C THR F 152 -1.67 -32.21 -26.16
N LEU F 153 -1.00 -31.21 -25.59
CA LEU F 153 -1.70 -30.10 -24.96
C LEU F 153 -1.96 -28.95 -25.93
N ASN F 154 -3.22 -28.52 -25.95
CA ASN F 154 -3.61 -27.30 -26.64
C ASN F 154 -4.14 -26.31 -25.60
N LYS F 155 -4.59 -25.14 -26.05
CA LYS F 155 -5.01 -24.10 -25.12
C LYS F 155 -6.30 -24.47 -24.40
N GLY F 156 -6.28 -24.27 -23.08
CA GLY F 156 -7.40 -24.68 -22.25
C GLY F 156 -7.57 -26.18 -22.15
N ASP F 157 -6.56 -26.88 -21.65
CA ASP F 157 -6.58 -28.33 -21.56
C ASP F 157 -5.76 -28.71 -20.34
N ILE F 158 -6.42 -28.93 -19.21
CA ILE F 158 -5.74 -29.06 -17.93
C ILE F 158 -5.53 -30.55 -17.65
N VAL F 159 -4.42 -31.09 -18.13
CA VAL F 159 -4.05 -32.46 -17.84
C VAL F 159 -3.51 -32.47 -16.41
N VAL F 160 -3.56 -33.63 -15.79
CA VAL F 160 -3.08 -33.79 -14.41
C VAL F 160 -1.97 -34.82 -14.42
N ILE F 161 -0.77 -34.39 -14.06
CA ILE F 161 0.35 -35.31 -13.99
C ILE F 161 0.33 -36.02 -12.64
N THR F 162 0.08 -37.33 -12.67
CA THR F 162 0.11 -38.18 -11.50
C THR F 162 1.51 -38.75 -11.32
N VAL F 163 2.13 -38.49 -10.16
CA VAL F 163 3.47 -38.97 -9.87
C VAL F 163 3.41 -39.79 -8.59
N LYS F 164 3.61 -41.10 -8.71
CA LYS F 164 3.69 -41.93 -7.51
C LYS F 164 5.07 -41.77 -6.89
N VAL F 165 5.08 -41.31 -5.64
CA VAL F 165 6.31 -40.85 -5.02
C VAL F 165 6.79 -41.85 -3.98
N GLY F 166 5.98 -42.09 -2.96
CA GLY F 166 6.51 -42.63 -1.72
C GLY F 166 6.61 -44.09 -1.38
N GLU F 167 5.49 -44.80 -1.34
CA GLU F 167 5.42 -46.04 -0.58
C GLU F 167 6.06 -47.20 -1.34
N GLY F 168 6.89 -47.96 -0.65
CA GLY F 168 7.64 -49.05 -1.26
C GLY F 168 8.68 -48.52 -2.22
N ASN F 169 8.43 -48.69 -3.51
CA ASN F 169 9.22 -48.05 -4.53
C ASN F 169 8.79 -46.61 -4.74
N GLY F 170 9.21 -46.03 -5.84
CA GLY F 170 8.71 -44.73 -6.22
C GLY F 170 9.83 -43.79 -6.56
N VAL F 171 9.46 -42.51 -6.65
CA VAL F 171 10.44 -41.47 -6.92
C VAL F 171 11.40 -41.33 -5.75
N PHE F 172 10.87 -41.34 -4.54
CA PHE F 172 11.67 -41.19 -3.33
C PHE F 172 11.55 -42.46 -2.51
N GLY F 173 12.66 -42.86 -1.89
CA GLY F 173 12.62 -43.96 -0.95
C GLY F 173 11.81 -43.57 0.26
N LYS F 174 10.65 -44.22 0.45
CA LYS F 174 9.65 -44.00 1.50
C LYS F 174 8.93 -42.66 1.39
N GLY F 175 9.25 -41.83 0.40
CA GLY F 175 8.61 -40.55 0.25
C GLY F 175 9.07 -39.50 1.25
N ILE F 176 8.49 -38.31 1.09
CA ILE F 176 8.89 -37.14 1.88
C ILE F 176 8.18 -37.13 3.23
N PRO F 177 8.94 -37.07 4.32
CA PRO F 177 8.36 -36.77 5.63
C PRO F 177 8.03 -35.29 5.71
N PRO F 178 7.27 -34.85 6.73
CA PRO F 178 7.00 -33.42 6.86
C PRO F 178 8.25 -32.61 7.16
N ARG F 179 8.11 -31.29 6.95
CA ARG F 179 9.11 -30.28 7.29
C ARG F 179 10.41 -30.54 6.51
N THR F 180 10.26 -30.62 5.19
CA THR F 180 11.38 -30.76 4.29
C THR F 180 11.01 -30.08 2.98
N LYS F 181 11.98 -29.98 2.08
CA LYS F 181 11.76 -29.31 0.82
C LYS F 181 11.83 -30.30 -0.34
N ILE F 182 10.89 -30.16 -1.26
CA ILE F 182 10.81 -30.89 -2.52
C ILE F 182 10.67 -29.84 -3.63
N THR F 183 11.72 -29.71 -4.43
CA THR F 183 11.89 -28.65 -5.40
C THR F 183 11.96 -29.26 -6.79
N GLY F 184 11.30 -28.64 -7.75
CA GLY F 184 11.32 -29.19 -9.08
C GLY F 184 11.03 -28.21 -10.19
N LYS F 185 11.07 -28.72 -11.41
CA LYS F 185 10.65 -27.96 -12.58
C LYS F 185 10.12 -28.94 -13.62
N VAL F 186 9.14 -28.48 -14.40
CA VAL F 186 8.53 -29.28 -15.46
C VAL F 186 8.85 -28.59 -16.77
N ILE F 187 9.71 -29.20 -17.59
CA ILE F 187 10.18 -28.59 -18.83
C ILE F 187 9.54 -29.31 -20.01
N PRO F 188 9.04 -28.59 -21.00
CA PRO F 188 8.54 -29.23 -22.21
C PRO F 188 9.64 -29.59 -23.18
N GLU F 189 9.25 -30.01 -24.37
CA GLU F 189 10.18 -30.24 -25.48
C GLU F 189 10.91 -28.96 -25.85
N PHE F 190 10.16 -27.96 -26.31
CA PHE F 190 10.72 -26.67 -26.68
C PHE F 190 10.09 -25.52 -25.91
N GLY F 191 9.18 -25.80 -25.00
CA GLY F 191 8.41 -24.76 -24.34
C GLY F 191 9.16 -24.03 -23.25
N ALA F 192 8.39 -23.33 -22.45
CA ALA F 192 8.96 -22.65 -21.30
C ALA F 192 8.72 -23.46 -20.04
N PRO F 193 9.71 -23.62 -19.17
CA PRO F 193 9.56 -24.51 -18.02
C PRO F 193 8.73 -23.86 -16.92
N GLY F 194 7.84 -24.65 -16.33
CA GLY F 194 7.13 -24.23 -15.14
C GLY F 194 7.75 -24.86 -13.90
N VAL F 195 7.85 -24.06 -12.86
CA VAL F 195 8.64 -24.45 -11.71
C VAL F 195 7.69 -24.89 -10.60
N ILE F 196 8.22 -25.63 -9.64
CA ILE F 196 7.42 -26.14 -8.54
C ILE F 196 8.28 -26.29 -7.28
N GLU F 197 7.83 -25.69 -6.19
CA GLU F 197 8.57 -25.71 -4.93
C GLU F 197 7.58 -25.81 -3.78
N PHE F 198 7.57 -26.94 -3.10
CA PHE F 198 6.67 -27.16 -1.98
C PHE F 198 7.25 -26.62 -0.70
N THR F 199 6.50 -26.80 0.39
CA THR F 199 7.08 -26.74 1.71
C THR F 199 6.77 -28.02 2.50
N THR F 200 5.76 -28.79 2.05
CA THR F 200 5.16 -29.95 2.72
C THR F 200 4.76 -29.55 4.14
N PRO F 201 3.60 -28.89 4.29
CA PRO F 201 3.28 -28.17 5.53
C PRO F 201 3.30 -29.05 6.77
N SER F 202 4.00 -28.56 7.79
CA SER F 202 4.63 -29.45 8.77
C SER F 202 3.62 -30.07 9.72
N THR F 203 3.81 -31.37 9.96
CA THR F 203 3.14 -32.17 10.98
C THR F 203 1.62 -32.16 10.76
N TYR F 204 1.24 -32.76 9.64
CA TYR F 204 0.02 -32.46 8.93
C TYR F 204 -1.05 -33.52 9.14
N THR F 205 -2.19 -33.26 8.52
CA THR F 205 -3.33 -34.18 8.40
C THR F 205 -3.46 -34.62 6.94
N SER F 206 -4.49 -35.40 6.65
CA SER F 206 -4.57 -36.09 5.36
C SER F 206 -4.96 -35.13 4.24
N GLU F 207 -4.54 -35.49 3.01
CA GLU F 207 -4.78 -34.75 1.77
C GLU F 207 -4.20 -33.33 1.88
N VAL F 208 -2.90 -33.25 1.66
CA VAL F 208 -2.02 -32.25 2.26
C VAL F 208 -1.80 -31.10 1.26
N ILE F 209 -2.85 -30.78 0.47
CA ILE F 209 -2.85 -29.80 -0.63
C ILE F 209 -2.11 -28.50 -0.35
N GLU F 210 -1.19 -28.15 -1.24
CA GLU F 210 -0.33 -26.99 -1.04
C GLU F 210 0.09 -26.48 -2.41
N LEU F 211 0.05 -25.17 -2.58
CA LEU F 211 0.13 -24.57 -3.90
C LEU F 211 1.54 -24.60 -4.44
N GLN F 212 1.63 -24.70 -5.77
CA GLN F 212 2.86 -24.70 -6.57
C GLN F 212 3.87 -25.74 -6.12
N ALA G 6 33.88 -1.38 -60.58
CA ALA G 6 34.06 -2.59 -59.79
C ALA G 6 33.26 -2.49 -58.49
N VAL G 7 32.86 -3.63 -57.93
CA VAL G 7 32.03 -3.65 -56.70
C VAL G 7 32.55 -3.08 -55.36
N GLY G 8 33.84 -3.22 -55.09
CA GLY G 8 34.38 -2.79 -53.81
C GLY G 8 34.16 -1.31 -53.50
N ILE G 9 34.32 -0.48 -54.52
CA ILE G 9 34.11 0.94 -54.33
C ILE G 9 32.67 1.19 -53.90
N GLY G 10 31.72 0.52 -54.56
CA GLY G 10 30.32 0.69 -54.23
C GLY G 10 30.05 0.25 -52.80
N THR G 11 30.66 -0.86 -52.38
CA THR G 11 30.47 -1.34 -51.02
C THR G 11 30.98 -0.37 -49.96
N LEU G 12 32.12 0.25 -50.21
CA LEU G 12 32.72 1.19 -49.25
C LEU G 12 31.89 2.44 -48.95
N ILE G 13 31.29 2.96 -50.00
CA ILE G 13 30.54 4.21 -50.04
C ILE G 13 29.22 4.07 -49.29
N VAL G 14 28.59 2.90 -49.38
CA VAL G 14 27.45 2.60 -48.51
C VAL G 14 27.90 2.48 -47.06
N PHE G 15 29.11 1.96 -46.84
CA PHE G 15 29.70 1.96 -45.50
C PHE G 15 29.94 3.37 -44.98
N ILE G 16 30.37 4.29 -45.86
CA ILE G 16 30.41 5.69 -45.46
C ILE G 16 29.00 6.23 -45.24
N ALA G 17 28.05 5.77 -46.05
CA ALA G 17 26.67 6.26 -45.95
C ALA G 17 25.98 5.77 -44.69
N MET G 18 25.98 4.45 -44.46
CA MET G 18 25.17 3.86 -43.41
C MET G 18 25.67 4.19 -42.02
N VAL G 19 26.98 4.36 -41.85
CA VAL G 19 27.53 4.72 -40.54
C VAL G 19 27.10 6.12 -40.13
N LEU G 20 27.10 7.06 -41.09
CA LEU G 20 26.53 8.38 -40.82
C LEU G 20 25.04 8.30 -40.55
N VAL G 21 24.35 7.37 -41.19
CA VAL G 21 22.96 7.09 -40.87
C VAL G 21 22.85 6.38 -39.52
N ALA G 22 23.80 5.50 -39.21
CA ALA G 22 23.86 4.91 -37.87
C ALA G 22 24.12 5.96 -36.81
N ALA G 23 25.00 6.93 -37.11
CA ALA G 23 25.32 7.99 -36.17
C ALA G 23 24.17 8.95 -35.93
N VAL G 24 23.40 9.30 -36.96
CA VAL G 24 22.21 10.11 -36.76
C VAL G 24 21.04 9.28 -36.23
N ALA G 25 21.13 7.95 -36.33
CA ALA G 25 20.25 7.10 -35.55
C ALA G 25 20.83 6.84 -34.16
N ALA G 26 22.01 7.37 -33.88
CA ALA G 26 22.58 7.32 -32.55
C ALA G 26 22.60 8.66 -31.84
N ALA G 27 23.06 9.72 -32.51
CA ALA G 27 23.14 11.03 -31.89
C ALA G 27 21.79 11.71 -31.72
N VAL G 28 20.70 11.07 -32.15
CA VAL G 28 19.35 11.52 -31.88
C VAL G 28 18.64 10.60 -30.89
N LEU G 29 18.85 9.29 -31.05
CA LEU G 29 18.23 8.32 -30.15
C LEU G 29 18.86 8.36 -28.77
N ILE G 30 20.09 8.88 -28.67
CA ILE G 30 20.61 9.29 -27.36
C ILE G 30 20.01 10.63 -26.95
N GLN G 31 19.93 11.58 -27.88
CA GLN G 31 19.51 12.94 -27.57
C GLN G 31 18.01 13.02 -27.27
N THR G 32 17.19 12.22 -27.95
CA THR G 32 15.79 12.14 -27.56
C THR G 32 15.64 11.43 -26.22
N SER G 33 16.49 10.46 -25.93
CA SER G 33 16.61 9.97 -24.57
C SER G 33 17.29 10.98 -23.67
N GLY G 34 18.08 11.88 -24.26
CA GLY G 34 18.68 12.96 -23.49
C GLY G 34 17.65 13.91 -22.93
N TYR G 35 16.55 14.13 -23.65
CA TYR G 35 15.48 14.94 -23.11
C TYR G 35 14.75 14.22 -21.99
N LEU G 36 14.79 12.89 -21.98
CA LEU G 36 14.01 12.11 -21.03
C LEU G 36 14.50 12.21 -19.59
N GLN G 37 15.80 12.41 -19.37
CA GLN G 37 16.28 12.52 -18.00
C GLN G 37 15.85 13.83 -17.36
N GLN G 38 15.94 14.93 -18.11
CA GLN G 38 15.73 16.24 -17.53
C GLN G 38 14.26 16.50 -17.25
N LYS G 39 13.38 15.80 -17.97
CA LYS G 39 11.98 15.90 -17.60
C LYS G 39 11.64 14.94 -16.48
N SER G 40 12.31 13.79 -16.42
CA SER G 40 11.99 12.82 -15.37
C SER G 40 12.58 13.24 -14.03
N GLN G 41 13.85 13.65 -14.03
CA GLN G 41 14.53 13.91 -12.77
C GLN G 41 14.10 15.23 -12.16
N ALA G 42 13.52 16.12 -12.96
CA ALA G 42 12.78 17.25 -12.42
C ALA G 42 11.50 16.79 -11.74
N THR G 43 10.73 15.93 -12.42
CA THR G 43 9.52 15.38 -11.81
C THR G 43 9.80 14.33 -10.76
N GLY G 44 10.96 13.68 -10.80
CA GLY G 44 11.31 12.65 -9.84
C GLY G 44 11.43 13.15 -8.43
N ARG G 45 11.79 14.43 -8.28
CA ARG G 45 11.90 15.01 -6.96
C ARG G 45 10.63 15.76 -6.57
N GLU G 46 10.02 16.46 -7.53
CA GLU G 46 8.91 17.38 -7.25
C GLU G 46 7.67 16.67 -6.73
N THR G 47 7.42 15.45 -7.17
CA THR G 47 6.17 14.82 -6.79
C THR G 47 6.26 14.15 -5.43
N THR G 48 7.46 14.01 -4.88
CA THR G 48 7.57 13.81 -3.44
C THR G 48 7.27 15.09 -2.70
N GLN G 49 7.62 16.24 -3.31
CA GLN G 49 7.44 17.52 -2.64
C GLN G 49 6.00 17.99 -2.66
N GLU G 50 5.17 17.39 -3.51
CA GLU G 50 3.75 17.70 -3.51
C GLU G 50 3.00 16.89 -2.47
N VAL G 51 3.40 15.64 -2.23
CA VAL G 51 2.69 14.79 -1.29
C VAL G 51 3.24 14.86 0.13
N ALA G 52 4.51 15.20 0.31
CA ALA G 52 5.06 15.21 1.66
C ALA G 52 4.77 16.51 2.37
N SER G 53 5.23 17.63 1.80
CA SER G 53 5.13 18.92 2.46
C SER G 53 3.68 19.38 2.54
N GLY G 54 3.37 20.06 3.64
CA GLY G 54 2.01 20.49 3.87
C GLY G 54 1.80 21.17 5.20
N ILE G 55 0.75 21.96 5.27
CA ILE G 55 0.44 22.81 6.42
C ILE G 55 -0.67 22.16 7.23
N LYS G 56 -0.53 22.16 8.56
CA LYS G 56 -1.62 21.77 9.44
C LYS G 56 -1.94 22.91 10.39
N VAL G 57 -3.20 22.97 10.79
CA VAL G 57 -3.77 24.11 11.50
C VAL G 57 -4.14 23.67 12.91
N LEU G 58 -3.61 24.35 13.91
CA LEU G 58 -3.88 24.00 15.29
C LEU G 58 -4.31 25.23 16.08
N SER G 59 -5.46 25.13 16.76
CA SER G 59 -5.90 26.02 17.83
C SER G 59 -6.00 27.48 17.37
N VAL G 60 -6.94 27.71 16.48
CA VAL G 60 -7.25 29.07 16.05
C VAL G 60 -7.95 29.78 17.21
N VAL G 61 -7.81 31.10 17.29
CA VAL G 61 -8.37 31.87 18.39
C VAL G 61 -9.23 33.00 17.83
N GLY G 62 -10.13 33.52 18.67
CA GLY G 62 -11.12 34.47 18.20
C GLY G 62 -10.87 35.96 18.36
N LYS G 63 -10.68 36.42 19.60
CA LYS G 63 -10.67 37.85 19.98
C LYS G 63 -11.91 38.58 19.52
N THR G 64 -13.03 38.41 20.23
CA THR G 64 -14.16 39.25 19.93
C THR G 64 -13.93 40.68 20.41
N ASP G 65 -14.86 41.55 20.02
CA ASP G 65 -14.86 42.94 20.42
C ASP G 65 -15.18 43.02 21.91
N SER G 66 -14.79 44.12 22.56
CA SER G 66 -15.00 44.28 24.00
C SER G 66 -16.47 44.40 24.36
N ASN G 67 -17.33 44.75 23.41
CA ASN G 67 -18.75 44.42 23.45
C ASN G 67 -18.84 43.16 22.60
N LYS G 68 -19.18 42.02 23.25
CA LYS G 68 -18.91 40.66 22.79
C LYS G 68 -19.38 40.28 21.39
N THR G 69 -20.30 41.06 20.82
CA THR G 69 -20.83 40.85 19.49
C THR G 69 -19.75 41.04 18.43
N TYR G 70 -19.82 40.23 17.36
CA TYR G 70 -19.12 40.45 16.08
C TYR G 70 -17.60 40.40 16.24
N VAL G 71 -17.10 39.18 16.51
CA VAL G 71 -15.67 38.89 16.63
C VAL G 71 -14.87 39.30 15.38
N GLU G 72 -13.75 39.99 15.58
CA GLU G 72 -13.01 40.57 14.47
C GLU G 72 -11.58 40.08 14.32
N LYS G 73 -10.78 40.01 15.39
CA LYS G 73 -9.33 39.87 15.27
C LYS G 73 -8.93 38.41 15.38
N LEU G 74 -9.11 37.66 14.29
CA LEU G 74 -8.82 36.23 14.26
C LEU G 74 -7.33 35.99 14.07
N ALA G 75 -6.87 34.83 14.56
CA ALA G 75 -5.47 34.46 14.44
C ALA G 75 -5.36 32.95 14.35
N ILE G 76 -4.84 32.47 13.22
CA ILE G 76 -4.70 31.04 12.94
C ILE G 76 -3.24 30.65 13.08
N TYR G 77 -2.96 29.62 13.87
CA TYR G 77 -1.60 29.14 14.09
C TYR G 77 -1.27 28.09 13.04
N ILE G 78 -0.08 28.17 12.47
CA ILE G 78 0.36 27.22 11.45
C ILE G 78 1.75 26.72 11.76
N SER G 79 1.90 25.39 11.79
CA SER G 79 3.16 24.67 11.75
C SER G 79 3.06 23.61 10.67
N PRO G 80 4.11 23.42 9.88
CA PRO G 80 4.05 22.47 8.76
C PRO G 80 4.14 21.04 9.27
N ASN G 81 3.98 20.10 8.34
CA ASN G 81 3.91 18.68 8.66
C ASN G 81 5.30 18.14 9.00
N ALA G 82 5.37 16.84 9.25
CA ALA G 82 6.65 16.19 9.52
C ALA G 82 7.52 16.18 8.28
N GLY G 83 7.06 15.54 7.22
CA GLY G 83 7.76 15.64 5.96
C GLY G 83 7.51 16.99 5.34
N SER G 84 8.55 17.79 5.14
CA SER G 84 8.38 19.13 4.61
C SER G 84 9.67 19.62 3.98
N GLU G 85 9.64 19.89 2.68
CA GLU G 85 10.71 20.62 2.03
C GLU G 85 10.28 22.07 1.76
N GLY G 86 10.23 22.86 2.83
CA GLY G 86 10.16 24.30 2.69
C GLY G 86 8.90 24.90 2.12
N ILE G 87 7.79 24.88 2.87
CA ILE G 87 6.60 25.62 2.47
C ILE G 87 6.92 27.11 2.47
N ASP G 88 6.66 27.77 1.35
CA ASP G 88 6.73 29.22 1.27
C ASP G 88 5.42 29.82 1.75
N LEU G 89 5.49 31.02 2.32
CA LEU G 89 4.29 31.78 2.63
C LEU G 89 4.13 33.05 1.82
N ASN G 90 5.13 33.44 1.03
CA ASN G 90 4.90 34.54 0.11
C ASN G 90 4.03 34.08 -1.05
N ASN G 91 4.21 32.83 -1.50
CA ASN G 91 3.31 32.21 -2.47
C ASN G 91 2.37 31.28 -1.71
N THR G 92 1.44 31.88 -0.97
CA THR G 92 0.50 31.10 -0.17
C THR G 92 -0.76 31.91 0.02
N ARG G 93 -1.90 31.34 -0.31
CA ARG G 93 -3.18 32.01 -0.15
C ARG G 93 -4.00 31.31 0.92
N VAL G 94 -4.37 32.05 1.95
CA VAL G 94 -5.30 31.58 2.97
C VAL G 94 -6.70 31.87 2.47
N VAL G 95 -7.47 30.81 2.22
CA VAL G 95 -8.78 30.95 1.60
C VAL G 95 -9.80 30.50 2.63
N LEU G 96 -10.49 31.44 3.24
CA LEU G 96 -11.59 31.12 4.14
C LEU G 96 -12.90 31.63 3.55
N SER G 97 -13.91 30.77 3.57
CA SER G 97 -15.24 31.08 3.04
C SER G 97 -16.04 31.87 4.05
N ASN G 98 -17.35 31.94 3.88
CA ASN G 98 -18.22 32.39 4.96
C ASN G 98 -19.47 31.53 4.86
N GLY G 99 -20.52 31.90 5.58
CA GLY G 99 -21.83 31.43 5.18
C GLY G 99 -22.26 31.96 3.83
N THR G 100 -21.78 33.15 3.44
CA THR G 100 -22.19 33.76 2.19
C THR G 100 -21.04 34.07 1.24
N VAL G 101 -19.97 34.71 1.72
CA VAL G 101 -19.00 35.38 0.86
C VAL G 101 -17.63 34.71 1.00
N GLN G 102 -17.12 34.20 -0.10
CA GLN G 102 -15.74 33.68 -0.16
C GLN G 102 -14.72 34.78 0.13
N ALA G 103 -13.55 34.35 0.57
CA ALA G 103 -12.44 35.25 0.72
C ALA G 103 -11.15 34.50 0.47
N VAL G 104 -10.27 35.09 -0.32
CA VAL G 104 -8.88 34.65 -0.41
C VAL G 104 -8.04 35.75 0.18
N LEU G 105 -6.84 35.40 0.65
CA LEU G 105 -6.00 36.34 1.37
C LEU G 105 -4.58 36.27 0.82
N LYS G 106 -4.15 37.36 0.19
CA LYS G 106 -2.78 37.53 -0.27
C LYS G 106 -1.88 37.86 0.92
N TYR G 107 -0.62 37.47 0.83
CA TYR G 107 0.37 37.88 1.83
C TYR G 107 0.54 39.39 1.81
N GLU G 108 0.79 39.95 2.99
CA GLU G 108 1.08 41.36 3.14
C GLU G 108 2.45 41.55 3.76
N LYS G 109 3.24 42.44 3.16
CA LYS G 109 4.55 42.80 3.70
C LYS G 109 4.39 43.71 4.91
N THR G 110 5.49 43.87 5.64
CA THR G 110 5.64 44.79 6.78
C THR G 110 4.60 44.53 7.87
N ALA G 111 4.57 43.29 8.38
CA ALA G 111 3.79 42.98 9.58
C ALA G 111 4.45 41.80 10.29
N TYR G 112 5.35 42.07 11.23
CA TYR G 112 5.89 40.97 12.04
C TYR G 112 5.54 41.03 13.51
N HIS G 113 5.97 42.07 14.24
CA HIS G 113 5.88 42.13 15.71
C HIS G 113 6.38 40.84 16.36
N LYS G 114 7.69 40.63 16.24
CA LYS G 114 8.31 39.35 16.53
C LYS G 114 9.16 39.33 17.80
N GLY G 115 9.15 40.40 18.59
CA GLY G 115 9.97 40.44 19.78
C GLY G 115 9.20 40.57 21.09
N ALA G 116 8.06 41.27 21.06
CA ALA G 116 7.17 41.39 22.20
C ALA G 116 5.93 40.53 22.03
N VAL G 117 6.14 39.32 21.51
CA VAL G 117 5.12 38.43 20.96
C VAL G 117 4.12 37.97 22.03
N GLY G 118 4.51 38.03 23.31
CA GLY G 118 3.67 37.52 24.39
C GLY G 118 2.44 38.34 24.70
N ASP G 119 2.18 39.39 23.96
CA ASP G 119 0.88 40.05 23.93
C ASP G 119 0.42 40.02 22.48
N VAL G 120 -0.43 39.05 22.15
CA VAL G 120 -0.72 38.74 20.74
C VAL G 120 -1.63 39.79 20.14
N PHE G 121 -2.72 40.12 20.82
CA PHE G 121 -3.79 40.92 20.25
C PHE G 121 -3.64 42.40 20.56
N ASN G 122 -2.48 42.79 21.08
CA ASN G 122 -2.20 44.19 21.33
C ASN G 122 -2.02 44.91 20.00
N ALA G 123 -2.42 46.18 19.95
CA ALA G 123 -2.40 46.95 18.70
C ALA G 123 -0.98 47.33 18.31
N SER G 124 -0.19 46.36 17.87
CA SER G 124 1.20 46.57 17.53
C SER G 124 1.35 46.87 16.04
N THR G 125 2.60 46.80 15.57
CA THR G 125 2.91 47.16 14.18
C THR G 125 2.43 46.13 13.19
N ALA G 126 2.13 44.90 13.63
CA ALA G 126 1.73 43.85 12.71
C ALA G 126 0.24 43.68 12.58
N TRP G 127 -0.52 44.76 12.65
CA TRP G 127 -1.97 44.71 12.46
C TRP G 127 -2.47 45.81 11.54
N ASN G 128 -1.59 46.66 11.01
CA ASN G 128 -1.94 47.64 10.00
C ASN G 128 -2.13 46.87 8.70
N LEU G 129 -3.33 46.33 8.50
CA LEU G 129 -3.60 45.48 7.36
C LEU G 129 -5.03 45.70 6.90
N SER G 130 -5.34 45.14 5.73
CA SER G 130 -6.56 45.49 5.02
C SER G 130 -7.38 44.25 4.66
N ASN G 131 -8.31 44.42 3.71
CA ASN G 131 -9.27 43.37 3.31
C ASN G 131 -8.56 42.09 2.88
N THR G 132 -7.75 42.17 1.83
CA THR G 132 -7.24 41.00 1.12
C THR G 132 -5.91 40.53 1.68
N ASN G 133 -5.61 40.80 2.94
CA ASN G 133 -4.28 40.61 3.48
C ASN G 133 -4.34 39.81 4.78
N PHE G 134 -3.20 39.21 5.15
CA PHE G 134 -3.08 38.57 6.44
C PHE G 134 -1.74 38.90 7.08
N GLY G 135 -1.77 39.11 8.39
CA GLY G 135 -0.58 39.35 9.17
C GLY G 135 0.10 38.04 9.52
N ILE G 136 1.43 38.10 9.69
CA ILE G 136 2.26 36.91 9.66
C ILE G 136 3.13 36.81 10.91
N ILE G 137 2.57 37.17 12.08
CA ILE G 137 3.35 37.27 13.31
C ILE G 137 3.94 35.91 13.67
N VAL G 138 5.19 35.90 14.12
CA VAL G 138 6.00 34.70 14.06
C VAL G 138 6.55 34.39 15.45
N LEU G 139 6.69 33.10 15.74
CA LEU G 139 7.26 32.62 16.98
C LEU G 139 7.89 31.25 16.71
N GLN G 140 8.90 30.93 17.52
CA GLN G 140 9.67 29.68 17.42
C GLN G 140 10.26 29.51 16.02
N ASP G 141 11.17 30.41 15.67
CA ASP G 141 12.00 30.25 14.50
C ASP G 141 13.36 29.72 14.92
N ALA G 142 13.79 28.63 14.30
CA ALA G 142 15.01 27.97 14.73
C ALA G 142 16.24 28.73 14.25
N ASP G 143 16.42 28.83 12.94
CA ASP G 143 17.60 29.43 12.35
C ASP G 143 17.32 30.85 11.87
N ASN G 144 16.39 31.52 12.56
CA ASN G 144 15.73 32.74 12.10
C ASN G 144 15.23 32.55 10.67
N SER G 145 14.47 31.47 10.47
CA SER G 145 14.08 31.02 9.15
C SER G 145 13.05 31.92 8.49
N VAL G 146 12.22 32.61 9.26
CA VAL G 146 11.21 33.48 8.69
C VAL G 146 11.78 34.89 8.64
N ASP G 147 12.47 35.22 7.55
CA ASP G 147 13.03 36.54 7.36
C ASP G 147 11.97 37.47 6.78
N GLN G 148 12.20 38.78 6.94
CA GLN G 148 11.36 39.77 6.29
C GLN G 148 11.52 39.64 4.78
N ASN G 149 10.39 39.76 4.07
CA ASN G 149 10.24 39.57 2.61
C ASN G 149 10.48 38.13 2.16
N TYR G 150 10.79 37.22 3.09
CA TYR G 150 11.06 35.82 2.75
C TYR G 150 10.58 34.92 3.88
N PRO G 151 9.32 34.53 3.87
CA PRO G 151 8.87 33.54 4.86
C PRO G 151 9.21 32.13 4.42
N THR G 152 10.02 31.43 5.21
CA THR G 152 10.36 30.03 4.97
C THR G 152 9.81 29.21 6.14
N LEU G 153 9.23 28.06 5.83
CA LEU G 153 8.84 27.16 6.91
C LEU G 153 9.64 25.86 6.86
N ASN G 154 10.43 25.66 7.90
CA ASN G 154 11.14 24.41 8.14
C ASN G 154 10.42 23.67 9.25
N LYS G 155 10.97 22.55 9.72
CA LYS G 155 10.30 21.78 10.75
C LYS G 155 10.30 22.51 12.08
N GLY G 156 9.16 22.48 12.76
CA GLY G 156 9.00 23.11 14.06
C GLY G 156 9.08 24.62 14.03
N ASP G 157 8.23 25.27 13.25
CA ASP G 157 8.27 26.72 13.10
C ASP G 157 6.83 27.22 13.09
N ILE G 158 6.29 27.53 14.26
CA ILE G 158 4.88 27.84 14.43
C ILE G 158 4.67 29.31 14.10
N VAL G 159 4.37 29.60 12.85
CA VAL G 159 4.02 30.96 12.47
C VAL G 159 2.53 31.12 12.75
N VAL G 160 2.16 32.32 13.14
CA VAL G 160 0.80 32.65 13.55
C VAL G 160 0.24 33.62 12.52
N ILE G 161 -0.65 33.13 11.66
CA ILE G 161 -1.24 33.99 10.66
C ILE G 161 -2.32 34.84 11.32
N THR G 162 -2.13 36.16 11.29
CA THR G 162 -3.06 37.14 11.81
C THR G 162 -3.99 37.61 10.70
N VAL G 163 -5.29 37.57 10.94
CA VAL G 163 -6.28 38.09 10.00
C VAL G 163 -7.23 39.01 10.74
N LYS G 164 -7.29 40.27 10.35
CA LYS G 164 -8.37 41.12 10.81
C LYS G 164 -9.57 40.90 9.90
N VAL G 165 -10.76 40.80 10.51
CA VAL G 165 -11.97 40.44 9.80
C VAL G 165 -13.03 41.53 9.91
N GLY G 166 -13.39 41.91 11.14
CA GLY G 166 -14.68 42.54 11.36
C GLY G 166 -14.98 44.00 11.10
N GLU G 167 -14.40 44.90 11.90
CA GLU G 167 -14.99 46.22 12.08
C GLU G 167 -14.76 47.12 10.88
N GLY G 168 -15.84 47.77 10.42
CA GLY G 168 -15.76 48.62 9.25
C GLY G 168 -15.49 47.83 8.00
N ASN G 169 -14.27 47.93 7.51
CA ASN G 169 -13.78 47.09 6.43
C ASN G 169 -13.37 45.72 6.95
N GLY G 170 -12.65 44.98 6.11
CA GLY G 170 -12.07 43.74 6.56
C GLY G 170 -12.48 42.61 5.66
N VAL G 171 -12.33 41.39 6.17
CA VAL G 171 -12.71 40.21 5.42
C VAL G 171 -14.23 40.12 5.30
N PHE G 172 -14.93 40.32 6.40
CA PHE G 172 -16.39 40.28 6.43
C PHE G 172 -16.90 41.64 6.88
N GLY G 173 -18.05 42.02 6.35
CA GLY G 173 -18.75 43.19 6.87
C GLY G 173 -19.21 42.91 8.28
N LYS G 174 -18.67 43.65 9.25
CA LYS G 174 -18.87 43.54 10.71
C LYS G 174 -18.29 42.26 11.31
N GLY G 175 -17.76 41.33 10.50
CA GLY G 175 -17.26 40.07 11.02
C GLY G 175 -18.35 39.07 11.33
N ILE G 176 -17.91 37.86 11.69
CA ILE G 176 -18.83 36.78 11.98
C ILE G 176 -19.55 36.98 13.30
N PRO G 177 -20.87 36.81 13.32
CA PRO G 177 -21.62 36.81 14.58
C PRO G 177 -21.47 35.47 15.27
N PRO G 178 -21.93 35.33 16.51
CA PRO G 178 -22.03 33.99 17.10
C PRO G 178 -23.00 33.11 16.35
N ARG G 179 -22.77 31.80 16.48
CA ARG G 179 -23.65 30.74 15.99
C ARG G 179 -23.81 30.82 14.48
N THR G 180 -22.69 30.62 13.79
CA THR G 180 -22.66 30.58 12.33
C THR G 180 -21.47 29.76 11.89
N LYS G 181 -21.48 29.33 10.63
CA LYS G 181 -20.41 28.52 10.10
C LYS G 181 -19.44 29.41 9.32
N ILE G 182 -18.15 29.14 9.52
CA ILE G 182 -17.05 29.84 8.89
C ILE G 182 -15.95 28.81 8.68
N THR G 183 -15.57 28.60 7.41
CA THR G 183 -14.85 27.42 6.98
C THR G 183 -13.83 27.84 5.92
N GLY G 184 -12.68 27.20 5.90
CA GLY G 184 -11.73 27.48 4.85
C GLY G 184 -10.63 26.47 4.70
N LYS G 185 -9.67 26.83 3.85
CA LYS G 185 -8.49 25.99 3.66
C LYS G 185 -7.28 26.89 3.43
N VAL G 186 -6.12 26.41 3.84
CA VAL G 186 -4.86 27.14 3.67
C VAL G 186 -3.97 26.27 2.80
N ILE G 187 -3.67 26.75 1.60
CA ILE G 187 -2.90 25.97 0.62
C ILE G 187 -1.54 26.62 0.41
N PRO G 188 -0.47 25.84 0.39
CA PRO G 188 0.86 26.41 0.12
C PRO G 188 1.15 26.57 -1.36
N GLU G 189 2.41 26.91 -1.67
CA GLU G 189 2.88 26.94 -3.05
C GLU G 189 2.80 25.56 -3.68
N PHE G 190 3.56 24.61 -3.15
CA PHE G 190 3.51 23.24 -3.62
C PHE G 190 3.23 22.23 -2.51
N GLY G 191 2.85 22.70 -1.32
CA GLY G 191 2.55 21.80 -0.23
C GLY G 191 1.16 21.19 -0.34
N ALA G 192 0.82 20.43 0.67
CA ALA G 192 -0.52 19.86 0.77
C ALA G 192 -1.41 20.81 1.55
N PRO G 193 -2.64 21.06 1.09
CA PRO G 193 -3.46 22.10 1.73
C PRO G 193 -3.99 21.65 3.09
N GLY G 194 -3.86 22.54 4.08
CA GLY G 194 -4.45 22.31 5.39
C GLY G 194 -5.76 23.06 5.52
N VAL G 195 -6.61 22.56 6.39
CA VAL G 195 -8.02 22.94 6.36
C VAL G 195 -8.41 23.56 7.69
N ILE G 196 -9.51 24.33 7.67
CA ILE G 196 -10.00 25.03 8.86
C ILE G 196 -11.52 25.19 8.78
N GLU G 197 -12.21 24.75 9.82
CA GLU G 197 -13.68 24.83 9.86
C GLU G 197 -14.13 25.09 11.29
N PHE G 198 -14.61 26.29 11.55
CA PHE G 198 -15.01 26.68 12.88
C PHE G 198 -16.41 26.18 13.19
N THR G 199 -16.89 26.50 14.38
CA THR G 199 -18.31 26.48 14.68
C THR G 199 -18.78 27.83 15.24
N THR G 200 -17.83 28.62 15.79
CA THR G 200 -18.04 29.88 16.51
C THR G 200 -19.05 29.65 17.62
N PRO G 201 -18.64 29.04 18.74
CA PRO G 201 -19.60 28.55 19.74
C PRO G 201 -20.42 29.66 20.36
N SER G 202 -21.73 29.40 20.47
CA SER G 202 -22.73 30.45 20.50
C SER G 202 -22.73 31.22 21.81
N THR G 203 -22.90 32.54 21.67
CA THR G 203 -23.28 33.47 22.74
C THR G 203 -22.20 33.51 23.82
N TYR G 204 -21.02 33.95 23.40
CA TYR G 204 -19.76 33.74 24.08
C TYR G 204 -19.30 34.96 24.85
N THR G 205 -18.17 34.77 25.54
CA THR G 205 -17.38 35.80 26.21
C THR G 205 -16.15 36.12 25.35
N SER G 206 -15.27 36.95 25.89
CA SER G 206 -14.12 37.39 25.09
C SER G 206 -13.07 36.29 24.98
N GLU G 207 -12.23 36.40 23.95
CA GLU G 207 -11.20 35.43 23.59
C GLU G 207 -11.83 34.05 23.34
N VAL G 208 -12.44 33.94 22.17
CA VAL G 208 -13.56 33.06 21.87
C VAL G 208 -13.11 31.60 21.67
N ILE G 209 -11.83 31.32 21.92
CA ILE G 209 -11.00 30.29 21.26
C ILE G 209 -11.70 28.99 20.89
N GLU G 210 -11.62 28.64 19.61
CA GLU G 210 -12.37 27.51 19.08
C GLU G 210 -11.46 26.78 18.10
N LEU G 211 -11.48 25.47 18.20
CA LEU G 211 -10.44 24.66 17.59
C LEU G 211 -10.64 24.54 16.10
N GLN G 212 -9.52 24.58 15.38
CA GLN G 212 -9.39 24.28 13.96
C GLN G 212 -10.22 25.20 13.07
N ALA H 6 54.36 -8.43 -92.98
CA ALA H 6 53.01 -8.88 -92.63
C ALA H 6 52.34 -7.87 -91.69
N VAL H 7 51.25 -8.29 -91.06
CA VAL H 7 50.50 -7.43 -90.16
C VAL H 7 50.76 -7.99 -88.76
N GLY H 8 51.91 -8.66 -88.59
CA GLY H 8 52.30 -9.16 -87.30
C GLY H 8 52.91 -8.12 -86.37
N ILE H 9 53.19 -6.93 -86.88
CA ILE H 9 53.75 -5.86 -86.06
C ILE H 9 52.64 -5.07 -85.38
N GLY H 10 51.54 -4.82 -86.11
CA GLY H 10 50.46 -4.01 -85.55
C GLY H 10 49.69 -4.69 -84.44
N THR H 11 49.65 -6.02 -84.43
CA THR H 11 49.00 -6.74 -83.34
C THR H 11 49.86 -6.71 -82.08
N LEU H 12 51.17 -6.45 -82.23
CA LEU H 12 52.04 -6.32 -81.06
C LEU H 12 51.97 -4.92 -80.48
N ILE H 13 51.40 -3.97 -81.22
CA ILE H 13 51.28 -2.60 -80.73
C ILE H 13 50.20 -2.51 -79.67
N VAL H 14 49.05 -3.17 -79.91
CA VAL H 14 47.97 -3.20 -78.93
C VAL H 14 48.40 -3.96 -77.67
N PHE H 15 49.24 -4.99 -77.83
CA PHE H 15 49.83 -5.67 -76.68
C PHE H 15 50.71 -4.73 -75.86
N ILE H 16 51.34 -3.75 -76.49
CA ILE H 16 52.03 -2.72 -75.74
C ILE H 16 51.04 -1.69 -75.23
N ALA H 17 50.03 -1.36 -76.02
CA ALA H 17 49.13 -0.26 -75.69
C ALA H 17 48.12 -0.66 -74.62
N MET H 18 47.41 -1.76 -74.82
CA MET H 18 46.28 -2.13 -73.95
C MET H 18 46.74 -2.56 -72.56
N VAL H 19 47.93 -3.13 -72.44
CA VAL H 19 48.51 -3.41 -71.12
C VAL H 19 48.75 -2.10 -70.37
N LEU H 20 49.23 -1.07 -71.06
CA LEU H 20 49.33 0.25 -70.45
C LEU H 20 47.96 0.84 -70.17
N VAL H 21 46.96 0.50 -71.00
CA VAL H 21 45.58 0.85 -70.67
C VAL H 21 45.10 -0.01 -69.51
N ALA H 22 45.50 -1.28 -69.47
CA ALA H 22 45.20 -2.13 -68.32
C ALA H 22 45.95 -1.66 -67.08
N ALA H 23 47.12 -1.06 -67.27
CA ALA H 23 47.83 -0.41 -66.18
C ALA H 23 47.06 0.78 -65.63
N VAL H 24 46.54 1.65 -66.48
CA VAL H 24 45.72 2.75 -66.01
C VAL H 24 44.28 2.33 -65.78
N ALA H 25 43.91 1.10 -66.14
CA ALA H 25 42.70 0.50 -65.59
C ALA H 25 42.95 -0.04 -64.19
N ALA H 26 44.21 -0.11 -63.77
CA ALA H 26 44.56 -0.41 -62.39
C ALA H 26 45.04 0.82 -61.64
N ALA H 27 46.02 1.55 -62.18
CA ALA H 27 46.63 2.68 -61.49
C ALA H 27 45.69 3.88 -61.32
N VAL H 28 44.51 3.85 -61.93
CA VAL H 28 43.44 4.77 -61.57
C VAL H 28 42.41 4.09 -60.67
N LEU H 29 42.09 2.84 -60.95
CA LEU H 29 41.02 2.18 -60.20
C LEU H 29 41.51 1.74 -58.81
N ILE H 30 42.78 1.32 -58.69
CA ILE H 30 43.32 1.00 -57.37
C ILE H 30 43.57 2.28 -56.60
N GLN H 31 44.22 3.26 -57.23
CA GLN H 31 44.73 4.43 -56.54
C GLN H 31 43.60 5.37 -56.10
N THR H 32 42.49 5.42 -56.84
CA THR H 32 41.34 6.17 -56.35
C THR H 32 40.56 5.39 -55.31
N SER H 33 40.57 4.07 -55.42
CA SER H 33 39.93 3.22 -54.43
C SER H 33 40.64 3.42 -53.09
N GLY H 34 41.95 3.60 -53.16
CA GLY H 34 42.79 3.80 -52.00
C GLY H 34 42.39 5.04 -51.22
N TYR H 35 42.01 6.11 -51.92
CA TYR H 35 41.58 7.33 -51.24
C TYR H 35 40.33 7.03 -50.41
N LEU H 36 39.40 6.26 -50.98
CA LEU H 36 38.19 5.88 -50.27
C LEU H 36 38.55 5.02 -49.07
N GLN H 37 39.51 4.12 -49.23
CA GLN H 37 39.94 3.28 -48.13
C GLN H 37 40.49 4.13 -47.01
N GLN H 38 41.30 5.13 -47.35
CA GLN H 38 41.86 5.99 -46.31
C GLN H 38 40.75 6.76 -45.59
N LYS H 39 39.77 7.23 -46.35
CA LYS H 39 38.66 7.98 -45.76
C LYS H 39 37.83 7.10 -44.83
N SER H 40 37.63 5.84 -45.20
CA SER H 40 36.82 4.94 -44.40
C SER H 40 37.33 4.60 -43.01
N GLN H 41 38.63 4.38 -42.84
CA GLN H 41 39.15 3.98 -41.53
C GLN H 41 39.13 5.14 -40.54
N ALA H 42 39.24 6.38 -41.03
CA ALA H 42 39.08 7.53 -40.15
C ALA H 42 37.61 7.80 -39.87
N THR H 43 36.77 7.77 -40.92
CA THR H 43 35.34 7.98 -40.73
C THR H 43 34.60 6.73 -40.26
N GLY H 44 35.32 5.63 -40.03
CA GLY H 44 34.72 4.52 -39.32
C GLY H 44 34.92 4.69 -37.83
N ARG H 45 36.17 4.92 -37.43
CA ARG H 45 36.51 4.96 -36.02
C ARG H 45 35.97 6.21 -35.35
N GLU H 46 36.20 7.38 -35.95
CA GLU H 46 35.75 8.64 -35.35
C GLU H 46 34.24 8.72 -35.26
N THR H 47 33.54 8.12 -36.21
CA THR H 47 32.09 8.04 -36.15
C THR H 47 31.60 6.98 -35.18
N THR H 48 32.47 6.09 -34.71
CA THR H 48 32.15 5.34 -33.51
C THR H 48 32.54 6.14 -32.27
N GLN H 49 33.60 6.95 -32.37
CA GLN H 49 33.95 7.85 -31.27
C GLN H 49 32.95 8.99 -31.16
N GLU H 50 32.27 9.31 -32.27
CA GLU H 50 31.12 10.21 -32.25
C GLU H 50 29.99 9.68 -31.37
N VAL H 51 29.80 8.37 -31.32
CA VAL H 51 28.62 7.80 -30.69
C VAL H 51 28.92 7.13 -29.35
N ALA H 52 30.18 6.76 -29.07
CA ALA H 52 30.46 5.97 -27.88
C ALA H 52 30.73 6.84 -26.66
N SER H 53 31.65 7.79 -26.78
CA SER H 53 32.00 8.63 -25.64
C SER H 53 30.86 9.57 -25.29
N GLY H 54 30.75 9.89 -24.00
CA GLY H 54 29.65 10.72 -23.56
C GLY H 54 29.77 11.23 -22.14
N ILE H 55 29.24 12.42 -21.92
CA ILE H 55 29.29 13.11 -20.63
C ILE H 55 27.91 13.05 -20.01
N LYS H 56 27.83 12.62 -18.76
CA LYS H 56 26.58 12.63 -18.02
C LYS H 56 26.73 13.46 -16.74
N VAL H 57 25.64 14.14 -16.37
CA VAL H 57 25.61 15.12 -15.29
C VAL H 57 24.94 14.49 -14.09
N LEU H 58 25.61 14.50 -12.95
CA LEU H 58 25.04 13.99 -11.72
C LEU H 58 25.30 14.94 -10.57
N SER H 59 24.24 15.29 -9.84
CA SER H 59 24.28 15.91 -8.51
C SER H 59 25.03 17.24 -8.51
N VAL H 60 24.40 18.22 -9.14
CA VAL H 60 24.89 19.59 -9.10
C VAL H 60 24.55 20.20 -7.75
N VAL H 61 25.45 21.00 -7.21
CA VAL H 61 25.27 21.59 -5.88
C VAL H 61 25.14 23.11 -6.02
N GLY H 62 24.53 23.74 -5.01
CA GLY H 62 24.11 25.12 -5.16
C GLY H 62 24.96 26.28 -4.67
N LYS H 63 25.27 26.33 -3.37
CA LYS H 63 25.99 27.43 -2.71
C LYS H 63 25.30 28.79 -2.88
N THR H 64 24.22 29.04 -2.15
CA THR H 64 23.69 30.39 -2.16
C THR H 64 24.50 31.31 -1.26
N ASP H 65 24.09 32.57 -1.23
CA ASP H 65 24.72 33.59 -0.41
C ASP H 65 24.31 33.40 1.04
N SER H 66 25.12 33.89 1.98
CA SER H 66 24.79 33.84 3.40
C SER H 66 23.65 34.77 3.77
N ASN H 67 23.32 35.71 2.90
CA ASN H 67 22.01 36.38 2.90
C ASN H 67 21.28 35.68 1.75
N LYS H 68 20.36 34.76 2.10
CA LYS H 68 19.88 33.63 1.31
C LYS H 68 19.51 33.89 -0.14
N THR H 69 19.21 35.13 -0.48
CA THR H 69 18.82 35.56 -1.81
C THR H 69 19.94 35.31 -2.83
N TYR H 70 19.54 34.94 -4.06
CA TYR H 70 20.38 35.01 -5.27
C TYR H 70 21.59 34.08 -5.19
N VAL H 71 21.31 32.77 -5.28
CA VAL H 71 22.34 31.73 -5.30
C VAL H 71 23.40 31.93 -6.39
N GLU H 72 24.67 32.04 -5.98
CA GLU H 72 25.69 32.55 -6.88
C GLU H 72 26.69 31.52 -7.38
N LYS H 73 27.33 30.72 -6.52
CA LYS H 73 28.47 29.91 -6.94
C LYS H 73 28.01 28.47 -7.19
N LEU H 74 27.52 28.22 -8.39
CA LEU H 74 27.08 26.88 -8.78
C LEU H 74 28.30 26.01 -9.05
N ALA H 75 28.11 24.70 -8.91
CA ALA H 75 29.17 23.74 -9.20
C ALA H 75 28.55 22.45 -9.71
N ILE H 76 28.80 22.13 -10.97
CA ILE H 76 28.25 20.94 -11.62
C ILE H 76 29.28 19.82 -11.56
N TYR H 77 28.87 18.66 -11.02
CA TYR H 77 29.74 17.48 -10.97
C TYR H 77 29.51 16.69 -12.24
N ILE H 78 30.59 16.32 -12.92
CA ILE H 78 30.48 15.62 -14.20
C ILE H 78 31.39 14.41 -14.22
N SER H 79 30.81 13.27 -14.60
CA SER H 79 31.53 12.05 -14.89
C SER H 79 31.22 11.60 -16.31
N PRO H 80 32.21 11.19 -17.07
CA PRO H 80 31.98 10.69 -18.43
C PRO H 80 31.44 9.27 -18.38
N ASN H 81 30.91 8.83 -19.52
CA ASN H 81 30.30 7.51 -19.61
C ASN H 81 31.37 6.43 -19.64
N ALA H 82 30.92 5.17 -19.74
CA ALA H 82 31.82 4.04 -19.59
C ALA H 82 32.74 3.91 -20.80
N GLY H 83 32.17 3.75 -21.98
CA GLY H 83 32.99 3.62 -23.16
C GLY H 83 33.38 4.98 -23.70
N SER H 84 34.59 5.43 -23.41
CA SER H 84 35.05 6.71 -23.89
C SER H 84 36.54 6.70 -24.17
N GLU H 85 36.91 7.25 -25.32
CA GLU H 85 38.31 7.52 -25.62
C GLU H 85 38.61 9.01 -25.46
N GLY H 86 38.67 9.46 -24.20
CA GLY H 86 39.23 10.75 -23.90
C GLY H 86 38.49 12.02 -24.29
N ILE H 87 37.41 12.38 -23.61
CA ILE H 87 36.84 13.71 -23.82
C ILE H 87 37.81 14.75 -23.29
N ASP H 88 38.41 15.51 -24.20
CA ASP H 88 39.20 16.67 -23.83
C ASP H 88 38.24 17.75 -23.32
N LEU H 89 38.74 18.61 -22.45
CA LEU H 89 37.87 19.64 -21.88
C LEU H 89 38.30 21.06 -22.22
N ASN H 90 39.43 21.26 -22.90
CA ASN H 90 39.67 22.54 -23.53
C ASN H 90 38.70 22.75 -24.68
N ASN H 91 38.34 21.66 -25.37
CA ASN H 91 37.30 21.69 -26.40
C ASN H 91 36.01 21.17 -25.77
N THR H 92 35.47 21.95 -24.85
CA THR H 92 34.21 21.61 -24.20
C THR H 92 33.50 22.89 -23.79
N ARG H 93 32.26 23.04 -24.20
CA ARG H 93 31.49 24.24 -23.92
C ARG H 93 30.32 23.89 -23.01
N VAL H 94 30.34 24.47 -21.81
CA VAL H 94 29.32 24.17 -20.81
C VAL H 94 28.19 25.16 -21.00
N VAL H 95 27.24 24.83 -21.87
CA VAL H 95 26.19 25.75 -22.27
C VAL H 95 25.09 25.65 -21.22
N LEU H 96 24.78 26.76 -20.57
CA LEU H 96 23.60 26.87 -19.71
C LEU H 96 22.82 28.12 -20.10
N SER H 97 21.51 27.96 -20.24
CA SER H 97 20.62 29.05 -20.58
C SER H 97 20.18 29.79 -19.32
N ASN H 98 19.12 30.57 -19.43
CA ASN H 98 18.44 31.12 -18.26
C ASN H 98 16.96 31.05 -18.60
N GLY H 99 16.12 31.76 -17.86
CA GLY H 99 14.83 32.11 -18.43
C GLY H 99 14.92 33.19 -19.47
N THR H 100 16.02 33.95 -19.50
CA THR H 100 16.15 35.04 -20.45
C THR H 100 17.34 34.91 -21.38
N VAL H 101 18.56 34.76 -20.86
CA VAL H 101 19.78 34.95 -21.63
C VAL H 101 20.61 33.67 -21.61
N GLN H 102 20.90 33.13 -22.80
CA GLN H 102 21.79 32.00 -22.98
C GLN H 102 23.21 32.32 -22.54
N ALA H 103 24.03 31.28 -22.45
CA ALA H 103 25.46 31.47 -22.20
C ALA H 103 26.22 30.25 -22.72
N VAL H 104 27.39 30.50 -23.27
CA VAL H 104 28.36 29.44 -23.54
C VAL H 104 29.57 29.70 -22.65
N LEU H 105 30.24 28.63 -22.25
CA LEU H 105 31.28 28.70 -21.24
C LEU H 105 32.54 28.02 -21.78
N LYS H 106 33.59 28.80 -22.02
CA LYS H 106 34.84 28.31 -22.55
C LYS H 106 35.77 27.93 -21.39
N TYR H 107 36.67 26.98 -21.65
CA TYR H 107 37.56 26.48 -20.63
C TYR H 107 38.56 27.54 -20.18
N GLU H 108 38.85 27.53 -18.88
CA GLU H 108 39.78 28.46 -18.26
C GLU H 108 40.93 27.68 -17.65
N LYS H 109 42.15 28.20 -17.82
CA LYS H 109 43.32 27.63 -17.20
C LYS H 109 43.44 28.11 -15.75
N THR H 110 44.35 27.46 -15.01
CA THR H 110 44.72 27.80 -13.63
C THR H 110 43.53 27.82 -12.68
N ALA H 111 42.85 26.67 -12.55
CA ALA H 111 41.84 26.51 -11.50
C ALA H 111 41.78 25.03 -11.13
N TYR H 112 42.59 24.62 -10.15
CA TYR H 112 42.59 23.22 -9.74
C TYR H 112 42.14 23.00 -8.30
N HIS H 113 42.87 23.49 -7.30
CA HIS H 113 42.57 23.36 -5.87
C HIS H 113 42.23 21.92 -5.48
N LYS H 114 43.12 21.01 -5.85
CA LYS H 114 42.81 19.58 -5.83
C LYS H 114 43.30 18.85 -4.59
N GLY H 115 43.86 19.54 -3.61
CA GLY H 115 44.32 18.88 -2.40
C GLY H 115 43.70 19.39 -1.11
N ALA H 116 43.29 20.65 -1.10
CA ALA H 116 42.65 21.28 0.05
C ALA H 116 41.14 21.33 -0.13
N VAL H 117 40.57 20.27 -0.70
CA VAL H 117 39.25 20.26 -1.32
C VAL H 117 38.18 19.95 -0.26
N GLY H 118 38.56 19.96 1.01
CA GLY H 118 37.63 19.70 2.10
C GLY H 118 36.50 20.70 2.24
N ASP H 119 36.75 21.96 1.91
CA ASP H 119 35.71 22.96 1.74
C ASP H 119 35.73 23.34 0.27
N VAL H 120 34.73 22.88 -0.49
CA VAL H 120 34.75 23.03 -1.94
C VAL H 120 34.58 24.50 -2.33
N PHE H 121 33.91 25.27 -1.47
CA PHE H 121 33.46 26.60 -1.82
C PHE H 121 34.20 27.70 -1.06
N ASN H 122 35.48 27.48 -0.75
CA ASN H 122 36.29 28.54 -0.17
C ASN H 122 36.93 29.34 -1.30
N ALA H 123 37.26 30.60 -1.02
CA ALA H 123 37.78 31.52 -2.03
C ALA H 123 39.22 31.21 -2.41
N SER H 124 39.43 30.06 -3.06
CA SER H 124 40.75 29.55 -3.34
C SER H 124 41.28 30.13 -4.65
N THR H 125 42.36 29.53 -5.16
CA THR H 125 42.88 29.89 -6.47
C THR H 125 41.95 29.47 -7.61
N ALA H 126 41.06 28.52 -7.35
CA ALA H 126 40.22 27.94 -8.39
C ALA H 126 38.88 28.64 -8.55
N TRP H 127 38.83 29.94 -8.30
CA TRP H 127 37.65 30.76 -8.56
C TRP H 127 38.00 32.09 -9.19
N ASN H 128 39.27 32.39 -9.37
CA ASN H 128 39.69 33.65 -9.99
C ASN H 128 39.41 33.52 -11.49
N LEU H 129 38.21 33.90 -11.89
CA LEU H 129 37.75 33.68 -13.25
C LEU H 129 36.77 34.78 -13.64
N SER H 130 36.21 34.64 -14.84
CA SER H 130 35.44 35.72 -15.45
C SER H 130 34.07 35.23 -15.89
N ASN H 131 33.39 36.02 -16.75
CA ASN H 131 32.02 35.77 -17.13
C ASN H 131 31.85 34.44 -17.86
N THR H 132 32.59 34.25 -18.95
CA THR H 132 32.39 33.11 -19.84
C THR H 132 33.41 32.00 -19.59
N ASN H 133 33.78 31.75 -18.33
CA ASN H 133 34.75 30.73 -17.99
C ASN H 133 34.21 29.82 -16.90
N PHE H 134 34.88 28.69 -16.71
CA PHE H 134 34.51 27.77 -15.64
C PHE H 134 35.75 27.14 -15.03
N GLY H 135 35.66 26.85 -13.73
CA GLY H 135 36.72 26.16 -13.03
C GLY H 135 36.58 24.65 -13.19
N ILE H 136 37.71 23.97 -13.02
CA ILE H 136 37.82 22.55 -13.39
C ILE H 136 38.35 21.73 -12.21
N ILE H 137 37.86 22.05 -10.99
CA ILE H 137 38.38 21.41 -9.78
C ILE H 137 38.08 19.92 -9.82
N VAL H 138 39.06 19.12 -9.41
CA VAL H 138 39.11 17.71 -9.80
C VAL H 138 39.16 16.85 -8.54
N LEU H 139 38.72 15.61 -8.67
CA LEU H 139 38.75 14.61 -7.63
C LEU H 139 38.66 13.24 -8.28
N GLN H 140 39.28 12.24 -7.64
CA GLN H 140 39.41 10.87 -8.13
C GLN H 140 40.07 10.83 -9.51
N ASP H 141 41.36 11.21 -9.53
CA ASP H 141 42.18 11.08 -10.73
C ASP H 141 42.88 9.72 -10.73
N ALA H 142 42.59 8.93 -11.75
CA ALA H 142 43.07 7.54 -11.78
C ALA H 142 44.54 7.47 -12.17
N ASP H 143 44.86 7.87 -13.40
CA ASP H 143 46.22 7.81 -13.93
C ASP H 143 46.83 9.21 -14.03
N ASN H 144 46.41 10.09 -13.12
CA ASN H 144 46.70 11.53 -13.16
C ASN H 144 46.29 12.12 -14.51
N SER H 145 45.08 11.78 -14.95
CA SER H 145 44.63 12.13 -16.28
C SER H 145 44.18 13.57 -16.42
N VAL H 146 44.14 14.32 -15.32
CA VAL H 146 43.76 15.73 -15.36
C VAL H 146 44.93 16.59 -14.88
N ASP H 147 45.68 17.16 -15.80
CA ASP H 147 46.75 18.08 -15.49
C ASP H 147 46.60 19.37 -16.29
N GLN H 148 47.57 20.27 -16.09
CA GLN H 148 47.53 21.59 -16.70
C GLN H 148 47.63 21.48 -18.22
N ASN H 149 46.86 22.30 -18.91
CA ASN H 149 46.80 22.47 -20.36
C ASN H 149 46.21 21.26 -21.10
N TYR H 150 45.92 20.17 -20.39
CA TYR H 150 45.36 18.96 -20.99
C TYR H 150 44.40 18.28 -20.02
N PRO H 151 43.17 18.80 -19.88
CA PRO H 151 42.17 18.03 -19.13
C PRO H 151 41.59 16.93 -19.98
N THR H 152 41.96 15.68 -19.72
CA THR H 152 41.41 14.54 -20.44
C THR H 152 40.64 13.68 -19.44
N LEU H 153 39.52 13.13 -19.88
CA LEU H 153 38.71 12.29 -19.01
C LEU H 153 38.62 10.87 -19.53
N ASN H 154 38.72 9.93 -18.60
CA ASN H 154 38.74 8.50 -18.90
C ASN H 154 37.70 7.80 -18.03
N LYS H 155 37.73 6.47 -17.98
CA LYS H 155 36.73 5.73 -17.24
C LYS H 155 36.83 5.97 -15.73
N GLY H 156 35.73 6.40 -15.15
CA GLY H 156 35.66 6.64 -13.72
C GLY H 156 36.49 7.80 -13.23
N ASP H 157 36.12 9.03 -13.60
CA ASP H 157 36.83 10.22 -13.15
C ASP H 157 35.79 11.31 -12.96
N ILE H 158 35.51 11.65 -11.71
CA ILE H 158 34.47 12.61 -11.37
C ILE H 158 35.10 13.98 -11.30
N VAL H 159 35.02 14.74 -12.39
CA VAL H 159 35.51 16.11 -12.39
C VAL H 159 34.36 16.99 -11.96
N VAL H 160 34.69 18.12 -11.35
CA VAL H 160 33.69 19.11 -10.96
C VAL H 160 33.96 20.36 -11.76
N ILE H 161 33.21 20.52 -12.85
CA ILE H 161 33.20 21.78 -13.58
C ILE H 161 32.61 22.84 -12.66
N THR H 162 33.38 23.89 -12.44
CA THR H 162 33.01 24.91 -11.46
C THR H 162 32.62 26.19 -12.18
N VAL H 163 31.33 26.46 -12.25
CA VAL H 163 30.83 27.60 -13.02
C VAL H 163 30.40 28.67 -12.03
N LYS H 164 31.18 29.74 -11.94
CA LYS H 164 30.77 30.87 -11.14
C LYS H 164 29.74 31.69 -11.91
N VAL H 165 28.64 32.00 -11.25
CA VAL H 165 27.48 32.60 -11.89
C VAL H 165 27.18 33.99 -11.34
N GLY H 166 26.91 34.08 -10.05
CA GLY H 166 26.14 35.19 -9.53
C GLY H 166 26.76 36.48 -9.07
N GLU H 167 27.64 36.44 -8.07
CA GLU H 167 27.95 37.63 -7.31
C GLU H 167 28.91 38.54 -8.07
N GLY H 168 28.64 39.84 -8.05
CA GLY H 168 29.38 40.82 -8.82
C GLY H 168 29.18 40.62 -10.31
N ASN H 169 30.22 40.14 -10.97
CA ASN H 169 30.09 39.71 -12.36
C ASN H 169 30.28 38.20 -12.47
N GLY H 170 29.77 37.65 -13.57
CA GLY H 170 29.83 36.22 -13.78
C GLY H 170 29.04 35.85 -15.00
N VAL H 171 28.44 34.66 -14.96
CA VAL H 171 27.59 34.24 -16.06
C VAL H 171 26.33 35.10 -16.11
N PHE H 172 25.72 35.33 -14.96
CA PHE H 172 24.54 36.16 -14.86
C PHE H 172 24.85 37.36 -13.98
N GLY H 173 24.07 38.43 -14.14
CA GLY H 173 24.09 39.50 -13.16
C GLY H 173 23.22 39.08 -11.98
N LYS H 174 23.81 39.00 -10.79
CA LYS H 174 23.22 38.59 -9.51
C LYS H 174 22.84 37.10 -9.47
N GLY H 175 23.01 36.36 -10.57
CA GLY H 175 22.76 34.92 -10.61
C GLY H 175 21.30 34.52 -10.61
N ILE H 176 21.11 33.21 -10.69
CA ILE H 176 19.79 32.58 -10.67
C ILE H 176 19.05 32.89 -9.37
N PRO H 177 17.80 33.32 -9.46
CA PRO H 177 17.02 33.61 -8.26
C PRO H 177 16.33 32.34 -7.78
N PRO H 178 15.61 32.38 -6.66
CA PRO H 178 14.63 31.33 -6.38
C PRO H 178 13.55 31.29 -7.45
N ARG H 179 13.00 30.08 -7.64
CA ARG H 179 11.87 29.81 -8.52
C ARG H 179 12.17 30.21 -9.97
N THR H 180 13.12 29.49 -10.56
CA THR H 180 13.45 29.70 -11.97
C THR H 180 13.78 28.36 -12.60
N LYS H 181 13.68 28.31 -13.92
CA LYS H 181 14.15 27.17 -14.67
C LYS H 181 15.46 27.53 -15.35
N ILE H 182 16.53 26.86 -14.93
CA ILE H 182 17.88 27.06 -15.41
C ILE H 182 18.35 25.77 -16.05
N THR H 183 18.66 25.85 -17.34
CA THR H 183 18.64 24.73 -18.26
C THR H 183 19.85 24.81 -19.17
N GLY H 184 20.41 23.66 -19.52
CA GLY H 184 21.46 23.67 -20.51
C GLY H 184 21.89 22.29 -20.93
N LYS H 185 22.95 22.27 -21.73
CA LYS H 185 23.55 21.02 -22.18
C LYS H 185 25.06 21.19 -22.15
N VAL H 186 25.74 20.12 -21.77
CA VAL H 186 27.19 20.12 -21.67
C VAL H 186 27.70 19.33 -22.88
N ILE H 187 28.10 20.03 -23.92
CA ILE H 187 28.52 19.40 -25.17
C ILE H 187 30.01 19.03 -25.06
N PRO H 188 30.39 17.81 -25.40
CA PRO H 188 31.81 17.48 -25.47
C PRO H 188 32.42 17.88 -26.80
N GLU H 189 33.68 17.51 -27.03
CA GLU H 189 34.27 17.69 -28.35
C GLU H 189 33.57 16.81 -29.39
N PHE H 190 33.68 15.50 -29.24
CA PHE H 190 32.99 14.56 -30.11
C PHE H 190 32.19 13.52 -29.35
N GLY H 191 31.83 13.79 -28.11
CA GLY H 191 31.03 12.88 -27.33
C GLY H 191 29.54 13.12 -27.50
N ALA H 192 28.79 12.57 -26.58
CA ALA H 192 27.34 12.79 -26.60
C ALA H 192 26.99 13.91 -25.63
N PRO H 193 26.04 14.77 -25.98
CA PRO H 193 25.67 15.88 -25.08
C PRO H 193 24.85 15.38 -23.89
N GLY H 194 25.33 15.70 -22.68
CA GLY H 194 24.57 15.43 -21.48
C GLY H 194 23.90 16.70 -20.99
N VAL H 195 22.66 16.56 -20.57
CA VAL H 195 21.78 17.70 -20.42
C VAL H 195 21.69 18.07 -18.94
N ILE H 196 21.19 19.27 -18.67
CA ILE H 196 21.00 19.72 -17.29
C ILE H 196 19.77 20.62 -17.20
N GLU H 197 18.90 20.33 -16.23
CA GLU H 197 17.70 21.13 -16.00
C GLU H 197 17.41 21.17 -14.51
N PHE H 198 17.53 22.35 -13.91
CA PHE H 198 17.22 22.53 -12.51
C PHE H 198 15.75 22.88 -12.35
N THR H 199 15.32 23.03 -11.10
CA THR H 199 14.07 23.71 -10.80
C THR H 199 14.29 24.84 -9.80
N THR H 200 15.43 24.81 -9.07
CA THR H 200 15.87 25.77 -8.06
C THR H 200 14.79 25.96 -7.01
N PRO H 201 14.67 25.03 -6.05
CA PRO H 201 13.49 24.99 -5.16
C PRO H 201 13.31 26.26 -4.34
N SER H 202 12.13 26.84 -4.47
CA SER H 202 11.91 28.24 -4.13
C SER H 202 11.87 28.46 -2.64
N THR H 203 12.31 29.66 -2.24
CA THR H 203 12.26 30.20 -0.87
C THR H 203 13.02 29.26 0.08
N TYR H 204 14.33 29.22 -0.15
CA TYR H 204 15.19 28.15 0.30
C TYR H 204 16.15 28.58 1.40
N THR H 205 16.91 27.61 1.87
CA THR H 205 18.00 27.77 2.81
C THR H 205 19.32 27.50 2.11
N SER H 206 20.41 27.49 2.87
CA SER H 206 21.74 27.54 2.27
C SER H 206 22.16 26.18 1.72
N GLU H 207 23.00 26.25 0.66
CA GLU H 207 23.57 25.08 -0.05
C GLU H 207 22.45 24.20 -0.62
N VAL H 208 21.91 24.65 -1.74
CA VAL H 208 20.53 24.44 -2.15
C VAL H 208 20.39 23.17 -2.99
N ILE H 209 21.33 22.23 -2.84
CA ILE H 209 21.65 21.10 -3.74
C ILE H 209 20.47 20.40 -4.40
N GLU H 210 20.49 20.32 -5.74
CA GLU H 210 19.36 19.80 -6.48
C GLU H 210 19.87 19.04 -7.71
N LEU H 211 19.17 17.98 -8.05
CA LEU H 211 19.72 16.95 -8.92
C LEU H 211 19.63 17.36 -10.39
N GLN H 212 20.63 16.89 -11.15
CA GLN H 212 20.82 17.10 -12.59
C GLN H 212 20.73 18.57 -13.00
N ALA I 6 24.92 -4.15 -58.83
CA ALA I 6 25.73 -3.31 -57.96
C ALA I 6 25.09 -3.16 -56.59
N VAL I 7 25.90 -2.81 -55.59
CA VAL I 7 25.45 -2.71 -54.21
C VAL I 7 24.68 -1.39 -54.06
N GLY I 8 24.90 -0.47 -55.00
CA GLY I 8 24.14 0.76 -55.08
C GLY I 8 22.66 0.60 -55.37
N ILE I 9 22.20 -0.60 -55.72
CA ILE I 9 20.78 -0.83 -55.89
C ILE I 9 20.21 -1.56 -54.68
N GLY I 10 20.88 -2.63 -54.26
CA GLY I 10 20.27 -3.58 -53.32
C GLY I 10 20.07 -3.05 -51.91
N THR I 11 20.74 -1.96 -51.55
CA THR I 11 20.51 -1.38 -50.24
C THR I 11 19.18 -0.64 -50.18
N LEU I 12 18.68 -0.20 -51.33
CA LEU I 12 17.40 0.51 -51.38
C LEU I 12 16.23 -0.46 -51.31
N ILE I 13 16.40 -1.66 -51.84
CA ILE I 13 15.29 -2.59 -51.94
C ILE I 13 15.04 -3.26 -50.59
N VAL I 14 16.11 -3.53 -49.84
CA VAL I 14 15.96 -3.93 -48.43
C VAL I 14 15.38 -2.76 -47.62
N PHE I 15 15.78 -1.53 -47.96
CA PHE I 15 15.20 -0.34 -47.34
C PHE I 15 13.71 -0.20 -47.67
N ILE I 16 13.29 -0.58 -48.87
CA ILE I 16 11.85 -0.66 -49.11
C ILE I 16 11.26 -1.84 -48.36
N ALA I 17 12.03 -2.93 -48.21
CA ALA I 17 11.51 -4.12 -47.56
C ALA I 17 11.38 -3.95 -46.06
N MET I 18 12.46 -3.54 -45.40
CA MET I 18 12.50 -3.52 -43.93
C MET I 18 11.59 -2.45 -43.34
N VAL I 19 11.43 -1.32 -44.03
CA VAL I 19 10.58 -0.25 -43.51
C VAL I 19 9.11 -0.66 -43.55
N LEU I 20 8.71 -1.41 -44.58
CA LEU I 20 7.35 -1.96 -44.61
C LEU I 20 7.15 -3.01 -43.52
N VAL I 21 8.22 -3.66 -43.07
CA VAL I 21 8.15 -4.47 -41.87
C VAL I 21 8.13 -3.58 -40.64
N ALA I 22 8.91 -2.49 -40.65
CA ALA I 22 8.88 -1.53 -39.55
C ALA I 22 7.53 -0.82 -39.47
N ALA I 23 6.87 -0.64 -40.61
CA ALA I 23 5.52 -0.07 -40.61
C ALA I 23 4.48 -1.05 -40.06
N VAL I 24 4.75 -2.35 -40.09
CA VAL I 24 3.81 -3.33 -39.54
C VAL I 24 4.32 -3.99 -38.27
N ALA I 25 5.61 -3.87 -37.95
CA ALA I 25 6.02 -4.11 -36.58
C ALA I 25 5.50 -3.02 -35.66
N ALA I 26 5.29 -1.82 -36.19
CA ALA I 26 4.62 -0.76 -35.47
C ALA I 26 3.12 -0.89 -35.45
N ALA I 27 2.51 -1.32 -36.57
CA ALA I 27 1.07 -1.42 -36.68
C ALA I 27 0.48 -2.50 -35.77
N VAL I 28 1.25 -3.50 -35.40
CA VAL I 28 0.84 -4.46 -34.39
C VAL I 28 1.02 -3.91 -32.99
N LEU I 29 2.22 -3.39 -32.72
CA LEU I 29 2.61 -2.92 -31.39
C LEU I 29 1.84 -1.67 -30.99
N ILE I 30 1.21 -0.98 -31.94
CA ILE I 30 0.21 0.03 -31.60
C ILE I 30 -1.15 -0.64 -31.35
N GLN I 31 -1.65 -1.43 -32.29
CA GLN I 31 -3.01 -1.98 -32.14
C GLN I 31 -3.25 -2.85 -30.92
N THR I 32 -2.31 -3.73 -30.60
CA THR I 32 -2.44 -4.58 -29.42
C THR I 32 -2.47 -3.76 -28.14
N SER I 33 -1.63 -2.73 -28.10
CA SER I 33 -1.56 -1.82 -26.96
C SER I 33 -2.88 -1.10 -26.79
N GLY I 34 -3.45 -0.68 -27.91
CA GLY I 34 -4.74 0.01 -27.90
C GLY I 34 -5.81 -0.91 -27.37
N TYR I 35 -5.78 -2.18 -27.79
CA TYR I 35 -6.77 -3.13 -27.31
C TYR I 35 -6.64 -3.29 -25.81
N LEU I 36 -5.41 -3.38 -25.31
CA LEU I 36 -5.25 -3.51 -23.87
C LEU I 36 -5.80 -2.29 -23.14
N GLN I 37 -5.53 -1.11 -23.68
CA GLN I 37 -6.04 0.10 -23.06
C GLN I 37 -7.56 0.09 -23.01
N GLN I 38 -8.20 -0.29 -24.11
CA GLN I 38 -9.66 -0.29 -24.10
C GLN I 38 -10.20 -1.31 -23.09
N LYS I 39 -9.58 -2.50 -23.03
CA LYS I 39 -10.06 -3.50 -22.10
C LYS I 39 -9.92 -3.00 -20.68
N SER I 40 -8.80 -2.38 -20.36
CA SER I 40 -8.59 -1.89 -19.01
C SER I 40 -9.59 -0.81 -18.64
N GLN I 41 -9.92 0.07 -19.57
CA GLN I 41 -10.83 1.16 -19.21
C GLN I 41 -12.23 0.70 -18.80
N ALA I 42 -12.76 -0.28 -19.52
CA ALA I 42 -14.08 -0.86 -19.24
C ALA I 42 -14.08 -1.61 -17.91
N THR I 43 -12.91 -2.06 -17.47
CA THR I 43 -12.78 -2.65 -16.14
C THR I 43 -12.32 -1.66 -15.09
N GLY I 44 -11.60 -0.60 -15.50
CA GLY I 44 -11.05 0.36 -14.57
C GLY I 44 -12.11 1.09 -13.78
N ARG I 45 -13.28 1.28 -14.39
CA ARG I 45 -14.39 1.89 -13.69
C ARG I 45 -15.18 0.85 -12.90
N GLU I 46 -15.38 -0.33 -13.48
CA GLU I 46 -16.28 -1.32 -12.89
C GLU I 46 -15.72 -1.93 -11.62
N THR I 47 -14.39 -1.97 -11.47
CA THR I 47 -13.81 -2.47 -10.24
C THR I 47 -14.03 -1.53 -9.05
N THR I 48 -14.40 -0.28 -9.30
CA THR I 48 -14.98 0.54 -8.24
C THR I 48 -16.46 0.22 -8.09
N GLN I 49 -17.16 0.03 -9.21
CA GLN I 49 -18.60 -0.12 -9.18
C GLN I 49 -19.03 -1.46 -8.59
N GLU I 50 -18.18 -2.48 -8.72
CA GLU I 50 -18.46 -3.77 -8.13
C GLU I 50 -18.38 -3.74 -6.61
N VAL I 51 -17.54 -2.89 -6.04
CA VAL I 51 -17.28 -2.93 -4.61
C VAL I 51 -17.85 -1.74 -3.86
N ALA I 52 -18.11 -0.61 -4.52
CA ALA I 52 -18.62 0.55 -3.79
C ALA I 52 -20.11 0.41 -3.54
N SER I 53 -20.89 0.18 -4.60
CA SER I 53 -22.34 0.10 -4.48
C SER I 53 -22.76 -1.13 -3.69
N GLY I 54 -23.87 -1.01 -2.97
CA GLY I 54 -24.31 -2.09 -2.14
C GLY I 54 -25.58 -1.79 -1.36
N ILE I 55 -26.31 -2.85 -1.02
CA ILE I 55 -27.62 -2.75 -0.40
C ILE I 55 -27.49 -3.09 1.08
N LYS I 56 -27.95 -2.18 1.94
CA LYS I 56 -28.01 -2.44 3.37
C LYS I 56 -29.47 -2.48 3.82
N VAL I 57 -29.71 -3.24 4.89
CA VAL I 57 -31.05 -3.66 5.29
C VAL I 57 -31.30 -3.16 6.70
N LEU I 58 -32.35 -2.37 6.87
CA LEU I 58 -32.68 -1.79 8.16
C LEU I 58 -34.11 -2.10 8.55
N SER I 59 -34.29 -2.67 9.75
CA SER I 59 -35.57 -2.75 10.48
C SER I 59 -36.66 -3.48 9.68
N VAL I 60 -36.44 -4.77 9.50
CA VAL I 60 -37.42 -5.63 8.85
C VAL I 60 -38.60 -5.83 9.81
N VAL I 61 -39.79 -6.01 9.26
CA VAL I 61 -41.00 -6.10 10.08
C VAL I 61 -41.83 -7.32 9.67
N GLY I 62 -42.66 -7.78 10.62
CA GLY I 62 -43.28 -9.09 10.51
C GLY I 62 -44.69 -9.27 9.95
N LYS I 63 -45.71 -8.63 10.57
CA LYS I 63 -47.13 -8.83 10.26
C LYS I 63 -47.59 -10.28 10.40
N THR I 64 -47.76 -10.75 11.63
CA THR I 64 -48.21 -12.12 11.79
C THR I 64 -49.71 -12.26 11.51
N ASP I 65 -50.17 -13.51 11.56
CA ASP I 65 -51.58 -13.87 11.44
C ASP I 65 -52.34 -13.35 12.65
N SER I 66 -53.66 -13.18 12.51
CA SER I 66 -54.49 -12.67 13.61
C SER I 66 -54.56 -13.64 14.78
N ASN I 67 -54.35 -14.94 14.55
CA ASN I 67 -54.01 -15.88 15.61
C ASN I 67 -52.50 -15.99 15.54
N LYS I 68 -51.83 -15.35 16.49
CA LYS I 68 -50.50 -14.73 16.35
C LYS I 68 -49.36 -15.63 15.87
N THR I 69 -49.53 -16.94 15.90
CA THR I 69 -48.46 -17.85 15.48
C THR I 69 -48.34 -17.83 13.96
N TYR I 70 -47.17 -18.22 13.44
CA TYR I 70 -46.88 -18.41 12.02
C TYR I 70 -46.99 -17.11 11.22
N VAL I 71 -46.07 -16.19 11.50
CA VAL I 71 -45.99 -14.90 10.80
C VAL I 71 -45.77 -15.08 9.30
N GLU I 72 -46.56 -14.37 8.48
CA GLU I 72 -46.62 -14.70 7.06
C GLU I 72 -46.31 -13.55 6.11
N LYS I 73 -46.53 -12.30 6.49
CA LYS I 73 -46.48 -11.19 5.52
C LYS I 73 -45.31 -10.24 5.81
N LEU I 74 -44.13 -10.59 5.33
CA LEU I 74 -42.89 -9.89 5.68
C LEU I 74 -42.66 -8.68 4.78
N ALA I 75 -41.93 -7.71 5.31
CA ALA I 75 -41.50 -6.54 4.55
C ALA I 75 -40.12 -6.13 5.02
N ILE I 76 -39.16 -6.12 4.09
CA ILE I 76 -37.77 -5.79 4.36
C ILE I 76 -37.46 -4.43 3.75
N TYR I 77 -37.13 -3.46 4.59
CA TYR I 77 -36.81 -2.11 4.13
C TYR I 77 -35.40 -2.12 3.58
N ILE I 78 -35.18 -1.38 2.48
CA ILE I 78 -33.89 -1.35 1.82
C ILE I 78 -33.58 0.07 1.34
N SER I 79 -32.39 0.55 1.66
CA SER I 79 -31.77 1.73 1.09
C SER I 79 -30.33 1.40 0.73
N PRO I 80 -29.89 1.74 -0.47
CA PRO I 80 -28.52 1.43 -0.89
C PRO I 80 -27.52 2.33 -0.18
N ASN I 81 -26.26 1.96 -0.29
CA ASN I 81 -25.18 2.60 0.46
C ASN I 81 -24.91 4.01 -0.06
N ALA I 82 -23.98 4.70 0.58
CA ALA I 82 -23.65 6.07 0.20
C ALA I 82 -22.96 6.11 -1.15
N GLY I 83 -21.82 5.43 -1.28
CA GLY I 83 -21.20 5.31 -2.57
C GLY I 83 -21.87 4.25 -3.39
N SER I 84 -22.65 4.65 -4.39
CA SER I 84 -23.37 3.69 -5.20
C SER I 84 -23.70 4.26 -6.57
N GLU I 85 -23.34 3.52 -7.61
CA GLU I 85 -23.79 3.85 -8.95
C GLU I 85 -24.90 2.88 -9.39
N GLY I 86 -26.09 3.09 -8.84
CA GLY I 86 -27.29 2.53 -9.41
C GLY I 86 -27.51 1.03 -9.34
N ILE I 87 -27.84 0.49 -8.17
CA ILE I 87 -28.31 -0.89 -8.09
C ILE I 87 -29.60 -1.04 -8.87
N ASP I 88 -29.62 -1.96 -9.83
CA ASP I 88 -30.83 -2.41 -10.47
C ASP I 88 -31.53 -3.43 -9.59
N LEU I 89 -32.85 -3.34 -9.51
CA LEU I 89 -33.62 -4.37 -8.82
C LEU I 89 -34.43 -5.25 -9.75
N ASN I 90 -34.39 -5.02 -11.06
CA ASN I 90 -34.93 -6.02 -11.97
C ASN I 90 -33.99 -7.20 -12.07
N ASN I 91 -32.68 -6.97 -12.00
CA ASN I 91 -31.70 -8.04 -11.90
C ASN I 91 -31.22 -8.09 -10.44
N THR I 92 -32.08 -8.61 -9.58
CA THR I 92 -31.76 -8.73 -8.16
C THR I 92 -32.56 -9.88 -7.58
N ARG I 93 -31.88 -10.81 -6.92
CA ARG I 93 -32.53 -11.92 -6.27
C ARG I 93 -32.38 -11.76 -4.77
N VAL I 94 -33.50 -11.70 -4.07
CA VAL I 94 -33.50 -11.59 -2.61
C VAL I 94 -33.47 -12.99 -2.04
N VAL I 95 -32.29 -13.44 -1.65
CA VAL I 95 -32.10 -14.81 -1.20
C VAL I 95 -32.38 -14.84 0.29
N LEU I 96 -33.17 -15.79 0.74
CA LEU I 96 -33.34 -16.04 2.16
C LEU I 96 -33.51 -17.53 2.41
N SER I 97 -32.80 -18.03 3.41
CA SER I 97 -32.80 -19.45 3.78
C SER I 97 -34.02 -19.78 4.63
N ASN I 98 -33.99 -20.91 5.31
CA ASN I 98 -34.96 -21.19 6.37
C ASN I 98 -34.21 -22.01 7.40
N GLY I 99 -34.91 -22.61 8.35
CA GLY I 99 -34.35 -23.76 9.02
C GLY I 99 -34.15 -24.93 8.09
N THR I 100 -34.98 -25.07 7.06
CA THR I 100 -34.89 -26.19 6.12
C THR I 100 -34.66 -25.76 4.68
N VAL I 101 -35.45 -24.83 4.15
CA VAL I 101 -35.56 -24.60 2.72
C VAL I 101 -34.83 -23.33 2.34
N GLN I 102 -33.78 -23.46 1.54
CA GLN I 102 -33.13 -22.30 0.95
C GLN I 102 -34.02 -21.74 -0.16
N ALA I 103 -34.17 -20.42 -0.17
CA ALA I 103 -35.10 -19.80 -1.11
C ALA I 103 -34.45 -18.58 -1.76
N VAL I 104 -34.68 -18.42 -3.05
CA VAL I 104 -34.36 -17.20 -3.76
C VAL I 104 -35.66 -16.57 -4.23
N LEU I 105 -35.64 -15.26 -4.47
CA LEU I 105 -36.86 -14.54 -4.82
C LEU I 105 -36.61 -13.71 -6.07
N LYS I 106 -37.24 -14.11 -7.17
CA LYS I 106 -37.17 -13.40 -8.44
C LYS I 106 -38.08 -12.17 -8.38
N TYR I 107 -37.77 -11.18 -9.20
CA TYR I 107 -38.60 -9.97 -9.24
C TYR I 107 -39.92 -10.25 -9.92
N GLU I 108 -40.99 -9.67 -9.36
CA GLU I 108 -42.32 -9.78 -9.91
C GLU I 108 -42.76 -8.42 -10.43
N LYS I 109 -43.33 -8.40 -11.63
CA LYS I 109 -43.87 -7.19 -12.22
C LYS I 109 -45.24 -6.89 -11.63
N THR I 110 -45.68 -5.65 -11.82
CA THR I 110 -46.99 -5.13 -11.41
C THR I 110 -47.26 -5.33 -9.92
N ALA I 111 -46.44 -4.67 -9.10
CA ALA I 111 -46.73 -4.52 -7.66
C ALA I 111 -46.03 -3.27 -7.15
N TYR I 112 -46.74 -2.14 -7.12
CA TYR I 112 -46.17 -0.94 -6.51
C TYR I 112 -46.90 -0.46 -5.27
N HIS I 113 -48.16 -0.04 -5.36
CA HIS I 113 -48.90 0.61 -4.27
C HIS I 113 -48.08 1.75 -3.65
N LYS I 114 -47.87 2.79 -4.46
CA LYS I 114 -46.91 3.83 -4.16
C LYS I 114 -47.51 5.18 -3.79
N GLY I 115 -48.84 5.25 -3.61
CA GLY I 115 -49.48 6.52 -3.28
C GLY I 115 -50.24 6.53 -1.98
N ALA I 116 -50.75 5.38 -1.57
CA ALA I 116 -51.40 5.20 -0.27
C ALA I 116 -50.49 4.45 0.69
N VAL I 117 -49.20 4.80 0.65
CA VAL I 117 -48.10 4.06 1.26
C VAL I 117 -48.19 4.05 2.78
N GLY I 118 -48.98 4.98 3.35
CA GLY I 118 -49.08 5.11 4.80
C GLY I 118 -49.82 3.99 5.50
N ASP I 119 -50.31 3.01 4.77
CA ASP I 119 -50.66 1.71 5.33
C ASP I 119 -49.82 0.68 4.59
N VAL I 120 -48.86 0.07 5.28
CA VAL I 120 -47.90 -0.80 4.62
C VAL I 120 -48.51 -2.17 4.37
N PHE I 121 -49.16 -2.74 5.37
CA PHE I 121 -49.64 -4.11 5.34
C PHE I 121 -51.11 -4.19 4.96
N ASN I 122 -51.64 -3.15 4.33
CA ASN I 122 -53.00 -3.19 3.84
C ASN I 122 -53.06 -4.09 2.61
N ALA I 123 -54.22 -4.72 2.39
CA ALA I 123 -54.39 -5.69 1.32
C ALA I 123 -54.54 -5.01 -0.04
N SER I 124 -53.50 -4.31 -0.47
CA SER I 124 -53.56 -3.44 -1.64
C SER I 124 -53.08 -4.17 -2.90
N THR I 125 -52.82 -3.38 -3.94
CA THR I 125 -52.43 -3.89 -5.25
C THR I 125 -51.08 -4.58 -5.26
N ALA I 126 -50.22 -4.31 -4.28
CA ALA I 126 -48.86 -4.84 -4.31
C ALA I 126 -48.64 -6.00 -3.35
N TRP I 127 -49.60 -6.91 -3.25
CA TRP I 127 -49.43 -8.15 -2.50
C TRP I 127 -49.86 -9.38 -3.30
N ASN I 128 -50.43 -9.20 -4.49
CA ASN I 128 -50.83 -10.32 -5.33
C ASN I 128 -49.56 -10.93 -5.93
N LEU I 129 -48.96 -11.83 -5.18
CA LEU I 129 -47.71 -12.46 -5.58
C LEU I 129 -47.66 -13.87 -5.00
N SER I 130 -46.53 -14.54 -5.20
CA SER I 130 -46.48 -15.98 -5.04
C SER I 130 -45.12 -16.47 -4.57
N ASN I 131 -44.83 -17.76 -4.87
CA ASN I 131 -43.63 -18.47 -4.40
C ASN I 131 -42.34 -17.72 -4.66
N THR I 132 -42.12 -17.33 -5.91
CA THR I 132 -40.83 -16.82 -6.36
C THR I 132 -40.84 -15.30 -6.52
N ASN I 133 -41.59 -14.58 -5.71
CA ASN I 133 -41.85 -13.18 -5.99
C ASN I 133 -41.60 -12.31 -4.77
N PHE I 134 -41.36 -11.02 -5.02
CA PHE I 134 -41.34 -10.03 -3.96
C PHE I 134 -41.96 -8.74 -4.44
N GLY I 135 -42.78 -8.13 -3.58
CA GLY I 135 -43.36 -6.83 -3.84
C GLY I 135 -42.37 -5.75 -3.52
N ILE I 136 -42.47 -4.64 -4.25
CA ILE I 136 -41.42 -3.63 -4.30
C ILE I 136 -42.01 -2.26 -3.95
N ILE I 137 -42.86 -2.21 -2.91
CA ILE I 137 -43.54 -0.96 -2.55
C ILE I 137 -42.50 0.08 -2.14
N VAL I 138 -42.71 1.31 -2.57
CA VAL I 138 -41.63 2.29 -2.62
C VAL I 138 -42.06 3.53 -1.85
N LEU I 139 -41.08 4.19 -1.23
CA LEU I 139 -41.26 5.47 -0.59
C LEU I 139 -39.96 6.23 -0.71
N GLN I 140 -40.07 7.57 -0.69
CA GLN I 140 -38.96 8.51 -0.87
C GLN I 140 -38.23 8.24 -2.18
N ASP I 141 -38.95 8.44 -3.28
CA ASP I 141 -38.35 8.44 -4.60
C ASP I 141 -38.00 9.88 -4.98
N ALA I 142 -36.70 10.15 -5.07
CA ALA I 142 -36.23 11.52 -5.21
C ALA I 142 -36.51 12.08 -6.59
N ASP I 143 -35.91 11.49 -7.62
CA ASP I 143 -36.09 11.94 -9.00
C ASP I 143 -37.08 11.05 -9.73
N ASN I 144 -38.02 10.46 -8.97
CA ASN I 144 -38.92 9.40 -9.41
C ASN I 144 -38.13 8.27 -10.07
N SER I 145 -37.07 7.84 -9.38
CA SER I 145 -36.11 6.90 -9.94
C SER I 145 -36.63 5.47 -9.98
N VAL I 146 -37.73 5.17 -9.30
CA VAL I 146 -38.29 3.83 -9.33
C VAL I 146 -39.58 3.86 -10.14
N ASP I 147 -39.47 3.57 -11.43
CA ASP I 147 -40.63 3.50 -12.30
C ASP I 147 -40.98 2.04 -12.57
N GLN I 148 -42.17 1.85 -13.13
CA GLN I 148 -42.60 0.50 -13.50
C GLN I 148 -41.72 -0.01 -14.64
N ASN I 149 -41.34 -1.29 -14.54
CA ASN I 149 -40.43 -2.04 -15.40
C ASN I 149 -38.98 -1.58 -15.24
N TYR I 150 -38.72 -0.58 -14.41
CA TYR I 150 -37.38 -0.02 -14.23
C TYR I 150 -37.17 0.37 -12.77
N PRO I 151 -36.77 -0.57 -11.92
CA PRO I 151 -36.35 -0.17 -10.56
C PRO I 151 -34.90 0.26 -10.53
N THR I 152 -34.64 1.51 -10.20
CA THR I 152 -33.29 2.03 -10.04
C THR I 152 -33.16 2.57 -8.63
N LEU I 153 -32.05 2.28 -7.97
CA LEU I 153 -31.81 2.84 -6.65
C LEU I 153 -30.63 3.80 -6.67
N ASN I 154 -30.94 5.07 -6.40
CA ASN I 154 -29.95 6.12 -6.25
C ASN I 154 -29.74 6.39 -4.78
N LYS I 155 -28.99 7.44 -4.44
CA LYS I 155 -28.81 7.81 -3.04
C LYS I 155 -30.14 8.21 -2.41
N GLY I 156 -30.28 7.87 -1.13
CA GLY I 156 -31.43 8.31 -0.34
C GLY I 156 -32.78 7.77 -0.78
N ASP I 157 -32.84 6.50 -1.15
CA ASP I 157 -34.09 5.91 -1.63
C ASP I 157 -34.38 4.69 -0.79
N ILE I 158 -35.35 4.80 0.11
CA ILE I 158 -35.70 3.72 1.04
C ILE I 158 -36.85 2.94 0.40
N VAL I 159 -36.52 1.89 -0.32
CA VAL I 159 -37.54 1.04 -0.92
C VAL I 159 -37.87 -0.07 0.07
N VAL I 160 -39.11 -0.52 0.06
CA VAL I 160 -39.61 -1.53 0.97
C VAL I 160 -39.91 -2.78 0.16
N ILE I 161 -39.04 -3.77 0.23
CA ILE I 161 -39.32 -5.02 -0.45
C ILE I 161 -40.35 -5.79 0.36
N THR I 162 -41.51 -6.01 -0.24
CA THR I 162 -42.59 -6.81 0.33
C THR I 162 -42.41 -8.26 -0.08
N VAL I 163 -42.34 -9.17 0.90
CA VAL I 163 -42.23 -10.59 0.62
C VAL I 163 -43.35 -11.29 1.36
N LYS I 164 -44.33 -11.80 0.62
CA LYS I 164 -45.30 -12.68 1.24
C LYS I 164 -44.67 -14.05 1.40
N VAL I 165 -44.86 -14.66 2.56
CA VAL I 165 -44.16 -15.87 2.94
C VAL I 165 -45.13 -17.03 3.17
N GLY I 166 -46.03 -16.88 4.14
CA GLY I 166 -46.60 -18.04 4.81
C GLY I 166 -47.75 -18.87 4.31
N GLU I 167 -48.95 -18.31 4.25
CA GLU I 167 -50.17 -19.11 4.26
C GLU I 167 -50.41 -19.80 2.92
N GLY I 168 -50.50 -21.13 2.96
CA GLY I 168 -50.63 -21.93 1.76
C GLY I 168 -49.42 -21.81 0.85
N ASN I 169 -49.60 -21.11 -0.27
CA ASN I 169 -48.48 -20.82 -1.15
C ASN I 169 -47.58 -19.74 -0.56
N GLY I 170 -46.44 -19.55 -1.20
CA GLY I 170 -45.53 -18.52 -0.75
C GLY I 170 -44.12 -19.05 -0.67
N VAL I 171 -43.30 -18.36 0.12
CA VAL I 171 -41.90 -18.74 0.24
C VAL I 171 -41.77 -20.03 1.03
N PHE I 172 -42.51 -20.15 2.13
CA PHE I 172 -42.43 -21.32 3.00
C PHE I 172 -43.79 -22.00 3.05
N GLY I 173 -43.86 -23.07 3.83
CA GLY I 173 -45.14 -23.61 4.26
C GLY I 173 -45.46 -23.05 5.64
N LYS I 174 -46.56 -22.29 5.73
CA LYS I 174 -47.09 -21.61 6.92
C LYS I 174 -46.18 -20.48 7.42
N GLY I 175 -45.04 -20.21 6.77
CA GLY I 175 -44.15 -19.15 7.18
C GLY I 175 -43.32 -19.54 8.38
N ILE I 176 -42.46 -18.61 8.78
CA ILE I 176 -41.61 -18.83 9.96
C ILE I 176 -42.46 -18.84 11.22
N PRO I 177 -42.35 -19.86 12.04
CA PRO I 177 -43.00 -19.86 13.34
C PRO I 177 -42.18 -19.06 14.33
N PRO I 178 -42.68 -18.81 15.53
CA PRO I 178 -41.80 -18.31 16.60
C PRO I 178 -40.68 -19.27 16.91
N ARG I 179 -39.57 -18.70 17.37
CA ARG I 179 -38.40 -19.40 17.89
C ARG I 179 -37.77 -20.28 16.80
N THR I 180 -37.35 -19.63 15.73
CA THR I 180 -36.57 -20.27 14.68
C THR I 180 -35.65 -19.24 14.04
N LYS I 181 -34.57 -19.74 13.45
CA LYS I 181 -33.63 -18.91 12.71
C LYS I 181 -34.10 -18.84 11.26
N ILE I 182 -33.99 -17.65 10.70
CA ILE I 182 -34.37 -17.33 9.31
C ILE I 182 -33.41 -16.24 8.87
N THR I 183 -32.69 -16.49 7.77
CA THR I 183 -31.48 -15.76 7.45
C THR I 183 -31.35 -15.67 5.93
N GLY I 184 -30.85 -14.54 5.43
CA GLY I 184 -30.62 -14.42 4.01
C GLY I 184 -29.61 -13.37 3.63
N LYS I 185 -29.56 -13.10 2.33
CA LYS I 185 -28.71 -12.05 1.79
C LYS I 185 -29.36 -11.51 0.53
N VAL I 186 -29.28 -10.20 0.35
CA VAL I 186 -29.90 -9.51 -0.77
C VAL I 186 -28.78 -9.01 -1.66
N ILE I 187 -28.53 -9.70 -2.77
CA ILE I 187 -27.40 -9.38 -3.63
C ILE I 187 -27.90 -8.60 -4.84
N PRO I 188 -27.21 -7.55 -5.24
CA PRO I 188 -27.63 -6.78 -6.42
C PRO I 188 -27.16 -7.40 -7.72
N GLU I 189 -27.34 -6.65 -8.81
CA GLU I 189 -26.72 -7.00 -10.09
C GLU I 189 -25.21 -7.05 -9.97
N PHE I 190 -24.61 -5.96 -9.48
CA PHE I 190 -23.17 -5.88 -9.34
C PHE I 190 -22.72 -5.28 -8.02
N GLY I 191 -23.65 -4.98 -7.11
CA GLY I 191 -23.32 -4.29 -5.89
C GLY I 191 -22.67 -5.19 -4.85
N ALA I 192 -22.75 -4.74 -3.62
CA ALA I 192 -22.22 -5.51 -2.51
C ALA I 192 -23.35 -6.26 -1.83
N PRO I 193 -23.16 -7.53 -1.47
CA PRO I 193 -24.24 -8.29 -0.84
C PRO I 193 -24.49 -7.82 0.58
N GLY I 194 -25.76 -7.62 0.91
CA GLY I 194 -26.15 -7.14 2.22
C GLY I 194 -26.89 -8.20 3.00
N VAL I 195 -26.52 -8.33 4.27
CA VAL I 195 -26.89 -9.50 5.05
C VAL I 195 -28.20 -9.22 5.79
N ILE I 196 -28.98 -10.27 6.00
CA ILE I 196 -30.16 -10.22 6.84
C ILE I 196 -30.28 -11.52 7.64
N GLU I 197 -30.39 -11.40 8.96
CA GLU I 197 -30.45 -12.57 9.84
C GLU I 197 -31.37 -12.26 10.99
N PHE I 198 -32.55 -12.88 11.00
CA PHE I 198 -33.57 -12.61 11.99
C PHE I 198 -33.26 -13.31 13.30
N THR I 199 -34.19 -13.20 14.25
CA THR I 199 -34.25 -14.08 15.40
C THR I 199 -35.63 -14.71 15.55
N THR I 200 -36.69 -13.97 15.18
CA THR I 200 -38.11 -14.26 15.37
C THR I 200 -38.36 -14.57 16.84
N PRO I 201 -38.43 -13.55 17.69
CA PRO I 201 -38.53 -13.78 19.14
C PRO I 201 -39.82 -14.46 19.54
N SER I 202 -39.73 -15.32 20.55
CA SER I 202 -40.78 -16.28 20.83
C SER I 202 -41.99 -15.64 21.52
N THR I 203 -43.18 -16.18 21.21
CA THR I 203 -44.46 -15.87 21.87
C THR I 203 -44.80 -14.38 21.73
N TYR I 204 -45.10 -14.00 20.49
CA TYR I 204 -45.21 -12.60 20.11
C TYR I 204 -46.64 -12.21 19.74
N THR I 205 -46.83 -10.90 19.63
CA THR I 205 -47.99 -10.26 19.00
C THR I 205 -47.58 -9.72 17.63
N SER I 206 -48.49 -9.02 16.97
CA SER I 206 -48.27 -8.64 15.57
C SER I 206 -47.22 -7.55 15.46
N GLU I 207 -46.65 -7.44 14.24
CA GLU I 207 -45.61 -6.47 13.88
C GLU I 207 -44.38 -6.67 14.77
N VAL I 208 -43.62 -7.69 14.41
CA VAL I 208 -42.74 -8.42 15.33
C VAL I 208 -41.32 -7.86 15.26
N ILE I 209 -41.20 -6.59 14.84
CA ILE I 209 -40.03 -5.93 14.24
C ILE I 209 -38.66 -6.30 14.83
N GLU I 210 -37.74 -6.71 13.96
CA GLU I 210 -36.45 -7.24 14.39
C GLU I 210 -35.40 -6.92 13.33
N LEU I 211 -34.16 -6.81 13.79
CA LEU I 211 -33.15 -6.06 13.06
C LEU I 211 -32.31 -6.95 12.16
N GLN I 212 -31.69 -6.30 11.16
CA GLN I 212 -30.58 -6.82 10.34
C GLN I 212 -30.91 -8.11 9.62
N ALA J 6 17.43 -8.03 -38.16
CA ALA J 6 16.89 -6.69 -38.43
C ALA J 6 15.95 -6.27 -37.30
N VAL J 7 15.79 -4.99 -37.00
CA VAL J 7 15.03 -4.64 -35.76
C VAL J 7 13.56 -5.03 -35.46
N GLY J 8 12.68 -5.00 -36.44
CA GLY J 8 11.28 -5.29 -36.16
C GLY J 8 11.03 -6.66 -35.57
N ILE J 9 11.72 -7.66 -36.11
CA ILE J 9 11.53 -9.02 -35.63
C ILE J 9 11.91 -9.11 -34.17
N GLY J 10 13.04 -8.51 -33.81
CA GLY J 10 13.49 -8.58 -32.44
C GLY J 10 12.48 -7.94 -31.53
N THR J 11 11.95 -6.77 -31.90
CA THR J 11 10.99 -6.13 -31.00
C THR J 11 9.74 -6.98 -30.78
N LEU J 12 9.23 -7.53 -31.88
CA LEU J 12 8.03 -8.34 -31.77
C LEU J 12 8.26 -9.54 -30.88
N ILE J 13 9.40 -10.20 -31.08
CA ILE J 13 9.70 -11.39 -30.30
C ILE J 13 9.84 -11.07 -28.83
N VAL J 14 10.47 -9.95 -28.53
CA VAL J 14 10.66 -9.53 -27.15
C VAL J 14 9.33 -9.24 -26.42
N PHE J 15 8.35 -8.68 -27.13
CA PHE J 15 7.09 -8.37 -26.42
C PHE J 15 6.34 -9.56 -25.77
N ILE J 16 6.28 -10.67 -26.48
CA ILE J 16 5.60 -11.91 -26.10
C ILE J 16 6.10 -12.40 -24.75
N ALA J 17 7.39 -12.20 -24.46
CA ALA J 17 7.93 -12.61 -23.18
C ALA J 17 7.39 -11.75 -22.04
N MET J 18 7.43 -10.43 -22.20
CA MET J 18 6.97 -9.55 -21.14
C MET J 18 5.46 -9.60 -20.98
N VAL J 19 4.75 -9.98 -22.04
CA VAL J 19 3.37 -10.43 -21.93
C VAL J 19 3.26 -11.61 -20.97
N LEU J 20 4.15 -12.61 -21.12
CA LEU J 20 4.08 -13.77 -20.24
C LEU J 20 4.69 -13.49 -18.87
N VAL J 21 5.36 -12.35 -18.71
CA VAL J 21 5.84 -11.96 -17.39
C VAL J 21 4.69 -11.54 -16.49
N ALA J 22 3.84 -10.62 -16.95
CA ALA J 22 2.70 -10.20 -16.14
C ALA J 22 1.67 -11.31 -16.04
N ALA J 23 1.62 -12.19 -17.03
CA ALA J 23 0.76 -13.37 -16.98
C ALA J 23 1.11 -14.30 -15.83
N VAL J 24 2.40 -14.53 -15.56
CA VAL J 24 2.80 -15.26 -14.37
C VAL J 24 3.03 -14.32 -13.19
N ALA J 25 2.85 -13.01 -13.37
CA ALA J 25 2.81 -12.11 -12.22
C ALA J 25 1.40 -11.68 -11.89
N ALA J 26 0.41 -12.14 -12.65
CA ALA J 26 -0.98 -12.01 -12.24
C ALA J 26 -1.58 -13.33 -11.79
N ALA J 27 -1.35 -14.42 -12.53
CA ALA J 27 -1.96 -15.71 -12.19
C ALA J 27 -1.40 -16.32 -10.91
N VAL J 28 -0.32 -15.77 -10.36
CA VAL J 28 0.09 -16.04 -9.00
C VAL J 28 -0.44 -14.97 -8.05
N LEU J 29 -0.47 -13.72 -8.51
CA LEU J 29 -1.02 -12.63 -7.70
C LEU J 29 -2.53 -12.77 -7.57
N ILE J 30 -3.19 -13.47 -8.50
CA ILE J 30 -4.57 -13.88 -8.29
C ILE J 30 -4.62 -15.05 -7.31
N GLN J 31 -3.79 -16.07 -7.52
CA GLN J 31 -3.87 -17.31 -6.77
C GLN J 31 -3.43 -17.13 -5.32
N THR J 32 -2.47 -16.24 -5.07
CA THR J 32 -2.17 -15.88 -3.68
C THR J 32 -3.23 -14.98 -3.08
N SER J 33 -4.00 -14.25 -3.91
CA SER J 33 -5.05 -13.39 -3.38
C SER J 33 -6.24 -14.20 -2.91
N GLY J 34 -6.60 -15.26 -3.65
CA GLY J 34 -7.73 -16.08 -3.26
C GLY J 34 -7.47 -16.87 -1.98
N TYR J 35 -6.21 -17.26 -1.76
CA TYR J 35 -5.85 -17.95 -0.52
C TYR J 35 -6.06 -17.05 0.69
N LEU J 36 -5.96 -15.74 0.52
CA LEU J 36 -6.17 -14.80 1.61
C LEU J 36 -7.63 -14.74 2.06
N GLN J 37 -8.59 -14.61 1.13
CA GLN J 37 -9.98 -14.44 1.56
C GLN J 37 -10.55 -15.71 2.15
N GLN J 38 -10.17 -16.89 1.63
CA GLN J 38 -10.64 -18.13 2.22
C GLN J 38 -10.05 -18.35 3.61
N LYS J 39 -8.85 -17.82 3.84
CA LYS J 39 -8.28 -17.87 5.17
C LYS J 39 -8.88 -16.79 6.06
N SER J 40 -9.30 -15.67 5.48
CA SER J 40 -9.80 -14.58 6.31
C SER J 40 -11.30 -14.74 6.59
N GLN J 41 -12.10 -14.93 5.54
CA GLN J 41 -13.56 -14.88 5.70
C GLN J 41 -14.10 -16.09 6.44
N ALA J 42 -13.55 -17.27 6.19
CA ALA J 42 -14.00 -18.47 6.88
C ALA J 42 -13.60 -18.44 8.35
N THR J 43 -12.39 -17.99 8.65
CA THR J 43 -11.93 -17.87 10.03
C THR J 43 -12.37 -16.58 10.70
N GLY J 44 -12.77 -15.57 9.93
CA GLY J 44 -13.28 -14.36 10.51
C GLY J 44 -14.60 -14.59 11.21
N ARG J 45 -15.42 -15.49 10.65
CA ARG J 45 -16.64 -15.90 11.33
C ARG J 45 -16.31 -16.64 12.62
N GLU J 46 -15.20 -17.39 12.62
CA GLU J 46 -14.80 -18.16 13.79
C GLU J 46 -14.39 -17.26 14.95
N THR J 47 -13.93 -16.05 14.65
CA THR J 47 -13.61 -15.10 15.70
C THR J 47 -14.85 -14.65 16.46
N THR J 48 -15.97 -14.43 15.78
CA THR J 48 -17.24 -14.20 16.45
C THR J 48 -17.71 -15.46 17.16
N GLN J 49 -17.43 -16.64 16.59
CA GLN J 49 -17.79 -17.90 17.22
C GLN J 49 -17.06 -18.11 18.54
N GLU J 50 -15.83 -17.59 18.65
CA GLU J 50 -15.09 -17.70 19.89
C GLU J 50 -15.64 -16.79 20.98
N VAL J 51 -16.13 -15.61 20.62
CA VAL J 51 -16.50 -14.62 21.62
C VAL J 51 -17.98 -14.61 21.95
N ALA J 52 -18.86 -14.97 21.02
CA ALA J 52 -20.29 -14.78 21.27
C ALA J 52 -20.90 -15.96 22.01
N SER J 53 -20.52 -17.17 21.64
CA SER J 53 -21.08 -18.35 22.28
C SER J 53 -20.45 -18.57 23.65
N GLY J 54 -21.29 -18.78 24.66
CA GLY J 54 -20.79 -18.90 26.00
C GLY J 54 -21.72 -19.56 27.00
N ILE J 55 -21.17 -20.47 27.79
CA ILE J 55 -21.91 -21.25 28.76
C ILE J 55 -21.95 -20.49 30.08
N LYS J 56 -23.16 -20.28 30.60
CA LYS J 56 -23.34 -19.72 31.94
C LYS J 56 -23.96 -20.77 32.85
N VAL J 57 -23.53 -20.74 34.11
CA VAL J 57 -23.84 -21.78 35.09
C VAL J 57 -24.67 -21.16 36.20
N LEU J 58 -25.80 -21.77 36.52
CA LEU J 58 -26.72 -21.21 37.51
C LEU J 58 -27.28 -22.31 38.41
N SER J 59 -27.19 -22.09 39.72
CA SER J 59 -27.88 -22.86 40.77
C SER J 59 -27.53 -24.36 40.73
N VAL J 60 -26.27 -24.62 41.04
CA VAL J 60 -25.78 -26.00 41.16
C VAL J 60 -26.29 -26.59 42.48
N VAL J 61 -26.70 -27.86 42.45
CA VAL J 61 -27.35 -28.48 43.60
C VAL J 61 -26.57 -29.74 44.03
N GLY J 62 -26.69 -30.06 45.32
CA GLY J 62 -25.79 -31.02 45.94
C GLY J 62 -26.16 -32.48 46.12
N LYS J 63 -27.28 -32.77 46.78
CA LYS J 63 -27.72 -34.12 47.16
C LYS J 63 -26.69 -34.87 48.03
N THR J 64 -26.61 -34.53 49.32
CA THR J 64 -25.90 -35.42 50.23
C THR J 64 -26.70 -36.71 50.45
N ASP J 65 -26.05 -37.66 51.13
CA ASP J 65 -26.69 -38.94 51.47
C ASP J 65 -27.53 -38.74 52.73
N SER J 66 -28.37 -39.72 53.05
CA SER J 66 -29.27 -39.64 54.20
C SER J 66 -28.54 -39.64 55.53
N ASN J 67 -27.29 -40.08 55.58
CA ASN J 67 -26.38 -39.77 56.67
C ASN J 67 -25.66 -38.51 56.20
N LYS J 68 -26.07 -37.38 56.76
CA LYS J 68 -25.98 -36.03 56.19
C LYS J 68 -24.65 -35.58 55.61
N THR J 69 -23.53 -36.14 56.05
CA THR J 69 -22.24 -35.62 55.65
C THR J 69 -21.80 -36.28 54.33
N TYR J 70 -20.76 -35.72 53.69
CA TYR J 70 -20.12 -36.23 52.47
C TYR J 70 -21.08 -36.24 51.29
N VAL J 71 -21.44 -35.03 50.85
CA VAL J 71 -22.32 -34.83 49.69
C VAL J 71 -21.70 -35.41 48.42
N GLU J 72 -22.50 -36.14 47.63
CA GLU J 72 -21.93 -37.05 46.64
C GLU J 72 -22.47 -36.87 45.22
N LYS J 73 -23.75 -36.57 45.02
CA LYS J 73 -24.38 -36.66 43.70
C LYS J 73 -24.75 -35.27 43.19
N LEU J 74 -23.79 -34.59 42.57
CA LEU J 74 -23.94 -33.19 42.17
C LEU J 74 -24.68 -33.07 40.84
N ALA J 75 -25.36 -31.94 40.66
CA ALA J 75 -26.02 -31.60 39.41
C ALA J 75 -25.84 -30.12 39.14
N ILE J 76 -25.35 -29.80 37.95
CA ILE J 76 -25.01 -28.44 37.55
C ILE J 76 -25.83 -28.06 36.32
N TYR J 77 -26.46 -26.89 36.35
CA TYR J 77 -27.30 -26.44 35.25
C TYR J 77 -26.45 -25.60 34.30
N ILE J 78 -26.71 -25.73 33.00
CA ILE J 78 -25.93 -25.05 31.96
C ILE J 78 -26.86 -24.59 30.85
N SER J 79 -26.68 -23.34 30.43
CA SER J 79 -27.31 -22.73 29.27
C SER J 79 -26.27 -21.96 28.48
N PRO J 80 -26.39 -21.93 27.16
CA PRO J 80 -25.57 -21.01 26.37
C PRO J 80 -26.12 -19.60 26.49
N ASN J 81 -25.27 -18.63 26.12
CA ASN J 81 -25.64 -17.21 26.20
C ASN J 81 -26.53 -16.82 25.02
N ALA J 82 -26.71 -15.51 24.84
CA ALA J 82 -27.51 -14.99 23.75
C ALA J 82 -26.92 -15.37 22.40
N GLY J 83 -25.63 -15.11 22.21
CA GLY J 83 -24.95 -15.69 21.08
C GLY J 83 -24.79 -17.17 21.31
N SER J 84 -25.25 -17.98 20.36
CA SER J 84 -25.14 -19.43 20.47
C SER J 84 -25.12 -20.02 19.08
N GLU J 85 -23.93 -20.26 18.54
CA GLU J 85 -23.81 -20.90 17.24
C GLU J 85 -23.37 -22.35 17.40
N GLY J 86 -24.32 -23.17 17.87
CA GLY J 86 -24.13 -24.60 17.95
C GLY J 86 -23.08 -25.09 18.93
N ILE J 87 -23.31 -24.95 20.22
CA ILE J 87 -22.36 -25.46 21.21
C ILE J 87 -22.61 -26.95 21.41
N ASP J 88 -21.61 -27.77 21.10
CA ASP J 88 -21.69 -29.20 21.35
C ASP J 88 -21.29 -29.47 22.78
N LEU J 89 -21.76 -30.60 23.31
CA LEU J 89 -21.28 -31.08 24.61
C LEU J 89 -20.63 -32.45 24.52
N ASN J 90 -20.50 -33.02 23.31
CA ASN J 90 -19.58 -34.14 23.14
C ASN J 90 -18.14 -33.64 23.10
N ASN J 91 -17.93 -32.44 22.53
CA ASN J 91 -16.65 -31.75 22.64
C ASN J 91 -16.82 -30.67 23.70
N THR J 92 -16.74 -31.10 24.95
CA THR J 92 -16.84 -30.23 26.12
C THR J 92 -16.28 -31.00 27.30
N ARG J 93 -15.41 -30.37 28.06
CA ARG J 93 -14.84 -31.02 29.24
C ARG J 93 -15.13 -30.19 30.47
N VAL J 94 -16.07 -30.67 31.29
CA VAL J 94 -16.36 -30.06 32.58
C VAL J 94 -15.18 -30.35 33.50
N VAL J 95 -14.41 -29.32 33.81
CA VAL J 95 -13.24 -29.48 34.67
C VAL J 95 -13.67 -28.97 36.05
N LEU J 96 -13.39 -29.76 37.08
CA LEU J 96 -13.58 -29.32 38.46
C LEU J 96 -12.43 -29.85 39.32
N SER J 97 -11.83 -28.93 40.09
CA SER J 97 -10.72 -29.28 40.97
C SER J 97 -11.24 -29.83 42.28
N ASN J 98 -10.38 -29.90 43.29
CA ASN J 98 -10.77 -30.17 44.66
C ASN J 98 -10.00 -29.15 45.48
N GLY J 99 -9.94 -29.33 46.80
CA GLY J 99 -8.85 -28.73 47.53
C GLY J 99 -7.51 -29.32 47.17
N THR J 100 -7.47 -30.55 46.65
CA THR J 100 -6.24 -31.22 46.31
C THR J 100 -6.15 -31.63 44.84
N VAL J 101 -7.19 -32.26 44.29
CA VAL J 101 -7.08 -33.02 43.04
C VAL J 101 -7.93 -32.38 41.96
N GLN J 102 -7.29 -31.96 40.87
CA GLN J 102 -7.97 -31.59 39.63
C GLN J 102 -8.70 -32.78 39.02
N ALA J 103 -9.87 -32.49 38.47
CA ALA J 103 -10.58 -33.53 37.72
C ALA J 103 -11.18 -32.92 36.47
N VAL J 104 -11.08 -33.64 35.37
CA VAL J 104 -11.78 -33.32 34.13
C VAL J 104 -12.79 -34.44 33.90
N LEU J 105 -13.83 -34.15 33.13
CA LEU J 105 -14.90 -35.11 32.90
C LEU J 105 -15.22 -35.16 31.42
N LYS J 106 -15.03 -36.33 30.81
CA LYS J 106 -15.41 -36.58 29.44
C LYS J 106 -16.87 -37.01 29.40
N TYR J 107 -17.52 -36.74 28.27
CA TYR J 107 -18.93 -37.09 28.08
C TYR J 107 -19.14 -38.59 28.12
N GLU J 108 -20.31 -39.00 28.62
CA GLU J 108 -20.70 -40.39 28.68
C GLU J 108 -21.95 -40.59 27.85
N LYS J 109 -21.96 -41.64 27.02
CA LYS J 109 -23.13 -42.01 26.25
C LYS J 109 -24.12 -42.76 27.11
N THR J 110 -25.34 -42.90 26.59
CA THR J 110 -26.48 -43.58 27.22
C THR J 110 -26.76 -43.05 28.63
N ALA J 111 -26.91 -41.72 28.74
CA ALA J 111 -27.38 -41.15 29.99
C ALA J 111 -28.25 -39.93 29.66
N TYR J 112 -29.54 -40.14 29.41
CA TYR J 112 -30.41 -39.02 29.09
C TYR J 112 -31.51 -38.80 30.13
N HIS J 113 -32.41 -39.77 30.32
CA HIS J 113 -33.55 -39.69 31.25
C HIS J 113 -34.32 -38.37 31.13
N LYS J 114 -34.95 -38.18 29.98
CA LYS J 114 -35.60 -36.93 29.65
C LYS J 114 -37.12 -36.98 29.72
N GLY J 115 -37.71 -38.10 30.13
CA GLY J 115 -39.15 -38.22 30.13
C GLY J 115 -39.81 -38.05 31.49
N ALA J 116 -39.22 -38.65 32.52
CA ALA J 116 -39.75 -38.64 33.88
C ALA J 116 -39.01 -37.63 34.75
N VAL J 117 -38.74 -36.46 34.16
CA VAL J 117 -37.78 -35.46 34.63
C VAL J 117 -38.15 -34.85 35.99
N GLY J 118 -39.38 -35.08 36.45
CA GLY J 118 -39.95 -34.42 37.62
C GLY J 118 -39.19 -34.62 38.92
N ASP J 119 -38.41 -35.69 39.04
CA ASP J 119 -37.46 -35.84 40.14
C ASP J 119 -36.06 -35.69 39.55
N VAL J 120 -35.28 -34.78 40.12
CA VAL J 120 -34.01 -34.39 39.51
C VAL J 120 -32.96 -35.47 39.73
N PHE J 121 -33.06 -36.19 40.85
CA PHE J 121 -32.00 -37.10 41.30
C PHE J 121 -32.43 -38.55 41.23
N ASN J 122 -33.33 -38.89 40.31
CA ASN J 122 -33.88 -40.24 40.28
C ASN J 122 -32.86 -41.19 39.67
N ALA J 123 -32.68 -42.35 40.31
CA ALA J 123 -31.66 -43.32 39.94
C ALA J 123 -32.05 -44.06 38.66
N SER J 124 -32.00 -43.37 37.53
CA SER J 124 -32.32 -43.93 36.24
C SER J 124 -31.13 -44.70 35.68
N THR J 125 -31.16 -45.01 34.39
CA THR J 125 -29.97 -45.46 33.69
C THR J 125 -29.00 -44.32 33.40
N ALA J 126 -29.39 -43.07 33.70
CA ALA J 126 -28.59 -41.87 33.48
C ALA J 126 -27.56 -41.63 34.57
N TRP J 127 -27.22 -42.64 35.37
CA TRP J 127 -26.30 -42.48 36.49
C TRP J 127 -25.30 -43.63 36.59
N ASN J 128 -25.43 -44.65 35.73
CA ASN J 128 -24.58 -45.84 35.76
C ASN J 128 -23.24 -45.47 35.15
N LEU J 129 -22.43 -44.73 35.90
CA LEU J 129 -21.24 -44.10 35.33
C LEU J 129 -20.06 -44.28 36.27
N SER J 130 -18.93 -43.67 35.92
CA SER J 130 -17.66 -43.92 36.59
C SER J 130 -16.90 -42.63 36.85
N ASN J 131 -15.59 -42.76 37.13
CA ASN J 131 -14.75 -41.68 37.65
C ASN J 131 -14.65 -40.51 36.67
N THR J 132 -14.62 -40.81 35.37
CA THR J 132 -14.33 -39.82 34.33
C THR J 132 -15.54 -39.50 33.47
N ASN J 133 -16.73 -39.40 34.05
CA ASN J 133 -17.94 -39.27 33.26
C ASN J 133 -18.83 -38.16 33.81
N PHE J 134 -19.72 -37.66 32.96
CA PHE J 134 -20.80 -36.81 33.44
C PHE J 134 -22.08 -37.09 32.66
N GLY J 135 -23.21 -37.03 33.37
CA GLY J 135 -24.51 -37.24 32.78
C GLY J 135 -25.13 -35.93 32.33
N ILE J 136 -26.03 -36.02 31.35
CA ILE J 136 -26.41 -34.87 30.54
C ILE J 136 -27.93 -34.68 30.55
N ILE J 137 -28.56 -34.92 31.71
CA ILE J 137 -30.02 -35.04 31.77
C ILE J 137 -30.68 -33.69 31.45
N VAL J 138 -31.62 -33.73 30.51
CA VAL J 138 -31.96 -32.55 29.70
C VAL J 138 -33.40 -32.15 29.95
N LEU J 139 -33.68 -30.86 29.82
CA LEU J 139 -35.01 -30.29 29.91
C LEU J 139 -35.04 -28.98 29.13
N GLN J 140 -36.25 -28.51 28.83
CA GLN J 140 -36.54 -27.25 28.12
C GLN J 140 -35.84 -27.22 26.75
N ASP J 141 -36.27 -28.12 25.88
CA ASP J 141 -35.79 -28.11 24.51
C ASP J 141 -36.83 -27.45 23.62
N ALA J 142 -36.37 -26.77 22.57
CA ALA J 142 -37.28 -26.09 21.66
C ALA J 142 -37.62 -26.96 20.45
N ASP J 143 -36.60 -27.49 19.79
CA ASP J 143 -36.76 -28.31 18.60
C ASP J 143 -36.11 -29.67 18.75
N ASN J 144 -36.14 -30.21 19.98
CA ASN J 144 -35.52 -31.48 20.36
C ASN J 144 -34.03 -31.48 20.02
N SER J 145 -33.29 -30.57 20.65
CA SER J 145 -31.93 -30.29 20.20
C SER J 145 -30.88 -31.17 20.87
N VAL J 146 -31.20 -31.86 21.95
CA VAL J 146 -30.21 -32.72 22.59
C VAL J 146 -30.60 -34.17 22.38
N ASP J 147 -30.03 -34.80 21.36
CA ASP J 147 -30.43 -36.13 20.94
C ASP J 147 -29.33 -37.15 21.16
N GLN J 148 -29.56 -38.36 20.64
CA GLN J 148 -28.62 -39.46 20.80
C GLN J 148 -27.35 -39.19 20.02
N ASN J 149 -26.21 -39.35 20.71
CA ASN J 149 -24.84 -39.19 20.22
C ASN J 149 -24.50 -37.76 19.79
N TYR J 150 -25.42 -36.80 19.97
CA TYR J 150 -25.22 -35.44 19.46
C TYR J 150 -25.92 -34.45 20.40
N PRO J 151 -25.23 -33.98 21.43
CA PRO J 151 -25.78 -32.87 22.21
C PRO J 151 -25.58 -31.54 21.50
N THR J 152 -26.64 -30.97 20.93
CA THR J 152 -26.57 -29.64 20.34
C THR J 152 -27.26 -28.69 21.31
N LEU J 153 -26.64 -27.54 21.57
CA LEU J 153 -27.31 -26.53 22.37
C LEU J 153 -27.54 -25.25 21.58
N ASN J 154 -28.82 -24.97 21.36
CA ASN J 154 -29.30 -23.72 20.77
C ASN J 154 -29.69 -22.77 21.89
N LYS J 155 -30.18 -21.58 21.55
CA LYS J 155 -30.52 -20.58 22.55
C LYS J 155 -31.71 -21.02 23.39
N GLY J 156 -31.63 -20.76 24.69
CA GLY J 156 -32.70 -21.09 25.61
C GLY J 156 -32.94 -22.57 25.81
N ASP J 157 -31.89 -23.33 26.10
CA ASP J 157 -32.00 -24.78 26.24
C ASP J 157 -31.13 -25.19 27.42
N ILE J 158 -31.73 -25.21 28.61
CA ILE J 158 -30.99 -25.39 29.86
C ILE J 158 -30.91 -26.88 30.17
N VAL J 159 -29.73 -27.45 29.99
CA VAL J 159 -29.48 -28.85 30.29
C VAL J 159 -28.89 -28.93 31.70
N VAL J 160 -29.21 -30.02 32.39
CA VAL J 160 -28.77 -30.25 33.76
C VAL J 160 -27.68 -31.31 33.72
N ILE J 161 -26.44 -30.91 33.95
CA ILE J 161 -25.34 -31.87 33.87
C ILE J 161 -25.21 -32.59 35.20
N THR J 162 -25.27 -33.92 35.16
CA THR J 162 -25.07 -34.77 36.33
C THR J 162 -23.63 -35.23 36.41
N VAL J 163 -22.96 -34.91 37.52
CA VAL J 163 -21.61 -35.37 37.78
C VAL J 163 -21.63 -36.14 39.09
N LYS J 164 -21.65 -37.47 39.00
CA LYS J 164 -21.55 -38.27 40.21
C LYS J 164 -20.11 -38.24 40.71
N VAL J 165 -19.97 -38.02 42.02
CA VAL J 165 -18.69 -37.72 42.64
C VAL J 165 -18.34 -38.72 43.74
N GLY J 166 -19.23 -38.87 44.72
CA GLY J 166 -18.79 -39.29 46.03
C GLY J 166 -18.51 -40.72 46.42
N GLU J 167 -19.52 -41.57 46.48
CA GLU J 167 -19.46 -42.75 47.33
C GLU J 167 -18.58 -43.85 46.71
N GLY J 168 -17.55 -44.24 47.45
CA GLY J 168 -16.56 -45.19 46.97
C GLY J 168 -15.78 -44.66 45.79
N ASN J 169 -16.04 -45.23 44.62
CA ASN J 169 -15.48 -44.73 43.38
C ASN J 169 -16.16 -43.42 42.97
N GLY J 170 -15.52 -42.70 42.07
CA GLY J 170 -16.12 -41.49 41.55
C GLY J 170 -15.07 -40.45 41.25
N VAL J 171 -15.49 -39.19 41.28
CA VAL J 171 -14.57 -38.09 41.06
C VAL J 171 -13.61 -37.97 42.23
N PHE J 172 -14.13 -38.03 43.45
CA PHE J 172 -13.35 -37.90 44.66
C PHE J 172 -13.46 -39.17 45.49
N GLY J 173 -12.64 -39.26 46.53
CA GLY J 173 -12.85 -40.27 47.54
C GLY J 173 -13.85 -39.76 48.56
N LYS J 174 -14.99 -40.44 48.67
CA LYS J 174 -16.11 -40.15 49.58
C LYS J 174 -16.76 -38.79 49.33
N GLY J 175 -16.43 -38.10 48.23
CA GLY J 175 -17.00 -36.81 47.91
C GLY J 175 -16.49 -35.67 48.78
N ILE J 176 -17.01 -34.49 48.49
CA ILE J 176 -16.64 -33.29 49.24
C ILE J 176 -17.36 -33.25 50.58
N PRO J 177 -16.64 -33.00 51.67
CA PRO J 177 -17.28 -32.75 52.96
C PRO J 177 -17.75 -31.31 53.03
N PRO J 178 -18.42 -30.88 54.11
CA PRO J 178 -18.59 -29.44 54.34
C PRO J 178 -17.28 -28.80 54.71
N ARG J 179 -17.33 -27.46 54.78
CA ARG J 179 -16.28 -26.61 55.33
C ARG J 179 -14.98 -26.79 54.52
N THR J 180 -15.13 -26.65 53.21
CA THR J 180 -14.03 -26.78 52.27
C THR J 180 -14.37 -26.00 51.00
N LYS J 181 -13.42 -25.96 50.09
CA LYS J 181 -13.61 -25.29 48.80
C LYS J 181 -13.57 -26.34 47.71
N ILE J 182 -14.37 -26.10 46.66
CA ILE J 182 -14.52 -26.94 45.48
C ILE J 182 -14.83 -25.99 44.32
N THR J 183 -14.06 -26.07 43.23
CA THR J 183 -14.05 -25.04 42.22
C THR J 183 -13.56 -25.62 40.90
N GLY J 184 -14.22 -25.26 39.80
CA GLY J 184 -13.74 -25.66 38.50
C GLY J 184 -14.19 -24.72 37.41
N LYS J 185 -14.17 -25.22 36.18
CA LYS J 185 -14.63 -24.42 35.05
C LYS J 185 -15.13 -25.34 33.95
N VAL J 186 -16.19 -24.89 33.27
CA VAL J 186 -16.74 -25.58 32.12
C VAL J 186 -16.31 -24.80 30.89
N ILE J 187 -15.71 -25.46 29.92
CA ILE J 187 -15.28 -24.83 28.67
C ILE J 187 -15.91 -25.59 27.50
N PRO J 188 -16.45 -24.91 26.51
CA PRO J 188 -16.99 -25.61 25.34
C PRO J 188 -15.92 -25.98 24.34
N GLU J 189 -16.37 -26.46 23.18
CA GLU J 189 -15.48 -26.72 22.05
C GLU J 189 -14.77 -25.46 21.61
N PHE J 190 -15.52 -24.39 21.38
CA PHE J 190 -14.98 -23.13 20.94
C PHE J 190 -15.59 -21.93 21.64
N GLY J 191 -16.48 -22.16 22.61
CA GLY J 191 -17.25 -21.08 23.21
C GLY J 191 -16.48 -20.33 24.27
N ALA J 192 -17.22 -19.51 24.99
CA ALA J 192 -16.64 -18.80 26.12
C ALA J 192 -16.75 -19.66 27.36
N PRO J 193 -15.66 -19.92 28.08
CA PRO J 193 -15.72 -20.84 29.21
C PRO J 193 -16.43 -20.22 30.41
N GLY J 194 -17.32 -21.00 31.00
CA GLY J 194 -18.04 -20.57 32.19
C GLY J 194 -17.35 -21.08 33.45
N VAL J 195 -17.48 -20.32 34.51
CA VAL J 195 -16.73 -20.60 35.73
C VAL J 195 -17.70 -21.04 36.82
N ILE J 196 -17.19 -21.80 37.78
CA ILE J 196 -17.97 -22.29 38.90
C ILE J 196 -17.10 -22.37 40.15
N GLU J 197 -17.56 -21.76 41.24
CA GLU J 197 -16.78 -21.66 42.48
C GLU J 197 -17.72 -21.75 43.66
N PHE J 198 -17.88 -22.92 44.26
CA PHE J 198 -18.79 -23.01 45.38
C PHE J 198 -18.12 -23.35 46.70
N THR J 199 -18.36 -22.52 47.70
CA THR J 199 -17.84 -22.81 49.01
C THR J 199 -19.03 -23.51 49.62
N THR J 200 -18.90 -24.81 49.86
CA THR J 200 -20.01 -25.57 50.39
C THR J 200 -20.40 -25.09 51.78
N PRO J 201 -21.70 -25.02 52.04
CA PRO J 201 -22.23 -24.56 53.32
C PRO J 201 -21.78 -25.48 54.44
N SER J 202 -21.48 -24.92 55.60
CA SER J 202 -21.00 -25.69 56.74
C SER J 202 -22.07 -26.32 57.65
N THR J 203 -21.92 -27.62 57.91
CA THR J 203 -22.81 -28.35 58.81
C THR J 203 -24.27 -28.26 58.31
N TYR J 204 -24.49 -28.93 57.19
CA TYR J 204 -25.73 -28.80 56.44
C TYR J 204 -26.66 -30.00 56.65
N THR J 205 -27.82 -29.89 56.02
CA THR J 205 -28.79 -30.96 55.81
C THR J 205 -28.94 -31.22 54.32
N SER J 206 -29.91 -32.06 53.96
CA SER J 206 -30.02 -32.57 52.60
C SER J 206 -30.43 -31.48 51.61
N GLU J 207 -30.16 -31.75 50.32
CA GLU J 207 -30.47 -30.87 49.18
C GLU J 207 -29.76 -29.52 49.34
N VAL J 208 -28.46 -29.55 49.07
CA VAL J 208 -27.50 -28.62 49.65
C VAL J 208 -27.14 -27.55 48.61
N ILE J 209 -28.15 -27.10 47.85
CA ILE J 209 -28.08 -26.07 46.81
C ILE J 209 -27.25 -24.85 47.20
N GLU J 210 -26.30 -24.47 46.33
CA GLU J 210 -25.40 -23.37 46.60
C GLU J 210 -24.93 -22.80 45.28
N LEU J 211 -24.79 -21.48 45.23
CA LEU J 211 -24.69 -20.78 43.97
C LEU J 211 -23.33 -20.97 43.30
N GLN J 212 -23.38 -21.46 42.06
CA GLN J 212 -22.41 -21.20 41.00
C GLN J 212 -20.97 -21.61 41.31
N ALA K 6 18.95 -0.46 -44.89
CA ALA K 6 19.88 -0.42 -43.78
C ALA K 6 19.16 -0.63 -42.45
N VAL K 7 19.90 -0.49 -41.35
CA VAL K 7 19.41 -0.83 -40.02
C VAL K 7 19.25 0.47 -39.23
N GLY K 8 19.93 1.52 -39.70
CA GLY K 8 19.75 2.83 -39.11
C GLY K 8 18.37 3.44 -39.26
N ILE K 9 17.54 2.91 -40.15
CA ILE K 9 16.20 3.45 -40.32
C ILE K 9 15.23 2.80 -39.35
N GLY K 10 15.36 1.49 -39.16
CA GLY K 10 14.35 0.75 -38.42
C GLY K 10 14.32 1.03 -36.94
N THR K 11 15.42 1.56 -36.38
CA THR K 11 15.46 1.82 -34.95
C THR K 11 14.67 3.05 -34.57
N LEU K 12 14.31 3.89 -35.54
CA LEU K 12 13.58 5.12 -35.24
C LEU K 12 12.09 4.96 -35.50
N ILE K 13 11.73 4.10 -36.46
CA ILE K 13 10.32 3.90 -36.76
C ILE K 13 9.64 3.10 -35.65
N VAL K 14 10.32 2.05 -35.15
CA VAL K 14 9.78 1.29 -34.03
C VAL K 14 9.90 2.10 -32.75
N PHE K 15 10.83 3.06 -32.71
CA PHE K 15 10.91 4.00 -31.60
C PHE K 15 9.64 4.84 -31.47
N ILE K 16 9.17 5.41 -32.58
CA ILE K 16 7.98 6.23 -32.51
C ILE K 16 6.80 5.39 -32.03
N ALA K 17 6.71 4.17 -32.53
CA ALA K 17 5.61 3.30 -32.14
C ALA K 17 5.64 3.03 -30.65
N MET K 18 6.83 2.74 -30.12
CA MET K 18 6.93 2.47 -28.69
C MET K 18 6.57 3.71 -27.86
N VAL K 19 6.97 4.88 -28.35
CA VAL K 19 6.68 6.13 -27.66
C VAL K 19 5.16 6.31 -27.60
N LEU K 20 4.48 6.03 -28.72
CA LEU K 20 3.02 6.13 -28.77
C LEU K 20 2.37 5.14 -27.82
N VAL K 21 2.94 3.94 -27.73
CA VAL K 21 2.46 2.92 -26.83
C VAL K 21 2.55 3.37 -25.38
N ALA K 22 3.65 4.03 -25.04
CA ALA K 22 3.81 4.53 -23.68
C ALA K 22 2.76 5.58 -23.37
N ALA K 23 2.52 6.45 -24.34
CA ALA K 23 1.57 7.53 -24.18
C ALA K 23 0.18 6.97 -23.90
N VAL K 24 -0.22 5.96 -24.66
CA VAL K 24 -1.54 5.34 -24.47
C VAL K 24 -1.62 4.70 -23.08
N ALA K 25 -0.54 4.05 -22.66
CA ALA K 25 -0.54 3.42 -21.36
C ALA K 25 -0.72 4.46 -20.27
N ALA K 26 -0.01 5.58 -20.40
CA ALA K 26 -0.09 6.64 -19.41
C ALA K 26 -1.50 7.21 -19.37
N ALA K 27 -2.09 7.39 -20.55
CA ALA K 27 -3.43 7.95 -20.62
C ALA K 27 -4.39 7.04 -19.88
N VAL K 28 -4.30 5.74 -20.12
CA VAL K 28 -5.19 4.82 -19.42
C VAL K 28 -4.88 4.88 -17.93
N LEU K 29 -3.59 4.98 -17.65
CA LEU K 29 -3.05 5.01 -16.30
C LEU K 29 -3.11 6.40 -15.68
N ILE K 30 -3.34 7.43 -16.49
CA ILE K 30 -3.75 8.71 -15.94
C ILE K 30 -5.27 8.77 -15.81
N GLN K 31 -5.97 8.44 -16.90
CA GLN K 31 -7.40 8.72 -17.01
C GLN K 31 -8.25 7.79 -16.16
N THR K 32 -7.89 6.50 -16.07
CA THR K 32 -8.59 5.62 -15.15
C THR K 32 -8.23 5.91 -13.71
N SER K 33 -7.04 6.44 -13.47
CA SER K 33 -6.66 6.82 -12.11
C SER K 33 -7.58 7.95 -11.63
N GLY K 34 -7.83 8.87 -12.54
CA GLY K 34 -8.65 10.03 -12.28
C GLY K 34 -10.07 9.70 -11.91
N TYR K 35 -10.65 8.71 -12.57
CA TYR K 35 -12.03 8.33 -12.27
C TYR K 35 -12.12 7.85 -10.82
N LEU K 36 -11.16 7.04 -10.41
CA LEU K 36 -11.18 6.50 -9.07
C LEU K 36 -11.14 7.62 -8.07
N GLN K 37 -10.39 8.66 -8.39
CA GLN K 37 -10.24 9.80 -7.50
C GLN K 37 -11.53 10.58 -7.22
N GLN K 38 -12.29 10.91 -8.25
CA GLN K 38 -13.51 11.68 -8.04
C GLN K 38 -14.51 10.90 -7.21
N LYS K 39 -14.65 9.63 -7.56
CA LYS K 39 -15.58 8.75 -6.89
C LYS K 39 -15.14 8.61 -5.44
N SER K 40 -13.85 8.44 -5.21
CA SER K 40 -13.39 8.27 -3.85
C SER K 40 -13.71 9.50 -3.03
N GLN K 41 -13.48 10.68 -3.59
CA GLN K 41 -13.74 11.89 -2.82
C GLN K 41 -15.21 11.99 -2.47
N ALA K 42 -16.06 11.74 -3.46
CA ALA K 42 -17.48 11.88 -3.20
C ALA K 42 -17.95 10.86 -2.17
N THR K 43 -17.46 9.63 -2.30
CA THR K 43 -17.87 8.59 -1.41
C THR K 43 -17.44 8.91 0.00
N GLY K 44 -16.23 9.41 0.17
CA GLY K 44 -15.76 9.69 1.51
C GLY K 44 -16.63 10.75 2.16
N ARG K 45 -16.92 11.80 1.41
CA ARG K 45 -17.75 12.84 2.00
C ARG K 45 -19.12 12.31 2.38
N GLU K 46 -19.72 11.54 1.47
CA GLU K 46 -21.04 11.02 1.72
C GLU K 46 -21.05 10.08 2.94
N THR K 47 -20.03 9.26 3.04
CA THR K 47 -19.92 8.29 4.11
C THR K 47 -19.77 8.93 5.47
N THR K 48 -19.02 10.03 5.57
CA THR K 48 -18.90 10.65 6.90
C THR K 48 -20.27 11.10 7.34
N GLN K 49 -21.00 11.60 6.36
CA GLN K 49 -22.35 12.14 6.46
C GLN K 49 -23.35 11.09 6.92
N GLU K 50 -23.01 9.81 6.77
CA GLU K 50 -23.83 8.74 7.32
C GLU K 50 -23.54 8.48 8.79
N VAL K 51 -22.27 8.53 9.19
CA VAL K 51 -21.89 8.14 10.55
C VAL K 51 -22.04 9.28 11.54
N ALA K 52 -22.36 10.50 11.09
CA ALA K 52 -22.36 11.62 12.01
C ALA K 52 -23.75 12.21 12.18
N SER K 53 -24.41 12.53 11.08
CA SER K 53 -25.69 13.22 11.13
C SER K 53 -26.80 12.30 11.63
N GLY K 54 -27.58 12.80 12.58
CA GLY K 54 -28.61 11.97 13.18
C GLY K 54 -29.63 12.70 14.01
N ILE K 55 -30.85 12.19 14.01
CA ILE K 55 -32.00 12.81 14.64
C ILE K 55 -32.30 12.11 15.95
N LYS K 56 -32.34 12.87 17.04
CA LYS K 56 -32.72 12.34 18.34
C LYS K 56 -34.12 12.84 18.70
N VAL K 57 -34.90 11.95 19.29
CA VAL K 57 -36.31 12.19 19.60
C VAL K 57 -36.43 12.34 21.12
N LEU K 58 -37.00 13.45 21.56
CA LEU K 58 -37.16 13.72 22.98
C LEU K 58 -38.58 14.16 23.27
N SER K 59 -39.20 13.55 24.30
CA SER K 59 -40.39 14.06 24.99
C SER K 59 -41.59 14.21 24.05
N VAL K 60 -42.06 13.07 23.56
CA VAL K 60 -43.25 13.03 22.72
C VAL K 60 -44.47 13.19 23.61
N VAL K 61 -45.50 13.88 23.12
CA VAL K 61 -46.68 14.19 23.92
C VAL K 61 -47.93 13.69 23.21
N GLY K 62 -48.98 13.44 24.00
CA GLY K 62 -50.15 12.72 23.51
C GLY K 62 -51.39 13.44 23.01
N LYS K 63 -52.00 14.29 23.83
CA LYS K 63 -53.29 14.96 23.57
C LYS K 63 -54.42 13.99 23.28
N THR K 64 -54.95 13.33 24.31
CA THR K 64 -56.22 12.65 24.13
C THR K 64 -57.36 13.67 24.03
N ASP K 65 -58.55 13.17 23.69
CA ASP K 65 -59.73 14.01 23.64
C ASP K 65 -60.30 14.12 25.05
N SER K 66 -61.24 15.06 25.26
CA SER K 66 -61.84 15.28 26.57
C SER K 66 -62.65 14.10 27.08
N ASN K 67 -63.15 13.25 26.20
CA ASN K 67 -63.60 11.91 26.56
C ASN K 67 -62.32 11.07 26.49
N LYS K 68 -61.70 10.88 27.66
CA LYS K 68 -60.28 10.63 27.85
C LYS K 68 -59.63 9.49 27.06
N THR K 69 -60.41 8.51 26.63
CA THR K 69 -59.84 7.36 25.97
C THR K 69 -59.48 7.73 24.52
N TYR K 70 -58.64 6.89 23.88
CA TYR K 70 -58.29 6.94 22.45
C TYR K 70 -57.57 8.24 22.10
N VAL K 71 -56.34 8.38 22.64
CA VAL K 71 -55.46 9.51 22.36
C VAL K 71 -55.18 9.65 20.86
N GLU K 72 -55.43 10.84 20.32
CA GLU K 72 -55.64 10.99 18.89
C GLU K 72 -54.65 11.91 18.17
N LYS K 73 -54.09 12.93 18.83
CA LYS K 73 -53.30 13.94 18.16
C LYS K 73 -51.86 13.93 18.68
N LEU K 74 -51.03 13.07 18.11
CA LEU K 74 -49.67 12.86 18.55
C LEU K 74 -48.78 14.03 18.13
N ALA K 75 -47.74 14.29 18.93
CA ALA K 75 -46.76 15.32 18.61
C ALA K 75 -45.38 14.90 19.10
N ILE K 76 -44.47 14.70 18.15
CA ILE K 76 -43.12 14.17 18.39
C ILE K 76 -42.11 15.29 18.14
N TYR K 77 -41.22 15.53 19.11
CA TYR K 77 -40.18 16.56 18.95
C TYR K 77 -38.96 15.93 18.30
N ILE K 78 -38.19 16.74 17.59
CA ILE K 78 -37.01 16.28 16.86
C ILE K 78 -35.90 17.32 16.93
N SER K 79 -34.68 16.86 17.20
CA SER K 79 -33.46 17.64 17.16
C SER K 79 -32.36 16.83 16.49
N PRO K 80 -31.49 17.47 15.72
CA PRO K 80 -30.35 16.76 15.14
C PRO K 80 -29.29 16.52 16.21
N ASN K 81 -28.33 15.66 15.88
CA ASN K 81 -27.19 15.41 16.75
C ASN K 81 -26.17 16.55 16.61
N ALA K 82 -24.97 16.32 17.14
CA ALA K 82 -23.95 17.36 17.20
C ALA K 82 -23.53 17.82 15.81
N GLY K 83 -22.98 16.92 15.02
CA GLY K 83 -22.61 17.29 13.67
C GLY K 83 -23.60 16.79 12.66
N SER K 84 -24.12 17.69 11.83
CA SER K 84 -24.97 17.27 10.73
C SER K 84 -24.90 18.26 9.59
N GLU K 85 -24.96 17.74 8.37
CA GLU K 85 -25.07 18.59 7.19
C GLU K 85 -26.51 18.56 6.66
N GLY K 86 -27.40 19.23 7.40
CA GLY K 86 -28.71 19.58 6.87
C GLY K 86 -29.70 18.46 6.60
N ILE K 87 -30.32 17.88 7.62
CA ILE K 87 -31.42 16.93 7.39
C ILE K 87 -32.56 17.66 6.70
N ASP K 88 -32.90 17.22 5.49
CA ASP K 88 -34.10 17.71 4.84
C ASP K 88 -35.29 16.89 5.32
N LEU K 89 -36.47 17.48 5.28
CA LEU K 89 -37.67 16.80 5.73
C LEU K 89 -38.73 16.66 4.64
N ASN K 90 -38.46 17.14 3.43
CA ASN K 90 -39.23 16.67 2.28
C ASN K 90 -38.76 15.28 1.88
N ASN K 91 -37.53 14.93 2.26
CA ASN K 91 -37.05 13.56 2.17
C ASN K 91 -36.79 13.08 3.60
N THR K 92 -37.87 12.65 4.25
CA THR K 92 -37.83 12.08 5.60
C THR K 92 -39.15 11.37 5.81
N ARG K 93 -39.11 10.12 6.25
CA ARG K 93 -40.32 9.37 6.46
C ARG K 93 -40.44 8.98 7.92
N VAL K 94 -41.37 9.62 8.62
CA VAL K 94 -41.65 9.31 10.02
C VAL K 94 -42.45 8.02 10.03
N VAL K 95 -41.79 6.91 10.29
CA VAL K 95 -42.43 5.60 10.24
C VAL K 95 -42.85 5.27 11.67
N LEU K 96 -44.13 5.00 11.87
CA LEU K 96 -44.61 4.52 13.15
C LEU K 96 -45.58 3.38 12.92
N SER K 97 -45.35 2.27 13.59
CA SER K 97 -46.19 1.08 13.45
C SER K 97 -47.39 1.19 14.39
N ASN K 98 -48.14 0.12 14.52
CA ASN K 98 -49.18 0.01 15.55
C ASN K 98 -48.84 -1.28 16.28
N GLY K 99 -49.75 -1.78 17.12
CA GLY K 99 -49.73 -3.19 17.43
C GLY K 99 -50.11 -4.07 16.26
N THR K 100 -50.72 -3.50 15.21
CA THR K 100 -51.07 -4.24 14.01
C THR K 100 -50.42 -3.70 12.75
N VAL K 101 -50.53 -2.40 12.46
CA VAL K 101 -50.30 -1.86 11.13
C VAL K 101 -49.11 -0.90 11.14
N GLN K 102 -48.07 -1.25 10.37
CA GLN K 102 -47.02 -0.32 9.99
C GLN K 102 -47.59 0.86 9.21
N ALA K 103 -47.17 2.06 9.61
CA ALA K 103 -47.56 3.26 8.90
C ALA K 103 -46.33 4.11 8.64
N VAL K 104 -46.29 4.76 7.47
CA VAL K 104 -45.27 5.75 7.16
C VAL K 104 -45.97 7.08 6.97
N LEU K 105 -45.20 8.17 7.06
CA LEU K 105 -45.76 9.51 7.00
C LEU K 105 -44.90 10.36 6.09
N LYS K 106 -45.49 10.86 5.01
CA LYS K 106 -44.80 11.74 4.07
C LYS K 106 -45.11 13.18 4.42
N TYR K 107 -44.18 14.07 4.10
CA TYR K 107 -44.34 15.50 4.37
C TYR K 107 -45.52 16.09 3.63
N GLU K 108 -46.19 17.04 4.29
CA GLU K 108 -47.33 17.74 3.72
C GLU K 108 -47.03 19.22 3.68
N LYS K 109 -47.36 19.86 2.56
CA LYS K 109 -47.17 21.30 2.43
C LYS K 109 -48.26 22.05 3.19
N THR K 110 -48.01 23.34 3.42
CA THR K 110 -48.88 24.28 4.14
C THR K 110 -49.29 23.75 5.51
N ALA K 111 -48.30 23.45 6.34
CA ALA K 111 -48.57 23.25 7.76
C ALA K 111 -47.36 23.77 8.56
N TYR K 112 -47.38 25.05 8.90
CA TYR K 112 -46.34 25.60 9.76
C TYR K 112 -46.87 26.11 11.10
N HIS K 113 -47.75 27.10 11.11
CA HIS K 113 -48.23 27.80 12.31
C HIS K 113 -47.06 28.23 13.20
N LYS K 114 -46.24 29.13 12.66
CA LYS K 114 -44.96 29.45 13.26
C LYS K 114 -44.93 30.80 13.98
N GLY K 115 -46.06 31.49 14.09
CA GLY K 115 -46.08 32.76 14.79
C GLY K 115 -46.85 32.75 16.09
N ALA K 116 -47.94 31.99 16.14
CA ALA K 116 -48.82 31.90 17.31
C ALA K 116 -48.59 30.60 18.07
N VAL K 117 -47.32 30.22 18.20
CA VAL K 117 -46.86 28.89 18.58
C VAL K 117 -47.24 28.50 20.02
N GLY K 118 -47.72 29.47 20.81
CA GLY K 118 -47.93 29.32 22.24
C GLY K 118 -48.91 28.24 22.67
N ASP K 119 -49.71 27.72 21.75
CA ASP K 119 -50.47 26.50 21.99
C ASP K 119 -50.00 25.50 20.94
N VAL K 120 -49.37 24.41 21.38
CA VAL K 120 -48.75 23.46 20.47
C VAL K 120 -49.82 22.64 19.75
N PHE K 121 -51.00 22.50 20.38
CA PHE K 121 -52.10 21.74 19.83
C PHE K 121 -53.19 22.63 19.25
N ASN K 122 -52.80 23.81 18.76
CA ASN K 122 -53.80 24.76 18.30
C ASN K 122 -54.34 24.35 16.94
N ALA K 123 -55.65 24.51 16.76
CA ALA K 123 -56.35 24.05 15.57
C ALA K 123 -56.34 25.10 14.46
N SER K 124 -55.16 25.52 14.04
CA SER K 124 -54.99 26.41 12.90
C SER K 124 -54.98 25.56 11.62
N THR K 125 -54.53 26.15 10.50
CA THR K 125 -54.46 25.40 9.25
C THR K 125 -53.33 24.37 9.24
N ALA K 126 -52.45 24.37 10.24
CA ALA K 126 -51.34 23.42 10.30
C ALA K 126 -51.71 22.10 10.95
N TRP K 127 -53.00 21.74 10.95
CA TRP K 127 -53.48 20.45 11.45
C TRP K 127 -54.51 19.83 10.52
N ASN K 128 -55.03 20.59 9.56
CA ASN K 128 -55.97 20.08 8.57
C ASN K 128 -55.16 19.20 7.62
N LEU K 129 -55.16 17.90 7.89
CA LEU K 129 -54.32 16.98 7.16
C LEU K 129 -54.99 15.60 7.12
N SER K 130 -54.29 14.64 6.51
CA SER K 130 -54.88 13.35 6.19
C SER K 130 -54.04 12.20 6.75
N ASN K 131 -54.31 10.98 6.28
CA ASN K 131 -53.77 9.76 6.87
C ASN K 131 -52.24 9.71 6.79
N THR K 132 -51.69 9.94 5.60
CA THR K 132 -50.28 9.72 5.32
C THR K 132 -49.47 11.00 5.38
N ASN K 133 -49.83 11.92 6.27
CA ASN K 133 -49.20 13.23 6.33
C ASN K 133 -48.77 13.54 7.75
N PHE K 134 -47.79 14.44 7.88
CA PHE K 134 -47.42 14.94 9.19
C PHE K 134 -47.18 16.45 9.12
N GLY K 135 -47.59 17.15 10.19
CA GLY K 135 -47.34 18.56 10.33
C GLY K 135 -46.01 18.82 10.98
N ILE K 136 -45.43 19.99 10.69
CA ILE K 136 -44.02 20.26 10.96
C ILE K 136 -43.88 21.56 11.77
N ILE K 137 -44.79 21.77 12.74
CA ILE K 137 -44.92 23.05 13.42
C ILE K 137 -43.63 23.39 14.17
N VAL K 138 -43.06 24.55 13.85
CA VAL K 138 -41.63 24.80 13.98
C VAL K 138 -41.39 25.82 15.08
N LEU K 139 -40.26 25.67 15.76
CA LEU K 139 -39.81 26.60 16.79
C LEU K 139 -38.29 26.51 16.90
N GLN K 140 -37.70 27.55 17.49
CA GLN K 140 -36.27 27.71 17.72
C GLN K 140 -35.49 27.59 16.40
N ASP K 141 -35.71 28.55 15.53
CA ASP K 141 -34.96 28.66 14.28
C ASP K 141 -33.81 29.63 14.48
N ALA K 142 -32.60 29.18 14.13
CA ALA K 142 -31.43 30.04 14.31
C ALA K 142 -31.28 31.03 13.17
N ASP K 143 -31.11 30.52 11.95
CA ASP K 143 -30.87 31.36 10.77
C ASP K 143 -32.06 31.35 9.83
N ASN K 144 -33.26 31.16 10.40
CA ASN K 144 -34.51 30.95 9.66
C ASN K 144 -34.36 29.82 8.64
N SER K 145 -33.75 28.73 9.09
CA SER K 145 -33.43 27.61 8.23
C SER K 145 -34.66 26.82 7.78
N VAL K 146 -35.80 26.99 8.47
CA VAL K 146 -37.02 26.31 8.06
C VAL K 146 -37.90 27.32 7.32
N ASP K 147 -37.80 27.35 5.99
CA ASP K 147 -38.70 28.12 5.17
C ASP K 147 -39.73 27.20 4.53
N GLN K 148 -40.69 27.80 3.83
CA GLN K 148 -41.72 27.02 3.16
C GLN K 148 -41.10 26.26 1.98
N ASN K 149 -41.57 25.02 1.80
CA ASN K 149 -41.23 24.05 0.76
C ASN K 149 -39.84 23.47 0.96
N TYR K 150 -39.09 23.93 1.96
CA TYR K 150 -37.72 23.48 2.21
C TYR K 150 -37.48 23.34 3.71
N PRO K 151 -37.97 22.25 4.33
CA PRO K 151 -37.72 22.07 5.76
C PRO K 151 -36.32 21.54 6.03
N THR K 152 -35.43 22.38 6.55
CA THR K 152 -34.04 22.00 6.81
C THR K 152 -33.81 22.03 8.31
N LEU K 153 -32.92 21.17 8.78
CA LEU K 153 -32.43 21.29 10.15
C LEU K 153 -30.92 21.40 10.20
N ASN K 154 -30.44 22.55 10.70
CA ASN K 154 -29.06 22.74 11.07
C ASN K 154 -28.93 22.47 12.57
N LYS K 155 -27.77 22.77 13.16
CA LYS K 155 -27.56 22.48 14.57
C LYS K 155 -28.42 23.37 15.46
N GLY K 156 -28.93 22.80 16.55
CA GLY K 156 -29.75 23.51 17.50
C GLY K 156 -31.06 24.04 16.96
N ASP K 157 -31.77 23.23 16.18
CA ASP K 157 -32.96 23.69 15.47
C ASP K 157 -34.03 22.63 15.67
N ILE K 158 -34.86 22.81 16.70
CA ILE K 158 -35.68 21.74 17.24
C ILE K 158 -37.12 21.93 16.77
N VAL K 159 -37.56 21.09 15.85
CA VAL K 159 -38.87 21.22 15.23
C VAL K 159 -39.80 20.19 15.86
N VAL K 160 -41.09 20.52 15.89
CA VAL K 160 -42.11 19.68 16.50
C VAL K 160 -42.94 19.08 15.39
N ILE K 161 -42.96 17.76 15.30
CA ILE K 161 -43.76 17.11 14.26
C ILE K 161 -45.15 16.81 14.79
N THR K 162 -46.16 17.38 14.12
CA THR K 162 -47.56 17.05 14.32
C THR K 162 -47.93 15.82 13.51
N VAL K 163 -48.54 14.83 14.14
CA VAL K 163 -49.10 13.67 13.46
C VAL K 163 -50.52 13.46 13.96
N LYS K 164 -51.51 13.74 13.12
CA LYS K 164 -52.89 13.45 13.48
C LYS K 164 -53.18 11.98 13.24
N VAL K 165 -53.62 11.29 14.29
CA VAL K 165 -53.74 9.84 14.30
C VAL K 165 -55.19 9.39 14.38
N GLY K 166 -55.94 9.93 15.34
CA GLY K 166 -57.11 9.22 15.83
C GLY K 166 -58.44 9.19 15.12
N GLU K 167 -59.16 10.31 15.08
CA GLU K 167 -60.60 10.24 14.88
C GLU K 167 -60.96 10.05 13.41
N GLY K 168 -61.65 8.94 13.13
CA GLY K 168 -62.09 8.59 11.79
C GLY K 168 -60.94 8.41 10.81
N ASN K 169 -60.81 9.36 9.90
CA ASN K 169 -59.65 9.42 9.03
C ASN K 169 -58.43 9.88 9.80
N GLY K 170 -57.32 9.17 9.60
CA GLY K 170 -56.11 9.45 10.33
C GLY K 170 -55.11 8.34 10.12
N VAL K 171 -54.11 8.31 11.00
CA VAL K 171 -53.11 7.25 10.92
C VAL K 171 -53.73 5.92 11.31
N PHE K 172 -54.46 5.89 12.41
CA PHE K 172 -55.07 4.67 12.92
C PHE K 172 -56.58 4.84 13.01
N GLY K 173 -57.30 3.72 12.97
CA GLY K 173 -58.70 3.73 13.29
C GLY K 173 -58.89 3.99 14.77
N LYS K 174 -59.50 5.14 15.12
CA LYS K 174 -59.73 5.64 16.47
C LYS K 174 -58.45 5.89 17.26
N GLY K 175 -57.27 5.88 16.61
CA GLY K 175 -56.00 6.12 17.25
C GLY K 175 -55.56 5.03 18.19
N ILE K 176 -54.44 5.30 18.85
CA ILE K 176 -53.92 4.38 19.86
C ILE K 176 -54.77 4.48 21.12
N PRO K 177 -55.24 3.36 21.65
CA PRO K 177 -55.91 3.36 22.94
C PRO K 177 -54.88 3.29 24.05
N PRO K 178 -55.26 3.44 25.31
CA PRO K 178 -54.35 3.09 26.41
C PRO K 178 -54.06 1.61 26.44
N ARG K 179 -53.04 1.26 27.23
CA ARG K 179 -52.63 -0.11 27.52
C ARG K 179 -52.29 -0.84 26.22
N THR K 180 -51.25 -0.35 25.56
CA THR K 180 -50.80 -0.92 24.30
C THR K 180 -49.33 -0.61 24.09
N LYS K 181 -48.75 -1.28 23.10
CA LYS K 181 -47.42 -0.97 22.61
C LYS K 181 -47.55 -0.28 21.26
N ILE K 182 -46.80 0.81 21.09
CA ILE K 182 -46.84 1.68 19.94
C ILE K 182 -45.44 2.22 19.71
N THR K 183 -44.86 1.92 18.56
CA THR K 183 -43.41 2.04 18.37
C THR K 183 -43.10 2.19 16.88
N GLY K 184 -42.27 3.18 16.57
CA GLY K 184 -41.80 3.34 15.22
C GLY K 184 -40.38 3.86 15.20
N LYS K 185 -40.00 4.42 14.05
CA LYS K 185 -38.66 4.98 13.91
C LYS K 185 -38.68 6.10 12.88
N VAL K 186 -37.94 7.16 13.17
CA VAL K 186 -37.82 8.32 12.29
C VAL K 186 -36.47 8.20 11.60
N ILE K 187 -36.46 8.29 10.28
CA ILE K 187 -35.23 8.13 9.49
C ILE K 187 -35.09 9.31 8.52
N PRO K 188 -33.93 9.92 8.44
CA PRO K 188 -33.69 10.95 7.41
C PRO K 188 -33.34 10.35 6.06
N GLU K 189 -32.94 11.23 5.14
CA GLU K 189 -32.36 10.80 3.87
C GLU K 189 -31.08 10.00 4.09
N PHE K 190 -30.06 10.65 4.63
CA PHE K 190 -28.77 10.03 4.87
C PHE K 190 -28.36 10.08 6.33
N GLY K 191 -29.22 10.58 7.21
CA GLY K 191 -28.87 10.75 8.61
C GLY K 191 -28.88 9.43 9.37
N ALA K 192 -28.72 9.56 10.67
CA ALA K 192 -28.86 8.36 11.48
C ALA K 192 -30.29 8.26 11.99
N PRO K 193 -30.96 7.12 11.78
CA PRO K 193 -32.36 7.01 12.18
C PRO K 193 -32.53 6.98 13.69
N GLY K 194 -33.45 7.80 14.19
CA GLY K 194 -33.78 7.80 15.60
C GLY K 194 -34.94 6.87 15.88
N VAL K 195 -35.13 6.54 17.15
CA VAL K 195 -36.13 5.56 17.51
C VAL K 195 -37.17 6.24 18.41
N ILE K 196 -38.37 5.67 18.45
CA ILE K 196 -39.45 6.12 19.32
C ILE K 196 -40.23 4.90 19.78
N GLU K 197 -40.44 4.78 21.08
CA GLU K 197 -41.02 3.56 21.66
C GLU K 197 -41.81 3.93 22.90
N PHE K 198 -43.12 4.07 22.75
CA PHE K 198 -43.99 4.50 23.83
C PHE K 198 -44.21 3.39 24.84
N THR K 199 -44.93 3.71 25.91
CA THR K 199 -45.54 2.70 26.76
C THR K 199 -47.04 2.93 26.92
N THR K 200 -47.48 4.21 26.81
CA THR K 200 -48.86 4.69 26.91
C THR K 200 -49.50 4.23 28.22
N PRO K 201 -49.21 4.91 29.33
CA PRO K 201 -49.68 4.44 30.65
C PRO K 201 -51.19 4.41 30.77
N SER K 202 -51.71 3.28 31.24
CA SER K 202 -53.13 2.96 31.08
C SER K 202 -53.99 3.70 32.10
N THR K 203 -55.23 3.95 31.71
CA THR K 203 -56.30 4.58 32.51
C THR K 203 -55.85 5.97 32.99
N TYR K 204 -55.75 6.87 32.02
CA TYR K 204 -55.19 8.20 32.23
C TYR K 204 -56.22 9.30 32.11
N THR K 205 -55.78 10.49 32.47
CA THR K 205 -56.39 11.77 32.10
C THR K 205 -55.48 12.47 31.09
N SER K 206 -55.91 13.65 30.65
CA SER K 206 -55.43 14.25 29.40
C SER K 206 -53.96 14.65 29.48
N GLU K 207 -53.40 14.97 28.30
CA GLU K 207 -52.01 15.38 28.09
C GLU K 207 -51.06 14.27 28.59
N VAL K 208 -50.96 13.24 27.75
CA VAL K 208 -50.64 11.87 28.15
C VAL K 208 -49.14 11.63 28.01
N ILE K 209 -48.34 12.71 28.09
CA ILE K 209 -46.90 12.79 27.81
C ILE K 209 -46.05 11.62 28.31
N GLU K 210 -45.25 11.04 27.41
CA GLU K 210 -44.44 9.88 27.71
C GLU K 210 -43.25 9.86 26.76
N LEU K 211 -42.10 9.48 27.30
CA LEU K 211 -40.84 9.79 26.65
C LEU K 211 -40.51 8.84 25.52
N GLN K 212 -39.88 9.39 24.48
CA GLN K 212 -39.11 8.68 23.47
C GLN K 212 -39.93 7.68 22.65
N ALA L 6 19.98 -4.58 -32.62
CA ALA L 6 19.08 -5.55 -32.00
C ALA L 6 18.45 -4.97 -30.74
N VAL L 7 17.28 -5.47 -30.31
CA VAL L 7 16.64 -4.95 -29.07
C VAL L 7 16.79 -5.72 -27.74
N GLY L 8 17.23 -6.97 -27.83
CA GLY L 8 17.35 -7.81 -26.65
C GLY L 8 18.33 -7.28 -25.62
N ILE L 9 19.44 -6.71 -26.07
CA ILE L 9 20.42 -6.22 -25.10
C ILE L 9 19.83 -5.15 -24.20
N GLY L 10 19.10 -4.22 -24.81
CA GLY L 10 18.54 -3.13 -24.05
C GLY L 10 17.56 -3.57 -22.99
N THR L 11 16.66 -4.50 -23.34
CA THR L 11 15.67 -4.94 -22.38
C THR L 11 16.33 -5.61 -21.19
N LEU L 12 17.32 -6.46 -21.46
CA LEU L 12 17.97 -7.16 -20.38
C LEU L 12 18.65 -6.17 -19.46
N ILE L 13 19.35 -5.19 -20.04
CA ILE L 13 20.04 -4.23 -19.20
C ILE L 13 19.06 -3.42 -18.35
N VAL L 14 17.96 -3.01 -18.98
CA VAL L 14 16.98 -2.22 -18.26
C VAL L 14 16.39 -3.02 -17.13
N PHE L 15 16.09 -4.29 -17.37
CA PHE L 15 15.52 -5.14 -16.33
C PHE L 15 16.48 -5.30 -15.17
N ILE L 16 17.77 -5.46 -15.50
CA ILE L 16 18.76 -5.61 -14.45
C ILE L 16 18.77 -4.37 -13.58
N ALA L 17 18.75 -3.20 -14.22
CA ALA L 17 18.73 -1.96 -13.43
C ALA L 17 17.47 -1.85 -12.58
N MET L 18 16.38 -2.36 -13.15
CA MET L 18 15.06 -2.35 -12.52
C MET L 18 15.09 -3.12 -11.20
N VAL L 19 15.81 -4.23 -11.20
CA VAL L 19 15.91 -5.08 -10.03
C VAL L 19 16.52 -4.34 -8.84
N LEU L 20 17.52 -3.51 -9.10
CA LEU L 20 18.16 -2.73 -8.03
C LEU L 20 17.15 -1.78 -7.40
N VAL L 21 16.30 -1.16 -8.22
CA VAL L 21 15.27 -0.26 -7.72
C VAL L 21 14.31 -1.05 -6.85
N ALA L 22 13.95 -2.26 -7.30
CA ALA L 22 13.05 -3.07 -6.50
C ALA L 22 13.69 -3.40 -5.14
N ALA L 23 14.97 -3.73 -5.15
CA ALA L 23 15.68 -4.05 -3.91
C ALA L 23 15.71 -2.85 -2.96
N VAL L 24 15.96 -1.65 -3.49
CA VAL L 24 15.97 -0.47 -2.61
C VAL L 24 14.59 -0.18 -2.04
N ALA L 25 13.56 -0.43 -2.84
CA ALA L 25 12.19 -0.21 -2.42
C ALA L 25 11.78 -1.09 -1.23
N ALA L 26 12.26 -2.34 -1.22
CA ALA L 26 11.91 -3.28 -0.16
C ALA L 26 12.82 -3.08 1.03
N ALA L 27 14.10 -2.85 0.76
CA ALA L 27 15.06 -2.67 1.81
C ALA L 27 14.68 -1.43 2.61
N VAL L 28 14.31 -0.35 1.93
CA VAL L 28 13.95 0.87 2.65
C VAL L 28 12.72 0.63 3.51
N LEU L 29 11.75 -0.08 2.94
CA LEU L 29 10.51 -0.34 3.66
C LEU L 29 10.79 -1.18 4.91
N ILE L 30 11.66 -2.17 4.77
CA ILE L 30 12.01 -3.02 5.90
C ILE L 30 12.72 -2.20 6.96
N GLN L 31 13.65 -1.36 6.52
CA GLN L 31 14.40 -0.54 7.43
C GLN L 31 13.47 0.43 8.11
N THR L 32 12.54 1.00 7.36
CA THR L 32 11.61 1.94 7.98
C THR L 32 10.58 1.23 8.85
N SER L 33 10.11 0.06 8.42
CA SER L 33 9.25 -0.74 9.28
C SER L 33 10.04 -1.30 10.45
N GLY L 34 11.34 -1.50 10.27
CA GLY L 34 12.18 -1.92 11.38
C GLY L 34 12.26 -0.88 12.49
N TYR L 35 12.24 0.40 12.11
CA TYR L 35 12.17 1.45 13.11
C TYR L 35 10.84 1.44 13.86
N LEU L 36 9.79 0.95 13.20
CA LEU L 36 8.47 0.93 13.82
C LEU L 36 8.38 -0.07 14.97
N GLN L 37 8.86 -1.32 14.77
CA GLN L 37 8.69 -2.32 15.82
C GLN L 37 9.57 -2.06 17.03
N GLN L 38 10.72 -1.41 16.84
CA GLN L 38 11.51 -1.02 18.01
C GLN L 38 10.89 0.20 18.69
N LYS L 39 10.04 0.93 17.97
CA LYS L 39 9.35 2.05 18.59
C LYS L 39 8.02 1.61 19.19
N SER L 40 7.30 0.71 18.51
CA SER L 40 5.97 0.33 18.97
C SER L 40 6.05 -0.54 20.21
N GLN L 41 6.89 -1.58 20.18
CA GLN L 41 6.95 -2.52 21.29
C GLN L 41 7.55 -1.89 22.54
N ALA L 42 8.51 -0.99 22.38
CA ALA L 42 9.05 -0.26 23.52
C ALA L 42 8.00 0.67 24.12
N THR L 43 7.15 1.25 23.26
CA THR L 43 5.98 1.97 23.75
C THR L 43 4.78 1.06 23.97
N GLY L 44 4.92 -0.23 23.71
CA GLY L 44 3.84 -1.17 23.98
C GLY L 44 3.61 -1.34 25.46
N ARG L 45 4.65 -1.76 26.18
CA ARG L 45 4.50 -2.06 27.59
C ARG L 45 4.34 -0.79 28.42
N GLU L 46 4.95 0.30 27.97
CA GLU L 46 5.06 1.50 28.79
C GLU L 46 3.73 2.23 28.95
N THR L 47 2.76 1.96 28.09
CA THR L 47 1.45 2.56 28.28
C THR L 47 0.73 2.03 29.51
N THR L 48 0.78 0.71 29.74
CA THR L 48 0.21 0.16 30.97
C THR L 48 1.06 0.54 32.18
N GLN L 49 2.40 0.47 32.04
CA GLN L 49 3.33 0.76 33.12
C GLN L 49 3.20 2.20 33.61
N GLU L 50 2.85 3.12 32.73
CA GLU L 50 2.60 4.50 33.13
C GLU L 50 1.35 4.61 33.98
N VAL L 51 0.38 3.71 33.82
CA VAL L 51 -0.91 3.85 34.46
C VAL L 51 -1.23 2.75 35.47
N ALA L 52 -0.65 1.56 35.35
CA ALA L 52 -0.99 0.50 36.28
C ALA L 52 -0.30 0.71 37.62
N SER L 53 0.99 1.04 37.59
CA SER L 53 1.73 1.29 38.82
C SER L 53 1.28 2.60 39.45
N GLY L 54 1.22 2.62 40.78
CA GLY L 54 0.69 3.79 41.45
C GLY L 54 0.74 3.73 42.96
N ILE L 55 1.02 4.87 43.58
CA ILE L 55 1.24 4.99 45.01
C ILE L 55 -0.04 5.48 45.65
N LYS L 56 -0.51 4.78 46.69
CA LYS L 56 -1.64 5.23 47.47
C LYS L 56 -1.23 5.40 48.92
N VAL L 57 -1.89 6.34 49.60
CA VAL L 57 -1.47 6.85 50.90
C VAL L 57 -2.55 6.53 51.93
N LEU L 58 -2.15 5.97 53.07
CA LEU L 58 -3.07 5.55 54.11
C LEU L 58 -2.48 5.80 55.49
N SER L 59 -3.29 6.37 56.39
CA SER L 59 -3.03 6.48 57.83
C SER L 59 -1.74 7.23 58.14
N VAL L 60 -1.76 8.52 57.84
CA VAL L 60 -0.64 9.41 58.12
C VAL L 60 -0.69 9.80 59.60
N VAL L 61 0.48 9.99 60.21
CA VAL L 61 0.58 10.23 61.65
C VAL L 61 1.44 11.46 61.93
N GLY L 62 1.07 12.19 62.99
CA GLY L 62 1.57 13.54 63.21
C GLY L 62 2.75 13.82 64.12
N LYS L 63 2.69 13.39 65.39
CA LYS L 63 3.68 13.67 66.44
C LYS L 63 3.93 15.17 66.70
N THR L 64 3.01 15.82 67.41
CA THR L 64 3.36 17.12 67.98
C THR L 64 4.36 16.97 69.14
N ASP L 65 4.84 18.10 69.63
CA ASP L 65 5.75 18.10 70.77
C ASP L 65 4.91 18.13 72.05
N SER L 66 5.55 17.92 73.21
CA SER L 66 4.86 17.84 74.48
C SER L 66 4.18 19.14 74.90
N ASN L 67 4.54 20.28 74.30
CA ASN L 67 3.71 21.47 74.29
C ASN L 67 2.92 21.37 72.99
N LYS L 68 1.66 20.95 73.10
CA LYS L 68 0.91 20.26 72.06
C LYS L 68 0.72 20.98 70.73
N THR L 69 0.97 22.28 70.67
CA THR L 69 0.75 23.02 69.42
C THR L 69 1.95 22.81 68.49
N TYR L 70 1.76 23.13 67.21
CA TYR L 70 2.80 23.18 66.17
C TYR L 70 3.42 21.80 65.92
N VAL L 71 2.58 20.89 65.40
CA VAL L 71 2.99 19.51 65.09
C VAL L 71 4.05 19.50 64.01
N GLU L 72 5.12 18.71 64.21
CA GLU L 72 6.38 18.95 63.52
C GLU L 72 6.95 17.75 62.77
N LYS L 73 6.79 16.52 63.27
CA LYS L 73 7.53 15.37 62.75
C LYS L 73 6.57 14.40 62.07
N LEU L 74 6.27 14.64 60.80
CA LEU L 74 5.22 13.92 60.10
C LEU L 74 5.76 12.62 59.51
N ALA L 75 4.90 11.63 59.42
CA ALA L 75 5.23 10.33 58.82
C ALA L 75 4.06 9.86 57.98
N ILE L 76 4.30 9.71 56.69
CA ILE L 76 3.30 9.30 55.71
C ILE L 76 3.59 7.86 55.28
N TYR L 77 2.58 6.99 55.34
CA TYR L 77 2.73 5.60 54.94
C TYR L 77 2.39 5.48 53.47
N ILE L 78 3.01 4.53 52.79
CA ILE L 78 2.86 4.35 51.34
C ILE L 78 2.93 2.87 50.99
N SER L 79 1.96 2.40 50.20
CA SER L 79 1.98 1.11 49.53
C SER L 79 1.63 1.30 48.07
N PRO L 80 2.32 0.62 47.16
CA PRO L 80 1.96 0.68 45.75
C PRO L 80 0.71 -0.14 45.50
N ASN L 81 0.10 0.09 44.34
CA ASN L 81 -1.18 -0.51 44.00
C ASN L 81 -0.99 -1.97 43.61
N ALA L 82 -2.06 -2.60 43.12
CA ALA L 82 -2.03 -4.00 42.71
C ALA L 82 -1.10 -4.19 41.52
N GLY L 83 -1.39 -3.54 40.41
CA GLY L 83 -0.44 -3.44 39.33
C GLY L 83 0.73 -2.58 39.76
N SER L 84 1.94 -3.11 39.72
CA SER L 84 3.12 -2.37 40.12
C SER L 84 4.34 -3.01 39.51
N GLU L 85 4.94 -2.36 38.52
CA GLU L 85 6.24 -2.79 38.02
C GLU L 85 7.33 -1.84 38.54
N GLY L 86 7.61 -1.99 39.84
CA GLY L 86 8.79 -1.37 40.43
C GLY L 86 8.80 0.14 40.54
N ILE L 87 7.99 0.73 41.42
CA ILE L 87 8.15 2.14 41.70
C ILE L 87 9.42 2.34 42.50
N ASP L 88 10.36 3.07 41.94
CA ASP L 88 11.57 3.48 42.66
C ASP L 88 11.29 4.80 43.37
N LEU L 89 11.74 4.88 44.61
CA LEU L 89 11.55 6.11 45.38
C LEU L 89 12.78 6.99 45.40
N ASN L 90 13.89 6.56 44.78
CA ASN L 90 14.98 7.49 44.52
C ASN L 90 14.57 8.52 43.50
N ASN L 91 13.67 8.16 42.59
CA ASN L 91 13.01 9.11 41.71
C ASN L 91 11.53 9.16 42.11
N THR L 92 11.25 9.96 43.14
CA THR L 92 9.89 10.20 43.64
C THR L 92 9.92 11.47 44.47
N ARG L 93 9.07 12.43 44.13
CA ARG L 93 9.03 13.68 44.86
C ARG L 93 7.67 13.81 45.54
N VAL L 94 7.66 13.70 46.86
CA VAL L 94 6.44 13.88 47.62
C VAL L 94 6.21 15.39 47.74
N VAL L 95 5.46 15.94 46.78
CA VAL L 95 5.19 17.36 46.76
C VAL L 95 4.02 17.60 47.71
N LEU L 96 4.27 18.30 48.80
CA LEU L 96 3.21 18.70 49.70
C LEU L 96 3.20 20.23 49.83
N SER L 97 2.02 20.81 49.68
CA SER L 97 1.85 22.27 49.76
C SER L 97 1.77 22.71 51.20
N ASN L 98 1.36 23.95 51.42
CA ASN L 98 1.00 24.42 52.76
C ASN L 98 -0.30 25.18 52.54
N GLY L 99 -0.74 25.94 53.54
CA GLY L 99 -1.63 27.04 53.25
C GLY L 99 -0.94 28.18 52.54
N THR L 100 0.39 28.25 52.61
CA THR L 100 1.13 29.33 51.97
C THR L 100 2.18 28.86 50.98
N VAL L 101 3.05 27.92 51.34
CA VAL L 101 4.30 27.68 50.62
C VAL L 101 4.32 26.23 50.11
N GLN L 102 4.50 26.07 48.80
CA GLN L 102 4.76 24.76 48.19
C GLN L 102 6.05 24.15 48.71
N ALA L 103 6.08 22.82 48.70
CA ALA L 103 7.30 22.12 49.10
C ALA L 103 7.40 20.82 48.32
N VAL L 104 8.59 20.54 47.82
CA VAL L 104 8.92 19.24 47.22
C VAL L 104 9.90 18.56 48.16
N LEU L 105 9.99 17.25 48.05
CA LEU L 105 10.86 16.47 48.92
C LEU L 105 11.68 15.49 48.11
N LYS L 106 13.00 15.68 48.11
CA LYS L 106 13.96 14.83 47.43
C LYS L 106 14.43 13.74 48.39
N TYR L 107 14.77 12.57 47.83
CA TYR L 107 15.19 11.44 48.64
C TYR L 107 16.52 11.73 49.34
N GLU L 108 16.67 11.15 50.53
CA GLU L 108 17.85 11.34 51.34
C GLU L 108 18.36 9.99 51.80
N LYS L 109 19.67 9.80 51.72
CA LYS L 109 20.28 8.54 52.11
C LYS L 109 20.49 8.52 53.62
N THR L 110 21.04 7.41 54.10
CA THR L 110 21.42 7.17 55.51
C THR L 110 20.25 7.40 56.47
N ALA L 111 19.08 6.87 56.11
CA ALA L 111 17.94 6.91 57.03
C ALA L 111 17.04 5.70 56.76
N TYR L 112 17.33 4.58 57.44
CA TYR L 112 16.44 3.42 57.38
C TYR L 112 15.85 3.05 58.73
N HIS L 113 16.69 2.63 59.69
CA HIS L 113 16.28 2.07 60.99
C HIS L 113 15.15 1.04 60.84
N LYS L 114 15.45 -0.04 60.13
CA LYS L 114 14.43 -0.99 59.73
C LYS L 114 14.15 -2.08 60.74
N GLY L 115 14.99 -2.25 61.76
CA GLY L 115 14.86 -3.40 62.63
C GLY L 115 14.12 -3.19 63.95
N ALA L 116 14.51 -2.17 64.70
CA ALA L 116 13.96 -1.90 66.02
C ALA L 116 12.89 -0.80 65.97
N VAL L 117 12.11 -0.80 64.90
CA VAL L 117 11.30 0.35 64.50
C VAL L 117 9.94 0.32 65.20
N GLY L 118 9.77 -0.61 66.15
CA GLY L 118 8.51 -0.83 66.85
C GLY L 118 7.96 0.39 67.57
N ASP L 119 8.84 1.29 68.01
CA ASP L 119 8.44 2.65 68.36
C ASP L 119 8.60 3.48 67.09
N VAL L 120 7.49 4.03 66.60
CA VAL L 120 7.45 4.55 65.23
C VAL L 120 8.19 5.88 65.16
N PHE L 121 8.07 6.71 66.20
CA PHE L 121 8.66 8.03 66.23
C PHE L 121 9.92 8.09 67.09
N ASN L 122 10.65 6.98 67.16
CA ASN L 122 11.81 6.93 68.04
C ASN L 122 12.96 7.68 67.41
N ALA L 123 13.71 8.40 68.26
CA ALA L 123 14.78 9.29 67.80
C ALA L 123 16.00 8.49 67.36
N SER L 124 15.90 7.84 66.21
CA SER L 124 16.96 7.00 65.68
C SER L 124 17.94 7.83 64.87
N THR L 125 18.79 7.15 64.10
CA THR L 125 19.62 7.81 63.10
C THR L 125 18.87 8.05 61.80
N ALA L 126 17.61 7.64 61.73
CA ALA L 126 16.79 7.77 60.52
C ALA L 126 16.00 9.07 60.46
N TRP L 127 16.52 10.14 61.07
CA TRP L 127 15.83 11.41 61.15
C TRP L 127 16.76 12.59 60.87
N ASN L 128 18.05 12.33 60.70
CA ASN L 128 19.05 13.38 60.51
C ASN L 128 18.92 13.88 59.08
N LEU L 129 18.15 14.96 58.92
CA LEU L 129 17.85 15.46 57.58
C LEU L 129 17.61 16.97 57.65
N SER L 130 17.16 17.53 56.52
CA SER L 130 17.16 18.98 56.34
C SER L 130 15.86 19.47 55.69
N ASN L 131 15.91 20.69 55.15
CA ASN L 131 14.73 21.39 54.64
C ASN L 131 14.11 20.68 53.44
N THR L 132 14.92 19.97 52.67
CA THR L 132 14.48 19.36 51.41
C THR L 132 14.67 17.85 51.39
N ASN L 133 14.32 17.13 52.46
CA ASN L 133 14.60 15.71 52.54
C ASN L 133 13.45 14.96 53.19
N PHE L 134 13.35 13.67 52.89
CA PHE L 134 12.40 12.81 53.58
C PHE L 134 13.06 11.49 53.98
N GLY L 135 12.69 10.99 55.16
CA GLY L 135 13.13 9.70 55.63
C GLY L 135 12.24 8.60 55.09
N ILE L 136 12.81 7.39 55.02
CA ILE L 136 12.26 6.31 54.22
C ILE L 136 12.18 5.02 55.06
N ILE L 137 11.81 5.16 56.35
CA ILE L 137 11.86 4.03 57.27
C ILE L 137 10.87 2.94 56.84
N VAL L 138 11.32 1.70 56.81
CA VAL L 138 10.68 0.67 55.99
C VAL L 138 10.20 -0.48 56.88
N LEU L 139 9.15 -1.16 56.42
CA LEU L 139 8.63 -2.37 57.06
C LEU L 139 7.95 -3.22 56.00
N GLN L 140 7.76 -4.51 56.34
CA GLN L 140 7.01 -5.50 55.55
C GLN L 140 7.61 -5.65 54.14
N ASP L 141 8.85 -6.16 54.10
CA ASP L 141 9.49 -6.48 52.83
C ASP L 141 9.34 -7.96 52.54
N ALA L 142 9.05 -8.28 51.27
CA ALA L 142 8.85 -9.67 50.89
C ALA L 142 10.19 -10.35 50.60
N ASP L 143 10.90 -9.86 49.59
CA ASP L 143 12.17 -10.43 49.16
C ASP L 143 13.34 -9.53 49.52
N ASN L 144 13.25 -8.87 50.69
CA ASN L 144 14.22 -7.86 51.14
C ASN L 144 14.37 -6.75 50.10
N SER L 145 13.27 -6.03 49.87
CA SER L 145 13.10 -5.25 48.65
C SER L 145 13.62 -3.83 48.73
N VAL L 146 13.76 -3.25 49.92
CA VAL L 146 14.21 -1.86 50.00
C VAL L 146 15.59 -1.81 50.66
N ASP L 147 16.63 -1.88 49.86
CA ASP L 147 17.99 -1.83 50.38
C ASP L 147 18.56 -0.43 50.22
N GLN L 148 19.84 -0.30 50.59
CA GLN L 148 20.51 0.99 50.52
C GLN L 148 20.69 1.39 49.06
N ASN L 149 20.49 2.69 48.80
CA ASN L 149 20.64 3.36 47.50
C ASN L 149 19.60 2.91 46.46
N TYR L 150 18.70 1.99 46.82
CA TYR L 150 17.75 1.41 45.87
C TYR L 150 16.45 1.07 46.57
N PRO L 151 15.50 1.99 46.59
CA PRO L 151 14.15 1.62 47.04
C PRO L 151 13.37 0.94 45.93
N THR L 152 12.82 -0.24 46.19
CA THR L 152 11.89 -0.88 45.27
C THR L 152 10.59 -1.10 46.03
N LEU L 153 9.47 -0.72 45.42
CA LEU L 153 8.19 -1.07 46.02
C LEU L 153 7.39 -2.00 45.12
N ASN L 154 7.34 -3.27 45.53
CA ASN L 154 6.57 -4.31 44.87
C ASN L 154 5.27 -4.55 45.62
N LYS L 155 4.49 -5.55 45.20
CA LYS L 155 3.18 -5.79 45.77
C LYS L 155 3.29 -6.25 47.23
N GLY L 156 2.42 -5.68 48.07
CA GLY L 156 2.41 -6.00 49.48
C GLY L 156 3.63 -5.53 50.25
N ASP L 157 3.99 -4.25 50.12
CA ASP L 157 5.23 -3.74 50.68
C ASP L 157 4.99 -2.29 51.09
N ILE L 158 4.78 -2.06 52.39
CA ILE L 158 4.34 -0.77 52.89
C ILE L 158 5.52 -0.06 53.53
N VAL L 159 6.05 0.95 52.84
CA VAL L 159 7.12 1.77 53.35
C VAL L 159 6.49 2.93 54.11
N VAL L 160 7.25 3.53 55.03
CA VAL L 160 6.80 4.67 55.80
C VAL L 160 7.72 5.85 55.48
N ILE L 161 7.21 6.82 54.74
CA ILE L 161 8.02 8.00 54.46
C ILE L 161 7.95 8.94 55.65
N THR L 162 9.10 9.34 56.17
CA THR L 162 9.19 10.30 57.26
C THR L 162 9.58 11.66 56.71
N VAL L 163 8.74 12.66 56.93
CA VAL L 163 8.99 14.03 56.49
C VAL L 163 9.00 14.92 57.72
N LYS L 164 10.20 15.24 58.20
CA LYS L 164 10.33 16.18 59.29
C LYS L 164 10.08 17.59 58.78
N VAL L 165 9.25 18.33 59.51
CA VAL L 165 8.74 19.61 59.00
C VAL L 165 9.08 20.76 59.95
N GLY L 166 8.71 20.63 61.21
CA GLY L 166 8.49 21.81 62.03
C GLY L 166 9.57 22.60 62.73
N GLU L 167 10.23 21.99 63.72
CA GLU L 167 10.84 22.76 64.80
C GLU L 167 12.11 23.48 64.35
N GLY L 168 12.12 24.80 64.56
CA GLY L 168 13.22 25.62 64.10
C GLY L 168 13.31 25.69 62.59
N ASN L 169 14.33 25.05 62.03
CA ASN L 169 14.42 24.86 60.60
C ASN L 169 13.51 23.73 60.14
N GLY L 170 13.26 23.68 58.84
CA GLY L 170 12.55 22.53 58.30
C GLY L 170 11.79 22.89 57.05
N VAL L 171 10.76 22.08 56.78
CA VAL L 171 9.94 22.29 55.59
C VAL L 171 9.11 23.56 55.73
N PHE L 172 8.45 23.74 56.87
CA PHE L 172 7.66 24.91 57.14
C PHE L 172 8.29 25.70 58.28
N GLY L 173 7.80 26.91 58.51
CA GLY L 173 8.16 27.63 59.71
C GLY L 173 7.34 27.12 60.88
N LYS L 174 8.00 26.51 61.87
CA LYS L 174 7.44 25.99 63.12
C LYS L 174 6.46 24.84 62.94
N GLY L 175 6.26 24.35 61.71
CA GLY L 175 5.28 23.32 61.49
C GLY L 175 3.86 23.86 61.42
N ILE L 176 2.93 22.94 61.20
CA ILE L 176 1.53 23.29 60.98
C ILE L 176 0.79 23.42 62.30
N PRO L 177 0.22 24.59 62.59
CA PRO L 177 -0.61 24.75 63.79
C PRO L 177 -1.97 24.13 63.56
N PRO L 178 -2.84 24.00 64.58
CA PRO L 178 -4.19 23.51 64.33
C PRO L 178 -5.00 24.50 63.51
N ARG L 179 -6.08 23.97 62.93
CA ARG L 179 -7.05 24.73 62.12
C ARG L 179 -6.33 25.37 60.92
N THR L 180 -5.80 24.51 60.07
CA THR L 180 -5.16 24.93 58.83
C THR L 180 -5.39 23.85 57.79
N LYS L 181 -4.96 24.11 56.57
CA LYS L 181 -4.97 23.11 55.52
C LYS L 181 -3.52 22.74 55.18
N ILE L 182 -3.29 21.46 54.94
CA ILE L 182 -2.04 20.90 54.49
C ILE L 182 -2.41 19.76 53.55
N THR L 183 -1.92 19.81 52.32
CA THR L 183 -2.41 18.97 51.24
C THR L 183 -1.36 18.85 50.15
N GLY L 184 -1.07 17.63 49.72
CA GLY L 184 -0.08 17.43 48.70
C GLY L 184 -0.37 16.27 47.81
N LYS L 185 0.64 15.84 47.07
CA LYS L 185 0.52 14.68 46.21
C LYS L 185 1.85 13.96 46.15
N VAL L 186 1.79 12.63 46.13
CA VAL L 186 2.97 11.78 46.01
C VAL L 186 2.99 11.29 44.57
N ILE L 187 3.86 11.86 43.75
CA ILE L 187 3.98 11.47 42.36
C ILE L 187 5.14 10.51 42.22
N PRO L 188 4.98 9.39 41.53
CA PRO L 188 6.08 8.44 41.40
C PRO L 188 7.03 8.81 40.28
N GLU L 189 7.96 7.91 39.98
CA GLU L 189 8.83 8.05 38.80
C GLU L 189 7.99 8.08 37.53
N PHE L 190 7.19 7.05 37.30
CA PHE L 190 6.34 6.96 36.14
C PHE L 190 4.94 6.46 36.48
N GLY L 191 4.60 6.34 37.75
CA GLY L 191 3.36 5.70 38.15
C GLY L 191 2.18 6.66 38.14
N ALA L 192 1.19 6.31 38.94
CA ALA L 192 -0.01 7.12 39.09
C ALA L 192 0.14 8.03 40.30
N PRO L 193 -0.18 9.31 40.18
CA PRO L 193 0.00 10.24 41.31
C PRO L 193 -1.02 9.96 42.41
N GLY L 194 -0.52 9.88 43.64
CA GLY L 194 -1.38 9.59 44.77
C GLY L 194 -1.60 10.84 45.62
N VAL L 195 -2.83 11.04 46.02
CA VAL L 195 -3.22 12.30 46.62
C VAL L 195 -3.23 12.14 48.14
N ILE L 196 -2.97 13.26 48.83
CA ILE L 196 -3.03 13.32 50.28
C ILE L 196 -3.56 14.68 50.71
N GLU L 197 -4.59 14.68 51.56
CA GLU L 197 -5.31 15.90 51.89
C GLU L 197 -5.76 15.83 53.33
N PHE L 198 -5.02 16.48 54.23
CA PHE L 198 -5.29 16.49 55.66
C PHE L 198 -6.47 17.39 55.98
N THR L 199 -6.82 17.46 57.27
CA THR L 199 -7.79 18.45 57.73
C THR L 199 -7.25 19.27 58.90
N THR L 200 -6.17 18.80 59.55
CA THR L 200 -5.52 19.36 60.74
C THR L 200 -6.53 19.54 61.87
N PRO L 201 -6.84 18.48 62.61
CA PRO L 201 -7.89 18.55 63.63
C PRO L 201 -7.57 19.54 64.74
N SER L 202 -8.54 20.39 65.06
CA SER L 202 -8.29 21.56 65.88
C SER L 202 -8.21 21.21 67.36
N THR L 203 -7.25 21.85 68.05
CA THR L 203 -7.00 21.73 69.49
C THR L 203 -6.73 20.26 69.87
N TYR L 204 -5.58 19.80 69.41
CA TYR L 204 -5.26 18.38 69.37
C TYR L 204 -4.26 18.00 70.45
N THR L 205 -4.11 16.69 70.63
CA THR L 205 -3.10 16.06 71.48
C THR L 205 -2.19 15.18 70.64
N SER L 206 -1.17 14.60 71.28
CA SER L 206 -0.06 13.95 70.61
C SER L 206 -0.50 12.69 69.86
N GLU L 207 0.33 12.29 68.88
CA GLU L 207 0.12 11.14 68.00
C GLU L 207 -1.20 11.30 67.23
N VAL L 208 -1.16 12.21 66.26
CA VAL L 208 -2.31 13.02 65.86
C VAL L 208 -2.87 12.50 64.54
N ILE L 209 -2.88 11.17 64.37
CA ILE L 209 -3.30 10.44 63.17
C ILE L 209 -4.59 10.95 62.51
N GLU L 210 -4.51 11.20 61.20
CA GLU L 210 -5.65 11.72 60.45
C GLU L 210 -5.53 11.25 59.00
N LEU L 211 -6.68 10.98 58.39
CA LEU L 211 -6.74 10.13 57.22
C LEU L 211 -6.27 10.86 55.96
N GLN L 212 -5.41 10.18 55.21
CA GLN L 212 -5.23 10.35 53.77
C GLN L 212 -4.78 11.75 53.33
N ALA M 6 26.84 -9.22 -51.01
CA ALA M 6 25.68 -8.38 -51.27
C ALA M 6 24.86 -8.18 -50.00
N VAL M 7 24.07 -7.12 -49.94
CA VAL M 7 23.31 -6.79 -48.74
C VAL M 7 22.25 -7.77 -48.23
N GLY M 8 21.50 -8.42 -49.12
CA GLY M 8 20.47 -9.32 -48.67
C GLY M 8 21.01 -10.46 -47.83
N ILE M 9 22.14 -11.03 -48.25
CA ILE M 9 22.72 -12.12 -47.51
C ILE M 9 23.08 -11.66 -46.11
N GLY M 10 23.69 -10.48 -46.01
CA GLY M 10 24.09 -9.97 -44.72
C GLY M 10 22.90 -9.75 -43.81
N THR M 11 21.81 -9.20 -44.35
CA THR M 11 20.64 -8.96 -43.53
C THR M 11 20.06 -10.27 -43.01
N LEU M 12 20.01 -11.26 -43.89
CA LEU M 12 19.48 -12.55 -43.51
C LEU M 12 20.31 -13.16 -42.40
N ILE M 13 21.63 -13.07 -42.54
CA ILE M 13 22.53 -13.62 -41.55
C ILE M 13 22.34 -12.93 -40.22
N VAL M 14 22.18 -11.60 -40.24
CA VAL M 14 21.98 -10.85 -39.02
C VAL M 14 20.68 -11.23 -38.32
N PHE M 15 19.63 -11.46 -39.11
CA PHE M 15 18.36 -11.82 -38.47
C PHE M 15 18.50 -13.13 -37.69
N ILE M 16 19.18 -14.10 -38.27
CA ILE M 16 19.40 -15.36 -37.54
C ILE M 16 20.07 -15.09 -36.21
N ALA M 17 20.93 -14.07 -36.14
CA ALA M 17 21.58 -13.72 -34.89
C ALA M 17 20.59 -13.09 -33.91
N MET M 18 19.84 -12.09 -34.37
CA MET M 18 18.95 -11.35 -33.48
C MET M 18 17.80 -12.19 -32.97
N VAL M 19 17.33 -13.15 -33.77
CA VAL M 19 16.35 -14.13 -33.31
C VAL M 19 16.91 -14.94 -32.16
N LEU M 20 18.18 -15.34 -32.24
CA LEU M 20 18.80 -16.07 -31.14
C LEU M 20 19.15 -15.14 -29.99
N VAL M 21 19.13 -13.83 -30.22
CA VAL M 21 19.14 -12.88 -29.12
C VAL M 21 17.73 -12.67 -28.61
N ALA M 22 16.74 -12.74 -29.50
CA ALA M 22 15.34 -12.60 -29.09
C ALA M 22 14.89 -13.76 -28.21
N ALA M 23 15.37 -14.97 -28.50
CA ALA M 23 15.05 -16.10 -27.64
C ALA M 23 15.72 -16.00 -26.28
N VAL M 24 17.01 -15.65 -26.22
CA VAL M 24 17.70 -15.58 -24.93
C VAL M 24 17.38 -14.31 -24.17
N ALA M 25 16.81 -13.29 -24.82
CA ALA M 25 16.21 -12.19 -24.08
C ALA M 25 14.84 -12.57 -23.55
N ALA M 26 14.31 -13.71 -23.97
CA ALA M 26 13.10 -14.26 -23.41
C ALA M 26 13.35 -15.45 -22.50
N ALA M 27 14.22 -16.38 -22.91
CA ALA M 27 14.40 -17.65 -22.22
C ALA M 27 14.98 -17.52 -20.82
N VAL M 28 15.64 -16.40 -20.52
CA VAL M 28 16.06 -16.10 -19.16
C VAL M 28 15.07 -15.18 -18.47
N LEU M 29 14.50 -14.25 -19.23
CA LEU M 29 13.50 -13.31 -18.70
C LEU M 29 12.17 -14.01 -18.41
N ILE M 30 11.96 -15.22 -18.95
CA ILE M 30 10.89 -16.07 -18.47
C ILE M 30 11.37 -16.89 -17.26
N GLN M 31 12.60 -17.38 -17.30
CA GLN M 31 13.12 -18.22 -16.22
C GLN M 31 13.44 -17.41 -14.97
N THR M 32 13.93 -16.17 -15.12
CA THR M 32 14.04 -15.29 -13.96
C THR M 32 12.67 -14.88 -13.45
N SER M 33 11.71 -14.70 -14.35
CA SER M 33 10.31 -14.61 -13.93
C SER M 33 9.85 -15.92 -13.33
N GLY M 34 10.36 -17.04 -13.84
CA GLY M 34 10.03 -18.34 -13.29
C GLY M 34 10.62 -18.56 -11.91
N TYR M 35 11.72 -17.88 -11.59
CA TYR M 35 12.26 -18.01 -10.24
C TYR M 35 11.36 -17.31 -9.23
N LEU M 36 10.59 -16.31 -9.67
CA LEU M 36 9.82 -15.44 -8.78
C LEU M 36 8.67 -16.16 -8.09
N GLN M 37 7.98 -17.07 -8.77
CA GLN M 37 6.72 -17.58 -8.24
C GLN M 37 6.97 -18.58 -7.12
N GLN M 38 7.99 -19.43 -7.27
CA GLN M 38 8.25 -20.48 -6.29
C GLN M 38 8.71 -19.90 -4.96
N LYS M 39 9.29 -18.69 -4.99
CA LYS M 39 9.64 -18.03 -3.74
C LYS M 39 8.50 -17.16 -3.24
N SER M 40 7.73 -16.56 -4.14
CA SER M 40 6.65 -15.69 -3.71
C SER M 40 5.48 -16.47 -3.16
N GLN M 41 5.00 -17.45 -3.92
CA GLN M 41 3.74 -18.12 -3.57
C GLN M 41 3.92 -19.05 -2.37
N ALA M 42 5.14 -19.52 -2.13
CA ALA M 42 5.44 -20.18 -0.87
C ALA M 42 5.39 -19.18 0.29
N THR M 43 6.05 -18.04 0.13
CA THR M 43 5.96 -16.99 1.14
C THR M 43 4.63 -16.26 1.12
N GLY M 44 3.83 -16.42 0.07
CA GLY M 44 2.50 -15.84 0.05
C GLY M 44 1.61 -16.49 1.08
N ARG M 45 1.82 -17.78 1.31
CA ARG M 45 0.99 -18.50 2.26
C ARG M 45 1.65 -18.57 3.64
N GLU M 46 2.98 -18.68 3.68
CA GLU M 46 3.69 -18.81 4.95
C GLU M 46 3.56 -17.56 5.81
N THR M 47 3.49 -16.38 5.19
CA THR M 47 3.30 -15.16 5.96
C THR M 47 1.92 -15.06 6.58
N THR M 48 0.95 -15.80 6.08
CA THR M 48 -0.30 -15.94 6.83
C THR M 48 -0.12 -16.87 8.02
N GLN M 49 0.45 -18.05 7.78
CA GLN M 49 0.61 -19.06 8.83
C GLN M 49 1.59 -18.63 9.91
N GLU M 50 2.51 -17.73 9.56
CA GLU M 50 3.39 -17.11 10.55
C GLU M 50 2.61 -16.26 11.54
N VAL M 51 1.51 -15.63 11.12
CA VAL M 51 0.81 -14.68 11.96
C VAL M 51 -0.61 -15.11 12.32
N ALA M 52 -1.15 -16.15 11.68
CA ALA M 52 -2.49 -16.59 12.01
C ALA M 52 -2.48 -17.53 13.21
N SER M 53 -1.76 -18.64 13.10
CA SER M 53 -1.76 -19.66 14.13
C SER M 53 -1.03 -19.18 15.38
N GLY M 54 -1.39 -19.76 16.52
CA GLY M 54 -0.82 -19.36 17.78
C GLY M 54 -1.27 -20.23 18.92
N ILE M 55 -0.85 -19.91 20.14
CA ILE M 55 -1.12 -20.71 21.32
C ILE M 55 -1.66 -19.81 22.42
N LYS M 56 -2.83 -20.15 22.96
CA LYS M 56 -3.43 -19.39 24.05
C LYS M 56 -3.41 -20.21 25.32
N VAL M 57 -3.29 -19.53 26.45
CA VAL M 57 -3.04 -20.15 27.74
C VAL M 57 -4.20 -19.83 28.67
N LEU M 58 -4.92 -20.84 29.10
CA LEU M 58 -6.10 -20.65 29.91
C LEU M 58 -6.02 -21.47 31.20
N SER M 59 -6.08 -20.77 32.34
CA SER M 59 -6.34 -21.35 33.67
C SER M 59 -5.28 -22.40 34.06
N VAL M 60 -4.07 -21.92 34.27
CA VAL M 60 -2.98 -22.77 34.71
C VAL M 60 -3.20 -23.16 36.16
N VAL M 61 -2.76 -24.36 36.56
CA VAL M 61 -3.04 -24.88 37.89
C VAL M 61 -1.74 -25.25 38.59
N GLY M 62 -1.79 -25.27 39.93
CA GLY M 62 -0.57 -25.40 40.72
C GLY M 62 -0.13 -26.75 41.24
N LYS M 63 -0.95 -27.43 42.04
CA LYS M 63 -0.63 -28.68 42.74
C LYS M 63 0.63 -28.59 43.61
N THR M 64 0.53 -27.93 44.76
CA THR M 64 1.66 -27.89 45.67
C THR M 64 1.83 -29.21 46.42
N ASP M 65 2.87 -29.24 47.26
CA ASP M 65 3.13 -30.35 48.15
C ASP M 65 2.14 -30.30 49.31
N SER M 66 1.96 -31.42 50.01
CA SER M 66 1.02 -31.47 51.13
C SER M 66 1.45 -30.61 52.32
N ASN M 67 2.74 -30.31 52.45
CA ASN M 67 3.21 -29.20 53.26
C ASN M 67 3.32 -28.03 52.29
N LYS M 68 2.33 -27.13 52.35
CA LYS M 68 1.82 -26.34 51.24
C LYS M 68 2.84 -25.46 50.51
N THR M 69 3.97 -25.17 51.13
CA THR M 69 4.97 -24.31 50.53
C THR M 69 5.66 -25.04 49.37
N TYR M 70 6.20 -24.27 48.43
CA TYR M 70 7.09 -24.73 47.35
C TYR M 70 6.37 -25.66 46.37
N VAL M 71 5.38 -25.09 45.68
CA VAL M 71 4.56 -25.79 44.68
C VAL M 71 5.40 -26.34 43.53
N GLU M 72 5.22 -27.64 43.22
CA GLU M 72 6.16 -28.36 42.38
C GLU M 72 5.58 -28.92 41.09
N LYS M 73 4.31 -29.32 41.06
CA LYS M 73 3.78 -30.09 39.92
C LYS M 73 2.77 -29.26 39.14
N LEU M 74 3.27 -28.42 38.22
CA LEU M 74 2.46 -27.44 37.52
C LEU M 74 1.90 -28.03 36.24
N ALA M 75 0.78 -27.47 35.78
CA ALA M 75 0.13 -27.92 34.55
C ALA M 75 -0.55 -26.75 33.85
N ILE M 76 -0.17 -26.51 32.60
CA ILE M 76 -0.66 -25.39 31.81
C ILE M 76 -1.56 -25.92 30.70
N TYR M 77 -2.78 -25.39 30.60
CA TYR M 77 -3.73 -25.82 29.58
C TYR M 77 -3.48 -25.00 28.32
N ILE M 78 -3.56 -25.66 27.16
CA ILE M 78 -3.26 -25.02 25.89
C ILE M 78 -4.23 -25.49 24.82
N SER M 79 -4.82 -24.52 24.11
CA SER M 79 -5.60 -24.65 22.89
C SER M 79 -5.07 -23.66 21.87
N PRO M 80 -5.08 -24.01 20.59
CA PRO M 80 -4.63 -23.06 19.57
C PRO M 80 -5.71 -22.03 19.27
N ASN M 81 -5.32 -20.98 18.57
CA ASN M 81 -6.21 -19.87 18.27
C ASN M 81 -7.21 -20.25 17.19
N ALA M 82 -8.02 -19.28 16.75
CA ALA M 82 -9.10 -19.55 15.81
C ALA M 82 -8.55 -19.92 14.43
N GLY M 83 -7.85 -18.99 13.79
CA GLY M 83 -7.16 -19.35 12.58
C GLY M 83 -5.86 -20.04 12.93
N SER M 84 -5.77 -21.34 12.70
CA SER M 84 -4.60 -22.09 13.11
C SER M 84 -4.38 -23.29 12.21
N GLU M 85 -3.27 -23.26 11.46
CA GLU M 85 -2.89 -24.41 10.65
C GLU M 85 -1.75 -25.18 11.31
N GLY M 86 -2.10 -25.94 12.34
CA GLY M 86 -1.23 -26.99 12.84
C GLY M 86 0.04 -26.61 13.57
N ILE M 87 -0.07 -26.11 14.80
CA ILE M 87 1.10 -25.97 15.66
C ILE M 87 1.62 -27.35 16.03
N ASP M 88 2.88 -27.62 15.69
CA ASP M 88 3.53 -28.85 16.11
C ASP M 88 4.04 -28.67 17.54
N LEU M 89 4.26 -29.79 18.23
CA LEU M 89 4.80 -29.72 19.57
C LEU M 89 6.12 -30.47 19.74
N ASN M 90 6.56 -31.26 18.76
CA ASN M 90 7.94 -31.72 18.82
C ASN M 90 8.89 -30.57 18.51
N ASN M 91 8.43 -29.61 17.70
CA ASN M 91 9.12 -28.33 17.58
C ASN M 91 8.30 -27.27 18.30
N THR M 92 8.44 -27.24 19.63
CA THR M 92 7.79 -26.23 20.46
C THR M 92 8.54 -26.17 21.78
N ARG M 93 8.93 -24.97 22.19
CA ARG M 93 9.60 -24.80 23.46
C ARG M 93 8.72 -23.98 24.39
N VAL M 94 8.36 -24.57 25.52
CA VAL M 94 7.54 -23.89 26.52
C VAL M 94 8.50 -23.18 27.47
N VAL M 95 8.81 -21.93 27.18
CA VAL M 95 9.83 -21.19 27.91
C VAL M 95 9.14 -20.62 29.15
N LEU M 96 9.76 -20.78 30.31
CA LEU M 96 9.29 -20.17 31.53
C LEU M 96 10.49 -19.72 32.36
N SER M 97 10.38 -18.53 32.94
CA SER M 97 11.44 -17.87 33.69
C SER M 97 11.51 -18.38 35.11
N ASN M 98 12.19 -17.62 35.98
CA ASN M 98 12.07 -17.76 37.42
C ASN M 98 12.19 -16.34 37.96
N GLY M 99 12.41 -16.20 39.26
CA GLY M 99 13.00 -14.97 39.75
C GLY M 99 14.51 -14.93 39.58
N THR M 100 15.12 -16.02 39.15
CA THR M 100 16.56 -16.06 38.89
C THR M 100 16.93 -16.67 37.55
N VAL M 101 16.26 -17.73 37.11
CA VAL M 101 16.77 -18.63 36.08
C VAL M 101 15.76 -18.77 34.95
N GLN M 102 16.15 -18.37 33.74
CA GLN M 102 15.40 -18.71 32.55
C GLN M 102 15.48 -20.21 32.26
N ALA M 103 14.36 -20.76 31.79
CA ALA M 103 14.31 -22.17 31.46
C ALA M 103 13.48 -22.37 30.21
N VAL M 104 13.94 -23.26 29.33
CA VAL M 104 13.13 -23.72 28.21
C VAL M 104 12.81 -25.17 28.48
N LEU M 105 11.79 -25.68 27.78
CA LEU M 105 11.33 -27.05 27.99
C LEU M 105 11.17 -27.72 26.63
N LYS M 106 12.03 -28.70 26.37
CA LYS M 106 12.01 -29.47 25.12
C LYS M 106 11.04 -30.63 25.26
N TYR M 107 10.44 -31.04 24.16
CA TYR M 107 9.43 -32.08 24.21
C TYR M 107 10.05 -33.45 24.45
N GLU M 108 9.39 -34.23 25.31
CA GLU M 108 9.78 -35.59 25.62
C GLU M 108 8.65 -36.52 25.23
N LYS M 109 9.00 -37.70 24.73
CA LYS M 109 8.06 -38.76 24.41
C LYS M 109 7.65 -39.51 25.67
N THR M 110 6.97 -40.63 25.46
CA THR M 110 6.65 -41.64 26.48
C THR M 110 5.86 -41.06 27.66
N ALA M 111 5.00 -40.08 27.37
CA ALA M 111 4.19 -39.49 28.42
C ALA M 111 2.88 -38.97 27.82
N TYR M 112 1.84 -39.81 27.83
CA TYR M 112 0.52 -39.32 27.46
C TYR M 112 -0.49 -39.36 28.61
N HIS M 113 -0.79 -40.53 29.16
CA HIS M 113 -1.87 -40.74 30.15
C HIS M 113 -3.17 -40.08 29.68
N LYS M 114 -3.69 -40.63 28.58
CA LYS M 114 -4.67 -39.95 27.74
C LYS M 114 -6.07 -40.54 27.82
N GLY M 115 -6.27 -41.61 28.59
CA GLY M 115 -7.58 -42.25 28.66
C GLY M 115 -8.20 -42.27 30.03
N ALA M 116 -7.38 -42.28 31.07
CA ALA M 116 -7.84 -42.24 32.46
C ALA M 116 -7.64 -40.85 33.05
N VAL M 117 -7.91 -39.83 32.24
CA VAL M 117 -7.46 -38.46 32.45
C VAL M 117 -8.13 -37.79 33.66
N GLY M 118 -9.25 -38.36 34.11
CA GLY M 118 -10.09 -37.74 35.13
C GLY M 118 -9.44 -37.54 36.47
N ASP M 119 -8.37 -38.26 36.77
CA ASP M 119 -7.46 -37.90 37.85
C ASP M 119 -6.25 -37.27 37.19
N VAL M 120 -6.16 -35.94 37.27
CA VAL M 120 -5.19 -35.21 36.46
C VAL M 120 -3.79 -35.35 37.02
N PHE M 121 -3.66 -35.35 38.35
CA PHE M 121 -2.36 -35.27 39.00
C PHE M 121 -1.99 -36.55 39.72
N ASN M 122 -2.46 -37.70 39.21
CA ASN M 122 -2.01 -38.97 39.75
C ASN M 122 -0.60 -39.24 39.27
N ALA M 123 0.13 -40.07 40.02
CA ALA M 123 1.51 -40.44 39.64
C ALA M 123 1.51 -41.48 38.53
N SER M 124 1.07 -41.07 37.33
CA SER M 124 0.83 -41.98 36.23
C SER M 124 2.05 -42.09 35.33
N THR M 125 1.83 -42.62 34.12
CA THR M 125 2.89 -42.77 33.13
C THR M 125 3.40 -41.45 32.57
N ALA M 126 2.68 -40.35 32.79
CA ALA M 126 3.03 -39.08 32.19
C ALA M 126 3.66 -38.09 33.17
N TRP M 127 4.52 -38.56 34.06
CA TRP M 127 5.25 -37.70 34.99
C TRP M 127 6.70 -38.11 35.17
N ASN M 128 7.16 -39.13 34.44
CA ASN M 128 8.53 -39.60 34.55
C ASN M 128 9.37 -38.75 33.61
N LEU M 129 9.87 -37.63 34.13
CA LEU M 129 10.58 -36.65 33.31
C LEU M 129 11.55 -35.87 34.19
N SER M 130 12.25 -34.92 33.54
CA SER M 130 13.44 -34.31 34.12
C SER M 130 13.51 -32.82 33.82
N ASN M 131 14.75 -32.27 33.88
CA ASN M 131 15.03 -30.84 33.68
C ASN M 131 14.35 -30.26 32.43
N THR M 132 14.65 -30.83 31.26
CA THR M 132 14.29 -30.22 29.99
C THR M 132 13.12 -30.91 29.32
N ASN M 133 12.12 -31.35 30.09
CA ASN M 133 11.02 -32.12 29.53
C ASN M 133 9.70 -31.58 30.03
N PHE M 134 8.63 -31.88 29.29
CA PHE M 134 7.28 -31.56 29.74
C PHE M 134 6.30 -32.62 29.26
N GLY M 135 5.34 -32.94 30.14
CA GLY M 135 4.29 -33.91 29.83
C GLY M 135 3.13 -33.27 29.10
N ILE M 136 2.45 -34.09 28.29
CA ILE M 136 1.55 -33.60 27.27
C ILE M 136 0.17 -34.25 27.38
N ILE M 137 -0.36 -34.38 28.60
CA ILE M 137 -1.60 -35.11 28.80
C ILE M 137 -2.75 -34.39 28.09
N VAL M 138 -3.55 -35.16 27.38
CA VAL M 138 -4.43 -34.61 26.35
C VAL M 138 -5.87 -34.86 26.74
N LEU M 139 -6.75 -33.96 26.32
CA LEU M 139 -8.18 -34.12 26.43
C LEU M 139 -8.82 -33.38 25.27
N GLN M 140 -10.00 -33.87 24.86
CA GLN M 140 -10.77 -33.34 23.73
C GLN M 140 -9.96 -33.34 22.44
N ASP M 141 -9.65 -34.55 21.97
CA ASP M 141 -9.05 -34.74 20.66
C ASP M 141 -10.15 -34.92 19.62
N ALA M 142 -10.19 -34.00 18.65
CA ALA M 142 -11.29 -34.01 17.69
C ALA M 142 -11.14 -35.12 16.67
N ASP M 143 -10.08 -35.07 15.87
CA ASP M 143 -9.82 -36.07 14.84
C ASP M 143 -8.66 -36.98 15.24
N ASN M 144 -8.58 -37.26 16.56
CA ASN M 144 -7.46 -37.98 17.19
C ASN M 144 -6.13 -37.33 16.83
N SER M 145 -6.09 -36.00 16.92
CA SER M 145 -5.01 -35.21 16.34
C SER M 145 -3.72 -35.30 17.13
N VAL M 146 -3.72 -35.89 18.32
CA VAL M 146 -2.49 -36.04 19.09
C VAL M 146 -2.19 -37.53 19.25
N ASP M 147 -1.40 -38.08 18.33
CA ASP M 147 -0.90 -39.45 18.45
C ASP M 147 0.54 -39.42 18.93
N GLN M 148 1.06 -40.61 19.19
CA GLN M 148 2.44 -40.74 19.63
C GLN M 148 3.37 -40.34 18.50
N ASN M 149 4.43 -39.60 18.86
CA ASN M 149 5.47 -38.98 18.01
C ASN M 149 4.93 -37.80 17.21
N TYR M 150 3.62 -37.52 17.29
CA TYR M 150 3.00 -36.46 16.48
C TYR M 150 1.94 -35.73 17.30
N PRO M 151 2.33 -34.77 18.11
CA PRO M 151 1.33 -33.86 18.67
C PRO M 151 1.01 -32.72 17.71
N THR M 152 -0.19 -32.72 17.15
CA THR M 152 -0.68 -31.60 16.34
C THR M 152 -1.80 -30.93 17.13
N LEU M 153 -1.99 -29.64 16.91
CA LEU M 153 -3.14 -28.97 17.51
C LEU M 153 -4.03 -28.33 16.45
N ASN M 154 -5.15 -29.00 16.18
CA ASN M 154 -6.19 -28.47 15.33
C ASN M 154 -7.21 -27.74 16.18
N LYS M 155 -8.30 -27.26 15.58
CA LYS M 155 -9.26 -26.43 16.27
C LYS M 155 -10.01 -27.22 17.34
N GLY M 156 -10.25 -26.56 18.47
CA GLY M 156 -10.98 -27.16 19.58
C GLY M 156 -10.28 -28.33 20.22
N ASP M 157 -9.00 -28.19 20.55
CA ASP M 157 -8.20 -29.29 21.07
C ASP M 157 -7.41 -28.75 22.25
N ILE M 158 -7.90 -29.03 23.46
CA ILE M 158 -7.36 -28.43 24.68
C ILE M 158 -6.42 -29.44 25.32
N VAL M 159 -5.13 -29.34 24.98
CA VAL M 159 -4.15 -30.23 25.56
C VAL M 159 -3.62 -29.57 26.83
N VAL M 160 -3.26 -30.40 27.80
CA VAL M 160 -2.76 -29.96 29.09
C VAL M 160 -1.28 -30.26 29.14
N ILE M 161 -0.45 -29.22 29.07
CA ILE M 161 0.98 -29.44 29.20
C ILE M 161 1.35 -29.59 30.66
N THR M 162 1.89 -30.76 31.02
CA THR M 162 2.42 -31.04 32.35
C THR M 162 3.88 -30.64 32.42
N VAL M 163 4.22 -29.75 33.35
CA VAL M 163 5.59 -29.35 33.58
C VAL M 163 5.90 -29.63 35.04
N LYS M 164 6.68 -30.67 35.30
CA LYS M 164 7.15 -30.90 36.65
C LYS M 164 8.28 -29.94 36.95
N VAL M 165 8.18 -29.24 38.08
CA VAL M 165 9.08 -28.15 38.38
C VAL M 165 9.97 -28.46 39.57
N GLY M 166 9.36 -28.67 40.74
CA GLY M 166 10.04 -28.43 41.99
C GLY M 166 10.99 -29.40 42.67
N GLU M 167 10.47 -30.53 43.13
CA GLU M 167 11.13 -31.31 44.17
C GLU M 167 12.36 -32.05 43.63
N GLY M 168 13.48 -31.88 44.33
CA GLY M 168 14.74 -32.48 43.91
C GLY M 168 15.24 -31.92 42.60
N ASN M 169 15.20 -32.74 41.55
CA ASN M 169 15.50 -32.27 40.22
C ASN M 169 14.23 -31.85 39.49
N GLY M 170 14.40 -30.98 38.50
CA GLY M 170 13.26 -30.47 37.78
C GLY M 170 13.62 -29.17 37.11
N VAL M 171 12.62 -28.30 36.98
CA VAL M 171 12.88 -26.99 36.41
C VAL M 171 13.68 -26.14 37.37
N PHE M 172 13.30 -26.16 38.65
CA PHE M 172 13.97 -25.37 39.68
C PHE M 172 14.47 -26.30 40.77
N GLY M 173 15.15 -25.73 41.75
CA GLY M 173 15.27 -26.38 43.05
C GLY M 173 14.10 -25.96 43.91
N LYS M 174 13.28 -26.92 44.34
CA LYS M 174 12.10 -26.77 45.19
C LYS M 174 10.94 -26.05 44.50
N GLY M 175 11.11 -25.56 43.27
CA GLY M 175 10.04 -24.89 42.55
C GLY M 175 9.75 -23.51 43.09
N ILE M 176 8.71 -22.91 42.50
CA ILE M 176 8.30 -21.56 42.88
C ILE M 176 7.75 -21.53 44.30
N PRO M 177 8.29 -20.65 45.15
CA PRO M 177 7.70 -20.43 46.45
C PRO M 177 6.44 -19.58 46.32
N PRO M 178 5.62 -19.48 47.36
CA PRO M 178 4.54 -18.50 47.34
C PRO M 178 5.10 -17.09 47.31
N ARG M 179 4.28 -16.20 46.73
CA ARG M 179 4.50 -14.75 46.72
C ARG M 179 5.79 -14.41 45.97
N THR M 180 5.85 -14.87 44.72
CA THR M 180 6.91 -14.48 43.81
C THR M 180 6.37 -14.49 42.39
N LYS M 181 7.07 -13.81 41.51
CA LYS M 181 6.70 -13.74 40.10
C LYS M 181 7.35 -14.90 39.36
N ILE M 182 6.61 -15.50 38.44
CA ILE M 182 7.03 -16.60 37.61
C ILE M 182 6.32 -16.43 36.26
N THR M 183 7.10 -16.37 35.18
CA THR M 183 6.66 -15.79 33.93
C THR M 183 7.17 -16.65 32.78
N GLY M 184 6.42 -16.72 31.69
CA GLY M 184 6.90 -17.44 30.54
C GLY M 184 6.24 -17.04 29.24
N LYS M 185 6.51 -17.83 28.21
CA LYS M 185 5.85 -17.71 26.93
C LYS M 185 5.93 -19.06 26.22
N VAL M 186 4.90 -19.38 25.47
CA VAL M 186 4.81 -20.65 24.77
C VAL M 186 4.83 -20.34 23.28
N ILE M 187 6.00 -20.45 22.67
CA ILE M 187 6.16 -20.13 21.25
C ILE M 187 5.94 -21.40 20.43
N PRO M 188 5.22 -21.33 19.33
CA PRO M 188 5.08 -22.50 18.47
C PRO M 188 6.28 -22.72 17.57
N GLU M 189 6.15 -23.66 16.64
CA GLU M 189 7.12 -23.81 15.56
C GLU M 189 7.18 -22.54 14.72
N PHE M 190 6.05 -22.12 14.19
CA PHE M 190 5.99 -20.94 13.34
C PHE M 190 4.80 -20.05 13.65
N GLY M 191 4.04 -20.34 14.70
CA GLY M 191 2.83 -19.59 15.00
C GLY M 191 3.11 -18.29 15.74
N ALA M 192 2.18 -17.97 16.63
CA ALA M 192 2.30 -16.74 17.41
C ALA M 192 2.54 -17.08 18.87
N PRO M 193 3.44 -16.38 19.55
CA PRO M 193 3.75 -16.71 20.95
C PRO M 193 2.62 -16.31 21.88
N GLY M 194 2.35 -17.17 22.86
CA GLY M 194 1.34 -16.88 23.86
C GLY M 194 1.96 -16.78 25.24
N VAL M 195 1.57 -15.74 25.97
CA VAL M 195 2.29 -15.33 27.15
C VAL M 195 1.64 -15.96 28.37
N ILE M 196 2.43 -16.13 29.42
CA ILE M 196 1.97 -16.65 30.71
C ILE M 196 2.76 -16.00 31.84
N GLU M 197 2.04 -15.40 32.78
CA GLU M 197 2.66 -14.70 33.90
C GLU M 197 1.82 -14.91 35.15
N PHE M 198 2.32 -15.73 36.07
CA PHE M 198 1.58 -16.08 37.27
C PHE M 198 1.60 -14.94 38.27
N THR M 199 1.00 -15.20 39.44
CA THR M 199 1.22 -14.36 40.62
C THR M 199 1.64 -15.19 41.81
N THR M 200 1.08 -16.42 41.95
CA THR M 200 1.24 -17.36 43.05
C THR M 200 0.89 -16.68 44.37
N PRO M 201 -0.39 -16.53 44.68
CA PRO M 201 -0.81 -15.81 45.90
C PRO M 201 -0.30 -16.48 47.16
N SER M 202 -0.10 -15.69 48.20
CA SER M 202 0.69 -16.12 49.34
C SER M 202 -0.13 -16.90 50.35
N THR M 203 0.52 -17.89 50.98
CA THR M 203 0.02 -18.67 52.13
C THR M 203 -1.28 -19.40 51.77
N TYR M 204 -1.13 -20.38 50.88
CA TYR M 204 -2.26 -21.05 50.25
C TYR M 204 -2.43 -22.48 50.74
N THR M 205 -3.58 -23.05 50.38
CA THR M 205 -3.85 -24.47 50.38
C THR M 205 -3.67 -25.00 48.96
N SER M 206 -3.77 -26.32 48.79
CA SER M 206 -3.32 -26.98 47.57
C SER M 206 -4.20 -26.63 46.37
N GLU M 207 -3.67 -26.93 45.18
CA GLU M 207 -4.29 -26.64 43.88
C GLU M 207 -4.51 -25.13 43.73
N VAL M 208 -3.41 -24.45 43.42
CA VAL M 208 -3.17 -23.04 43.71
C VAL M 208 -3.77 -22.12 42.65
N ILE M 209 -4.63 -22.65 41.78
CA ILE M 209 -4.93 -22.21 40.40
C ILE M 209 -4.96 -20.70 40.14
N GLU M 210 -4.21 -20.26 39.14
CA GLU M 210 -4.03 -18.85 38.83
C GLU M 210 -3.82 -18.69 37.34
N LEU M 211 -4.24 -17.54 36.81
CA LEU M 211 -4.51 -17.41 35.39
C LEU M 211 -3.38 -16.75 34.61
N GLN M 212 -3.42 -16.97 33.30
CA GLN M 212 -2.63 -16.28 32.26
C GLN M 212 -1.12 -16.43 32.47
N ALA N 6 27.90 -2.41 -45.62
CA ALA N 6 27.34 -3.69 -45.20
C ALA N 6 26.48 -3.54 -43.96
N VAL N 7 25.88 -4.64 -43.51
CA VAL N 7 24.84 -4.61 -42.50
C VAL N 7 25.43 -5.06 -41.16
N GLY N 8 26.51 -5.83 -41.22
CA GLY N 8 27.23 -6.20 -40.01
C GLY N 8 27.86 -5.04 -39.26
N ILE N 9 28.08 -3.92 -39.93
CA ILE N 9 28.60 -2.73 -39.25
C ILE N 9 27.50 -2.06 -38.45
N GLY N 10 26.36 -1.77 -39.11
CA GLY N 10 25.43 -0.79 -38.59
C GLY N 10 24.67 -1.22 -37.35
N THR N 11 24.60 -2.52 -37.08
CA THR N 11 23.93 -2.96 -35.86
C THR N 11 24.79 -2.70 -34.64
N LEU N 12 26.12 -2.79 -34.76
CA LEU N 12 27.00 -2.62 -33.61
C LEU N 12 27.08 -1.17 -33.17
N ILE N 13 27.01 -0.23 -34.12
CA ILE N 13 27.00 1.18 -33.78
C ILE N 13 25.72 1.53 -33.04
N VAL N 14 24.60 0.95 -33.46
CA VAL N 14 23.37 1.04 -32.66
C VAL N 14 23.52 0.26 -31.37
N PHE N 15 24.22 -0.88 -31.40
CA PHE N 15 24.47 -1.64 -30.19
C PHE N 15 25.39 -0.89 -29.23
N ILE N 16 26.33 -0.09 -29.75
CA ILE N 16 27.02 0.83 -28.86
C ILE N 16 26.06 1.90 -28.36
N ALA N 17 25.16 2.37 -29.23
CA ALA N 17 24.26 3.45 -28.86
C ALA N 17 23.19 2.99 -27.89
N MET N 18 22.52 1.88 -28.19
CA MET N 18 21.40 1.42 -27.37
C MET N 18 21.86 0.96 -25.98
N VAL N 19 23.06 0.40 -25.88
CA VAL N 19 23.68 0.13 -24.59
C VAL N 19 23.83 1.42 -23.78
N LEU N 20 24.21 2.52 -24.44
CA LEU N 20 24.27 3.80 -23.75
C LEU N 20 22.89 4.35 -23.45
N VAL N 21 21.87 3.91 -24.19
CA VAL N 21 20.50 4.29 -23.87
C VAL N 21 19.99 3.47 -22.68
N ALA N 22 20.41 2.21 -22.59
CA ALA N 22 20.04 1.39 -21.43
C ALA N 22 20.68 1.90 -20.15
N ALA N 23 21.91 2.42 -20.25
CA ALA N 23 22.57 3.00 -19.10
C ALA N 23 21.92 4.30 -18.63
N VAL N 24 21.58 5.20 -19.54
CA VAL N 24 20.91 6.44 -19.15
C VAL N 24 19.44 6.21 -18.84
N ALA N 25 18.84 5.10 -19.28
CA ALA N 25 17.56 4.71 -18.75
C ALA N 25 17.67 4.28 -17.30
N ALA N 26 18.80 3.70 -16.92
CA ALA N 26 19.07 3.34 -15.55
C ALA N 26 19.62 4.50 -14.73
N ALA N 27 20.31 5.45 -15.37
CA ALA N 27 20.87 6.61 -14.68
C ALA N 27 19.81 7.51 -14.09
N VAL N 28 18.57 7.45 -14.58
CA VAL N 28 17.42 7.97 -13.87
C VAL N 28 16.84 6.93 -12.91
N LEU N 29 16.67 5.71 -13.40
CA LEU N 29 15.88 4.71 -12.69
C LEU N 29 16.65 4.11 -11.51
N ILE N 30 17.93 4.48 -11.35
CA ILE N 30 18.61 4.23 -10.08
C ILE N 30 18.66 5.50 -9.25
N GLN N 31 19.22 6.58 -9.81
CA GLN N 31 19.52 7.79 -9.07
C GLN N 31 18.26 8.52 -8.58
N THR N 32 17.26 8.64 -9.44
CA THR N 32 16.00 9.24 -8.98
C THR N 32 15.25 8.29 -8.06
N SER N 33 15.34 6.99 -8.31
CA SER N 33 14.91 6.01 -7.33
C SER N 33 15.75 6.11 -6.07
N GLY N 34 17.03 6.48 -6.21
CA GLY N 34 17.86 6.71 -5.05
C GLY N 34 17.42 7.93 -4.25
N TYR N 35 16.81 8.92 -4.92
CA TYR N 35 16.28 10.07 -4.22
C TYR N 35 15.13 9.69 -3.30
N LEU N 36 14.34 8.69 -3.71
CA LEU N 36 13.07 8.38 -3.06
C LEU N 36 13.23 7.82 -1.66
N GLN N 37 14.43 7.35 -1.29
CA GLN N 37 14.57 6.75 0.02
C GLN N 37 15.04 7.75 1.06
N GLN N 38 15.88 8.72 0.67
CA GLN N 38 16.40 9.68 1.65
C GLN N 38 15.30 10.61 2.15
N LYS N 39 14.29 10.84 1.32
CA LYS N 39 13.14 11.60 1.80
C LYS N 39 12.20 10.70 2.59
N SER N 40 12.09 9.42 2.24
CA SER N 40 11.15 8.57 2.94
C SER N 40 11.69 8.13 4.30
N GLN N 41 12.94 7.68 4.33
CA GLN N 41 13.45 6.99 5.52
C GLN N 41 13.74 7.97 6.65
N ALA N 42 14.08 9.22 6.33
CA ALA N 42 14.16 10.24 7.36
C ALA N 42 12.77 10.57 7.91
N THR N 43 11.80 10.73 7.02
CA THR N 43 10.42 10.97 7.44
C THR N 43 9.73 9.73 7.98
N GLY N 44 10.25 8.54 7.68
CA GLY N 44 9.72 7.30 8.24
C GLY N 44 9.82 7.27 9.75
N ARG N 45 10.84 7.96 10.29
CA ARG N 45 10.93 8.14 11.72
C ARG N 45 10.16 9.38 12.18
N GLU N 46 10.16 10.43 11.35
CA GLU N 46 9.59 11.72 11.74
C GLU N 46 8.07 11.66 11.89
N THR N 47 7.42 10.73 11.21
CA THR N 47 5.99 10.54 11.42
C THR N 47 5.69 9.99 12.80
N THR N 48 6.55 9.12 13.33
CA THR N 48 6.34 8.60 14.68
C THR N 48 6.66 9.65 15.73
N GLN N 49 7.72 10.43 15.52
CA GLN N 49 8.14 11.42 16.50
C GLN N 49 7.13 12.55 16.64
N GLU N 50 6.33 12.78 15.60
CA GLU N 50 5.27 13.76 15.65
C GLU N 50 4.05 13.24 16.40
N VAL N 51 3.88 11.93 16.49
CA VAL N 51 2.67 11.36 17.07
C VAL N 51 2.92 10.66 18.41
N ALA N 52 4.16 10.35 18.77
CA ALA N 52 4.40 9.62 19.99
C ALA N 52 4.76 10.55 21.15
N SER N 53 5.70 11.46 20.92
CA SER N 53 6.15 12.34 21.99
C SER N 53 5.12 13.41 22.28
N GLY N 54 5.01 13.77 23.56
CA GLY N 54 4.05 14.77 23.97
C GLY N 54 4.28 15.27 25.37
N ILE N 55 3.67 16.39 25.70
CA ILE N 55 3.84 17.06 26.98
C ILE N 55 2.50 17.16 27.68
N LYS N 56 2.40 16.56 28.87
CA LYS N 56 1.16 16.57 29.63
C LYS N 56 1.35 17.36 30.92
N VAL N 57 0.25 17.92 31.42
CA VAL N 57 0.27 18.91 32.48
C VAL N 57 -0.51 18.36 33.66
N LEU N 58 0.12 18.32 34.83
CA LEU N 58 -0.49 17.79 36.03
C LEU N 58 -0.33 18.77 37.18
N SER N 59 -1.44 19.08 37.86
CA SER N 59 -1.48 19.73 39.17
C SER N 59 -0.79 21.10 39.18
N VAL N 60 -1.39 22.01 38.45
CA VAL N 60 -0.90 23.38 38.37
C VAL N 60 -1.21 24.07 39.70
N VAL N 61 -0.39 25.04 40.10
CA VAL N 61 -0.53 25.70 41.39
C VAL N 61 -0.60 27.21 41.20
N GLY N 62 -1.26 27.88 42.15
CA GLY N 62 -1.56 29.29 42.01
C GLY N 62 -0.66 30.34 42.64
N LYS N 63 -0.47 30.29 43.97
CA LYS N 63 0.25 31.30 44.76
C LYS N 63 -0.31 32.72 44.59
N THR N 64 -1.43 33.01 45.23
CA THR N 64 -1.85 34.40 45.30
C THR N 64 -0.94 35.21 46.20
N ASP N 65 -1.14 36.52 46.18
CA ASP N 65 -0.47 37.44 47.10
C ASP N 65 -1.15 37.29 48.46
N SER N 66 -0.47 37.73 49.53
CA SER N 66 -0.99 37.57 50.89
C SER N 66 -2.26 38.38 51.14
N ASN N 67 -2.51 39.43 50.36
CA ASN N 67 -3.84 39.99 50.19
C ASN N 67 -4.42 39.19 49.01
N LYS N 68 -5.33 38.26 49.33
CA LYS N 68 -5.64 37.07 48.53
C LYS N 68 -6.11 37.30 47.11
N THR N 69 -6.50 38.52 46.77
CA THR N 69 -7.00 38.83 45.45
C THR N 69 -5.84 38.83 44.44
N TYR N 70 -6.17 38.54 43.17
CA TYR N 70 -5.30 38.74 42.01
C TYR N 70 -4.04 37.86 42.07
N VAL N 71 -4.27 36.54 42.00
CA VAL N 71 -3.21 35.53 42.08
C VAL N 71 -2.16 35.68 40.97
N GLU N 72 -0.89 35.83 41.36
CA GLU N 72 0.10 36.45 40.49
C GLU N 72 1.30 35.57 40.14
N LYS N 73 1.67 34.60 40.97
CA LYS N 73 2.91 33.84 40.77
C LYS N 73 2.57 32.39 40.44
N LEU N 74 2.29 32.14 39.16
CA LEU N 74 1.77 30.87 38.71
C LEU N 74 2.91 29.89 38.43
N ALA N 75 2.61 28.60 38.50
CA ALA N 75 3.59 27.57 38.22
C ALA N 75 2.89 26.34 37.68
N ILE N 76 3.26 25.93 36.48
CA ILE N 76 2.69 24.79 35.78
C ILE N 76 3.71 23.66 35.76
N TYR N 77 3.30 22.45 36.17
CA TYR N 77 4.19 21.30 36.15
C TYR N 77 4.09 20.61 34.80
N ILE N 78 5.18 19.99 34.37
CA ILE N 78 5.25 19.31 33.08
C ILE N 78 6.02 18.01 33.22
N SER N 79 5.46 16.92 32.70
CA SER N 79 6.10 15.64 32.52
C SER N 79 5.75 15.10 31.14
N PRO N 80 6.69 14.47 30.44
CA PRO N 80 6.43 14.00 29.09
C PRO N 80 5.58 12.74 29.11
N ASN N 81 5.08 12.36 27.93
CA ASN N 81 4.28 11.15 27.78
C ASN N 81 5.19 9.92 27.76
N ALA N 82 4.61 8.77 27.39
CA ALA N 82 5.30 7.50 27.52
C ALA N 82 6.49 7.39 26.56
N GLY N 83 6.21 7.42 25.27
CA GLY N 83 7.30 7.35 24.32
C GLY N 83 7.67 8.73 23.82
N SER N 84 8.84 9.22 24.21
CA SER N 84 9.21 10.59 23.87
C SER N 84 10.68 10.66 23.53
N GLU N 85 10.99 11.27 22.38
CA GLU N 85 12.38 11.45 21.99
C GLU N 85 12.84 12.88 22.24
N GLY N 86 12.84 13.27 23.52
CA GLY N 86 13.56 14.45 23.96
C GLY N 86 13.09 15.81 23.47
N ILE N 87 11.96 16.32 23.99
CA ILE N 87 11.51 17.66 23.65
C ILE N 87 12.49 18.69 24.21
N ASP N 88 13.03 19.54 23.35
CA ASP N 88 13.83 20.66 23.81
C ASP N 88 12.91 21.79 24.26
N LEU N 89 13.40 22.63 25.16
CA LEU N 89 12.60 23.72 25.68
C LEU N 89 13.13 25.10 25.30
N ASN N 90 14.28 25.20 24.65
CA ASN N 90 14.62 26.46 24.01
C ASN N 90 13.75 26.69 22.78
N ASN N 91 13.20 25.61 22.22
CA ASN N 91 12.12 25.70 21.24
C ASN N 91 10.89 25.03 21.84
N THR N 92 10.15 25.81 22.64
CA THR N 92 8.88 25.39 23.22
C THR N 92 8.13 26.64 23.59
N ARG N 93 6.88 26.74 23.18
CA ARG N 93 6.08 27.92 23.48
C ARG N 93 4.91 27.53 24.36
N VAL N 94 4.84 28.18 25.53
CA VAL N 94 3.77 27.93 26.49
C VAL N 94 2.69 28.96 26.25
N VAL N 95 1.69 28.62 25.44
CA VAL N 95 0.69 29.56 24.95
C VAL N 95 -0.47 29.53 25.93
N LEU N 96 -0.62 30.58 26.73
CA LEU N 96 -1.74 30.66 27.66
C LEU N 96 -2.58 31.89 27.35
N SER N 97 -3.89 31.69 27.26
CA SER N 97 -4.84 32.74 26.94
C SER N 97 -5.16 33.56 28.17
N ASN N 98 -6.23 34.35 28.10
CA ASN N 98 -6.81 34.99 29.28
C ASN N 98 -8.32 34.94 29.07
N GLY N 99 -9.07 35.69 29.86
CA GLY N 99 -10.38 36.09 29.40
C GLY N 99 -10.31 37.06 28.24
N THR N 100 -9.21 37.79 28.09
CA THR N 100 -9.07 38.79 27.03
C THR N 100 -7.88 38.55 26.12
N VAL N 101 -6.68 38.34 26.66
CA VAL N 101 -5.43 38.49 25.92
C VAL N 101 -4.70 37.16 25.83
N GLN N 102 -4.51 36.67 24.60
CA GLN N 102 -3.59 35.59 24.33
C GLN N 102 -2.17 35.97 24.73
N ALA N 103 -1.48 35.03 25.35
CA ALA N 103 -0.07 35.21 25.66
C ALA N 103 0.70 33.97 25.21
N VAL N 104 1.89 34.20 24.67
CA VAL N 104 2.84 33.13 24.41
C VAL N 104 4.06 33.42 25.26
N LEU N 105 4.84 32.37 25.56
CA LEU N 105 5.95 32.50 26.49
C LEU N 105 7.19 31.84 25.91
N LYS N 106 8.21 32.65 25.63
CA LYS N 106 9.49 32.17 25.12
C LYS N 106 10.38 31.80 26.31
N TYR N 107 11.31 30.88 26.07
CA TYR N 107 12.21 30.42 27.12
C TYR N 107 13.14 31.53 27.56
N GLU N 108 13.49 31.51 28.84
CA GLU N 108 14.42 32.48 29.41
C GLU N 108 15.53 31.72 30.12
N LYS N 109 16.77 32.17 29.92
CA LYS N 109 17.92 31.60 30.59
C LYS N 109 18.02 32.13 32.02
N THR N 110 19.11 31.76 32.68
CA THR N 110 19.50 32.22 34.02
C THR N 110 18.40 32.00 35.05
N ALA N 111 17.73 30.85 34.95
CA ALA N 111 16.65 30.54 35.88
C ALA N 111 16.58 29.03 36.07
N TYR N 112 17.31 28.51 37.05
CA TYR N 112 17.07 27.15 37.52
C TYR N 112 16.64 27.08 38.98
N HIS N 113 17.47 27.54 39.90
CA HIS N 113 17.32 27.33 41.35
C HIS N 113 16.96 25.87 41.65
N LYS N 114 17.92 25.00 41.33
CA LYS N 114 17.67 23.58 41.19
C LYS N 114 18.20 22.73 42.35
N GLY N 115 18.79 23.34 43.38
CA GLY N 115 19.31 22.57 44.50
C GLY N 115 18.56 22.77 45.80
N ALA N 116 18.11 23.99 46.06
CA ALA N 116 17.37 24.31 47.28
C ALA N 116 15.89 24.48 47.00
N VAL N 117 15.36 23.62 46.13
CA VAL N 117 14.11 23.82 45.41
C VAL N 117 12.89 23.58 46.31
N GLY N 118 13.14 23.15 47.56
CA GLY N 118 12.06 22.78 48.46
C GLY N 118 11.17 23.92 48.94
N ASP N 119 11.50 25.15 48.60
CA ASP N 119 10.58 26.27 48.73
C ASP N 119 10.35 26.82 47.33
N VAL N 120 9.28 26.35 46.68
CA VAL N 120 9.12 26.50 45.23
C VAL N 120 8.87 27.95 44.86
N PHE N 121 8.22 28.69 45.74
CA PHE N 121 7.83 30.07 45.45
C PHE N 121 8.76 31.08 46.12
N ASN N 122 9.97 30.66 46.47
CA ASN N 122 10.95 31.58 47.03
C ASN N 122 11.50 32.47 45.93
N ALA N 123 11.75 33.74 46.28
CA ALA N 123 12.25 34.73 45.34
C ALA N 123 13.76 34.59 45.09
N SER N 124 14.15 33.43 44.55
CA SER N 124 15.54 33.09 44.31
C SER N 124 15.98 33.47 42.90
N THR N 125 17.06 32.83 42.45
CA THR N 125 17.66 33.06 41.13
C THR N 125 16.70 32.83 39.96
N ALA N 126 15.63 32.07 40.14
CA ALA N 126 14.83 31.61 39.01
C ALA N 126 13.45 32.25 38.93
N TRP N 127 13.33 33.55 39.19
CA TRP N 127 12.06 34.27 39.04
C TRP N 127 12.20 35.62 38.36
N ASN N 128 13.41 36.09 38.12
CA ASN N 128 13.63 37.43 37.56
C ASN N 128 13.34 37.34 36.06
N LEU N 129 12.18 37.85 35.66
CA LEU N 129 11.72 37.71 34.29
C LEU N 129 10.76 38.83 33.94
N SER N 130 10.30 38.83 32.69
CA SER N 130 9.46 39.89 32.12
C SER N 130 8.20 39.28 31.52
N ASN N 131 7.52 40.05 30.66
CA ASN N 131 6.23 39.64 30.09
C ASN N 131 6.29 38.31 29.36
N THR N 132 7.31 38.13 28.52
CA THR N 132 7.38 37.00 27.59
C THR N 132 8.36 35.93 28.03
N ASN N 133 8.44 35.62 29.33
CA ASN N 133 9.41 34.65 29.81
C ASN N 133 8.75 33.66 30.76
N PHE N 134 9.36 32.48 30.88
CA PHE N 134 8.97 31.51 31.88
C PHE N 134 10.20 30.87 32.50
N GLY N 135 10.12 30.63 33.81
CA GLY N 135 11.20 29.99 34.54
C GLY N 135 11.02 28.49 34.61
N ILE N 136 12.13 27.77 34.71
CA ILE N 136 12.17 26.36 34.37
C ILE N 136 12.74 25.52 35.54
N ILE N 137 12.29 25.82 36.76
CA ILE N 137 12.84 25.17 37.96
C ILE N 137 12.61 23.67 37.90
N VAL N 138 13.67 22.90 38.12
CA VAL N 138 13.70 21.50 37.74
C VAL N 138 13.73 20.63 38.99
N LEU N 139 13.21 19.42 38.86
CA LEU N 139 13.28 18.39 39.89
C LEU N 139 13.26 17.04 39.19
N GLN N 140 13.73 16.02 39.91
CA GLN N 140 13.88 14.64 39.43
C GLN N 140 14.74 14.60 38.16
N ASP N 141 16.01 14.94 38.36
CA ASP N 141 17.01 14.84 37.30
C ASP N 141 17.36 13.38 37.08
N ALA N 142 16.84 12.81 35.99
CA ALA N 142 17.06 11.40 35.74
C ALA N 142 18.47 11.14 35.23
N ASP N 143 18.80 11.69 34.07
CA ASP N 143 20.09 11.46 33.42
C ASP N 143 20.92 12.74 33.39
N ASN N 144 20.65 13.64 34.35
CA ASN N 144 21.05 15.04 34.29
C ASN N 144 20.68 15.65 32.94
N SER N 145 19.45 15.37 32.51
CA SER N 145 19.01 15.73 31.17
C SER N 145 18.65 17.20 31.05
N VAL N 146 18.56 17.92 32.16
CA VAL N 146 18.26 19.34 32.12
C VAL N 146 19.50 20.10 32.60
N ASP N 147 20.38 20.47 31.68
CA ASP N 147 21.50 21.35 31.97
C ASP N 147 21.16 22.75 31.51
N GLN N 148 22.03 23.70 31.85
CA GLN N 148 21.87 25.06 31.38
C GLN N 148 22.13 25.10 29.88
N ASN N 149 21.32 25.90 29.17
CA ASN N 149 21.28 26.12 27.72
C ASN N 149 20.71 24.92 26.96
N TYR N 150 20.44 23.80 27.62
CA TYR N 150 19.89 22.61 26.98
C TYR N 150 18.85 21.94 27.87
N PRO N 151 17.62 22.44 27.90
CA PRO N 151 16.57 21.73 28.64
C PRO N 151 15.93 20.64 27.81
N THR N 152 16.10 19.38 28.19
CA THR N 152 15.48 18.25 27.52
C THR N 152 14.54 17.56 28.49
N LEU N 153 13.53 16.89 27.96
CA LEU N 153 12.73 16.01 28.80
C LEU N 153 12.72 14.58 28.26
N ASN N 154 13.44 13.71 28.96
CA ASN N 154 13.43 12.28 28.69
C ASN N 154 12.41 11.61 29.59
N LYS N 155 12.36 10.27 29.58
CA LYS N 155 11.33 9.54 30.32
C LYS N 155 11.51 9.71 31.83
N GLY N 156 10.40 9.93 32.51
CA GLY N 156 10.39 10.12 33.95
C GLY N 156 11.15 11.34 34.43
N ASP N 157 10.83 12.51 33.90
CA ASP N 157 11.59 13.72 34.19
C ASP N 157 10.60 14.87 34.30
N ILE N 158 10.37 15.35 35.51
CA ILE N 158 9.28 16.26 35.81
C ILE N 158 9.84 17.64 36.08
N VAL N 159 9.84 18.49 35.08
CA VAL N 159 10.28 19.86 35.21
C VAL N 159 9.06 20.70 35.57
N VAL N 160 9.31 21.86 36.17
CA VAL N 160 8.27 22.76 36.62
C VAL N 160 8.45 24.09 35.92
N ILE N 161 7.45 24.53 35.17
CA ILE N 161 7.54 25.83 34.52
C ILE N 161 6.98 26.90 35.45
N THR N 162 7.81 27.90 35.74
CA THR N 162 7.41 29.06 36.55
C THR N 162 7.01 30.21 35.63
N VAL N 163 5.78 30.69 35.79
CA VAL N 163 5.29 31.82 35.02
C VAL N 163 4.81 32.88 36.00
N LYS N 164 5.59 33.95 36.16
CA LYS N 164 5.11 35.10 36.90
C LYS N 164 4.07 35.82 36.06
N VAL N 165 2.94 36.13 36.67
CA VAL N 165 1.81 36.66 35.90
C VAL N 165 1.46 38.08 36.31
N GLY N 166 1.13 38.28 37.58
CA GLY N 166 0.31 39.42 37.95
C GLY N 166 0.82 40.82 38.20
N GLU N 167 1.63 41.01 39.25
CA GLU N 167 1.78 42.33 39.84
C GLU N 167 2.66 43.24 38.98
N GLY N 168 2.19 44.46 38.76
CA GLY N 168 2.87 45.42 37.92
C GLY N 168 3.00 44.97 36.48
N ASN N 169 4.22 44.65 36.07
CA ASN N 169 4.45 44.05 34.77
C ASN N 169 4.45 42.53 34.87
N GLY N 170 4.05 41.88 33.79
CA GLY N 170 3.94 40.44 33.78
C GLY N 170 3.08 40.01 32.63
N VAL N 171 2.51 38.80 32.77
CA VAL N 171 1.68 38.26 31.70
C VAL N 171 0.40 39.04 31.58
N PHE N 172 -0.25 39.35 32.70
CA PHE N 172 -1.51 40.07 32.72
C PHE N 172 -1.34 41.33 33.56
N GLY N 173 -2.20 42.31 33.31
CA GLY N 173 -2.34 43.41 34.24
C GLY N 173 -3.04 42.91 35.49
N LYS N 174 -2.32 42.90 36.62
CA LYS N 174 -2.73 42.43 37.95
C LYS N 174 -2.94 40.92 38.03
N GLY N 175 -2.82 40.19 36.92
CA GLY N 175 -3.02 38.76 36.92
C GLY N 175 -4.47 38.34 36.99
N ILE N 176 -4.65 37.03 37.00
CA ILE N 176 -5.97 36.43 37.07
C ILE N 176 -6.60 36.67 38.43
N PRO N 177 -7.83 37.13 38.49
CA PRO N 177 -8.56 37.21 39.74
C PRO N 177 -9.28 35.90 40.00
N PRO N 178 -9.95 35.74 41.13
CA PRO N 178 -10.90 34.63 41.26
C PRO N 178 -12.07 34.80 40.31
N ARG N 179 -12.79 33.67 40.14
CA ARG N 179 -14.08 33.61 39.44
C ARG N 179 -13.91 34.04 37.98
N THR N 180 -13.02 33.34 37.28
CA THR N 180 -12.76 33.62 35.88
C THR N 180 -12.21 32.37 35.21
N LYS N 181 -12.17 32.41 33.89
CA LYS N 181 -11.58 31.35 33.10
C LYS N 181 -10.24 31.80 32.56
N ILE N 182 -9.20 31.04 32.90
CA ILE N 182 -7.86 31.18 32.37
C ILE N 182 -7.45 29.81 31.84
N THR N 183 -6.98 29.77 30.59
CA THR N 183 -6.84 28.53 29.84
C THR N 183 -5.66 28.66 28.89
N GLY N 184 -4.89 27.59 28.75
CA GLY N 184 -3.79 27.62 27.82
C GLY N 184 -3.57 26.31 27.12
N LYS N 185 -2.44 26.23 26.44
CA LYS N 185 -1.96 24.97 25.89
C LYS N 185 -0.44 25.05 25.80
N VAL N 186 0.20 23.91 25.96
CA VAL N 186 1.65 23.82 25.91
C VAL N 186 2.01 22.93 24.72
N ILE N 187 2.70 23.49 23.75
CA ILE N 187 3.07 22.76 22.53
C ILE N 187 4.58 22.51 22.54
N PRO N 188 5.03 21.34 22.13
CA PRO N 188 6.47 21.10 22.00
C PRO N 188 7.02 21.60 20.67
N GLU N 189 8.29 21.29 20.42
CA GLU N 189 8.87 21.51 19.10
C GLU N 189 8.16 20.68 18.04
N PHE N 190 8.17 19.37 18.21
CA PHE N 190 7.52 18.47 17.27
C PHE N 190 6.62 17.44 17.96
N GLY N 191 6.42 17.55 19.27
CA GLY N 191 5.67 16.58 20.01
C GLY N 191 4.16 16.78 19.89
N ALA N 192 3.48 16.42 20.96
CA ALA N 192 2.02 16.56 20.98
C ALA N 192 1.62 17.66 21.96
N PRO N 193 0.75 18.58 21.55
CA PRO N 193 0.35 19.68 22.43
C PRO N 193 -0.55 19.21 23.55
N GLY N 194 -0.21 19.60 24.78
CA GLY N 194 -1.03 19.29 25.94
C GLY N 194 -1.88 20.48 26.33
N VAL N 195 -2.85 20.23 27.20
CA VAL N 195 -3.83 21.24 27.52
C VAL N 195 -3.69 21.65 28.98
N ILE N 196 -4.10 22.87 29.29
CA ILE N 196 -4.25 23.37 30.65
C ILE N 196 -5.45 24.31 30.68
N GLU N 197 -6.35 24.09 31.64
CA GLU N 197 -7.57 24.89 31.73
C GLU N 197 -7.94 25.04 33.19
N PHE N 198 -7.70 26.21 33.75
CA PHE N 198 -7.96 26.47 35.15
C PHE N 198 -9.45 26.63 35.40
N THR N 199 -9.82 26.66 36.68
CA THR N 199 -11.12 27.18 37.07
C THR N 199 -10.99 28.34 38.05
N THR N 200 -10.00 28.26 38.96
CA THR N 200 -9.69 29.22 40.01
C THR N 200 -10.93 29.49 40.86
N PRO N 201 -11.27 28.59 41.79
CA PRO N 201 -12.48 28.75 42.61
C PRO N 201 -12.42 30.01 43.47
N SER N 202 -13.58 30.65 43.62
CA SER N 202 -13.63 32.03 44.07
C SER N 202 -13.56 32.14 45.58
N THR N 203 -13.06 33.29 46.05
CA THR N 203 -12.98 33.70 47.46
C THR N 203 -12.17 32.68 48.27
N TYR N 204 -10.88 32.64 47.96
CA TYR N 204 -9.98 31.58 48.40
C TYR N 204 -8.97 32.08 49.42
N THR N 205 -8.28 31.11 50.02
CA THR N 205 -7.03 31.31 50.74
C THR N 205 -5.87 30.94 49.82
N SER N 206 -4.64 31.16 50.31
CA SER N 206 -3.46 31.13 49.45
C SER N 206 -3.14 29.72 48.97
N GLU N 207 -2.27 29.66 47.95
CA GLU N 207 -1.84 28.44 47.26
C GLU N 207 -3.06 27.72 46.67
N VAL N 208 -3.53 28.29 45.56
CA VAL N 208 -4.92 28.23 45.08
C VAL N 208 -5.19 26.94 44.30
N ILE N 209 -4.27 25.96 44.41
CA ILE N 209 -3.99 24.85 43.47
C ILE N 209 -5.19 24.21 42.77
N GLU N 210 -5.11 24.15 41.44
CA GLU N 210 -6.19 23.62 40.61
C GLU N 210 -5.59 22.98 39.37
N LEU N 211 -6.25 21.94 38.88
CA LEU N 211 -5.60 20.95 38.04
C LEU N 211 -5.93 21.11 36.55
N GLN N 212 -5.09 20.50 35.73
CA GLN N 212 -5.27 20.28 34.29
C GLN N 212 -5.42 21.59 33.51
N ALA O 6 46.25 -7.72 -77.70
CA ALA O 6 44.95 -8.35 -77.88
C ALA O 6 44.10 -8.19 -76.61
N VAL O 7 42.81 -8.46 -76.75
CA VAL O 7 41.85 -8.26 -75.68
C VAL O 7 41.89 -9.47 -74.75
N GLY O 8 42.34 -10.62 -75.29
CA GLY O 8 42.57 -11.80 -74.47
C GLY O 8 43.62 -11.65 -73.40
N ILE O 9 44.54 -10.69 -73.54
CA ILE O 9 45.47 -10.38 -72.47
C ILE O 9 44.82 -9.43 -71.47
N GLY O 10 44.11 -8.42 -71.96
CA GLY O 10 43.71 -7.31 -71.11
C GLY O 10 42.62 -7.64 -70.11
N THR O 11 41.79 -8.63 -70.40
CA THR O 11 40.78 -9.04 -69.43
C THR O 11 41.40 -9.80 -68.27
N LEU O 12 42.60 -10.37 -68.47
CA LEU O 12 43.28 -11.08 -67.40
C LEU O 12 43.95 -10.11 -66.44
N ILE O 13 44.29 -8.92 -66.93
CA ILE O 13 45.03 -7.97 -66.09
C ILE O 13 44.08 -7.20 -65.20
N VAL O 14 42.93 -6.78 -65.74
CA VAL O 14 41.90 -6.09 -64.95
C VAL O 14 41.32 -7.05 -63.91
N PHE O 15 41.31 -8.35 -64.20
CA PHE O 15 40.96 -9.36 -63.21
C PHE O 15 41.93 -9.35 -62.03
N ILE O 16 43.22 -9.16 -62.29
CA ILE O 16 44.19 -9.04 -61.20
C ILE O 16 43.98 -7.75 -60.43
N ALA O 17 43.62 -6.68 -61.14
CA ALA O 17 43.44 -5.37 -60.50
C ALA O 17 42.22 -5.36 -59.59
N MET O 18 41.13 -5.96 -60.03
CA MET O 18 39.90 -5.91 -59.24
C MET O 18 39.98 -6.77 -57.98
N VAL O 19 40.74 -7.88 -58.02
CA VAL O 19 40.96 -8.69 -56.83
C VAL O 19 41.70 -7.89 -55.75
N LEU O 20 42.68 -7.09 -56.15
CA LEU O 20 43.36 -6.21 -55.19
C LEU O 20 42.44 -5.09 -54.71
N VAL O 21 41.42 -4.74 -55.51
CA VAL O 21 40.39 -3.84 -55.03
C VAL O 21 39.33 -4.62 -54.26
N ALA O 22 39.13 -5.89 -54.61
CA ALA O 22 38.34 -6.77 -53.75
C ALA O 22 39.05 -7.03 -52.44
N ALA O 23 40.39 -7.02 -52.45
CA ALA O 23 41.18 -7.12 -51.24
C ALA O 23 40.95 -5.95 -50.30
N VAL O 24 41.07 -4.71 -50.79
CA VAL O 24 40.83 -3.54 -49.95
C VAL O 24 39.34 -3.34 -49.69
N ALA O 25 38.45 -3.99 -50.44
CA ALA O 25 37.06 -4.09 -50.04
C ALA O 25 36.88 -5.06 -48.88
N ALA O 26 37.87 -5.91 -48.61
CA ALA O 26 37.79 -6.87 -47.53
C ALA O 26 38.85 -6.67 -46.45
N ALA O 27 40.02 -6.17 -46.80
CA ALA O 27 41.04 -5.94 -45.78
C ALA O 27 40.71 -4.79 -44.85
N VAL O 28 39.81 -3.90 -45.27
CA VAL O 28 39.41 -2.75 -44.48
C VAL O 28 38.03 -2.95 -43.85
N LEU O 29 37.07 -3.42 -44.65
CA LEU O 29 35.70 -3.55 -44.18
C LEU O 29 35.57 -4.65 -43.13
N ILE O 30 36.48 -5.64 -43.15
CA ILE O 30 36.62 -6.50 -41.99
C ILE O 30 37.25 -5.73 -40.83
N GLN O 31 38.33 -5.00 -41.12
CA GLN O 31 39.11 -4.34 -40.07
C GLN O 31 38.34 -3.19 -39.42
N THR O 32 37.41 -2.57 -40.13
CA THR O 32 36.60 -1.57 -39.41
C THR O 32 35.79 -2.34 -38.35
N SER O 33 35.30 -3.51 -38.76
CA SER O 33 34.49 -4.39 -37.93
C SER O 33 35.26 -4.86 -36.71
N GLY O 34 36.55 -5.13 -36.87
CA GLY O 34 37.36 -5.55 -35.74
C GLY O 34 37.40 -4.45 -34.68
N TYR O 35 37.54 -3.21 -35.13
CA TYR O 35 37.55 -2.05 -34.24
C TYR O 35 36.22 -1.97 -33.51
N LEU O 36 35.12 -2.19 -34.25
CA LEU O 36 33.81 -2.16 -33.64
C LEU O 36 33.66 -3.25 -32.58
N GLN O 37 34.21 -4.43 -32.87
CA GLN O 37 34.15 -5.55 -31.93
C GLN O 37 34.89 -5.17 -30.67
N GLN O 38 36.06 -4.55 -30.82
CA GLN O 38 36.85 -4.13 -29.67
C GLN O 38 36.10 -3.09 -28.83
N LYS O 39 35.36 -2.18 -29.48
CA LYS O 39 34.60 -1.17 -28.73
C LYS O 39 33.20 -1.63 -28.34
N SER O 40 32.84 -2.84 -28.74
CA SER O 40 31.54 -3.44 -28.46
C SER O 40 31.60 -4.36 -27.25
N GLN O 41 32.57 -5.29 -27.24
CA GLN O 41 32.64 -6.31 -26.20
C GLN O 41 32.94 -5.72 -24.83
N ALA O 42 33.72 -4.64 -24.78
CA ALA O 42 33.98 -3.97 -23.51
C ALA O 42 32.73 -3.26 -23.01
N THR O 43 32.15 -2.39 -23.84
CA THR O 43 30.91 -1.70 -23.49
C THR O 43 29.73 -2.63 -23.34
N GLY O 44 29.76 -3.81 -23.96
CA GLY O 44 28.74 -4.81 -23.72
C GLY O 44 28.79 -5.34 -22.30
N ARG O 45 29.99 -5.34 -21.70
CA ARG O 45 30.13 -5.86 -20.34
C ARG O 45 30.07 -4.75 -19.30
N GLU O 46 30.70 -3.59 -19.60
CA GLU O 46 30.91 -2.56 -18.60
C GLU O 46 29.62 -1.89 -18.16
N THR O 47 28.57 -1.99 -18.96
CA THR O 47 27.37 -1.22 -18.69
C THR O 47 26.31 -2.00 -17.95
N THR O 48 26.56 -3.27 -17.62
CA THR O 48 25.87 -3.82 -16.47
C THR O 48 26.55 -3.37 -15.19
N GLN O 49 27.88 -3.32 -15.20
CA GLN O 49 28.63 -2.93 -14.01
C GLN O 49 28.45 -1.46 -13.69
N GLU O 50 28.15 -0.65 -14.71
CA GLU O 50 27.67 0.70 -14.49
C GLU O 50 26.31 0.72 -13.79
N VAL O 51 25.45 -0.26 -14.04
CA VAL O 51 24.07 -0.19 -13.58
C VAL O 51 23.73 -1.22 -12.52
N ALA O 52 24.57 -2.23 -12.29
CA ALA O 52 24.24 -3.23 -11.27
C ALA O 52 25.00 -2.97 -9.99
N SER O 53 26.29 -2.65 -10.09
CA SER O 53 27.11 -2.39 -8.92
C SER O 53 26.71 -1.07 -8.27
N GLY O 54 26.88 -1.01 -6.95
CA GLY O 54 26.48 0.18 -6.23
C GLY O 54 26.39 0.00 -4.74
N ILE O 55 26.47 1.12 -4.02
CA ILE O 55 26.57 1.17 -2.57
C ILE O 55 25.19 1.50 -2.01
N LYS O 56 24.79 0.84 -0.92
CA LYS O 56 23.64 1.27 -0.15
C LYS O 56 24.05 1.54 1.29
N VAL O 57 23.38 2.51 1.92
CA VAL O 57 23.78 3.09 3.19
C VAL O 57 22.79 2.67 4.26
N LEU O 58 23.28 2.08 5.35
CA LEU O 58 22.41 1.60 6.41
C LEU O 58 22.94 2.02 7.78
N SER O 59 22.08 2.65 8.57
CA SER O 59 22.21 2.80 10.03
C SER O 59 23.48 3.54 10.44
N VAL O 60 23.53 4.81 10.06
CA VAL O 60 24.67 5.65 10.39
C VAL O 60 24.59 6.05 11.87
N VAL O 61 25.73 6.12 12.54
CA VAL O 61 25.79 6.32 13.97
C VAL O 61 26.60 7.58 14.30
N GLY O 62 26.23 8.24 15.39
CA GLY O 62 26.68 9.60 15.64
C GLY O 62 27.90 9.91 16.49
N LYS O 63 27.92 9.49 17.77
CA LYS O 63 28.95 9.80 18.77
C LYS O 63 29.13 11.29 19.04
N THR O 64 28.23 11.91 19.79
CA THR O 64 28.58 13.22 20.33
C THR O 64 29.66 13.08 21.41
N ASP O 65 30.18 14.23 21.86
CA ASP O 65 31.28 14.23 22.80
C ASP O 65 30.72 14.22 24.23
N SER O 66 31.57 14.50 25.23
CA SER O 66 31.20 14.44 26.64
C SER O 66 30.12 15.44 27.02
N ASN O 67 30.02 16.56 26.32
CA ASN O 67 28.92 17.50 26.49
C ASN O 67 28.16 17.44 25.17
N LYS O 68 26.83 17.38 25.23
CA LYS O 68 25.96 16.95 24.14
C LYS O 68 25.99 17.83 22.89
N THR O 69 26.64 18.98 22.96
CA THR O 69 26.83 19.84 21.80
C THR O 69 27.80 19.18 20.82
N TYR O 70 27.60 19.45 19.52
CA TYR O 70 28.61 19.26 18.46
C TYR O 70 29.04 17.80 18.30
N VAL O 71 28.12 16.99 17.77
CA VAL O 71 28.45 15.60 17.44
C VAL O 71 29.54 15.54 16.37
N GLU O 72 30.64 14.84 16.65
CA GLU O 72 31.84 15.00 15.84
C GLU O 72 32.38 13.71 15.25
N LYS O 73 32.20 12.56 15.87
CA LYS O 73 32.87 11.34 15.44
C LYS O 73 31.88 10.42 14.72
N LEU O 74 31.65 10.70 13.44
CA LEU O 74 30.60 10.03 12.67
C LEU O 74 31.13 8.74 12.05
N ALA O 75 30.20 7.82 11.80
CA ALA O 75 30.55 6.55 11.17
C ALA O 75 29.35 6.06 10.35
N ILE O 76 29.53 5.99 9.04
CA ILE O 76 28.53 5.49 8.11
C ILE O 76 28.86 4.05 7.75
N TYR O 77 27.89 3.15 7.90
CA TYR O 77 28.08 1.76 7.54
C TYR O 77 27.73 1.60 6.07
N ILE O 78 28.43 0.72 5.38
CA ILE O 78 28.23 0.52 3.94
C ILE O 78 28.29 -0.96 3.60
N SER O 79 27.29 -1.44 2.87
CA SER O 79 27.30 -2.70 2.16
C SER O 79 26.90 -2.45 0.72
N PRO O 80 27.54 -3.08 -0.24
CA PRO O 80 27.20 -2.88 -1.64
C PRO O 80 25.97 -3.68 -2.01
N ASN O 81 25.50 -3.47 -3.24
CA ASN O 81 24.29 -4.10 -3.73
C ASN O 81 24.55 -5.59 -4.00
N ALA O 82 23.51 -6.28 -4.49
CA ALA O 82 23.61 -7.73 -4.66
C ALA O 82 24.56 -8.10 -5.78
N GLY O 83 24.25 -7.68 -7.00
CA GLY O 83 25.13 -7.97 -8.10
C GLY O 83 26.13 -6.86 -8.31
N SER O 84 27.37 -7.08 -7.87
CA SER O 84 28.39 -6.07 -8.04
C SER O 84 29.74 -6.72 -8.29
N GLU O 85 30.54 -6.07 -9.12
CA GLU O 85 31.92 -6.47 -9.31
C GLU O 85 32.85 -5.34 -8.87
N GLY O 86 33.17 -5.35 -7.58
CA GLY O 86 34.26 -4.56 -7.06
C GLY O 86 34.13 -3.06 -6.97
N ILE O 87 33.32 -2.55 -6.05
CA ILE O 87 33.52 -1.17 -5.62
C ILE O 87 34.87 -1.09 -4.93
N ASP O 88 35.78 -0.30 -5.50
CA ASP O 88 37.13 -0.20 -4.96
C ASP O 88 37.26 1.10 -4.19
N LEU O 89 37.42 0.98 -2.88
CA LEU O 89 37.27 2.12 -1.98
C LEU O 89 38.49 3.03 -1.92
N ASN O 90 39.51 2.80 -2.73
CA ASN O 90 40.48 3.86 -2.99
C ASN O 90 39.90 4.85 -4.00
N ASN O 91 39.10 4.35 -4.94
CA ASN O 91 38.34 5.19 -5.86
C ASN O 91 36.91 5.27 -5.35
N THR O 92 36.71 6.00 -4.27
CA THR O 92 35.38 6.23 -3.72
C THR O 92 35.40 7.54 -2.95
N ARG O 93 34.70 8.54 -3.47
CA ARG O 93 34.64 9.85 -2.85
C ARG O 93 33.32 10.00 -2.13
N VAL O 94 33.40 10.17 -0.80
CA VAL O 94 32.21 10.38 0.01
C VAL O 94 31.88 11.86 0.00
N VAL O 95 30.81 12.23 -0.69
CA VAL O 95 30.48 13.62 -0.92
C VAL O 95 29.31 13.96 0.00
N LEU O 96 29.61 14.55 1.16
CA LEU O 96 28.57 15.01 2.06
C LEU O 96 28.62 16.52 2.17
N SER O 97 27.46 17.16 2.17
CA SER O 97 27.33 18.60 2.27
C SER O 97 27.14 19.00 3.72
N ASN O 98 26.77 20.24 3.99
CA ASN O 98 26.41 20.68 5.33
C ASN O 98 25.15 21.50 5.15
N GLY O 99 24.75 22.25 6.17
CA GLY O 99 23.88 23.37 5.93
C GLY O 99 24.51 24.42 5.04
N THR O 100 25.84 24.59 5.12
CA THR O 100 26.50 25.62 4.33
C THR O 100 27.57 25.08 3.39
N VAL O 101 28.50 24.25 3.88
CA VAL O 101 29.76 24.00 3.20
C VAL O 101 29.87 22.54 2.80
N GLN O 102 30.03 22.30 1.50
CA GLN O 102 30.28 20.98 0.92
C GLN O 102 31.55 20.35 1.46
N ALA O 103 31.69 19.05 1.19
CA ALA O 103 32.93 18.33 1.44
C ALA O 103 32.96 17.10 0.55
N VAL O 104 34.17 16.65 0.23
CA VAL O 104 34.40 15.32 -0.31
C VAL O 104 35.44 14.66 0.58
N LEU O 105 35.53 13.33 0.50
CA LEU O 105 36.39 12.58 1.40
C LEU O 105 37.20 11.56 0.61
N LYS O 106 38.52 11.72 0.63
CA LYS O 106 39.46 10.80 -0.01
C LYS O 106 39.84 9.71 0.97
N TYR O 107 40.17 8.53 0.43
CA TYR O 107 40.65 7.43 1.25
C TYR O 107 41.96 7.80 1.94
N GLU O 108 42.14 7.29 3.16
CA GLU O 108 43.40 7.47 3.87
C GLU O 108 43.94 6.09 4.24
N LYS O 109 45.25 5.94 4.11
CA LYS O 109 45.92 4.71 4.52
C LYS O 109 46.14 4.72 6.02
N THR O 110 46.73 3.63 6.52
CA THR O 110 47.06 3.40 7.93
C THR O 110 45.86 3.61 8.85
N ALA O 111 44.70 3.11 8.43
CA ALA O 111 43.52 3.19 9.29
C ALA O 111 42.67 1.94 9.05
N TYR O 112 42.94 0.86 9.80
CA TYR O 112 42.05 -0.30 9.76
C TYR O 112 41.37 -0.62 11.09
N HIS O 113 42.11 -1.00 12.13
CA HIS O 113 41.56 -1.41 13.43
C HIS O 113 40.44 -2.46 13.28
N LYS O 114 40.84 -3.65 12.85
CA LYS O 114 39.88 -4.70 12.53
C LYS O 114 39.84 -5.84 13.54
N GLY O 115 40.58 -5.74 14.65
CA GLY O 115 40.63 -6.82 15.61
C GLY O 115 39.90 -6.57 16.93
N ALA O 116 39.99 -5.35 17.44
CA ALA O 116 39.35 -4.95 18.69
C ALA O 116 38.10 -4.12 18.42
N VAL O 117 37.33 -4.54 17.40
CA VAL O 117 36.29 -3.74 16.77
C VAL O 117 35.03 -3.63 17.63
N GLY O 118 35.04 -4.26 18.80
CA GLY O 118 33.87 -4.26 19.66
C GLY O 118 33.59 -2.95 20.37
N ASP O 119 34.45 -1.95 20.20
CA ASP O 119 34.16 -0.58 20.59
C ASP O 119 34.50 0.30 19.39
N VAL O 120 33.47 0.62 18.58
CA VAL O 120 33.68 1.22 17.27
C VAL O 120 34.23 2.63 17.41
N PHE O 121 33.90 3.31 18.51
CA PHE O 121 34.29 4.70 18.73
C PHE O 121 35.42 4.84 19.72
N ASN O 122 36.16 3.77 19.96
CA ASN O 122 37.42 3.89 20.69
C ASN O 122 38.44 4.58 19.81
N ALA O 123 39.27 5.43 20.41
CA ALA O 123 40.25 6.23 19.67
C ALA O 123 41.44 5.39 19.23
N SER O 124 41.21 4.42 18.37
CA SER O 124 42.18 3.39 18.03
C SER O 124 43.01 3.79 16.82
N THR O 125 43.69 2.78 16.24
CA THR O 125 44.62 2.98 15.13
C THR O 125 43.95 3.48 13.86
N ALA O 126 42.62 3.37 13.75
CA ALA O 126 41.92 3.86 12.58
C ALA O 126 41.14 5.13 12.85
N TRP O 127 41.74 6.06 13.60
CA TRP O 127 41.18 7.38 13.84
C TRP O 127 42.23 8.47 13.74
N ASN O 128 43.46 8.12 13.37
CA ASN O 128 44.51 9.11 13.18
C ASN O 128 44.37 9.66 11.76
N LEU O 129 43.38 10.53 11.58
CA LEU O 129 43.07 11.03 10.25
C LEU O 129 42.82 12.53 10.31
N SER O 130 42.62 13.12 9.13
CA SER O 130 42.54 14.56 8.97
C SER O 130 41.25 14.96 8.25
N ASN O 131 41.24 16.19 7.72
CA ASN O 131 40.05 16.83 7.16
C ASN O 131 39.40 15.99 6.06
N THR O 132 40.14 15.75 4.97
CA THR O 132 39.58 15.16 3.75
C THR O 132 39.70 13.65 3.74
N ASN O 133 39.68 13.01 4.90
CA ASN O 133 39.96 11.59 5.00
C ASN O 133 38.79 10.88 5.65
N PHE O 134 38.70 9.57 5.39
CA PHE O 134 37.72 8.75 6.08
C PHE O 134 38.34 7.42 6.49
N GLY O 135 38.02 7.00 7.73
CA GLY O 135 38.48 5.73 8.25
C GLY O 135 37.61 4.60 7.76
N ILE O 136 38.21 3.43 7.63
CA ILE O 136 37.62 2.32 6.87
C ILE O 136 37.57 1.03 7.70
N ILE O 137 37.20 1.14 8.99
CA ILE O 137 37.20 -0.02 9.89
C ILE O 137 36.28 -1.10 9.34
N VAL O 138 36.77 -2.33 9.31
CA VAL O 138 36.17 -3.38 8.51
C VAL O 138 35.69 -4.50 9.41
N LEU O 139 34.48 -4.96 9.14
CA LEU O 139 33.89 -6.10 9.80
C LEU O 139 33.18 -6.94 8.75
N GLN O 140 33.16 -8.26 8.98
CA GLN O 140 32.59 -9.27 8.08
C GLN O 140 33.25 -9.19 6.70
N ASP O 141 34.53 -9.54 6.67
CA ASP O 141 35.21 -9.79 5.41
C ASP O 141 35.17 -11.28 5.13
N ALA O 142 34.58 -11.65 4.00
CA ALA O 142 34.37 -13.06 3.70
C ALA O 142 35.67 -13.74 3.25
N ASP O 143 36.22 -13.29 2.13
CA ASP O 143 37.45 -13.82 1.58
C ASP O 143 38.64 -12.93 1.94
N ASN O 144 38.50 -12.19 3.03
CA ASN O 144 39.44 -11.16 3.48
C ASN O 144 39.72 -10.16 2.35
N SER O 145 38.64 -9.73 1.70
CA SER O 145 38.74 -8.92 0.50
C SER O 145 39.13 -7.48 0.77
N VAL O 146 39.21 -7.06 2.03
CA VAL O 146 39.63 -5.70 2.34
C VAL O 146 41.02 -5.76 2.98
N ASP O 147 42.06 -5.71 2.16
CA ASP O 147 43.43 -5.63 2.63
C ASP O 147 43.99 -4.26 2.34
N GLN O 148 45.11 -3.94 2.99
CA GLN O 148 45.70 -2.61 2.91
C GLN O 148 46.24 -2.39 1.50
N ASN O 149 46.11 -1.13 1.04
CA ASN O 149 46.46 -0.58 -0.27
C ASN O 149 45.49 -1.03 -1.36
N TYR O 150 44.57 -1.94 -1.05
CA TYR O 150 43.51 -2.35 -1.96
C TYR O 150 42.26 -2.72 -1.18
N PRO O 151 41.45 -1.73 -0.76
CA PRO O 151 40.15 -2.07 -0.18
C PRO O 151 39.17 -2.45 -1.27
N THR O 152 38.89 -3.74 -1.42
CA THR O 152 38.02 -4.24 -2.48
C THR O 152 36.76 -4.80 -1.86
N LEU O 153 35.62 -4.55 -2.50
CA LEU O 153 34.36 -5.07 -2.01
C LEU O 153 33.76 -6.11 -2.96
N ASN O 154 32.93 -6.97 -2.38
CA ASN O 154 32.25 -8.04 -3.08
C ASN O 154 30.88 -8.25 -2.43
N LYS O 155 30.24 -9.37 -2.70
CA LYS O 155 28.96 -9.66 -2.07
C LYS O 155 29.16 -9.99 -0.59
N GLY O 156 28.16 -9.61 0.21
CA GLY O 156 28.15 -9.91 1.63
C GLY O 156 29.29 -9.30 2.42
N ASP O 157 29.35 -7.98 2.51
CA ASP O 157 30.46 -7.29 3.16
C ASP O 157 29.93 -5.99 3.71
N ILE O 158 30.10 -5.78 5.02
CA ILE O 158 29.64 -4.56 5.66
C ILE O 158 30.86 -3.81 6.17
N VAL O 159 31.42 -2.94 5.36
CA VAL O 159 32.54 -2.13 5.78
C VAL O 159 31.97 -0.84 6.36
N VAL O 160 32.71 -0.25 7.29
CA VAL O 160 32.26 0.94 8.02
C VAL O 160 33.15 2.10 7.63
N ILE O 161 32.61 3.05 6.89
CA ILE O 161 33.34 4.28 6.64
C ILE O 161 33.23 5.16 7.88
N THR O 162 34.39 5.51 8.45
CA THR O 162 34.47 6.35 9.62
C THR O 162 34.94 7.74 9.22
N VAL O 163 34.13 8.76 9.49
CA VAL O 163 34.45 10.13 9.11
C VAL O 163 34.48 10.97 10.37
N LYS O 164 35.66 11.42 10.76
CA LYS O 164 35.77 12.39 11.84
C LYS O 164 35.36 13.76 11.33
N VAL O 165 34.43 14.39 12.04
CA VAL O 165 33.79 15.57 11.48
C VAL O 165 34.19 16.83 12.22
N GLY O 166 33.90 16.89 13.52
CA GLY O 166 33.79 18.17 14.19
C GLY O 166 34.89 18.78 15.03
N GLU O 167 35.43 18.05 16.01
CA GLU O 167 36.13 18.68 17.12
C GLU O 167 37.50 19.21 16.68
N GLY O 168 37.74 20.49 16.93
CA GLY O 168 38.91 21.17 16.43
C GLY O 168 38.87 21.30 14.92
N ASN O 169 39.83 20.67 14.24
CA ASN O 169 39.79 20.54 12.80
C ASN O 169 38.79 19.47 12.37
N GLY O 170 38.63 19.31 11.07
CA GLY O 170 37.84 18.21 10.59
C GLY O 170 37.08 18.59 9.35
N VAL O 171 35.98 17.85 9.13
CA VAL O 171 35.14 18.08 7.96
C VAL O 171 34.41 19.41 8.10
N PHE O 172 33.82 19.66 9.25
CA PHE O 172 33.10 20.90 9.49
C PHE O 172 33.78 21.66 10.62
N GLY O 173 33.64 22.99 10.58
CA GLY O 173 34.02 23.81 11.71
C GLY O 173 33.10 23.50 12.87
N LYS O 174 33.62 22.84 13.90
CA LYS O 174 32.96 22.41 15.14
C LYS O 174 31.92 21.31 14.94
N GLY O 175 31.67 20.88 13.70
CA GLY O 175 30.73 19.80 13.45
C GLY O 175 29.27 20.19 13.55
N ILE O 176 28.43 19.24 13.16
CA ILE O 176 26.99 19.46 13.08
C ILE O 176 26.36 19.61 14.46
N PRO O 177 25.68 20.73 14.72
CA PRO O 177 24.96 20.89 15.97
C PRO O 177 23.63 20.16 15.92
N PRO O 178 22.86 20.13 17.01
CA PRO O 178 21.47 19.68 16.89
C PRO O 178 20.66 20.60 16.00
N ARG O 179 19.64 19.99 15.39
CA ARG O 179 18.61 20.68 14.58
C ARG O 179 19.27 21.37 13.38
N THR O 180 20.04 20.59 12.64
CA THR O 180 20.64 21.07 11.40
C THR O 180 20.50 19.97 10.35
N LYS O 181 20.80 20.32 9.11
CA LYS O 181 20.75 19.35 8.03
C LYS O 181 22.16 19.03 7.56
N ILE O 182 22.40 17.75 7.32
CA ILE O 182 23.66 17.17 6.85
C ILE O 182 23.29 16.10 5.84
N THR O 183 23.59 16.36 4.58
CA THR O 183 23.07 15.62 3.45
C THR O 183 24.22 15.28 2.51
N GLY O 184 24.20 14.10 1.91
CA GLY O 184 25.24 13.79 0.98
C GLY O 184 24.92 12.67 0.02
N LYS O 185 25.98 12.07 -0.51
CA LYS O 185 25.91 10.89 -1.34
C LYS O 185 27.29 10.25 -1.36
N VAL O 186 27.33 8.92 -1.44
CA VAL O 186 28.58 8.18 -1.46
C VAL O 186 28.67 7.48 -2.80
N ILE O 187 29.51 7.98 -3.68
CA ILE O 187 29.57 7.53 -5.07
C ILE O 187 30.78 6.61 -5.25
N PRO O 188 30.62 5.49 -5.94
CA PRO O 188 31.78 4.64 -6.24
C PRO O 188 32.54 5.12 -7.46
N GLU O 189 33.49 4.29 -7.90
CA GLU O 189 34.18 4.51 -9.17
C GLU O 189 33.19 4.56 -10.33
N PHE O 190 32.46 3.48 -10.56
CA PHE O 190 31.59 3.34 -11.71
C PHE O 190 30.18 2.92 -11.35
N GLY O 191 29.94 2.54 -10.10
CA GLY O 191 28.68 1.95 -9.71
C GLY O 191 27.56 2.96 -9.51
N ALA O 192 26.64 2.57 -8.66
CA ALA O 192 25.47 3.37 -8.33
C ALA O 192 25.68 4.10 -7.02
N PRO O 193 25.38 5.40 -6.94
CA PRO O 193 25.66 6.14 -5.71
C PRO O 193 24.67 5.82 -4.62
N GLY O 194 25.18 5.65 -3.40
CA GLY O 194 24.33 5.52 -2.23
C GLY O 194 24.15 6.88 -1.56
N VAL O 195 22.92 7.19 -1.20
CA VAL O 195 22.59 8.53 -0.77
C VAL O 195 22.46 8.52 0.76
N ILE O 196 22.62 9.70 1.36
CA ILE O 196 22.66 9.81 2.81
C ILE O 196 22.10 11.16 3.26
N GLU O 197 21.09 11.12 4.13
CA GLU O 197 20.43 12.33 4.59
C GLU O 197 20.03 12.16 6.05
N PHE O 198 20.51 13.05 6.90
CA PHE O 198 20.24 12.99 8.33
C PHE O 198 19.18 14.02 8.71
N THR O 199 18.76 13.97 9.96
CA THR O 199 18.04 15.09 10.56
C THR O 199 18.79 15.67 11.74
N THR O 200 19.68 14.87 12.37
CA THR O 200 20.41 15.15 13.62
C THR O 200 19.42 15.54 14.69
N PRO O 201 18.74 14.57 15.32
CA PRO O 201 17.51 14.84 16.08
C PRO O 201 17.74 15.76 17.27
N SER O 202 16.74 16.60 17.54
CA SER O 202 16.96 17.87 18.21
C SER O 202 17.28 17.70 19.69
N THR O 203 18.43 18.28 20.08
CA THR O 203 18.89 18.46 21.45
C THR O 203 19.01 17.10 22.16
N TYR O 204 19.96 16.34 21.66
CA TYR O 204 20.04 14.89 21.77
C TYR O 204 20.91 14.44 22.93
N THR O 205 20.93 13.13 23.13
CA THR O 205 21.82 12.43 24.03
C THR O 205 22.93 11.77 23.21
N SER O 206 23.77 10.97 23.87
CA SER O 206 24.93 10.45 23.18
C SER O 206 24.58 9.27 22.29
N GLU O 207 25.41 9.06 21.25
CA GLU O 207 25.26 8.01 20.23
C GLU O 207 23.92 8.15 19.52
N VAL O 208 23.90 9.08 18.58
CA VAL O 208 22.71 9.84 18.18
C VAL O 208 21.97 9.11 17.04
N ILE O 209 22.22 7.80 16.88
CA ILE O 209 22.01 6.96 15.68
C ILE O 209 20.73 7.23 14.89
N GLU O 210 20.89 7.48 13.59
CA GLU O 210 19.77 7.87 12.74
C GLU O 210 20.06 7.42 11.32
N LEU O 211 19.00 7.19 10.57
CA LEU O 211 19.06 6.31 9.41
C LEU O 211 19.43 7.05 8.12
N GLN O 212 20.15 6.32 7.27
CA GLN O 212 20.50 6.66 5.89
C GLN O 212 21.26 7.98 5.77
N ALA P 6 14.63 1.01 -29.21
CA ALA P 6 15.22 0.73 -27.91
C ALA P 6 14.16 0.77 -26.81
N VAL P 7 14.35 0.02 -25.72
CA VAL P 7 13.35 0.01 -24.64
C VAL P 7 13.46 1.09 -23.55
N GLY P 8 14.58 1.79 -23.53
CA GLY P 8 14.78 2.79 -22.50
C GLY P 8 13.78 3.92 -22.52
N ILE P 9 13.48 4.43 -23.71
CA ILE P 9 12.55 5.54 -23.79
C ILE P 9 11.19 5.16 -23.24
N GLY P 10 10.70 4.00 -23.64
CA GLY P 10 9.39 3.58 -23.18
C GLY P 10 9.37 3.42 -21.68
N THR P 11 10.43 2.79 -21.14
CA THR P 11 10.44 2.58 -19.70
C THR P 11 10.43 3.89 -18.96
N LEU P 12 11.25 4.84 -19.40
CA LEU P 12 11.30 6.11 -18.71
C LEU P 12 9.97 6.84 -18.78
N ILE P 13 9.36 6.80 -19.94
CA ILE P 13 8.10 7.47 -20.12
C ILE P 13 6.97 6.92 -19.24
N VAL P 14 6.88 5.60 -19.07
CA VAL P 14 5.77 5.08 -18.26
C VAL P 14 5.79 5.53 -16.80
N PHE P 15 6.98 5.50 -16.23
CA PHE P 15 7.28 5.88 -14.85
C PHE P 15 6.80 7.30 -14.55
N ILE P 16 6.98 8.20 -15.51
CA ILE P 16 6.56 9.58 -15.35
C ILE P 16 5.05 9.64 -15.18
N ALA P 17 4.34 8.88 -16.02
CA ALA P 17 2.90 8.80 -15.94
C ALA P 17 2.53 8.12 -14.64
N MET P 18 3.29 7.09 -14.29
CA MET P 18 3.10 6.35 -13.05
C MET P 18 3.35 7.27 -11.86
N VAL P 19 4.37 8.12 -11.98
CA VAL P 19 4.71 9.07 -10.93
C VAL P 19 3.54 10.04 -10.73
N LEU P 20 2.94 10.49 -11.84
CA LEU P 20 1.79 11.38 -11.78
C LEU P 20 0.62 10.69 -11.09
N VAL P 21 0.42 9.40 -11.39
CA VAL P 21 -0.65 8.63 -10.77
C VAL P 21 -0.40 8.57 -9.27
N ALA P 22 0.85 8.34 -8.88
CA ALA P 22 1.17 8.27 -7.47
C ALA P 22 0.85 9.60 -6.81
N ALA P 23 1.22 10.70 -7.46
CA ALA P 23 0.94 11.99 -6.86
C ALA P 23 -0.55 12.21 -6.68
N VAL P 24 -1.34 11.90 -7.71
CA VAL P 24 -2.79 12.12 -7.56
C VAL P 24 -3.39 11.24 -6.48
N ALA P 25 -2.91 10.00 -6.40
CA ALA P 25 -3.41 9.07 -5.42
C ALA P 25 -3.11 9.58 -4.02
N ALA P 26 -1.91 10.09 -3.82
CA ALA P 26 -1.54 10.63 -2.52
C ALA P 26 -2.37 11.87 -2.18
N ALA P 27 -2.57 12.72 -3.18
CA ALA P 27 -3.29 13.97 -2.98
C ALA P 27 -4.75 13.74 -2.61
N VAL P 28 -5.39 12.82 -3.31
CA VAL P 28 -6.78 12.53 -3.02
C VAL P 28 -6.93 12.09 -1.58
N LEU P 29 -6.03 11.21 -1.15
CA LEU P 29 -6.11 10.72 0.21
C LEU P 29 -5.93 11.86 1.22
N ILE P 30 -4.98 12.74 0.93
CA ILE P 30 -4.72 13.87 1.80
C ILE P 30 -5.91 14.82 1.89
N GLN P 31 -6.53 15.09 0.74
CA GLN P 31 -7.64 16.00 0.72
C GLN P 31 -8.77 15.39 1.54
N THR P 32 -8.97 14.08 1.38
CA THR P 32 -10.02 13.43 2.13
C THR P 32 -9.70 13.35 3.61
N SER P 33 -8.43 13.20 3.97
CA SER P 33 -8.05 13.24 5.37
C SER P 33 -8.30 14.61 5.97
N GLY P 34 -8.13 15.67 5.17
CA GLY P 34 -8.44 17.01 5.64
C GLY P 34 -9.91 17.17 5.98
N TYR P 35 -10.79 16.58 5.16
CA TYR P 35 -12.22 16.66 5.46
C TYR P 35 -12.57 15.85 6.72
N LEU P 36 -11.75 14.85 7.04
CA LEU P 36 -11.94 14.11 8.29
C LEU P 36 -11.65 14.97 9.51
N GLN P 37 -10.52 15.70 9.55
CA GLN P 37 -10.20 16.47 10.75
C GLN P 37 -11.18 17.62 10.96
N GLN P 38 -11.63 18.27 9.89
CA GLN P 38 -12.60 19.35 10.05
C GLN P 38 -14.01 18.81 10.32
N LYS P 39 -14.18 17.50 10.20
CA LYS P 39 -15.42 16.92 10.70
C LYS P 39 -15.23 16.36 12.11
N SER P 40 -14.03 15.86 12.41
CA SER P 40 -13.82 15.18 13.70
C SER P 40 -13.70 16.18 14.84
N GLN P 41 -12.68 17.04 14.80
CA GLN P 41 -12.39 17.91 15.94
C GLN P 41 -13.44 19.01 16.07
N ALA P 42 -14.04 19.43 14.96
CA ALA P 42 -15.17 20.36 15.02
C ALA P 42 -16.36 19.72 15.74
N THR P 43 -16.55 18.42 15.57
CA THR P 43 -17.48 17.68 16.41
C THR P 43 -16.84 17.13 17.68
N GLY P 44 -15.51 17.20 17.79
CA GLY P 44 -14.82 16.74 18.98
C GLY P 44 -15.17 17.57 20.19
N ARG P 45 -15.42 18.86 19.98
CA ARG P 45 -15.87 19.71 21.07
C ARG P 45 -17.36 19.53 21.32
N GLU P 46 -18.15 19.38 20.25
CA GLU P 46 -19.60 19.49 20.32
C GLU P 46 -20.23 18.34 21.10
N THR P 47 -19.66 17.14 21.01
CA THR P 47 -20.26 15.98 21.64
C THR P 47 -20.18 16.03 23.17
N THR P 48 -19.14 16.61 23.74
CA THR P 48 -19.16 16.89 25.17
C THR P 48 -20.12 18.03 25.48
N GLN P 49 -20.12 19.08 24.64
CA GLN P 49 -20.99 20.24 24.82
C GLN P 49 -22.46 19.86 24.70
N GLU P 50 -22.76 18.81 23.94
CA GLU P 50 -24.14 18.33 23.83
C GLU P 50 -24.60 17.68 25.12
N VAL P 51 -23.68 17.19 25.95
CA VAL P 51 -24.03 16.47 27.16
C VAL P 51 -23.53 17.13 28.44
N ALA P 52 -22.55 18.03 28.36
CA ALA P 52 -22.05 18.64 29.59
C ALA P 52 -23.02 19.70 30.11
N SER P 53 -23.31 20.70 29.28
CA SER P 53 -24.14 21.83 29.71
C SER P 53 -25.59 21.39 29.89
N GLY P 54 -26.25 21.99 30.88
CA GLY P 54 -27.61 21.59 31.18
C GLY P 54 -28.26 22.50 32.19
N ILE P 55 -29.58 22.67 32.05
CA ILE P 55 -30.37 23.60 32.84
C ILE P 55 -31.11 22.82 33.90
N LYS P 56 -30.94 23.21 35.17
CA LYS P 56 -31.67 22.60 36.26
C LYS P 56 -32.50 23.66 36.98
N VAL P 57 -33.57 23.22 37.62
CA VAL P 57 -34.61 24.10 38.16
C VAL P 57 -34.71 23.87 39.66
N LEU P 58 -34.73 24.95 40.43
CA LEU P 58 -34.81 24.88 41.88
C LEU P 58 -35.74 25.97 42.41
N SER P 59 -36.61 25.60 43.36
CA SER P 59 -37.39 26.52 44.20
C SER P 59 -38.29 27.44 43.38
N VAL P 60 -39.27 26.83 42.72
CA VAL P 60 -40.25 27.57 41.94
C VAL P 60 -41.24 28.22 42.90
N VAL P 61 -41.92 29.29 42.46
CA VAL P 61 -42.81 30.09 43.30
C VAL P 61 -44.08 30.43 42.52
N GLY P 62 -45.19 30.57 43.27
CA GLY P 62 -46.51 30.68 42.67
C GLY P 62 -47.17 32.03 42.41
N LYS P 63 -47.36 32.86 43.45
CA LYS P 63 -48.00 34.18 43.39
C LYS P 63 -49.44 34.15 42.85
N THR P 64 -50.40 33.70 43.66
CA THR P 64 -51.80 33.91 43.32
C THR P 64 -52.24 35.33 43.67
N ASP P 65 -53.53 35.60 43.42
CA ASP P 65 -54.14 36.88 43.74
C ASP P 65 -54.70 36.80 45.17
N SER P 66 -55.24 37.92 45.69
CA SER P 66 -55.88 37.97 46.99
C SER P 66 -57.05 36.99 47.12
N ASN P 67 -57.85 36.83 46.08
CA ASN P 67 -58.71 35.67 45.95
C ASN P 67 -57.74 34.55 45.56
N LYS P 68 -57.49 33.66 46.51
CA LYS P 68 -56.38 32.72 46.46
C LYS P 68 -56.48 31.72 45.32
N THR P 69 -57.69 31.45 44.84
CA THR P 69 -57.91 30.52 43.76
C THR P 69 -57.33 31.09 42.45
N TYR P 70 -56.97 30.19 41.53
CA TYR P 70 -56.55 30.49 40.16
C TYR P 70 -55.23 31.29 40.14
N VAL P 71 -54.17 30.64 40.61
CA VAL P 71 -52.82 31.23 40.66
C VAL P 71 -52.33 31.53 39.25
N GLU P 72 -51.71 32.70 39.06
CA GLU P 72 -51.61 33.31 37.75
C GLU P 72 -50.19 33.64 37.30
N LYS P 73 -49.31 34.06 38.19
CA LYS P 73 -48.01 34.62 37.80
C LYS P 73 -46.88 33.73 38.28
N LEU P 74 -46.57 32.70 37.51
CA LEU P 74 -45.57 31.72 37.89
C LEU P 74 -44.18 32.25 37.62
N ALA P 75 -43.22 31.82 38.44
CA ALA P 75 -41.83 32.22 38.29
C ALA P 75 -40.93 31.02 38.52
N ILE P 76 -40.22 30.61 37.48
CA ILE P 76 -39.34 29.44 37.49
C ILE P 76 -37.89 29.93 37.58
N TYR P 77 -37.15 29.41 38.55
CA TYR P 77 -35.73 29.74 38.67
C TYR P 77 -34.94 28.75 37.85
N ILE P 78 -33.78 29.17 37.35
CA ILE P 78 -32.94 28.36 36.47
C ILE P 78 -31.47 28.67 36.74
N SER P 79 -30.67 27.62 36.85
CA SER P 79 -29.22 27.67 36.90
C SER P 79 -28.64 26.66 35.92
N PRO P 80 -27.55 26.98 35.25
CA PRO P 80 -26.83 25.98 34.46
C PRO P 80 -26.02 25.08 35.38
N ASN P 81 -25.66 23.91 34.86
CA ASN P 81 -25.01 22.88 35.66
C ASN P 81 -23.54 23.21 35.87
N ALA P 82 -22.78 22.23 36.36
CA ALA P 82 -21.38 22.46 36.70
C ALA P 82 -20.54 22.69 35.45
N GLY P 83 -20.49 21.69 34.57
CA GLY P 83 -19.76 21.88 33.34
C GLY P 83 -20.67 22.54 32.32
N SER P 84 -20.58 23.84 32.17
CA SER P 84 -21.52 24.57 31.34
C SER P 84 -20.76 25.54 30.44
N GLU P 85 -20.83 25.30 29.14
CA GLU P 85 -20.25 26.24 28.18
C GLU P 85 -21.36 27.07 27.52
N GLY P 86 -21.91 27.98 28.31
CA GLY P 86 -22.72 29.05 27.76
C GLY P 86 -24.06 28.70 27.14
N ILE P 87 -25.06 28.34 27.94
CA ILE P 87 -26.42 28.20 27.40
C ILE P 87 -26.95 29.58 27.04
N ASP P 88 -27.34 29.75 25.78
CA ASP P 88 -28.04 30.95 25.36
C ASP P 88 -29.51 30.82 25.71
N LEU P 89 -30.17 31.95 25.94
CA LEU P 89 -31.59 31.93 26.21
C LEU P 89 -32.42 32.68 25.18
N ASN P 90 -31.79 33.32 24.20
CA ASN P 90 -32.54 33.71 23.02
C ASN P 90 -32.96 32.48 22.24
N ASN P 91 -32.11 31.45 22.21
CA ASN P 91 -32.47 30.13 21.71
C ASN P 91 -32.68 29.21 22.90
N THR P 92 -33.86 29.31 23.51
CA THR P 92 -34.25 28.43 24.61
C THR P 92 -35.76 28.46 24.72
N ARG P 93 -36.39 27.30 24.65
CA ARG P 93 -37.83 27.20 24.76
C ARG P 93 -38.19 26.61 26.11
N VAL P 94 -38.98 27.36 26.88
CA VAL P 94 -39.52 26.86 28.14
C VAL P 94 -40.87 26.24 27.81
N VAL P 95 -40.92 24.91 27.78
CA VAL P 95 -42.11 24.20 27.33
C VAL P 95 -42.80 23.64 28.57
N LEU P 96 -43.88 24.29 28.99
CA LEU P 96 -44.68 23.78 30.10
C LEU P 96 -46.06 23.41 29.59
N SER P 97 -46.53 22.23 29.97
CA SER P 97 -47.84 21.75 29.56
C SER P 97 -48.89 22.19 30.56
N ASN P 98 -50.09 21.63 30.45
CA ASN P 98 -51.10 21.74 31.49
C ASN P 98 -51.52 20.32 31.79
N GLY P 99 -52.58 20.13 32.55
CA GLY P 99 -53.28 18.85 32.51
C GLY P 99 -54.03 18.63 31.21
N THR P 100 -54.20 19.69 30.40
CA THR P 100 -54.84 19.56 29.11
C THR P 100 -53.97 20.06 27.95
N VAL P 101 -53.41 21.26 28.03
CA VAL P 101 -52.92 22.00 26.86
C VAL P 101 -51.43 22.29 27.01
N GLN P 102 -50.65 21.92 25.99
CA GLN P 102 -49.23 22.27 25.94
C GLN P 102 -49.03 23.77 25.75
N ALA P 103 -47.81 24.21 26.01
CA ALA P 103 -47.42 25.59 25.74
C ALA P 103 -45.91 25.66 25.61
N VAL P 104 -45.43 26.48 24.68
CA VAL P 104 -44.03 26.83 24.55
C VAL P 104 -43.87 28.30 24.86
N LEU P 105 -42.65 28.70 25.23
CA LEU P 105 -42.37 30.09 25.58
C LEU P 105 -41.09 30.53 24.89
N LYS P 106 -41.20 31.51 23.99
CA LYS P 106 -40.07 32.09 23.30
C LYS P 106 -39.62 33.34 24.06
N TYR P 107 -38.34 33.67 23.94
CA TYR P 107 -37.74 34.77 24.68
C TYR P 107 -38.33 36.12 24.26
N GLU P 108 -38.37 37.05 25.20
CA GLU P 108 -38.92 38.37 24.99
C GLU P 108 -37.94 39.41 25.53
N LYS P 109 -37.82 40.53 24.82
CA LYS P 109 -37.03 41.66 25.27
C LYS P 109 -37.82 42.49 26.27
N THR P 110 -37.29 43.69 26.56
CA THR P 110 -37.95 44.76 27.32
C THR P 110 -38.36 44.33 28.73
N ALA P 111 -37.66 43.33 29.27
CA ALA P 111 -38.00 42.82 30.60
C ALA P 111 -36.72 42.30 31.27
N TYR P 112 -36.04 43.18 32.01
CA TYR P 112 -34.94 42.73 32.87
C TYR P 112 -35.16 43.06 34.34
N HIS P 113 -35.23 44.34 34.69
CA HIS P 113 -35.37 44.85 36.07
C HIS P 113 -34.35 44.20 37.02
N LYS P 114 -33.08 44.52 36.79
CA LYS P 114 -32.00 43.90 37.55
C LYS P 114 -31.50 44.73 38.72
N GLY P 115 -32.01 45.95 38.90
CA GLY P 115 -31.46 46.85 39.89
C GLY P 115 -32.26 46.97 41.18
N ALA P 116 -33.58 47.06 41.05
CA ALA P 116 -34.48 47.07 42.21
C ALA P 116 -35.16 45.72 42.38
N VAL P 117 -34.38 44.66 42.17
CA VAL P 117 -34.87 43.31 41.94
C VAL P 117 -35.46 42.70 43.22
N GLY P 118 -35.16 43.31 44.36
CA GLY P 118 -35.31 42.73 45.70
C GLY P 118 -36.67 42.14 46.03
N ASP P 119 -37.73 42.63 45.40
CA ASP P 119 -39.03 41.97 45.42
C ASP P 119 -39.23 41.32 44.06
N VAL P 120 -39.33 39.98 44.04
CA VAL P 120 -39.34 39.25 42.78
C VAL P 120 -40.68 39.41 42.08
N PHE P 121 -41.75 39.51 42.85
CA PHE P 121 -43.10 39.62 42.30
C PHE P 121 -43.56 41.07 42.19
N ASN P 122 -42.62 42.01 42.23
CA ASN P 122 -42.99 43.41 42.21
C ASN P 122 -43.36 43.84 40.79
N ALA P 123 -44.43 44.65 40.70
CA ALA P 123 -44.98 45.08 39.41
C ALA P 123 -44.09 46.12 38.75
N SER P 124 -42.94 45.68 38.24
CA SER P 124 -41.98 46.56 37.60
C SER P 124 -42.25 46.63 36.11
N THR P 125 -41.27 47.15 35.36
CA THR P 125 -41.37 47.22 33.90
C THR P 125 -41.06 45.90 33.23
N ALA P 126 -40.85 44.83 33.98
CA ALA P 126 -40.40 43.57 33.42
C ALA P 126 -41.44 42.45 33.47
N TRP P 127 -42.72 42.76 33.31
CA TRP P 127 -43.79 41.77 33.41
C TRP P 127 -44.86 41.90 32.33
N ASN P 128 -44.93 43.04 31.65
CA ASN P 128 -45.99 43.28 30.67
C ASN P 128 -45.65 42.52 29.40
N LEU P 129 -46.32 41.38 29.20
CA LEU P 129 -46.03 40.51 28.08
C LEU P 129 -47.26 39.67 27.72
N SER P 130 -47.05 38.70 26.82
CA SER P 130 -48.14 38.01 26.14
C SER P 130 -48.03 36.49 26.26
N ASN P 131 -48.77 35.78 25.40
CA ASN P 131 -48.88 34.31 25.45
C ASN P 131 -47.53 33.63 25.28
N THR P 132 -46.77 34.02 24.27
CA THR P 132 -45.58 33.29 23.84
C THR P 132 -44.29 33.88 24.40
N ASN P 133 -44.32 34.42 25.60
CA ASN P 133 -43.18 35.17 26.12
C ASN P 133 -42.88 34.78 27.56
N PHE P 134 -41.60 34.66 27.88
CA PHE P 134 -41.18 34.48 29.25
C PHE P 134 -40.23 35.60 29.65
N GLY P 135 -40.42 36.11 30.87
CA GLY P 135 -39.58 37.15 31.41
C GLY P 135 -38.30 36.58 31.97
N ILE P 136 -37.26 37.40 31.99
CA ILE P 136 -35.90 36.91 32.22
C ILE P 136 -35.25 37.67 33.38
N ILE P 137 -36.05 38.00 34.42
CA ILE P 137 -35.60 38.92 35.47
C ILE P 137 -34.43 38.33 36.25
N VAL P 138 -33.30 39.03 36.22
CA VAL P 138 -31.99 38.42 36.34
C VAL P 138 -31.33 38.85 37.64
N LEU P 139 -30.55 37.95 38.23
CA LEU P 139 -29.78 38.22 39.41
C LEU P 139 -28.51 37.37 39.40
N GLN P 140 -27.56 37.76 40.26
CA GLN P 140 -26.32 37.03 40.55
C GLN P 140 -25.48 36.80 39.29
N ASP P 141 -25.02 37.90 38.73
CA ASP P 141 -24.16 37.86 37.55
C ASP P 141 -22.71 38.05 37.96
N ALA P 142 -21.85 37.14 37.50
CA ALA P 142 -20.45 37.20 37.87
C ALA P 142 -19.73 38.31 37.11
N ASP P 143 -19.73 38.23 35.79
CA ASP P 143 -19.09 39.23 34.95
C ASP P 143 -20.11 40.01 34.13
N ASN P 144 -21.27 40.31 34.75
CA ASN P 144 -22.39 41.01 34.13
C ASN P 144 -22.84 40.29 32.86
N SER P 145 -22.96 38.97 32.96
CA SER P 145 -22.96 38.10 31.80
C SER P 145 -24.33 37.99 31.11
N VAL P 146 -25.41 38.42 31.74
CA VAL P 146 -26.73 38.28 31.13
C VAL P 146 -27.27 39.66 30.79
N ASP P 147 -27.06 40.11 29.56
CA ASP P 147 -27.39 41.47 29.17
C ASP P 147 -28.62 41.51 28.27
N GLN P 148 -28.94 42.73 27.83
CA GLN P 148 -29.90 42.95 26.77
C GLN P 148 -29.40 42.28 25.50
N ASN P 149 -30.32 41.60 24.79
CA ASN P 149 -30.13 40.92 23.51
C ASN P 149 -29.24 39.67 23.61
N TYR P 150 -28.65 39.41 24.78
CA TYR P 150 -27.66 38.36 24.94
C TYR P 150 -27.72 37.80 26.35
N PRO P 151 -28.50 36.77 26.58
CA PRO P 151 -28.34 36.02 27.83
C PRO P 151 -27.24 34.99 27.68
N THR P 152 -26.15 35.16 28.42
CA THR P 152 -25.07 34.17 28.48
C THR P 152 -25.06 33.59 29.88
N LEU P 153 -25.34 32.31 30.00
CA LEU P 153 -25.29 31.72 31.33
C LEU P 153 -24.01 30.95 31.54
N ASN P 154 -23.26 31.40 32.55
CA ASN P 154 -21.96 30.84 32.93
C ASN P 154 -22.06 30.20 34.31
N LYS P 155 -20.94 29.76 34.86
CA LYS P 155 -20.95 29.10 36.15
C LYS P 155 -21.33 30.06 37.28
N GLY P 156 -22.20 29.58 38.16
CA GLY P 156 -22.68 30.37 39.28
C GLY P 156 -23.51 31.58 38.88
N ASP P 157 -24.66 31.37 38.24
CA ASP P 157 -25.45 32.46 37.70
C ASP P 157 -26.90 31.99 37.61
N ILE P 158 -27.72 32.40 38.56
CA ILE P 158 -29.11 31.95 38.65
C ILE P 158 -30.01 33.08 38.16
N VAL P 159 -30.64 32.87 37.02
CA VAL P 159 -31.60 33.82 36.47
C VAL P 159 -33.00 33.31 36.79
N VAL P 160 -33.88 34.24 37.15
CA VAL P 160 -35.26 33.93 37.51
C VAL P 160 -36.12 34.14 36.27
N ILE P 161 -36.69 33.07 35.74
CA ILE P 161 -37.56 33.21 34.59
C ILE P 161 -38.99 33.43 35.04
N THR P 162 -39.58 34.53 34.60
CA THR P 162 -41.00 34.81 34.81
C THR P 162 -41.80 34.32 33.62
N VAL P 163 -42.78 33.46 33.89
CA VAL P 163 -43.71 32.98 32.88
C VAL P 163 -45.09 33.43 33.30
N LYS P 164 -45.57 34.52 32.70
CA LYS P 164 -46.88 35.03 33.05
C LYS P 164 -47.94 34.20 32.37
N VAL P 165 -48.88 33.70 33.16
CA VAL P 165 -49.79 32.63 32.75
C VAL P 165 -51.24 33.06 32.84
N GLY P 166 -51.68 33.49 34.00
CA GLY P 166 -53.07 33.35 34.35
C GLY P 166 -54.13 34.37 34.01
N GLU P 167 -53.99 35.60 34.51
CA GLU P 167 -55.13 36.49 34.65
C GLU P 167 -55.62 37.02 33.30
N GLY P 168 -56.90 36.79 33.02
CA GLY P 168 -57.50 37.14 31.75
C GLY P 168 -56.89 36.40 30.59
N ASN P 169 -56.15 37.12 29.76
CA ASN P 169 -55.40 36.50 28.67
C ASN P 169 -54.04 36.01 29.17
N GLY P 170 -53.56 34.95 28.54
CA GLY P 170 -52.27 34.42 28.93
C GLY P 170 -52.12 32.98 28.48
N VAL P 171 -51.23 32.27 29.18
CA VAL P 171 -50.91 30.89 28.82
C VAL P 171 -52.11 29.98 29.07
N PHE P 172 -52.69 30.07 30.26
CA PHE P 172 -53.85 29.27 30.62
C PHE P 172 -55.00 30.21 30.94
N GLY P 173 -56.23 29.72 30.73
CA GLY P 173 -57.40 30.43 31.18
C GLY P 173 -57.44 30.43 32.70
N LYS P 174 -57.29 31.60 33.31
CA LYS P 174 -57.20 31.83 34.75
C LYS P 174 -56.02 31.09 35.40
N GLY P 175 -55.03 30.68 34.63
CA GLY P 175 -53.93 29.95 35.20
C GLY P 175 -54.32 28.51 35.48
N ILE P 176 -53.77 27.99 36.56
CA ILE P 176 -54.20 26.68 37.03
C ILE P 176 -55.06 26.90 38.27
N PRO P 177 -56.06 26.05 38.51
CA PRO P 177 -56.74 26.07 39.80
C PRO P 177 -55.94 25.29 40.83
N PRO P 178 -56.33 25.30 42.10
CA PRO P 178 -55.74 24.34 43.04
C PRO P 178 -56.07 22.90 42.67
N ARG P 179 -55.22 22.00 43.17
CA ARG P 179 -55.41 20.55 43.07
C ARG P 179 -55.48 20.10 41.59
N THR P 180 -54.36 20.28 40.91
CA THR P 180 -54.27 19.94 39.49
C THR P 180 -52.85 19.53 39.17
N LYS P 181 -52.64 19.12 37.92
CA LYS P 181 -51.32 18.76 37.45
C LYS P 181 -50.81 19.84 36.50
N ILE P 182 -49.54 20.19 36.65
CA ILE P 182 -48.83 21.16 35.83
C ILE P 182 -47.37 20.72 35.75
N THR P 183 -46.89 20.43 34.56
CA THR P 183 -45.62 19.77 34.37
C THR P 183 -45.06 20.06 32.99
N GLY P 184 -43.82 20.52 32.95
CA GLY P 184 -43.18 20.82 31.69
C GLY P 184 -41.70 20.58 31.74
N LYS P 185 -41.00 21.15 30.75
CA LYS P 185 -39.56 20.97 30.68
C LYS P 185 -38.92 22.17 29.99
N VAL P 186 -37.73 22.52 30.45
CA VAL P 186 -36.94 23.59 29.85
C VAL P 186 -35.80 22.95 29.09
N ILE P 187 -35.72 23.23 27.80
CA ILE P 187 -34.70 22.64 26.93
C ILE P 187 -33.72 23.72 26.51
N PRO P 188 -32.41 23.45 26.53
CA PRO P 188 -31.44 24.45 26.06
C PRO P 188 -31.32 24.49 24.56
N GLU P 189 -30.34 25.25 24.07
CA GLU P 189 -29.98 25.19 22.65
C GLU P 189 -29.46 23.81 22.29
N PHE P 190 -28.33 23.43 22.86
CA PHE P 190 -27.72 22.13 22.61
C PHE P 190 -27.43 21.35 23.88
N GLY P 191 -27.80 21.87 25.04
CA GLY P 191 -27.46 21.26 26.30
C GLY P 191 -28.38 20.12 26.67
N ALA P 192 -28.43 19.85 27.97
CA ALA P 192 -29.27 18.78 28.50
C ALA P 192 -30.56 19.37 29.04
N PRO P 193 -31.72 18.79 28.74
CA PRO P 193 -32.99 19.37 29.18
C PRO P 193 -33.18 19.20 30.67
N GLY P 194 -33.92 20.12 31.26
CA GLY P 194 -34.30 20.03 32.66
C GLY P 194 -35.80 19.93 32.79
N VAL P 195 -36.25 19.41 33.90
CA VAL P 195 -37.65 19.04 34.03
C VAL P 195 -38.26 19.72 35.25
N ILE P 196 -39.54 20.08 35.12
CA ILE P 196 -40.30 20.71 36.19
C ILE P 196 -41.64 20.01 36.31
N GLU P 197 -42.04 19.69 37.54
CA GLU P 197 -43.19 18.81 37.78
C GLU P 197 -43.79 19.16 39.13
N PHE P 198 -44.85 19.96 39.13
CA PHE P 198 -45.46 20.47 40.35
C PHE P 198 -46.37 19.43 40.98
N THR P 199 -47.10 19.86 42.01
CA THR P 199 -48.19 19.08 42.58
C THR P 199 -49.45 19.91 42.79
N THR P 200 -49.32 21.25 42.74
CA THR P 200 -50.37 22.24 42.99
C THR P 200 -51.02 22.02 44.35
N PRO P 201 -50.39 22.47 45.44
CA PRO P 201 -50.92 22.19 46.78
C PRO P 201 -52.28 22.82 47.01
N SER P 202 -53.24 21.97 47.36
CA SER P 202 -54.66 22.36 47.35
C SER P 202 -55.03 23.20 48.56
N THR P 203 -55.97 24.13 48.34
CA THR P 203 -56.58 24.99 49.36
C THR P 203 -55.50 25.83 50.07
N TYR P 204 -54.94 26.74 49.29
CA TYR P 204 -53.70 27.41 49.64
C TYR P 204 -53.89 28.90 49.87
N THR P 205 -52.83 29.52 50.37
CA THR P 205 -52.69 30.97 50.50
C THR P 205 -51.60 31.45 49.54
N SER P 206 -51.36 32.75 49.54
CA SER P 206 -50.51 33.39 48.54
C SER P 206 -49.03 33.03 48.74
N GLU P 207 -48.26 33.19 47.66
CA GLU P 207 -46.82 32.92 47.60
C GLU P 207 -46.53 31.45 47.97
N VAL P 208 -46.89 30.58 47.02
CA VAL P 208 -47.32 29.21 47.30
C VAL P 208 -46.16 28.24 47.09
N ILE P 209 -44.93 28.71 47.34
CA ILE P 209 -43.64 28.13 46.92
C ILE P 209 -43.53 26.61 47.03
N GLU P 210 -43.16 25.98 45.91
CA GLU P 210 -43.21 24.53 45.78
C GLU P 210 -42.11 24.10 44.82
N LEU P 211 -41.66 22.86 44.99
CA LEU P 211 -40.34 22.48 44.51
C LEU P 211 -40.40 21.78 43.16
N GLN P 212 -39.50 22.20 42.27
CA GLN P 212 -39.11 21.51 41.04
C GLN P 212 -40.26 21.29 40.07
#